data_8BUN
#
_entry.id   8BUN
#
_cell.length_a   249.675
_cell.length_b   249.675
_cell.length_c   218.540
_cell.angle_alpha   90.000
_cell.angle_beta   90.000
_cell.angle_gamma   120.000
#
_symmetry.space_group_name_H-M   'P 31 2 1'
#
loop_
_entity.id
_entity.type
_entity.pdbx_description
1 polymer 'DNA damage-binding protein 1'
2 polymer 'Cyclin-dependent kinase 12'
3 polymer Cyclin-K
4 non-polymer 'SULFATE ION'
5 non-polymer (2~{R})-2-[[6-[(4-phenylphenyl)methylamino]-9-propan-2-yl-purin-2-yl]amino]butan-1-ol
#
loop_
_entity_poly.entity_id
_entity_poly.type
_entity_poly.pdbx_seq_one_letter_code
_entity_poly.pdbx_strand_id
1 'polypeptide(L)'
;GGGRMSYNYVVTAQKPTAVNGCVTGHFTSAEDLNLLIAKNTRLEIYVVTAEGLRPVKEVGMYGKIAVMELFRPKGESKDL
LFILTAKYNACILEYKQSGESIDIITRAHGNVQDRIGRPSETGIIGIIDPECRMIGLRLYDGLFKVIPLDRDNKELKAFN
IRLEELHVIDVKFLYGCQAPTICFVYQDPQGRHVKTYEVSLREKEFNKGPWKQENVEAEASMVIAVPEPFGGAIIIGQES
ITYHNGDKYLAIAPPIIKQSTIVCHNRVDPNGSRYLLGDMEGRLFMLLLEKEEQMDGTVTLKDLRVELLGETSIAECLTY
LDNGVVFVGSRLGDSQLVKLNVDSNEQGSYVVAMETFTNLGPIVDMCVVDLERQGQGQLVTCSGAFKEGSLRIIRNGIGG
NGNSGEIQKLHIRTVPLYESPRKICYQEVSQCFGVLSSRIEVQDTSGGTTALRPSASTQALSSSVSSSKLFSSSTAPHET
SFGEEVEVHNLLIIDQHTFEVLHAHQFLQNEYALSLVSCKLGKDPNTYFIVGTAMVYPEEAEPKQGRIVVFQYSDGKLQT
VAEKEVKGAVYSMVEFNGKLLASINSTVRLYEWTTEKELRTECNHYNNIMALYLKTKGDFILVGDLMRSVLLLAYKPMEG
NFEEIARDFNPNWMSAVEILDDDNFLGAENAFNLFVCQKDSAATTDEERQHLQEVGLFHLGEFVNVFCHGSLVMQNLGET
STPTQGSVLFGTVNGMIGLVTSLSESWYNLLLDMQNRLNKVIKSVGKIEHSFWRSFHTERKTEPATGFIDGDLIESFLDI
SRPKMQEVVANLQYDDGSGMKREATADDLIKVVEELTRIH
;
A,D,G
2 'polypeptide(L)'
;GGGRRQTESDWGKRCVDKFDIIGIIGEGTYGQVYKAKDKDTGELVALKKVRLDNEKEGFPITAIREIKILRQLIHRSVVN
MKEIVTDKQDALDFKKDKGAFYLVFEYMDHDLMGLLESGLVHFSEDHIKSFMKQLMEGLEYCHKKNFLHRDIKCSNILLN
NSGQIKLADFGLARLYNSEESRPY(TPO)NKVITLWYRPPELLLGEERYTPAIDVWSCGCILGELFTKKPIFQANLELAQ
LELISRLCGSPCPAVWPDVIRLPYFNTMKPKKQYRRRLREEFSFIPSAALDLLDHMLTLDPSKRCTAEQTLQSDFLKDVE
LSKMAPPDLPHWQDCHELWSKKRRRQRQ
;
B,E,H
3 'polypeptide(L)'
;GGGRMKENKENSSPSVTSANLDHTKPCWYWDKKDLAHTPSQLEGLDPATEARYRREGARFIFDVGTRLGLHYDTLATGII
YFHRFYMFHSFKQFPRYVTGACCLFLAGKVEETPKKCKDIIKTARSLLNDVQFGQFGDDPKEEVMVLERILLQTIKFDLQ
VEHPYQFLLKYAKQLKGDKNKIQKLVQMAWTFVNDSLCTTLSLQWEPEIIAVAVMYLAGRLCKFEIQEWTSKPMYRRWWE
QFVQDVPVDVLEDICHQILDLYSQGKQQMPH
;
C,F,I
#
# COMPACT_ATOMS: atom_id res chain seq x y z
N MET A 5 57.53 14.00 -15.83
CA MET A 5 58.12 13.57 -14.54
C MET A 5 57.84 14.67 -13.50
N SER A 6 58.01 14.35 -12.22
CA SER A 6 57.84 15.32 -11.14
C SER A 6 59.08 15.37 -10.26
N TYR A 7 59.30 16.52 -9.64
CA TYR A 7 60.50 16.77 -8.84
C TYR A 7 60.07 17.32 -7.49
N ASN A 8 60.47 16.64 -6.41
CA ASN A 8 60.08 17.03 -5.07
C ASN A 8 61.25 16.84 -4.11
N TYR A 9 61.13 17.49 -2.95
CA TYR A 9 62.16 17.61 -1.92
C TYR A 9 61.52 17.25 -0.59
N VAL A 10 62.21 16.44 0.23
CA VAL A 10 61.65 15.97 1.50
C VAL A 10 62.68 16.13 2.60
N VAL A 11 62.34 16.88 3.65
CA VAL A 11 63.23 17.12 4.78
C VAL A 11 62.52 16.81 6.09
N THR A 12 63.33 16.58 7.12
CA THR A 12 62.88 16.42 8.50
C THR A 12 62.85 17.76 9.22
N ALA A 13 61.70 18.08 9.83
CA ALA A 13 61.61 19.25 10.70
C ALA A 13 61.80 18.90 12.17
N GLN A 14 61.34 17.72 12.60
CA GLN A 14 61.58 17.22 13.94
C GLN A 14 61.97 15.76 13.81
N LYS A 15 63.11 15.37 14.39
CA LYS A 15 63.54 13.99 14.27
C LYS A 15 62.62 13.05 15.05
N PRO A 16 62.65 11.76 14.74
CA PRO A 16 61.85 10.80 15.52
C PRO A 16 62.15 10.90 17.01
N THR A 17 61.09 10.94 17.81
CA THR A 17 61.18 11.14 19.26
C THR A 17 60.80 9.93 20.08
N ALA A 18 60.23 8.89 19.47
CA ALA A 18 59.80 7.71 20.22
C ALA A 18 60.98 6.78 20.47
N VAL A 19 61.05 6.23 21.68
CA VAL A 19 62.12 5.30 22.02
C VAL A 19 61.69 3.91 21.55
N ASN A 20 62.48 3.32 20.65
CA ASN A 20 62.22 2.02 20.06
C ASN A 20 63.05 0.91 20.69
N GLY A 21 64.07 1.27 21.47
CA GLY A 21 64.84 0.32 22.24
C GLY A 21 65.90 1.02 23.05
N CYS A 22 66.32 0.39 24.13
CA CYS A 22 67.36 0.96 24.99
C CYS A 22 68.14 -0.16 25.64
N VAL A 23 69.47 -0.03 25.61
CA VAL A 23 70.39 -0.98 26.19
C VAL A 23 71.34 -0.20 27.07
N THR A 24 71.93 -0.89 28.02
CA THR A 24 72.96 -0.32 28.88
C THR A 24 74.19 -1.19 28.79
N GLY A 25 75.35 -0.56 28.76
CA GLY A 25 76.59 -1.29 28.71
C GLY A 25 77.78 -0.37 28.77
N HIS A 26 78.93 -0.90 28.32
CA HIS A 26 80.22 -0.22 28.38
C HIS A 26 80.75 -0.12 26.96
N PHE A 27 80.15 0.81 26.20
CA PHE A 27 80.39 0.97 24.77
C PHE A 27 81.43 2.02 24.43
N THR A 28 81.40 3.19 25.08
CA THR A 28 82.34 4.25 24.74
C THR A 28 83.71 4.03 25.37
N SER A 29 83.76 3.42 26.55
CA SER A 29 85.01 3.09 27.22
C SER A 29 84.73 1.88 28.10
N ALA A 30 85.75 1.06 28.34
CA ALA A 30 85.54 -0.08 29.21
C ALA A 30 85.15 0.36 30.62
N GLU A 31 85.29 1.65 30.91
CA GLU A 31 85.10 2.23 32.23
C GLU A 31 83.73 2.88 32.46
N ASP A 32 83.22 3.62 31.48
CA ASP A 32 81.96 4.33 31.63
C ASP A 32 80.75 3.41 31.44
N LEU A 33 79.67 3.75 32.14
CA LEU A 33 78.38 3.09 31.92
C LEU A 33 77.59 3.90 30.90
N ASN A 34 77.24 3.28 29.78
CA ASN A 34 76.57 3.97 28.70
C ASN A 34 75.11 3.55 28.65
N LEU A 35 74.28 4.46 28.13
CA LEU A 35 72.90 4.16 27.77
C LEU A 35 72.77 4.45 26.28
N LEU A 36 72.47 3.43 25.50
CA LEU A 36 72.23 3.59 24.07
C LEU A 36 70.72 3.57 23.85
N ILE A 37 70.20 4.67 23.33
CA ILE A 37 68.77 4.82 23.07
C ILE A 37 68.59 4.81 21.55
N ALA A 38 67.66 3.99 21.08
CA ALA A 38 67.39 3.85 19.66
C ALA A 38 66.04 4.46 19.34
N LYS A 39 66.04 5.51 18.51
CA LYS A 39 64.85 6.01 17.87
C LYS A 39 64.92 5.62 16.40
N ASN A 40 63.78 5.62 15.71
CA ASN A 40 63.78 5.12 14.35
C ASN A 40 64.89 5.82 13.57
N THR A 41 65.83 5.06 13.03
CA THR A 41 66.94 5.51 12.22
C THR A 41 67.98 6.34 12.99
N ARG A 42 67.76 6.62 14.27
CA ARG A 42 68.66 7.46 15.07
C ARG A 42 69.19 6.67 16.27
N LEU A 43 70.50 6.75 16.51
CA LEU A 43 71.12 6.17 17.70
C LEU A 43 71.69 7.28 18.59
N GLU A 44 71.28 7.28 19.86
CA GLU A 44 71.75 8.25 20.84
C GLU A 44 72.62 7.53 21.87
N ILE A 45 73.81 8.08 22.13
CA ILE A 45 74.75 7.49 23.08
C ILE A 45 74.90 8.43 24.26
N TYR A 46 74.64 7.94 25.47
CA TYR A 46 74.74 8.71 26.70
C TYR A 46 75.75 8.05 27.64
N VAL A 47 76.22 8.83 28.62
CA VAL A 47 77.04 8.31 29.70
C VAL A 47 76.32 8.59 31.02
N VAL A 48 76.24 7.57 31.86
CA VAL A 48 75.46 7.65 33.09
C VAL A 48 76.27 8.37 34.17
N THR A 49 75.66 9.40 34.74
CA THR A 49 76.24 10.17 35.84
C THR A 49 75.37 10.00 37.08
N ALA A 50 75.73 10.69 38.15
CA ALA A 50 74.91 10.65 39.37
C ALA A 50 73.66 11.53 39.28
N GLU A 51 73.61 12.51 38.39
CA GLU A 51 72.41 13.35 38.27
C GLU A 51 71.48 12.92 37.16
N GLY A 52 72.01 12.32 36.11
CA GLY A 52 71.23 11.98 34.94
C GLY A 52 72.13 11.45 33.85
N LEU A 53 71.92 11.89 32.63
CA LEU A 53 72.66 11.40 31.47
C LEU A 53 73.49 12.53 30.88
N ARG A 54 74.72 12.19 30.49
CA ARG A 54 75.53 13.13 29.76
C ARG A 54 75.53 12.68 28.29
N PRO A 55 74.94 13.43 27.37
CA PRO A 55 75.02 13.02 25.96
C PRO A 55 76.45 13.12 25.45
N VAL A 56 76.82 12.20 24.57
CA VAL A 56 78.18 12.17 24.04
C VAL A 56 78.20 12.12 22.51
N LYS A 57 77.23 11.43 21.92
CA LYS A 57 77.27 11.25 20.46
C LYS A 57 75.89 10.84 19.97
N GLU A 58 75.54 11.31 18.77
CA GLU A 58 74.35 10.85 18.07
C GLU A 58 74.68 10.63 16.60
N VAL A 59 74.29 9.48 16.06
CA VAL A 59 74.47 9.18 14.65
C VAL A 59 73.13 8.80 14.05
N GLY A 60 72.99 9.01 12.75
CA GLY A 60 71.92 8.44 11.98
C GLY A 60 72.41 7.25 11.20
N MET A 61 71.50 6.32 10.93
CA MET A 61 71.77 5.16 10.09
C MET A 61 70.78 5.14 8.95
N TYR A 62 71.22 4.61 7.81
CA TYR A 62 70.35 4.54 6.63
C TYR A 62 69.51 3.27 6.70
N GLY A 63 68.66 3.23 7.73
CA GLY A 63 67.85 2.06 8.01
C GLY A 63 67.09 2.16 9.32
N LYS A 64 65.96 1.46 9.42
CA LYS A 64 65.23 1.38 10.67
C LYS A 64 65.93 0.38 11.59
N ILE A 65 66.25 0.81 12.81
CA ILE A 65 66.99 -0.02 13.74
C ILE A 65 66.03 -1.07 14.31
N ALA A 66 66.24 -2.33 13.92
CA ALA A 66 65.40 -3.43 14.37
C ALA A 66 65.97 -4.18 15.55
N VAL A 67 67.27 -4.48 15.54
CA VAL A 67 67.95 -5.14 16.66
C VAL A 67 69.10 -4.25 17.11
N MET A 68 69.24 -4.09 18.42
CA MET A 68 70.35 -3.35 19.00
C MET A 68 70.82 -4.13 20.24
N GLU A 69 72.07 -4.58 20.22
CA GLU A 69 72.62 -5.36 21.31
C GLU A 69 74.11 -5.04 21.46
N LEU A 70 74.57 -5.02 22.71
CA LEU A 70 75.96 -4.82 23.06
C LEU A 70 76.57 -6.14 23.54
N PHE A 71 77.77 -6.44 23.07
CA PHE A 71 78.48 -7.66 23.43
C PHE A 71 79.96 -7.34 23.55
N ARG A 72 80.69 -8.17 24.31
CA ARG A 72 82.12 -7.97 24.49
C ARG A 72 82.84 -9.30 24.30
N PRO A 73 83.31 -9.59 23.09
CA PRO A 73 83.97 -10.88 22.86
C PRO A 73 85.34 -10.90 23.52
N LYS A 74 85.77 -12.10 23.92
CA LYS A 74 87.08 -12.27 24.51
C LYS A 74 88.13 -11.61 23.61
N GLY A 75 88.97 -10.79 24.23
CA GLY A 75 90.01 -10.07 23.53
C GLY A 75 89.72 -8.60 23.32
N GLU A 76 88.45 -8.19 23.48
CA GLU A 76 88.09 -6.78 23.36
C GLU A 76 88.12 -6.14 24.74
N SER A 77 88.55 -4.87 24.80
CA SER A 77 88.56 -4.15 26.07
C SER A 77 87.17 -3.68 26.47
N LYS A 78 86.30 -3.42 25.49
CA LYS A 78 85.03 -2.75 25.73
C LYS A 78 83.97 -3.37 24.83
N ASP A 79 82.72 -3.00 25.09
CA ASP A 79 81.59 -3.61 24.41
C ASP A 79 81.55 -3.16 22.95
N LEU A 80 81.14 -4.08 22.08
CA LEU A 80 80.85 -3.78 20.69
C LEU A 80 79.33 -3.76 20.50
N LEU A 81 78.88 -3.07 19.45
CA LEU A 81 77.47 -2.86 19.20
C LEU A 81 77.05 -3.59 17.94
N PHE A 82 76.01 -4.42 18.05
CA PHE A 82 75.40 -5.06 16.89
C PHE A 82 74.09 -4.36 16.57
N ILE A 83 73.89 -4.04 15.30
CA ILE A 83 72.64 -3.46 14.82
C ILE A 83 72.24 -4.17 13.54
N LEU A 84 70.94 -4.47 13.42
CA LEU A 84 70.34 -5.04 12.23
C LEU A 84 69.20 -4.12 11.81
N THR A 85 69.17 -3.72 10.55
CA THR A 85 68.10 -2.83 10.14
C THR A 85 66.91 -3.65 9.64
N ALA A 86 65.76 -2.97 9.51
CA ALA A 86 64.55 -3.67 9.07
C ALA A 86 64.64 -4.14 7.63
N LYS A 87 65.58 -3.61 6.84
CA LYS A 87 65.85 -4.14 5.51
C LYS A 87 66.95 -5.19 5.52
N TYR A 88 67.33 -5.67 6.71
CA TYR A 88 68.26 -6.77 6.94
C TYR A 88 69.70 -6.35 6.69
N ASN A 89 70.02 -5.08 6.88
CA ASN A 89 71.41 -4.65 6.90
C ASN A 89 71.98 -4.90 8.29
N ALA A 90 73.00 -5.75 8.38
CA ALA A 90 73.65 -6.08 9.64
C ALA A 90 75.02 -5.43 9.70
N CYS A 91 75.47 -5.12 10.92
CA CYS A 91 76.80 -4.54 11.12
C CYS A 91 77.21 -4.67 12.57
N ILE A 92 78.53 -4.62 12.80
CA ILE A 92 79.11 -4.52 14.13
C ILE A 92 79.87 -3.20 14.21
N LEU A 93 79.61 -2.42 15.24
CA LEU A 93 80.10 -1.06 15.35
C LEU A 93 81.00 -0.87 16.56
N GLU A 94 81.99 0.03 16.43
CA GLU A 94 82.88 0.37 17.53
C GLU A 94 83.00 1.88 17.70
N TYR A 95 82.97 2.31 18.96
CA TYR A 95 83.21 3.70 19.35
C TYR A 95 84.71 3.95 19.46
N LYS A 96 85.18 5.01 18.83
CA LYS A 96 86.59 5.39 18.88
C LYS A 96 86.68 6.89 19.04
N GLN A 97 87.48 7.34 20.00
CA GLN A 97 87.60 8.76 20.32
C GLN A 97 89.07 9.12 20.33
N SER A 98 89.41 10.18 19.59
CA SER A 98 90.78 10.67 19.50
C SER A 98 90.73 12.09 20.04
N GLY A 99 90.91 12.24 21.35
CA GLY A 99 90.78 13.57 21.90
C GLY A 99 89.36 14.08 21.72
N GLU A 100 89.26 15.16 20.95
CA GLU A 100 87.99 15.82 20.65
C GLU A 100 87.24 15.17 19.49
N SER A 101 87.88 14.29 18.73
CA SER A 101 87.29 13.68 17.54
C SER A 101 86.60 12.36 17.89
N ILE A 102 85.28 12.30 17.76
CA ILE A 102 84.51 11.09 18.02
C ILE A 102 83.98 10.53 16.70
N ASP A 103 84.24 9.25 16.44
CA ASP A 103 83.73 8.60 15.22
C ASP A 103 83.28 7.18 15.55
N ILE A 104 82.46 6.62 14.66
CA ILE A 104 81.92 5.27 14.82
C ILE A 104 82.46 4.35 13.73
N ILE A 105 83.13 3.28 14.15
CA ILE A 105 83.83 2.36 13.28
C ILE A 105 82.88 1.25 12.86
N THR A 106 82.87 0.89 11.58
CA THR A 106 82.13 -0.27 11.08
C THR A 106 83.09 -1.45 11.02
N ARG A 107 82.98 -2.37 11.99
CA ARG A 107 83.93 -3.48 12.05
C ARG A 107 83.56 -4.63 11.13
N ALA A 108 82.27 -4.90 10.94
CA ALA A 108 81.80 -5.96 10.07
C ALA A 108 80.43 -5.54 9.54
N HIS A 109 80.10 -5.97 8.33
CA HIS A 109 78.80 -5.61 7.79
C HIS A 109 78.41 -6.53 6.64
N GLY A 110 77.10 -6.58 6.41
CA GLY A 110 76.54 -7.34 5.31
C GLY A 110 75.03 -7.38 5.45
N ASN A 111 74.39 -7.81 4.37
CA ASN A 111 72.94 -7.92 4.32
C ASN A 111 72.57 -9.39 4.40
N VAL A 112 71.74 -9.74 5.37
CA VAL A 112 71.48 -11.14 5.70
C VAL A 112 70.14 -11.62 5.14
N GLN A 113 69.57 -10.89 4.19
CA GLN A 113 68.28 -11.26 3.63
C GLN A 113 68.40 -12.58 2.86
N ASP A 114 67.36 -13.40 2.97
CA ASP A 114 67.26 -14.65 2.24
C ASP A 114 66.38 -14.46 1.01
N ARG A 115 66.75 -15.15 -0.07
CA ARG A 115 65.96 -15.10 -1.30
C ARG A 115 64.55 -15.64 -1.05
N ILE A 116 64.43 -16.66 -0.21
CA ILE A 116 63.15 -17.30 0.08
C ILE A 116 62.94 -17.35 1.59
N GLY A 117 61.79 -16.88 2.04
CA GLY A 117 61.43 -16.93 3.45
C GLY A 117 60.16 -16.17 3.76
N ARG A 118 59.42 -16.61 4.78
CA ARG A 118 58.23 -15.91 5.21
C ARG A 118 58.54 -15.07 6.45
N PRO A 119 58.37 -13.75 6.40
CA PRO A 119 58.57 -12.93 7.60
C PRO A 119 57.65 -13.35 8.75
N SER A 120 58.23 -13.44 9.95
CA SER A 120 57.52 -13.96 11.11
C SER A 120 56.55 -12.94 11.71
N GLU A 121 55.50 -13.45 12.37
CA GLU A 121 54.48 -12.57 12.95
C GLU A 121 55.05 -11.69 14.05
N THR A 122 55.84 -12.28 14.96
CA THR A 122 56.40 -11.54 16.07
C THR A 122 57.66 -10.77 15.70
N GLY A 123 57.94 -10.62 14.40
CA GLY A 123 58.96 -9.70 13.96
C GLY A 123 60.36 -10.24 14.11
N ILE A 124 61.32 -9.42 13.67
CA ILE A 124 62.74 -9.78 13.79
C ILE A 124 63.11 -9.89 15.26
N ILE A 125 63.78 -10.97 15.62
CA ILE A 125 64.36 -11.14 16.95
C ILE A 125 65.86 -11.36 16.77
N GLY A 126 66.66 -10.64 17.56
CA GLY A 126 68.09 -10.84 17.56
C GLY A 126 68.64 -11.00 18.97
N ILE A 127 69.43 -12.06 19.18
CA ILE A 127 69.99 -12.37 20.49
C ILE A 127 71.45 -12.76 20.30
N ILE A 128 72.22 -12.62 21.37
CA ILE A 128 73.65 -12.95 21.34
C ILE A 128 73.99 -13.86 22.51
N ASP A 129 74.84 -14.83 22.21
CA ASP A 129 75.30 -15.83 23.16
C ASP A 129 75.99 -15.18 24.36
N PRO A 130 75.82 -15.73 25.57
CA PRO A 130 76.56 -15.18 26.72
C PRO A 130 78.07 -15.26 26.58
N GLU A 131 78.59 -16.27 25.88
CA GLU A 131 80.01 -16.34 25.57
C GLU A 131 80.35 -15.63 24.28
N CYS A 132 79.41 -14.88 23.72
CA CYS A 132 79.61 -14.13 22.48
C CYS A 132 80.22 -15.02 21.40
N ARG A 133 79.74 -16.27 21.32
CA ARG A 133 80.19 -17.15 20.26
C ARG A 133 79.44 -16.92 18.97
N MET A 134 78.19 -16.47 19.04
CA MET A 134 77.37 -16.31 17.84
C MET A 134 76.26 -15.30 18.08
N ILE A 135 75.72 -14.80 16.97
CA ILE A 135 74.52 -13.97 16.96
C ILE A 135 73.38 -14.81 16.41
N GLY A 136 72.28 -14.89 17.14
CA GLY A 136 71.08 -15.56 16.67
C GLY A 136 70.09 -14.57 16.09
N LEU A 137 69.53 -14.93 14.94
CA LEU A 137 68.50 -14.12 14.29
C LEU A 137 67.31 -14.99 13.95
N ARG A 138 66.12 -14.52 14.33
CA ARG A 138 64.85 -15.13 13.92
C ARG A 138 64.21 -14.16 12.94
N LEU A 139 64.45 -14.39 11.65
CA LEU A 139 63.88 -13.54 10.61
C LEU A 139 62.67 -14.17 9.95
N TYR A 140 62.67 -15.47 9.72
CA TYR A 140 61.62 -16.12 8.94
C TYR A 140 61.04 -17.30 9.71
N ASP A 141 59.77 -17.57 9.45
CA ASP A 141 59.11 -18.74 10.02
C ASP A 141 59.88 -20.00 9.60
N GLY A 142 60.15 -20.86 10.56
CA GLY A 142 60.77 -22.14 10.28
C GLY A 142 62.26 -22.12 10.08
N LEU A 143 62.92 -20.99 10.31
CA LEU A 143 64.36 -20.89 10.14
C LEU A 143 65.01 -20.09 11.26
N PHE A 144 66.18 -20.55 11.69
CA PHE A 144 67.02 -19.86 12.66
C PHE A 144 68.36 -19.58 11.98
N LYS A 145 68.73 -18.30 11.89
CA LYS A 145 69.95 -17.88 11.21
C LYS A 145 71.03 -17.62 12.25
N VAL A 146 72.23 -18.13 11.97
CA VAL A 146 73.37 -18.02 12.88
C VAL A 146 74.47 -17.25 12.18
N ILE A 147 74.85 -16.11 12.76
CA ILE A 147 76.08 -15.44 12.36
C ILE A 147 77.12 -15.80 13.41
N PRO A 148 78.07 -16.69 13.11
CA PRO A 148 79.11 -16.99 14.10
C PRO A 148 80.07 -15.82 14.24
N LEU A 149 80.42 -15.51 15.49
CA LEU A 149 81.28 -14.36 15.76
C LEU A 149 82.76 -14.73 15.81
N ASP A 150 83.28 -15.21 14.68
CA ASP A 150 84.70 -15.41 14.55
C ASP A 150 85.38 -14.14 14.02
N ARG A 151 86.67 -14.01 14.33
CA ARG A 151 87.42 -12.82 13.95
C ARG A 151 87.39 -12.59 12.43
N ASP A 152 87.29 -13.66 11.65
CA ASP A 152 87.42 -13.53 10.21
C ASP A 152 86.12 -13.15 9.52
N ASN A 153 84.99 -13.25 10.22
CA ASN A 153 83.69 -13.04 9.59
C ASN A 153 83.37 -11.54 9.48
N LYS A 154 84.20 -10.85 8.71
CA LYS A 154 84.01 -9.42 8.57
C LYS A 154 82.80 -9.09 7.70
N GLU A 155 82.33 -10.05 6.90
CA GLU A 155 81.16 -9.87 6.07
C GLU A 155 79.88 -10.38 6.72
N LEU A 156 79.97 -10.90 7.95
CA LEU A 156 78.82 -11.44 8.66
C LEU A 156 78.09 -12.50 7.83
N LYS A 157 78.86 -13.44 7.27
CA LYS A 157 78.27 -14.58 6.58
C LYS A 157 77.57 -15.48 7.60
N ALA A 158 76.47 -16.11 7.16
CA ALA A 158 75.65 -16.87 8.08
C ALA A 158 74.99 -18.04 7.37
N PHE A 159 74.47 -18.97 8.18
CA PHE A 159 73.78 -20.15 7.70
C PHE A 159 72.48 -20.34 8.47
N ASN A 160 71.56 -21.06 7.85
CA ASN A 160 70.25 -21.33 8.43
C ASN A 160 70.15 -22.76 8.92
N ILE A 161 69.57 -22.92 10.10
CA ILE A 161 69.23 -24.23 10.66
C ILE A 161 67.72 -24.39 10.53
N ARG A 162 67.28 -25.52 9.97
CA ARG A 162 65.86 -25.77 9.91
C ARG A 162 65.29 -25.83 11.32
N LEU A 163 64.16 -25.17 11.52
CA LEU A 163 63.48 -25.13 12.81
C LEU A 163 62.09 -25.71 12.64
N GLU A 164 61.82 -26.83 13.31
CA GLU A 164 60.54 -27.49 13.12
C GLU A 164 59.38 -26.61 13.57
N GLU A 165 59.58 -25.86 14.65
CA GLU A 165 58.51 -25.06 15.23
C GLU A 165 58.34 -23.78 14.42
N LEU A 166 57.28 -23.71 13.63
CA LEU A 166 57.14 -22.63 12.65
C LEU A 166 56.80 -21.30 13.31
N HIS A 167 55.94 -21.33 14.34
CA HIS A 167 55.42 -20.12 14.95
C HIS A 167 56.09 -19.91 16.30
N VAL A 168 57.15 -19.10 16.31
CA VAL A 168 57.93 -18.83 17.51
C VAL A 168 57.50 -17.47 18.08
N ILE A 169 57.23 -17.44 19.38
CA ILE A 169 56.83 -16.20 20.04
C ILE A 169 58.05 -15.39 20.44
N ASP A 170 58.99 -15.99 21.17
CA ASP A 170 60.17 -15.29 21.64
C ASP A 170 61.27 -16.30 21.92
N VAL A 171 62.52 -15.84 21.80
CA VAL A 171 63.67 -16.70 22.01
C VAL A 171 64.80 -15.91 22.65
N LYS A 172 65.56 -16.59 23.51
CA LYS A 172 66.73 -16.05 24.16
C LYS A 172 67.79 -17.12 24.21
N PHE A 173 69.06 -16.70 24.27
CA PHE A 173 70.14 -17.62 24.60
C PHE A 173 70.17 -17.80 26.12
N LEU A 174 70.25 -19.04 26.57
CA LEU A 174 70.24 -19.35 28.00
C LEU A 174 71.65 -19.27 28.57
N TYR A 175 71.71 -19.08 29.89
CA TYR A 175 72.96 -19.03 30.64
C TYR A 175 73.27 -20.39 31.26
N GLY A 176 74.54 -20.59 31.60
CA GLY A 176 74.90 -21.76 32.38
C GLY A 176 74.81 -23.07 31.65
N CYS A 177 75.04 -23.07 30.35
CA CYS A 177 74.92 -24.28 29.54
C CYS A 177 76.27 -24.72 28.98
N GLN A 178 76.40 -26.05 28.86
CA GLN A 178 77.62 -26.65 28.36
C GLN A 178 77.87 -26.29 26.90
N ALA A 179 76.83 -26.02 26.14
CA ALA A 179 76.90 -25.56 24.77
C ALA A 179 75.96 -24.38 24.60
N PRO A 180 76.14 -23.58 23.53
CA PRO A 180 75.16 -22.52 23.24
C PRO A 180 73.76 -23.10 23.17
N THR A 181 72.84 -22.58 23.99
CA THR A 181 71.49 -23.13 24.09
C THR A 181 70.44 -22.04 23.96
N ILE A 182 69.39 -22.31 23.18
CA ILE A 182 68.29 -21.38 22.99
C ILE A 182 67.05 -21.90 23.71
N CYS A 183 66.30 -20.95 24.29
CA CYS A 183 65.01 -21.22 24.92
C CYS A 183 63.96 -20.40 24.17
N PHE A 184 62.94 -21.06 23.63
CA PHE A 184 61.94 -20.36 22.85
C PHE A 184 60.54 -20.86 23.19
N VAL A 185 59.60 -19.93 23.31
CA VAL A 185 58.18 -20.24 23.38
C VAL A 185 57.63 -20.26 21.97
N TYR A 186 56.84 -21.29 21.65
CA TYR A 186 56.30 -21.45 20.31
C TYR A 186 54.82 -21.77 20.41
N GLN A 187 54.13 -21.64 19.28
CA GLN A 187 52.72 -21.94 19.20
C GLN A 187 52.43 -22.92 18.07
N ASP A 188 51.67 -23.96 18.38
CA ASP A 188 51.15 -24.92 17.40
C ASP A 188 49.69 -25.15 17.80
N PRO A 189 48.94 -26.02 17.12
CA PRO A 189 47.51 -26.13 17.42
C PRO A 189 47.20 -26.57 18.85
N GLN A 190 48.14 -27.17 19.56
CA GLN A 190 47.84 -27.68 20.89
C GLN A 190 48.07 -26.64 21.98
N GLY A 191 48.42 -25.40 21.62
CA GLY A 191 48.71 -24.39 22.61
C GLY A 191 50.11 -23.84 22.48
N ARG A 192 50.62 -23.25 23.56
CA ARG A 192 51.98 -22.73 23.58
C ARG A 192 52.86 -23.58 24.50
N HIS A 193 54.12 -23.69 24.11
CA HIS A 193 55.07 -24.56 24.76
C HIS A 193 56.40 -23.83 24.80
N VAL A 194 57.23 -24.18 25.78
CA VAL A 194 58.59 -23.68 25.89
C VAL A 194 59.49 -24.88 25.61
N LYS A 195 60.49 -24.70 24.76
CA LYS A 195 61.38 -25.78 24.33
C LYS A 195 62.80 -25.24 24.30
N THR A 196 63.78 -26.15 24.36
CA THR A 196 65.20 -25.78 24.30
C THR A 196 65.94 -26.63 23.27
N TYR A 197 66.92 -26.01 22.60
CA TYR A 197 67.81 -26.65 21.64
C TYR A 197 69.24 -26.16 21.91
N GLU A 198 70.22 -27.01 21.61
CA GLU A 198 71.63 -26.61 21.60
C GLU A 198 72.03 -26.29 20.16
N VAL A 199 72.91 -25.30 19.98
CA VAL A 199 73.31 -24.82 18.65
C VAL A 199 74.75 -25.24 18.41
N SER A 200 74.99 -25.99 17.34
CA SER A 200 76.33 -26.48 17.03
C SER A 200 76.92 -25.80 15.80
N LEU A 201 77.93 -24.96 16.02
CA LEU A 201 78.66 -24.35 14.91
C LEU A 201 79.43 -25.40 14.11
N ARG A 202 79.91 -26.45 14.78
CA ARG A 202 80.64 -27.51 14.11
C ARG A 202 79.73 -28.29 13.17
N GLU A 203 78.56 -28.70 13.67
CA GLU A 203 77.60 -29.46 12.87
C GLU A 203 76.61 -28.60 12.11
N LYS A 204 76.49 -27.30 12.43
CA LYS A 204 75.56 -26.40 11.76
C LYS A 204 74.15 -26.98 11.79
N GLU A 205 73.74 -27.40 12.99
CA GLU A 205 72.39 -27.90 13.23
C GLU A 205 72.10 -27.81 14.72
N PHE A 206 70.83 -28.06 15.07
CA PHE A 206 70.41 -28.17 16.46
C PHE A 206 70.67 -29.59 16.98
N ASN A 207 70.97 -29.68 18.28
CA ASN A 207 71.03 -30.93 19.02
C ASN A 207 70.01 -30.85 20.15
N LYS A 208 69.62 -32.01 20.70
CA LYS A 208 68.58 -31.98 21.72
C LYS A 208 68.99 -31.12 22.91
N GLY A 209 68.07 -30.26 23.34
CA GLY A 209 68.32 -29.25 24.36
C GLY A 209 68.27 -29.81 25.75
N PRO A 210 68.77 -29.01 26.70
CA PRO A 210 68.92 -29.53 28.08
C PRO A 210 67.63 -29.93 28.78
N TRP A 211 66.56 -29.13 28.73
CA TRP A 211 65.39 -29.51 29.50
C TRP A 211 64.13 -29.59 28.65
N LYS A 212 63.27 -30.51 29.06
CA LYS A 212 62.14 -30.93 28.24
C LYS A 212 61.15 -29.79 28.07
N GLN A 213 60.33 -29.89 27.02
CA GLN A 213 59.28 -28.92 26.80
C GLN A 213 58.28 -29.01 27.96
N GLU A 214 57.67 -27.88 28.27
CA GLU A 214 56.57 -27.80 29.21
C GLU A 214 55.48 -27.01 28.53
N ASN A 215 54.23 -27.33 28.84
CA ASN A 215 53.11 -26.54 28.34
C ASN A 215 52.92 -25.28 29.16
N VAL A 216 52.85 -24.14 28.47
CA VAL A 216 52.82 -22.85 29.13
C VAL A 216 51.49 -22.15 28.83
N GLU A 217 51.32 -21.00 29.47
CA GLU A 217 50.12 -20.19 29.31
C GLU A 217 49.85 -19.88 27.85
N ALA A 218 48.56 -19.87 27.50
CA ALA A 218 48.16 -19.65 26.11
C ALA A 218 48.66 -18.32 25.58
N GLU A 219 48.82 -17.31 26.44
CA GLU A 219 49.32 -16.00 26.05
C GLU A 219 50.71 -15.71 26.59
N ALA A 220 51.54 -16.75 26.73
CA ALA A 220 52.95 -16.57 27.07
C ALA A 220 53.63 -15.65 26.07
N SER A 221 54.17 -14.53 26.57
CA SER A 221 54.65 -13.46 25.70
C SER A 221 56.17 -13.28 25.66
N MET A 222 56.87 -13.40 26.79
CA MET A 222 58.28 -13.02 26.84
C MET A 222 59.11 -14.06 27.57
N VAL A 223 60.35 -14.19 27.12
CA VAL A 223 61.31 -15.14 27.68
C VAL A 223 62.42 -14.34 28.34
N ILE A 224 62.78 -14.71 29.57
CA ILE A 224 63.88 -14.10 30.30
C ILE A 224 64.93 -15.18 30.58
N ALA A 225 66.16 -14.94 30.14
CA ALA A 225 67.29 -15.82 30.46
C ALA A 225 67.90 -15.32 31.77
N VAL A 226 67.74 -16.11 32.84
CA VAL A 226 68.21 -15.76 34.17
C VAL A 226 69.70 -16.04 34.32
N PRO A 227 70.45 -15.21 35.04
CA PRO A 227 71.91 -15.40 35.12
C PRO A 227 72.32 -16.64 35.89
N GLU A 228 73.62 -16.93 35.82
CA GLU A 228 74.11 -18.24 36.24
C GLU A 228 73.82 -18.58 37.69
N PRO A 229 73.78 -17.63 38.64
CA PRO A 229 73.47 -18.04 40.03
C PRO A 229 72.24 -18.94 40.13
N PHE A 230 71.17 -18.60 39.41
CA PHE A 230 69.98 -19.44 39.34
C PHE A 230 69.98 -20.33 38.10
N GLY A 231 70.28 -19.76 36.94
CA GLY A 231 70.14 -20.43 35.66
C GLY A 231 68.69 -20.56 35.24
N GLY A 232 68.49 -21.04 34.02
CA GLY A 232 67.13 -21.28 33.55
C GLY A 232 66.49 -20.06 32.94
N ALA A 233 65.15 -20.09 32.88
CA ALA A 233 64.38 -19.04 32.21
C ALA A 233 63.07 -18.75 32.91
N ILE A 234 62.63 -17.49 32.81
CA ILE A 234 61.32 -17.04 33.30
C ILE A 234 60.44 -16.71 32.10
N ILE A 235 59.17 -17.12 32.17
CA ILE A 235 58.20 -16.94 31.09
C ILE A 235 57.09 -16.04 31.61
N ILE A 236 56.91 -14.89 30.96
CA ILE A 236 55.90 -13.90 31.36
C ILE A 236 54.67 -14.07 30.48
N GLY A 237 53.49 -14.13 31.12
CA GLY A 237 52.24 -14.19 30.37
C GLY A 237 51.27 -13.07 30.69
N GLN A 238 49.98 -13.32 30.46
CA GLN A 238 48.93 -12.38 30.84
C GLN A 238 48.50 -12.57 32.29
N GLU A 239 48.42 -13.83 32.73
CA GLU A 239 48.01 -14.12 34.09
C GLU A 239 49.11 -14.68 34.98
N SER A 240 50.16 -15.28 34.43
CA SER A 240 51.13 -15.99 35.25
C SER A 240 52.56 -15.77 34.82
N ILE A 241 53.47 -15.91 35.79
CA ILE A 241 54.91 -15.90 35.58
C ILE A 241 55.46 -17.23 36.06
N THR A 242 56.21 -17.91 35.20
CA THR A 242 56.71 -19.24 35.51
C THR A 242 58.22 -19.29 35.28
N TYR A 243 58.91 -20.04 36.12
CA TYR A 243 60.34 -20.28 35.97
C TYR A 243 60.54 -21.76 35.62
N HIS A 244 61.39 -22.02 34.61
CA HIS A 244 61.68 -23.37 34.17
C HIS A 244 63.20 -23.54 34.16
N ASN A 245 63.70 -24.54 34.89
CA ASN A 245 65.10 -24.94 34.80
C ASN A 245 65.22 -26.42 35.12
N GLY A 246 65.63 -27.21 34.13
CA GLY A 246 65.79 -28.63 34.39
C GLY A 246 64.47 -29.21 34.85
N ASP A 247 64.47 -29.85 36.01
CA ASP A 247 63.23 -30.35 36.62
C ASP A 247 62.46 -29.27 37.37
N LYS A 248 63.12 -28.20 37.80
CA LYS A 248 62.50 -27.20 38.66
C LYS A 248 61.39 -26.48 37.92
N TYR A 249 60.27 -26.27 38.61
CA TYR A 249 59.14 -25.56 38.02
C TYR A 249 58.44 -24.76 39.11
N LEU A 250 58.31 -23.45 38.88
CA LEU A 250 57.56 -22.56 39.75
C LEU A 250 56.53 -21.79 38.94
N ALA A 251 55.46 -21.36 39.62
CA ALA A 251 54.44 -20.54 38.98
C ALA A 251 53.79 -19.65 40.03
N ILE A 252 53.84 -18.34 39.80
CA ILE A 252 53.12 -17.36 40.59
C ILE A 252 52.09 -16.72 39.66
N ALA A 253 50.86 -16.55 40.15
CA ALA A 253 49.77 -15.97 39.35
C ALA A 253 49.07 -14.92 40.18
N PRO A 254 49.77 -13.83 40.51
CA PRO A 254 49.18 -12.80 41.38
C PRO A 254 48.11 -12.06 40.62
N PRO A 255 46.96 -11.78 41.24
CA PRO A 255 45.86 -11.15 40.49
C PRO A 255 46.19 -9.77 39.95
N ILE A 256 47.25 -9.13 40.42
CA ILE A 256 47.48 -7.73 40.04
C ILE A 256 47.87 -7.64 38.57
N ILE A 257 48.64 -8.61 38.08
CA ILE A 257 49.13 -8.51 36.71
C ILE A 257 48.06 -8.89 35.67
N LYS A 258 47.01 -9.62 36.05
CA LYS A 258 45.95 -9.95 35.10
C LYS A 258 45.29 -8.71 34.54
N GLN A 259 45.32 -7.60 35.28
CA GLN A 259 44.61 -6.39 34.89
C GLN A 259 45.19 -5.73 33.64
N SER A 260 46.50 -5.83 33.44
CA SER A 260 47.12 -5.17 32.29
C SER A 260 48.27 -5.99 31.74
N THR A 261 48.34 -6.07 30.41
CA THR A 261 49.35 -6.87 29.75
C THR A 261 50.75 -6.32 30.01
N ILE A 262 51.66 -7.19 30.40
CA ILE A 262 53.06 -6.81 30.64
C ILE A 262 53.84 -6.88 29.34
N VAL A 263 54.56 -5.81 29.03
CA VAL A 263 55.20 -5.70 27.71
C VAL A 263 56.72 -5.58 27.78
N CYS A 264 57.33 -5.21 28.90
CA CYS A 264 58.77 -5.04 28.94
C CYS A 264 59.36 -5.59 30.23
N HIS A 265 60.64 -5.96 30.16
CA HIS A 265 61.37 -6.48 31.32
C HIS A 265 62.82 -6.02 31.25
N ASN A 266 63.47 -6.02 32.41
CA ASN A 266 64.89 -5.69 32.49
C ASN A 266 65.43 -6.24 33.80
N ARG A 267 66.71 -6.59 33.80
CA ARG A 267 67.37 -7.12 34.99
C ARG A 267 67.90 -5.97 35.85
N VAL A 268 67.54 -5.96 37.13
CA VAL A 268 68.05 -4.96 38.04
C VAL A 268 69.40 -5.41 38.59
N ASP A 269 69.42 -6.58 39.24
CA ASP A 269 70.60 -7.13 39.90
C ASP A 269 71.29 -8.13 38.98
N PRO A 270 72.58 -7.97 38.69
CA PRO A 270 73.27 -8.97 37.86
C PRO A 270 73.16 -10.42 38.31
N ASN A 271 73.04 -10.70 39.61
CA ASN A 271 72.83 -12.10 40.00
C ASN A 271 71.47 -12.63 39.53
N GLY A 272 70.57 -11.76 39.09
CA GLY A 272 69.27 -12.17 38.64
C GLY A 272 68.23 -12.15 39.72
N SER A 273 68.57 -11.65 40.91
CA SER A 273 67.65 -11.68 42.04
C SER A 273 66.41 -10.82 41.78
N ARG A 274 66.57 -9.72 41.05
CA ARG A 274 65.48 -8.78 40.84
C ARG A 274 65.36 -8.36 39.38
N TYR A 275 64.10 -8.27 38.91
CA TYR A 275 63.76 -7.82 37.57
C TYR A 275 62.68 -6.76 37.63
N LEU A 276 62.67 -5.88 36.62
CA LEU A 276 61.59 -4.93 36.43
C LEU A 276 60.64 -5.44 35.36
N LEU A 277 59.34 -5.23 35.58
CA LEU A 277 58.28 -5.56 34.64
C LEU A 277 57.39 -4.35 34.49
N GLY A 278 56.98 -4.05 33.26
CA GLY A 278 56.08 -2.95 32.99
C GLY A 278 54.87 -3.41 32.20
N ASP A 279 53.75 -2.73 32.41
CA ASP A 279 52.48 -3.12 31.80
C ASP A 279 51.88 -1.92 31.08
N MET A 280 50.89 -2.20 30.23
CA MET A 280 50.41 -1.16 29.31
C MET A 280 49.58 -0.07 29.98
N GLU A 281 49.09 -0.25 31.20
CA GLU A 281 48.48 0.85 31.93
C GLU A 281 49.52 1.66 32.68
N GLY A 282 50.80 1.42 32.38
CA GLY A 282 51.90 2.19 32.92
C GLY A 282 52.44 1.71 34.23
N ARG A 283 51.97 0.59 34.75
CA ARG A 283 52.45 0.15 36.05
C ARG A 283 53.84 -0.46 35.94
N LEU A 284 54.63 -0.24 36.98
CA LEU A 284 56.00 -0.75 37.07
C LEU A 284 56.05 -1.71 38.26
N PHE A 285 56.46 -2.94 38.00
CA PHE A 285 56.53 -3.98 39.01
C PHE A 285 57.98 -4.36 39.27
N MET A 286 58.22 -4.97 40.44
CA MET A 286 59.49 -5.63 40.74
C MET A 286 59.24 -7.13 40.84
N LEU A 287 59.96 -7.91 40.05
CA LEU A 287 59.89 -9.37 40.11
C LEU A 287 61.08 -9.86 40.92
N LEU A 288 60.81 -10.54 42.03
CA LEU A 288 61.84 -10.93 42.98
C LEU A 288 62.06 -12.43 42.94
N LEU A 289 63.32 -12.83 42.88
CA LEU A 289 63.70 -14.23 42.95
C LEU A 289 64.22 -14.50 44.35
N GLU A 290 63.50 -15.35 45.08
CA GLU A 290 63.81 -15.63 46.48
C GLU A 290 64.70 -16.86 46.54
N LYS A 291 65.94 -16.65 47.00
CA LYS A 291 66.96 -17.68 47.03
C LYS A 291 66.85 -18.56 48.26
N GLU A 292 67.28 -19.81 48.10
CA GLU A 292 67.43 -20.73 49.23
C GLU A 292 68.67 -21.57 48.97
N GLU A 293 69.73 -21.35 49.75
CA GLU A 293 70.94 -22.15 49.63
C GLU A 293 70.82 -23.45 50.43
N GLN A 294 71.26 -24.55 49.83
CA GLN A 294 71.21 -25.86 50.46
C GLN A 294 72.53 -26.07 51.19
N MET A 295 72.53 -27.01 52.13
CA MET A 295 73.77 -27.31 52.83
C MET A 295 74.83 -27.80 51.87
N ASP A 296 74.42 -28.27 50.69
CA ASP A 296 75.36 -28.68 49.66
C ASP A 296 76.24 -27.52 49.26
N GLY A 297 75.77 -26.29 49.48
CA GLY A 297 76.38 -25.08 48.97
C GLY A 297 75.77 -24.55 47.70
N THR A 298 74.88 -25.30 47.07
CA THR A 298 74.15 -24.85 45.89
C THR A 298 72.94 -23.99 46.27
N VAL A 299 72.65 -22.98 45.44
CA VAL A 299 71.54 -22.08 45.66
C VAL A 299 70.45 -22.44 44.67
N THR A 300 69.23 -22.64 45.17
CA THR A 300 68.07 -22.99 44.36
C THR A 300 67.06 -21.86 44.44
N LEU A 301 66.30 -21.67 43.36
CA LEU A 301 65.22 -20.69 43.39
C LEU A 301 64.09 -21.23 44.27
N LYS A 302 63.73 -20.48 45.29
CA LYS A 302 62.71 -20.90 46.26
C LYS A 302 61.31 -20.51 45.83
N ASP A 303 61.12 -19.25 45.46
CA ASP A 303 59.80 -18.75 45.12
C ASP A 303 59.97 -17.48 44.30
N LEU A 304 58.87 -17.05 43.67
CA LEU A 304 58.80 -15.80 42.96
C LEU A 304 57.76 -14.91 43.64
N ARG A 305 58.02 -13.61 43.67
CA ARG A 305 57.14 -12.62 44.27
C ARG A 305 57.06 -11.46 43.30
N VAL A 306 55.90 -10.81 43.26
CA VAL A 306 55.71 -9.63 42.43
C VAL A 306 55.24 -8.51 43.34
N GLU A 307 55.90 -7.35 43.24
CA GLU A 307 55.58 -6.20 44.07
C GLU A 307 55.38 -4.99 43.17
N LEU A 308 54.29 -4.25 43.40
CA LEU A 308 53.99 -3.04 42.63
C LEU A 308 54.79 -1.86 43.20
N LEU A 309 55.53 -1.17 42.33
CA LEU A 309 56.36 -0.03 42.70
C LEU A 309 55.67 1.31 42.50
N GLY A 310 54.96 1.49 41.39
CA GLY A 310 54.34 2.78 41.09
C GLY A 310 53.90 2.85 39.65
N GLU A 311 53.94 4.07 39.10
CA GLU A 311 53.48 4.33 37.74
C GLU A 311 54.50 5.13 36.95
N THR A 312 54.72 4.72 35.69
CA THR A 312 55.56 5.43 34.75
C THR A 312 54.79 5.68 33.45
N SER A 313 55.46 6.17 32.41
CA SER A 313 54.85 6.21 31.09
C SER A 313 54.72 4.80 30.51
N ILE A 314 53.70 4.60 29.67
CA ILE A 314 53.54 3.32 28.99
C ILE A 314 54.84 3.08 28.23
N ALA A 315 55.66 2.12 28.68
CA ALA A 315 57.04 2.01 28.24
C ALA A 315 57.29 0.83 27.30
N GLU A 316 57.88 1.13 26.14
CA GLU A 316 58.36 0.06 25.26
C GLU A 316 59.60 -0.62 25.82
N CYS A 317 60.49 0.14 26.46
CA CYS A 317 61.71 -0.45 26.98
C CYS A 317 62.03 0.14 28.35
N LEU A 318 62.60 -0.70 29.20
CA LEU A 318 63.10 -0.32 30.52
C LEU A 318 64.59 -0.64 30.59
N THR A 319 65.33 0.18 31.33
CA THR A 319 66.76 0.00 31.55
C THR A 319 67.08 0.53 32.94
N TYR A 320 67.73 -0.29 33.77
CA TYR A 320 67.91 0.10 35.17
C TYR A 320 69.02 1.11 35.44
N LEU A 321 70.01 1.27 34.57
CA LEU A 321 71.08 2.23 34.84
C LEU A 321 71.60 1.86 36.23
N ASP A 322 71.77 2.81 37.14
CA ASP A 322 72.17 2.44 38.50
C ASP A 322 71.75 3.54 39.47
N ASN A 323 71.93 3.23 40.76
CA ASN A 323 71.65 4.15 41.86
C ASN A 323 70.16 4.37 42.04
N GLY A 324 69.37 3.38 41.62
CA GLY A 324 67.93 3.45 41.71
C GLY A 324 67.28 4.27 40.62
N VAL A 325 68.03 4.66 39.60
CA VAL A 325 67.52 5.48 38.50
C VAL A 325 67.26 4.59 37.30
N VAL A 326 66.03 4.60 36.79
CA VAL A 326 65.60 3.72 35.72
C VAL A 326 65.25 4.58 34.52
N PHE A 327 65.61 4.13 33.32
CA PHE A 327 65.18 4.83 32.12
C PHE A 327 63.90 4.18 31.57
N VAL A 328 62.85 4.99 31.43
CA VAL A 328 61.57 4.58 30.86
C VAL A 328 61.54 5.12 29.45
N GLY A 329 61.66 4.20 28.45
CA GLY A 329 61.61 4.57 27.06
C GLY A 329 60.22 4.34 26.50
N SER A 330 59.60 5.41 26.03
CA SER A 330 58.22 5.35 25.60
C SER A 330 58.09 5.55 24.10
N ARG A 331 57.10 4.85 23.55
CA ARG A 331 56.66 4.96 22.17
C ARG A 331 55.29 5.62 22.05
N LEU A 332 54.51 5.57 23.11
CA LEU A 332 53.16 6.11 23.19
C LEU A 332 53.08 7.35 24.06
N GLY A 333 54.13 7.65 24.83
CA GLY A 333 54.14 8.82 25.68
C GLY A 333 55.55 9.36 25.87
N ASP A 334 55.71 10.32 26.77
CA ASP A 334 57.03 10.87 27.06
C ASP A 334 57.90 9.83 27.77
N SER A 335 59.18 9.80 27.40
CA SER A 335 60.15 8.96 28.08
C SER A 335 60.57 9.61 29.40
N GLN A 336 61.24 8.83 30.26
CA GLN A 336 61.55 9.38 31.56
C GLN A 336 62.80 8.79 32.19
N LEU A 337 63.35 9.55 33.13
CA LEU A 337 64.17 9.05 34.22
C LEU A 337 63.32 9.09 35.48
N VAL A 338 63.27 7.98 36.20
CA VAL A 338 62.53 7.88 37.46
C VAL A 338 63.45 7.26 38.49
N LYS A 339 63.28 7.63 39.75
CA LYS A 339 64.06 7.06 40.84
C LYS A 339 63.18 6.13 41.66
N LEU A 340 63.71 4.93 41.92
CA LEU A 340 63.05 3.95 42.77
C LEU A 340 63.56 4.14 44.20
N ASN A 341 62.66 4.38 45.13
CA ASN A 341 63.05 4.60 46.51
C ASN A 341 62.78 3.34 47.32
N VAL A 342 63.57 3.17 48.39
CA VAL A 342 63.35 2.05 49.29
C VAL A 342 62.10 2.28 50.12
N ASP A 343 61.88 3.51 50.53
CA ASP A 343 60.69 3.90 51.28
C ASP A 343 59.66 4.50 50.34
N SER A 344 58.41 4.08 50.52
CA SER A 344 57.31 4.62 49.74
C SER A 344 56.98 6.04 50.21
N ASN A 345 56.35 6.80 49.32
CA ASN A 345 55.90 8.13 49.70
C ASN A 345 54.54 7.99 50.37
N GLU A 346 53.92 9.11 50.76
CA GLU A 346 52.68 9.04 51.52
C GLU A 346 51.51 8.48 50.72
N GLN A 347 51.63 8.36 49.41
CA GLN A 347 50.58 7.80 48.57
C GLN A 347 50.77 6.30 48.35
N GLY A 348 51.86 5.72 48.84
CA GLY A 348 52.17 4.33 48.63
C GLY A 348 53.10 4.03 47.47
N SER A 349 53.63 5.04 46.80
CA SER A 349 54.46 4.83 45.63
C SER A 349 55.94 4.86 45.96
N TYR A 350 56.70 3.98 45.31
CA TYR A 350 58.15 4.00 45.40
C TYR A 350 58.82 4.70 44.24
N VAL A 351 58.04 5.27 43.32
CA VAL A 351 58.55 5.82 42.07
C VAL A 351 58.32 7.31 42.09
N VAL A 352 59.36 8.08 41.83
CA VAL A 352 59.27 9.54 41.76
C VAL A 352 60.00 9.99 40.50
N ALA A 353 59.29 10.73 39.66
CA ALA A 353 59.85 11.16 38.38
C ALA A 353 60.98 12.16 38.57
N MET A 354 62.05 11.99 37.79
CA MET A 354 63.15 12.94 37.78
C MET A 354 63.08 13.89 36.59
N GLU A 355 63.15 13.37 35.38
CA GLU A 355 63.17 14.17 34.17
C GLU A 355 62.13 13.64 33.21
N THR A 356 61.70 14.49 32.29
CA THR A 356 60.74 14.09 31.27
C THR A 356 61.27 14.51 29.90
N PHE A 357 61.37 13.52 29.01
CA PHE A 357 61.91 13.71 27.66
C PHE A 357 60.73 13.72 26.68
N THR A 358 60.61 14.79 25.91
CA THR A 358 59.46 14.96 25.02
C THR A 358 59.43 13.94 23.89
N ASN A 359 58.26 13.32 23.73
CA ASN A 359 57.93 12.45 22.61
C ASN A 359 56.65 12.99 21.98
N LEU A 360 56.72 13.40 20.71
CA LEU A 360 55.48 13.79 20.04
C LEU A 360 54.58 12.59 19.79
N GLY A 361 55.03 11.40 20.17
CA GLY A 361 54.22 10.21 20.24
C GLY A 361 53.63 9.90 18.89
N PRO A 362 52.68 8.96 18.86
CA PRO A 362 51.88 8.79 17.65
C PRO A 362 51.19 10.10 17.34
N ILE A 363 51.40 10.63 16.13
CA ILE A 363 50.66 11.81 15.68
C ILE A 363 49.49 11.29 14.87
N VAL A 364 48.31 11.26 15.49
CA VAL A 364 47.14 10.69 14.84
C VAL A 364 46.53 11.68 13.86
N ASP A 365 46.60 12.97 14.17
CA ASP A 365 46.14 14.03 13.29
C ASP A 365 46.85 15.30 13.72
N MET A 366 46.73 16.36 12.92
CA MET A 366 47.28 17.65 13.28
C MET A 366 46.70 18.70 12.36
N CYS A 367 46.79 19.96 12.79
CA CYS A 367 46.40 21.10 11.96
C CYS A 367 47.35 22.26 12.22
N VAL A 368 47.46 23.15 11.23
CA VAL A 368 48.28 24.35 11.34
C VAL A 368 47.34 25.53 11.50
N VAL A 369 47.59 26.34 12.51
CA VAL A 369 46.74 27.47 12.85
C VAL A 369 47.65 28.60 13.34
N ASP A 370 47.38 29.82 12.90
CA ASP A 370 48.11 31.01 13.33
C ASP A 370 47.41 31.59 14.56
N LEU A 371 47.80 31.09 15.73
CA LEU A 371 47.10 31.45 16.95
C LEU A 371 47.30 32.92 17.33
N GLU A 372 48.51 33.44 17.14
CA GLU A 372 48.87 34.79 17.58
C GLU A 372 48.82 35.84 16.48
N ARG A 373 48.15 35.55 15.36
CA ARG A 373 48.05 36.51 14.24
C ARG A 373 49.42 37.03 13.82
N GLN A 374 50.44 36.19 13.99
CA GLN A 374 51.83 36.50 13.71
C GLN A 374 52.28 36.10 12.31
N GLY A 375 51.35 35.68 11.46
CA GLY A 375 51.70 35.27 10.11
C GLY A 375 52.74 34.17 10.08
N GLN A 376 52.90 33.46 11.19
CA GLN A 376 53.87 32.37 11.28
C GLN A 376 53.30 30.98 11.00
N GLY A 377 52.48 30.53 11.94
CA GLY A 377 51.89 29.21 11.91
C GLY A 377 52.38 28.36 13.07
N GLN A 378 51.43 27.74 13.75
CA GLN A 378 51.68 26.80 14.83
C GLN A 378 51.02 25.48 14.46
N LEU A 379 51.62 24.39 14.90
CA LEU A 379 51.14 23.04 14.62
C LEU A 379 50.56 22.49 15.91
N VAL A 380 49.28 22.20 15.91
CA VAL A 380 48.63 21.55 17.04
C VAL A 380 48.43 20.09 16.65
N THR A 381 49.02 19.17 17.40
CA THR A 381 49.01 17.76 17.05
C THR A 381 48.19 16.95 18.04
N CYS A 382 47.51 15.93 17.53
CA CYS A 382 46.94 14.86 18.35
C CYS A 382 48.04 13.82 18.55
N SER A 383 48.58 13.77 19.77
CA SER A 383 49.76 12.98 20.06
C SER A 383 49.53 12.05 21.23
N GLY A 384 50.17 10.89 21.18
CA GLY A 384 50.12 9.96 22.28
C GLY A 384 48.91 9.05 22.24
N ALA A 385 48.83 8.20 23.26
CA ALA A 385 47.73 7.24 23.36
C ALA A 385 47.40 6.94 24.81
N PHE A 386 46.14 6.56 25.04
CA PHE A 386 45.66 6.10 26.35
C PHE A 386 45.99 7.19 27.36
N LYS A 387 46.63 6.87 28.48
CA LYS A 387 46.89 7.84 29.54
C LYS A 387 47.92 8.89 29.11
N GLU A 388 48.67 8.63 28.04
CA GLU A 388 49.66 9.56 27.53
C GLU A 388 49.08 10.52 26.50
N GLY A 389 47.80 10.40 26.16
CA GLY A 389 47.22 11.27 25.16
C GLY A 389 47.42 12.72 25.54
N SER A 390 47.68 13.55 24.53
CA SER A 390 48.03 14.93 24.74
C SER A 390 47.79 15.67 23.43
N LEU A 391 47.61 16.99 23.56
CA LEU A 391 47.80 17.91 22.45
C LEU A 391 49.17 18.54 22.61
N ARG A 392 49.86 18.76 21.49
CA ARG A 392 51.17 19.38 21.52
C ARG A 392 51.13 20.58 20.58
N ILE A 393 51.48 21.75 21.10
CA ILE A 393 51.50 22.97 20.32
C ILE A 393 52.95 23.25 19.98
N ILE A 394 53.26 23.30 18.68
CA ILE A 394 54.64 23.37 18.20
C ILE A 394 54.82 24.62 17.36
N ARG A 395 55.83 25.43 17.70
CA ARG A 395 56.16 26.65 16.98
C ARG A 395 57.68 26.72 16.86
N ASN A 396 58.16 27.42 15.84
CA ASN A 396 59.60 27.64 15.65
C ASN A 396 60.10 28.85 16.41
N GLY A 397 61.32 28.74 16.94
CA GLY A 397 61.94 29.84 17.65
C GLY A 397 63.33 29.54 18.18
N GLN A 408 68.23 28.16 17.92
CA GLN A 408 67.49 27.41 16.93
C GLN A 408 66.97 26.07 17.50
N LYS A 409 65.68 26.05 17.84
CA LYS A 409 65.02 24.87 18.37
C LYS A 409 63.52 25.09 18.23
N LEU A 410 62.76 24.00 18.35
CA LEU A 410 61.31 24.07 18.27
C LEU A 410 60.76 24.17 19.69
N HIS A 411 59.82 25.09 19.91
CA HIS A 411 59.16 25.24 21.20
C HIS A 411 57.85 24.45 21.20
N ILE A 412 57.74 23.50 22.13
CA ILE A 412 56.66 22.54 22.18
C ILE A 412 55.98 22.64 23.53
N ARG A 413 54.70 22.98 23.53
CA ARG A 413 53.86 22.97 24.71
C ARG A 413 52.98 21.72 24.74
N THR A 414 52.84 21.11 25.92
CA THR A 414 52.11 19.87 26.07
C THR A 414 50.82 20.10 26.86
N VAL A 415 49.72 19.59 26.34
CA VAL A 415 48.40 19.69 26.94
C VAL A 415 47.91 18.28 27.24
N PRO A 416 48.11 17.81 28.49
CA PRO A 416 47.72 16.42 28.79
C PRO A 416 46.22 16.20 28.72
N LEU A 417 45.84 15.07 28.12
CA LEU A 417 44.45 14.66 27.98
C LEU A 417 44.10 13.36 28.72
N TYR A 418 45.07 12.47 28.92
CA TYR A 418 44.90 11.20 29.62
C TYR A 418 43.90 10.27 28.93
N GLU A 419 43.59 10.55 27.67
CA GLU A 419 42.79 9.67 26.81
C GLU A 419 43.31 9.85 25.40
N SER A 420 42.88 8.98 24.50
CA SER A 420 43.46 8.95 23.15
C SER A 420 42.85 10.04 22.27
N PRO A 421 43.62 10.99 21.75
CA PRO A 421 43.09 11.91 20.75
C PRO A 421 43.12 11.28 19.36
N ARG A 422 42.09 11.59 18.58
CA ARG A 422 41.88 10.95 17.29
C ARG A 422 41.93 11.91 16.11
N LYS A 423 41.24 13.04 16.20
CA LYS A 423 41.21 14.03 15.15
C LYS A 423 41.16 15.41 15.77
N ILE A 424 41.70 16.40 15.06
CA ILE A 424 41.64 17.79 15.51
C ILE A 424 41.33 18.69 14.32
N CYS A 425 40.55 19.75 14.57
CA CYS A 425 40.22 20.75 13.58
C CYS A 425 39.96 22.06 14.31
N TYR A 426 40.37 23.17 13.71
CA TYR A 426 40.27 24.49 14.33
C TYR A 426 39.06 25.26 13.81
N GLN A 427 38.35 25.91 14.74
CA GLN A 427 37.16 26.72 14.43
C GLN A 427 37.42 28.13 14.94
N GLU A 428 37.82 29.04 14.02
CA GLU A 428 38.23 30.36 14.47
C GLU A 428 37.07 31.14 15.08
N VAL A 429 35.88 31.06 14.47
CA VAL A 429 34.73 31.83 14.92
C VAL A 429 34.51 31.64 16.42
N SER A 430 34.82 30.45 16.94
CA SER A 430 34.58 30.11 18.32
C SER A 430 35.82 30.23 19.19
N GLN A 431 36.94 30.66 18.63
CA GLN A 431 38.20 30.76 19.36
C GLN A 431 38.51 29.47 20.11
N CYS A 432 38.32 28.33 19.43
CA CYS A 432 38.57 27.05 20.08
C CYS A 432 38.83 25.97 19.03
N PHE A 433 39.32 24.84 19.52
CA PHE A 433 39.53 23.63 18.72
C PHE A 433 38.47 22.58 19.04
N GLY A 434 38.08 21.81 18.03
CA GLY A 434 37.35 20.57 18.25
C GLY A 434 38.31 19.39 18.19
N VAL A 435 38.17 18.48 19.15
CA VAL A 435 39.03 17.30 19.21
C VAL A 435 38.19 16.07 19.50
N LEU A 436 38.33 15.06 18.65
CA LEU A 436 37.75 13.74 18.90
C LEU A 436 38.71 12.94 19.77
N SER A 437 38.15 12.20 20.73
CA SER A 437 38.96 11.44 21.66
C SER A 437 38.21 10.19 22.07
N SER A 438 38.95 9.18 22.52
CA SER A 438 38.34 7.98 23.05
C SER A 438 39.06 7.56 24.31
N ARG A 439 38.29 7.07 25.27
CA ARG A 439 38.83 6.61 26.54
C ARG A 439 38.36 5.18 26.80
N ILE A 440 39.17 4.46 27.55
CA ILE A 440 38.92 3.06 27.85
C ILE A 440 38.17 2.96 29.17
N GLU A 441 37.00 2.33 29.14
CA GLU A 441 36.28 1.94 30.34
C GLU A 441 36.18 0.41 30.33
N VAL A 442 35.89 -0.17 31.49
CA VAL A 442 35.89 -1.63 31.63
C VAL A 442 34.53 -2.06 32.17
N GLN A 443 34.01 -3.18 31.64
CA GLN A 443 32.71 -3.66 32.10
C GLN A 443 32.81 -3.96 33.60
N ASP A 444 31.91 -3.38 34.38
CA ASP A 444 31.98 -3.51 35.83
C ASP A 444 30.73 -4.20 36.35
N THR A 445 30.70 -4.43 37.67
CA THR A 445 29.64 -5.25 38.24
C THR A 445 28.28 -4.57 38.19
N SER A 446 28.21 -3.29 37.85
CA SER A 446 26.90 -2.65 37.74
C SER A 446 26.21 -2.97 36.42
N GLY A 447 26.87 -3.66 35.51
CA GLY A 447 26.40 -3.80 34.15
C GLY A 447 26.89 -2.73 33.22
N GLY A 448 27.24 -1.57 33.76
CA GLY A 448 27.84 -0.49 33.00
C GLY A 448 29.34 -0.65 32.92
N THR A 449 30.02 0.48 32.76
CA THR A 449 31.48 0.47 32.69
C THR A 449 32.02 1.56 33.61
N THR A 450 33.30 1.39 33.97
CA THR A 450 33.99 2.31 34.86
C THR A 450 35.34 2.65 34.25
N ALA A 451 35.66 3.94 34.21
CA ALA A 451 36.92 4.40 33.65
C ALA A 451 38.06 4.17 34.63
N LEU A 452 39.21 3.80 34.08
CA LEU A 452 40.38 3.48 34.89
C LEU A 452 40.97 4.71 35.56
N ARG A 453 40.69 5.90 35.02
CA ARG A 453 41.21 7.17 35.50
C ARG A 453 40.42 8.33 34.89
N PRO A 454 40.34 9.48 35.55
CA PRO A 454 39.69 10.63 34.93
C PRO A 454 40.51 11.17 33.77
N SER A 455 39.82 11.77 32.80
CA SER A 455 40.49 12.27 31.61
C SER A 455 39.69 13.41 31.00
N ALA A 456 40.16 13.89 29.84
CA ALA A 456 39.63 15.13 29.27
C ALA A 456 38.11 15.08 29.13
N SER A 457 37.57 13.96 28.64
CA SER A 457 36.15 13.89 28.36
C SER A 457 35.29 13.81 29.62
N THR A 458 35.91 13.57 30.78
CA THR A 458 35.19 13.55 32.05
C THR A 458 35.45 14.77 32.91
N GLN A 459 36.50 15.54 32.59
CA GLN A 459 36.85 16.76 33.31
C GLN A 459 36.48 18.02 32.54
N ALA A 460 35.53 17.92 31.61
CA ALA A 460 35.06 19.09 30.88
C ALA A 460 34.22 19.99 31.77
N LEU A 461 34.22 21.30 31.47
CA LEU A 461 33.42 22.22 32.27
C LEU A 461 31.94 21.88 32.21
N SER A 462 31.39 21.85 30.99
CA SER A 462 30.01 21.42 30.72
C SER A 462 30.08 20.15 29.87
N SER A 463 29.02 19.35 29.91
CA SER A 463 29.04 18.08 29.19
C SER A 463 27.66 17.71 28.66
N SER A 464 27.67 16.81 27.67
CA SER A 464 26.45 16.34 27.03
C SER A 464 26.64 14.93 26.50
N VAL A 465 25.52 14.24 26.26
CA VAL A 465 25.53 12.87 25.76
C VAL A 465 24.50 12.74 24.65
N SER A 466 24.87 12.05 23.56
CA SER A 466 23.94 11.87 22.47
C SER A 466 22.72 11.09 22.93
N SER A 467 21.54 11.56 22.54
CA SER A 467 20.28 10.89 22.82
C SER A 467 19.63 10.39 21.53
N SER A 468 20.41 10.23 20.47
CA SER A 468 19.87 9.88 19.16
C SER A 468 19.11 8.57 19.23
N LYS A 469 17.99 8.52 18.52
CA LYS A 469 17.15 7.34 18.48
C LYS A 469 17.35 6.55 17.18
N LEU A 470 18.36 6.92 16.39
CA LEU A 470 18.49 6.36 15.05
C LEU A 470 18.62 4.84 15.09
N PHE A 471 19.56 4.32 15.88
CA PHE A 471 19.80 2.89 16.00
C PHE A 471 19.07 2.27 17.19
N SER A 472 18.29 3.06 17.92
CA SER A 472 17.64 2.57 19.13
C SER A 472 16.73 1.36 18.91
N SER A 473 16.32 1.05 17.68
CA SER A 473 15.47 -0.12 17.49
C SER A 473 16.22 -1.39 17.88
N SER A 474 17.50 -1.47 17.53
CA SER A 474 18.36 -2.58 17.90
C SER A 474 17.78 -3.95 17.61
N THR A 475 17.45 -4.73 18.64
CA THR A 475 17.05 -6.14 18.53
C THR A 475 18.22 -7.03 18.12
N ALA A 476 19.43 -6.44 18.10
CA ALA A 476 20.70 -7.15 17.85
C ALA A 476 21.43 -7.35 19.17
N PRO A 477 21.69 -8.58 19.61
CA PRO A 477 22.28 -8.80 20.95
C PRO A 477 23.80 -8.71 20.96
N HIS A 478 24.35 -7.94 21.89
CA HIS A 478 25.80 -7.85 22.09
C HIS A 478 26.08 -8.10 23.57
N GLU A 479 26.45 -9.33 23.94
CA GLU A 479 26.69 -9.69 25.34
C GLU A 479 28.00 -9.12 25.88
N THR A 480 27.97 -8.79 27.16
CA THR A 480 29.09 -8.18 27.87
C THR A 480 29.58 -9.09 29.00
N SER A 481 30.89 -9.24 29.11
CA SER A 481 31.52 -9.99 30.19
C SER A 481 32.29 -9.02 31.07
N PHE A 482 32.17 -9.19 32.38
CA PHE A 482 32.88 -8.33 33.31
C PHE A 482 34.38 -8.33 32.99
N GLY A 483 34.98 -7.15 32.98
CA GLY A 483 36.39 -7.00 32.74
C GLY A 483 36.78 -6.68 31.31
N GLU A 484 35.87 -6.80 30.36
CA GLU A 484 36.18 -6.46 28.97
C GLU A 484 36.28 -4.95 28.82
N GLU A 485 37.14 -4.53 27.90
CA GLU A 485 37.32 -3.11 27.62
C GLU A 485 36.32 -2.64 26.57
N VAL A 486 36.02 -1.34 26.61
CA VAL A 486 35.25 -0.68 25.57
C VAL A 486 35.88 0.68 25.31
N GLU A 487 35.68 1.20 24.10
CA GLU A 487 36.06 2.57 23.80
C GLU A 487 34.83 3.46 23.95
N VAL A 488 35.02 4.62 24.57
CA VAL A 488 33.98 5.63 24.69
C VAL A 488 34.52 6.86 23.98
N HIS A 489 33.80 7.32 22.98
CA HIS A 489 34.26 8.39 22.11
C HIS A 489 33.58 9.71 22.44
N ASN A 490 34.32 10.79 22.26
CA ASN A 490 33.84 12.11 22.64
C ASN A 490 34.30 13.14 21.63
N LEU A 491 33.56 14.24 21.56
CA LEU A 491 33.99 15.46 20.91
C LEU A 491 34.32 16.45 22.02
N LEU A 492 35.56 16.94 22.02
CA LEU A 492 36.04 17.89 23.01
C LEU A 492 36.09 19.27 22.37
N ILE A 493 35.58 20.28 23.08
CA ILE A 493 35.74 21.67 22.70
C ILE A 493 36.79 22.28 23.62
N ILE A 494 37.89 22.76 23.03
CA ILE A 494 39.09 23.14 23.77
C ILE A 494 39.48 24.57 23.40
N ASP A 495 39.60 25.43 24.41
CA ASP A 495 39.92 26.83 24.19
C ASP A 495 41.33 27.03 23.63
N GLN A 496 41.46 27.93 22.65
CA GLN A 496 42.71 28.07 21.91
C GLN A 496 43.80 28.82 22.66
N HIS A 497 43.46 29.50 23.76
CA HIS A 497 44.43 30.21 24.56
C HIS A 497 44.79 29.46 25.83
N THR A 498 43.78 28.93 26.52
CA THR A 498 44.00 28.20 27.76
C THR A 498 44.16 26.70 27.54
N PHE A 499 43.61 26.18 26.45
CA PHE A 499 43.55 24.73 26.20
C PHE A 499 42.83 24.02 27.34
N GLU A 500 41.90 24.74 27.94
CA GLU A 500 40.92 24.20 28.87
C GLU A 500 39.86 23.42 28.10
N VAL A 501 39.41 22.31 28.67
CA VAL A 501 38.32 21.56 28.04
C VAL A 501 37.01 22.23 28.43
N LEU A 502 36.41 22.94 27.48
CA LEU A 502 35.21 23.70 27.78
C LEU A 502 33.97 22.83 27.75
N HIS A 503 33.93 21.87 26.83
CA HIS A 503 32.79 20.99 26.70
C HIS A 503 33.27 19.62 26.24
N ALA A 504 32.49 18.61 26.58
CA ALA A 504 32.74 17.26 26.11
C ALA A 504 31.40 16.64 25.76
N HIS A 505 31.30 16.12 24.54
CA HIS A 505 30.10 15.44 24.05
C HIS A 505 30.45 13.97 23.89
N GLN A 506 29.70 13.12 24.59
CA GLN A 506 29.91 11.67 24.49
C GLN A 506 28.99 11.08 23.45
N PHE A 507 29.54 10.28 22.55
CA PHE A 507 28.77 9.67 21.50
C PHE A 507 28.07 8.41 22.02
N LEU A 508 27.27 7.79 21.16
CA LEU A 508 26.46 6.64 21.56
C LEU A 508 27.34 5.46 21.96
N GLN A 509 26.76 4.54 22.73
CA GLN A 509 27.47 3.32 23.10
C GLN A 509 27.84 2.56 21.83
N ASN A 510 29.12 2.20 21.73
CA ASN A 510 29.69 1.50 20.57
C ASN A 510 29.79 2.37 19.33
N GLU A 511 29.65 3.67 19.45
CA GLU A 511 29.79 4.57 18.32
C GLU A 511 31.21 5.13 18.34
N TYR A 512 31.91 4.98 17.23
CA TYR A 512 33.25 5.53 17.09
C TYR A 512 33.18 6.82 16.29
N ALA A 513 33.90 7.84 16.75
CA ALA A 513 34.03 9.08 16.01
C ALA A 513 35.28 8.95 15.14
N LEU A 514 35.09 9.04 13.82
CA LEU A 514 36.17 8.81 12.87
C LEU A 514 36.63 10.06 12.14
N SER A 515 35.75 11.05 11.95
CA SER A 515 36.07 12.20 11.11
C SER A 515 35.42 13.45 11.66
N LEU A 516 36.09 14.57 11.46
CA LEU A 516 35.69 15.85 12.04
C LEU A 516 36.04 17.00 11.11
N VAL A 517 35.08 17.90 10.91
CA VAL A 517 35.33 19.13 10.16
C VAL A 517 34.66 20.30 10.87
N SER A 518 35.19 21.50 10.66
CA SER A 518 34.58 22.76 11.09
C SER A 518 34.39 23.61 9.84
N CYS A 519 33.14 24.00 9.57
CA CYS A 519 32.88 24.72 8.34
C CYS A 519 31.47 25.31 8.35
N LYS A 520 31.24 26.21 7.40
CA LYS A 520 29.92 26.70 7.02
C LYS A 520 29.43 25.90 5.83
N LEU A 521 28.12 25.70 5.74
CA LEU A 521 27.52 25.04 4.59
C LEU A 521 26.43 25.91 3.98
N GLY A 522 26.32 25.82 2.66
CA GLY A 522 25.25 26.47 1.93
C GLY A 522 25.13 27.95 2.24
N LYS A 523 23.88 28.39 2.38
CA LYS A 523 23.53 29.76 2.73
C LYS A 523 23.37 29.93 4.23
N ASP A 524 23.82 28.93 5.00
CA ASP A 524 23.70 28.94 6.46
C ASP A 524 24.88 29.71 7.04
N PRO A 525 24.65 30.83 7.73
CA PRO A 525 25.77 31.63 8.24
C PRO A 525 26.48 31.02 9.45
N ASN A 526 25.89 30.04 10.10
CA ASN A 526 26.47 29.45 11.30
C ASN A 526 27.66 28.55 10.96
N THR A 527 28.67 28.57 11.83
CA THR A 527 29.84 27.72 11.69
C THR A 527 29.64 26.49 12.56
N TYR A 528 29.71 25.31 11.96
CA TYR A 528 29.39 24.07 12.67
C TYR A 528 30.62 23.18 12.84
N PHE A 529 30.57 22.35 13.88
CA PHE A 529 31.43 21.18 14.02
C PHE A 529 30.67 19.98 13.49
N ILE A 530 31.22 19.26 12.52
CA ILE A 530 30.54 18.12 11.94
C ILE A 530 31.40 16.88 12.15
N VAL A 531 30.77 15.82 12.65
CA VAL A 531 31.45 14.60 13.03
C VAL A 531 30.82 13.43 12.27
N GLY A 532 31.66 12.57 11.71
CA GLY A 532 31.23 11.34 11.08
C GLY A 532 31.62 10.16 11.94
N THR A 533 30.68 9.23 12.12
CA THR A 533 30.85 8.13 13.06
C THR A 533 30.57 6.78 12.40
N ALA A 534 30.83 5.73 13.15
CA ALA A 534 30.57 4.36 12.74
C ALA A 534 30.11 3.55 13.95
N MET A 535 29.09 2.73 13.75
CA MET A 535 28.62 1.81 14.79
C MET A 535 29.44 0.54 14.70
N VAL A 536 30.27 0.32 15.71
CA VAL A 536 31.29 -0.72 15.71
C VAL A 536 30.84 -1.79 16.67
N TYR A 537 30.51 -2.96 16.14
CA TYR A 537 30.21 -4.11 16.97
C TYR A 537 31.24 -5.20 16.71
N PRO A 538 31.71 -5.89 17.76
CA PRO A 538 32.77 -6.89 17.54
C PRO A 538 32.42 -7.90 16.47
N GLU A 539 31.13 -8.16 16.27
CA GLU A 539 30.70 -9.18 15.34
C GLU A 539 30.95 -8.79 13.88
N GLU A 540 31.00 -7.50 13.59
CA GLU A 540 31.02 -7.03 12.21
C GLU A 540 32.41 -6.97 11.61
N ALA A 541 32.53 -7.49 10.39
CA ALA A 541 33.76 -7.37 9.63
C ALA A 541 34.01 -5.93 9.20
N GLU A 542 32.93 -5.19 8.92
CA GLU A 542 32.97 -3.83 8.45
C GLU A 542 31.71 -3.13 8.92
N PRO A 543 31.81 -1.94 9.50
CA PRO A 543 30.61 -1.29 10.05
C PRO A 543 29.53 -1.11 8.99
N LYS A 544 28.28 -1.31 9.41
CA LYS A 544 27.13 -1.18 8.52
C LYS A 544 26.16 -0.08 8.94
N GLN A 545 26.48 0.68 9.99
CA GLN A 545 25.65 1.78 10.46
C GLN A 545 26.56 2.94 10.80
N GLY A 546 26.03 4.16 10.71
CA GLY A 546 26.84 5.32 11.03
C GLY A 546 26.02 6.58 10.96
N ARG A 547 26.63 7.66 11.45
CA ARG A 547 25.97 8.97 11.52
C ARG A 547 26.89 10.06 11.00
N ILE A 548 26.28 11.09 10.43
CA ILE A 548 26.89 12.39 10.25
C ILE A 548 26.12 13.33 11.17
N VAL A 549 26.82 13.96 12.11
CA VAL A 549 26.18 14.77 13.12
C VAL A 549 26.66 16.20 12.95
N VAL A 550 25.72 17.14 12.97
CA VAL A 550 26.02 18.56 12.87
C VAL A 550 25.80 19.17 14.24
N PHE A 551 26.87 19.73 14.81
CA PHE A 551 26.83 20.36 16.11
C PHE A 551 27.02 21.85 15.92
N GLN A 552 26.51 22.64 16.87
CA GLN A 552 26.88 24.04 16.95
C GLN A 552 27.40 24.33 18.35
N TYR A 553 28.62 24.85 18.41
CA TYR A 553 29.16 25.33 19.66
C TYR A 553 28.77 26.78 19.84
N SER A 554 27.91 27.04 20.82
CA SER A 554 27.41 28.39 21.05
C SER A 554 27.26 28.60 22.55
N ASP A 555 27.77 29.74 23.03
CA ASP A 555 27.59 30.14 24.43
C ASP A 555 27.91 28.99 25.38
N GLY A 556 29.04 28.34 25.13
CA GLY A 556 29.56 27.36 26.05
C GLY A 556 28.83 26.05 26.04
N LYS A 557 27.88 25.87 25.13
CA LYS A 557 27.16 24.62 25.01
C LYS A 557 27.20 24.16 23.57
N LEU A 558 27.25 22.85 23.40
CA LEU A 558 27.26 22.24 22.08
C LEU A 558 25.83 21.78 21.83
N GLN A 559 25.25 22.25 20.73
CA GLN A 559 23.86 21.96 20.41
C GLN A 559 23.86 21.02 19.21
N THR A 560 22.99 20.02 19.23
CA THR A 560 22.89 19.09 18.12
C THR A 560 21.93 19.67 17.08
N VAL A 561 22.47 20.05 15.92
CA VAL A 561 21.71 20.74 14.89
C VAL A 561 20.97 19.79 13.96
N ALA A 562 21.61 18.71 13.52
CA ALA A 562 20.99 17.80 12.58
C ALA A 562 21.79 16.52 12.58
N GLU A 563 21.13 15.41 12.25
CA GLU A 563 21.82 14.14 12.11
C GLU A 563 21.36 13.48 10.81
N LYS A 564 22.29 12.82 10.14
CA LYS A 564 22.01 12.08 8.92
C LYS A 564 22.50 10.65 9.11
N GLU A 565 21.60 9.69 8.95
CA GLU A 565 21.96 8.29 9.09
C GLU A 565 22.61 7.80 7.81
N VAL A 566 23.69 7.02 7.95
CA VAL A 566 24.36 6.43 6.81
C VAL A 566 24.53 4.93 7.07
N LYS A 567 24.70 4.19 5.98
CA LYS A 567 24.83 2.73 6.03
C LYS A 567 26.29 2.29 6.01
N GLY A 568 27.11 2.84 6.90
CA GLY A 568 28.51 2.50 6.94
C GLY A 568 29.26 3.44 7.86
N ALA A 569 30.59 3.36 7.75
CA ALA A 569 31.49 4.20 8.53
C ALA A 569 31.84 5.46 7.74
N VAL A 570 31.73 6.61 8.39
CA VAL A 570 32.10 7.89 7.75
C VAL A 570 33.58 8.10 8.03
N TYR A 571 34.41 7.45 7.20
CA TYR A 571 35.84 7.48 7.48
C TYR A 571 36.44 8.87 7.29
N SER A 572 35.93 9.66 6.35
CA SER A 572 36.56 10.93 6.03
C SER A 572 35.51 11.91 5.53
N MET A 573 35.66 13.17 5.94
CA MET A 573 34.79 14.24 5.48
C MET A 573 35.64 15.48 5.19
N VAL A 574 35.13 16.32 4.30
CA VAL A 574 35.83 17.55 3.95
C VAL A 574 34.82 18.52 3.35
N GLU A 575 34.99 19.80 3.66
CA GLU A 575 34.14 20.85 3.10
C GLU A 575 34.45 21.03 1.62
N PHE A 576 33.41 21.15 0.81
CA PHE A 576 33.55 21.17 -0.64
C PHE A 576 32.62 22.25 -1.21
N ASN A 577 33.15 23.47 -1.30
CA ASN A 577 32.42 24.55 -1.95
C ASN A 577 31.01 24.65 -1.37
N GLY A 578 30.94 24.74 -0.04
CA GLY A 578 29.68 24.86 0.66
C GLY A 578 28.86 23.59 0.76
N LYS A 579 29.34 22.49 0.20
CA LYS A 579 28.69 21.20 0.31
C LYS A 579 29.56 20.30 1.18
N LEU A 580 28.97 19.23 1.69
CA LEU A 580 29.70 18.30 2.55
C LEU A 580 30.04 17.05 1.76
N LEU A 581 31.33 16.81 1.59
CA LEU A 581 31.85 15.63 0.92
C LEU A 581 32.26 14.64 1.99
N ALA A 582 31.63 13.47 1.99
CA ALA A 582 31.85 12.45 2.99
C ALA A 582 32.05 11.12 2.28
N SER A 583 32.88 10.25 2.86
CA SER A 583 33.13 8.92 2.34
C SER A 583 32.51 7.91 3.31
N ILE A 584 31.58 7.10 2.83
CA ILE A 584 30.94 6.06 3.63
C ILE A 584 31.32 4.70 3.05
N ASN A 585 32.22 3.98 3.73
CA ASN A 585 32.72 2.69 3.25
C ASN A 585 33.25 2.86 1.83
N SER A 586 32.68 2.13 0.85
CA SER A 586 33.12 2.29 -0.53
C SER A 586 32.61 3.57 -1.17
N THR A 587 31.48 4.11 -0.69
CA THR A 587 30.87 5.27 -1.32
C THR A 587 31.57 6.57 -0.96
N VAL A 588 31.68 7.47 -1.94
CA VAL A 588 32.08 8.86 -1.74
C VAL A 588 30.86 9.72 -2.10
N ARG A 589 30.37 10.50 -1.14
CA ARG A 589 29.11 11.20 -1.31
C ARG A 589 29.26 12.71 -1.16
N LEU A 590 28.43 13.44 -1.89
CA LEU A 590 28.34 14.91 -1.77
C LEU A 590 26.95 15.25 -1.26
N TYR A 591 26.89 15.94 -0.12
CA TYR A 591 25.64 16.36 0.48
C TYR A 591 25.49 17.88 0.34
N GLU A 592 24.27 18.35 0.15
CA GLU A 592 23.95 19.77 0.22
C GLU A 592 23.26 20.07 1.55
N TRP A 593 23.40 21.32 2.01
CA TRP A 593 22.82 21.78 3.26
C TRP A 593 21.62 22.65 2.93
N THR A 594 20.42 22.16 3.25
CA THR A 594 19.19 22.82 2.82
C THR A 594 18.87 24.01 3.71
N THR A 595 17.87 24.78 3.28
CA THR A 595 17.39 25.87 4.11
C THR A 595 16.67 25.34 5.35
N GLU A 596 16.30 24.05 5.36
CA GLU A 596 15.74 23.43 6.55
C GLU A 596 16.81 22.85 7.46
N LYS A 597 18.08 23.16 7.21
CA LYS A 597 19.17 22.71 8.08
C LYS A 597 19.15 21.19 8.21
N GLU A 598 19.09 20.53 7.05
CA GLU A 598 19.24 19.09 6.96
C GLU A 598 20.17 18.81 5.79
N LEU A 599 20.85 17.67 5.84
CA LEU A 599 21.76 17.29 4.78
C LEU A 599 20.98 16.54 3.71
N ARG A 600 21.23 16.89 2.45
CA ARG A 600 20.55 16.26 1.33
C ARG A 600 21.60 15.77 0.34
N THR A 601 21.47 14.51 -0.06
CA THR A 601 22.45 13.91 -0.95
C THR A 601 22.30 14.45 -2.36
N GLU A 602 23.41 14.91 -2.93
CA GLU A 602 23.42 15.33 -4.33
C GLU A 602 23.89 14.22 -5.27
N CYS A 603 25.01 13.57 -4.98
CA CYS A 603 25.54 12.58 -5.92
C CYS A 603 26.53 11.66 -5.23
N ASN A 604 26.77 10.50 -5.85
CA ASN A 604 27.56 9.44 -5.25
C ASN A 604 28.56 8.85 -6.24
N HIS A 605 29.68 8.35 -5.72
CA HIS A 605 30.64 7.55 -6.47
C HIS A 605 30.92 6.29 -5.67
N TYR A 606 30.82 5.13 -6.32
CA TYR A 606 30.83 3.87 -5.61
C TYR A 606 32.07 3.01 -5.89
N ASN A 607 32.89 3.37 -6.88
CA ASN A 607 33.94 2.45 -7.34
C ASN A 607 35.15 2.54 -6.42
N ASN A 608 34.96 2.03 -5.19
CA ASN A 608 36.03 1.94 -4.21
C ASN A 608 35.93 0.62 -3.46
N ILE A 609 37.03 0.27 -2.81
CA ILE A 609 37.06 -0.84 -1.87
C ILE A 609 36.77 -0.35 -0.46
N MET A 610 37.44 0.73 -0.08
CA MET A 610 37.17 1.45 1.17
C MET A 610 37.74 2.85 1.03
N ALA A 611 36.88 3.86 1.05
CA ALA A 611 37.31 5.24 0.81
C ALA A 611 37.83 5.84 2.12
N LEU A 612 39.09 5.53 2.42
CA LEU A 612 39.61 5.91 3.73
C LEU A 612 39.95 7.40 3.82
N TYR A 613 40.41 8.02 2.74
CA TYR A 613 40.96 9.37 2.82
C TYR A 613 40.45 10.25 1.69
N LEU A 614 40.12 11.51 2.03
CA LEU A 614 39.63 12.48 1.06
C LEU A 614 40.40 13.79 1.18
N LYS A 615 40.71 14.38 0.03
CA LYS A 615 41.27 15.73 -0.10
C LYS A 615 40.66 16.38 -1.33
N THR A 616 40.57 17.71 -1.30
CA THR A 616 39.96 18.43 -2.40
C THR A 616 40.79 19.63 -2.83
N LYS A 617 40.56 20.07 -4.07
CA LYS A 617 41.12 21.32 -4.58
C LYS A 617 40.21 21.77 -5.71
N GLY A 618 39.47 22.85 -5.50
CA GLY A 618 38.53 23.28 -6.52
C GLY A 618 37.39 22.28 -6.60
N ASP A 619 37.07 21.87 -7.82
CA ASP A 619 36.08 20.80 -8.02
C ASP A 619 36.70 19.41 -8.14
N PHE A 620 37.97 19.26 -7.81
CA PHE A 620 38.69 18.00 -7.87
C PHE A 620 38.82 17.37 -6.49
N ILE A 621 38.68 16.05 -6.45
CA ILE A 621 38.71 15.26 -5.22
C ILE A 621 39.75 14.17 -5.40
N LEU A 622 40.63 14.00 -4.41
CA LEU A 622 41.58 12.90 -4.38
C LEU A 622 41.15 11.89 -3.33
N VAL A 623 40.93 10.65 -3.73
CA VAL A 623 40.40 9.61 -2.86
C VAL A 623 41.49 8.58 -2.58
N GLY A 624 41.73 8.32 -1.30
CA GLY A 624 42.65 7.27 -0.88
C GLY A 624 41.91 6.03 -0.44
N ASP A 625 42.29 4.89 -1.03
CA ASP A 625 41.62 3.62 -0.82
C ASP A 625 42.49 2.70 0.02
N LEU A 626 41.83 1.69 0.62
CA LEU A 626 42.57 0.76 1.48
C LEU A 626 43.62 0.00 0.67
N MET A 627 43.25 -0.46 -0.52
CA MET A 627 44.18 -1.24 -1.34
C MET A 627 44.35 -0.73 -2.78
N ARG A 628 43.50 0.15 -3.27
CA ARG A 628 43.57 0.57 -4.68
C ARG A 628 44.17 1.97 -4.85
N SER A 629 45.18 2.29 -4.05
CA SER A 629 46.03 3.49 -4.20
C SER A 629 45.16 4.74 -4.16
N VAL A 630 45.31 5.67 -5.10
CA VAL A 630 44.67 6.98 -5.06
C VAL A 630 43.91 7.19 -6.36
N LEU A 631 42.77 7.88 -6.27
CA LEU A 631 41.91 8.15 -7.41
C LEU A 631 41.65 9.66 -7.51
N LEU A 632 41.65 10.18 -8.75
CA LEU A 632 41.31 11.59 -8.98
C LEU A 632 39.88 11.66 -9.51
N LEU A 633 38.97 12.12 -8.67
CA LEU A 633 37.54 12.25 -8.96
C LEU A 633 37.22 13.72 -9.15
N ALA A 634 36.19 14.01 -9.94
CA ALA A 634 35.84 15.40 -10.19
C ALA A 634 34.34 15.63 -10.15
N TYR A 635 33.95 16.80 -9.62
CA TYR A 635 32.56 17.24 -9.60
C TYR A 635 32.23 17.96 -10.89
N LYS A 636 31.18 17.51 -11.57
CA LYS A 636 30.78 18.20 -12.79
C LYS A 636 29.57 19.06 -12.47
N PRO A 637 29.73 20.36 -12.21
CA PRO A 637 28.59 21.14 -11.73
C PRO A 637 27.49 21.28 -12.76
N MET A 638 27.82 21.24 -14.05
CA MET A 638 26.78 21.34 -15.07
C MET A 638 25.82 20.16 -14.98
N GLU A 639 26.30 19.00 -14.51
CA GLU A 639 25.50 17.79 -14.48
C GLU A 639 25.04 17.34 -13.10
N GLY A 640 25.71 17.78 -12.03
CA GLY A 640 25.35 17.39 -10.68
C GLY A 640 25.72 15.96 -10.33
N ASN A 641 26.95 15.57 -10.63
CA ASN A 641 27.42 14.20 -10.42
C ASN A 641 28.95 14.20 -10.31
N PHE A 642 29.54 13.01 -10.21
CA PHE A 642 30.99 12.82 -10.19
C PHE A 642 31.51 12.22 -11.50
N GLU A 643 32.80 12.46 -11.76
CA GLU A 643 33.51 11.80 -12.87
C GLU A 643 34.90 11.35 -12.42
N GLU A 644 35.33 10.19 -12.91
CA GLU A 644 36.66 9.65 -12.62
C GLU A 644 37.67 10.26 -13.60
N ILE A 645 38.59 11.08 -13.11
CA ILE A 645 39.57 11.68 -14.02
C ILE A 645 40.70 10.69 -14.30
N ALA A 646 41.26 10.09 -13.26
CA ALA A 646 42.34 9.11 -13.42
C ALA A 646 42.57 8.38 -12.10
N ARG A 647 42.99 7.11 -12.19
CA ARG A 647 43.24 6.27 -11.03
C ARG A 647 44.65 5.70 -11.13
N ASP A 648 45.29 5.53 -9.98
CA ASP A 648 46.57 4.83 -9.89
C ASP A 648 46.27 3.33 -9.83
N PHE A 649 46.63 2.60 -10.87
CA PHE A 649 46.33 1.18 -10.87
C PHE A 649 47.39 0.33 -10.19
N ASN A 650 48.50 0.91 -9.73
CA ASN A 650 49.43 0.16 -8.88
C ASN A 650 48.79 -0.08 -7.52
N PRO A 651 48.79 -1.33 -7.02
CA PRO A 651 48.14 -1.60 -5.74
C PRO A 651 48.97 -1.06 -4.60
N ASN A 652 48.34 -0.26 -3.73
CA ASN A 652 49.04 0.22 -2.54
C ASN A 652 48.05 0.36 -1.38
N TRP A 653 48.56 0.13 -0.16
CA TRP A 653 47.80 0.30 1.07
C TRP A 653 48.08 1.69 1.64
N MET A 654 47.09 2.58 1.53
CA MET A 654 47.30 3.98 1.85
C MET A 654 47.25 4.24 3.35
N SER A 655 48.10 5.18 3.80
CA SER A 655 48.03 5.68 5.16
C SER A 655 47.58 7.14 5.22
N ALA A 656 47.84 7.91 4.17
CA ALA A 656 47.50 9.31 4.08
C ALA A 656 47.75 9.77 2.66
N VAL A 657 47.01 10.79 2.23
CA VAL A 657 47.20 11.37 0.91
C VAL A 657 47.17 12.89 1.02
N GLU A 658 47.63 13.55 -0.05
CA GLU A 658 47.57 15.01 -0.13
C GLU A 658 47.71 15.42 -1.59
N ILE A 659 47.09 16.55 -1.91
CA ILE A 659 47.16 17.15 -3.24
C ILE A 659 48.28 18.19 -3.20
N LEU A 660 49.24 18.05 -4.11
CA LEU A 660 50.34 19.01 -4.20
C LEU A 660 49.98 20.19 -5.10
N ASP A 661 49.41 19.91 -6.27
CA ASP A 661 48.94 20.92 -7.20
C ASP A 661 47.90 20.24 -8.09
N ASP A 662 47.41 20.98 -9.09
CA ASP A 662 46.31 20.46 -9.89
C ASP A 662 46.68 19.17 -10.60
N ASP A 663 47.97 18.85 -10.73
CA ASP A 663 48.42 17.67 -11.48
C ASP A 663 49.19 16.64 -10.67
N ASN A 664 49.82 17.00 -9.56
CA ASN A 664 50.65 16.08 -8.79
C ASN A 664 49.98 15.70 -7.48
N PHE A 665 50.00 14.41 -7.14
CA PHE A 665 49.30 13.91 -5.97
C PHE A 665 50.21 13.03 -5.11
N LEU A 666 50.20 13.30 -3.81
CA LEU A 666 51.12 12.69 -2.88
C LEU A 666 50.41 11.63 -2.05
N GLY A 667 51.08 10.49 -1.86
CA GLY A 667 50.52 9.39 -1.12
C GLY A 667 51.56 8.76 -0.22
N ALA A 668 51.06 8.10 0.82
CA ALA A 668 51.92 7.42 1.79
C ALA A 668 51.45 5.98 1.93
N GLU A 669 52.40 5.06 1.96
CA GLU A 669 52.11 3.64 1.93
C GLU A 669 52.25 3.10 3.34
N ASN A 670 51.59 1.97 3.62
CA ASN A 670 51.75 1.35 4.92
C ASN A 670 53.13 0.70 5.11
N ALA A 671 53.94 0.67 4.06
CA ALA A 671 55.27 0.08 4.09
C ALA A 671 56.35 1.12 4.39
N PHE A 672 55.96 2.32 4.83
CA PHE A 672 56.88 3.41 5.12
C PHE A 672 57.46 4.04 3.86
N ASN A 673 56.67 4.08 2.79
CA ASN A 673 57.05 4.64 1.50
C ASN A 673 56.15 5.81 1.09
N LEU A 674 56.73 6.75 0.36
CA LEU A 674 56.03 7.85 -0.27
C LEU A 674 56.03 7.71 -1.79
N PHE A 675 55.00 8.27 -2.43
CA PHE A 675 54.95 8.31 -3.89
C PHE A 675 54.13 9.51 -4.35
N VAL A 676 54.43 9.94 -5.58
CA VAL A 676 53.74 11.04 -6.24
C VAL A 676 53.21 10.52 -7.56
N CYS A 677 51.92 10.78 -7.81
CA CYS A 677 51.28 10.43 -9.07
C CYS A 677 50.97 11.70 -9.84
N GLN A 678 51.01 11.61 -11.16
CA GLN A 678 50.65 12.73 -12.01
C GLN A 678 49.82 12.18 -13.17
N LYS A 679 48.87 12.99 -13.62
CA LYS A 679 48.16 12.68 -14.85
C LYS A 679 49.17 12.57 -15.99
N ASP A 680 49.01 11.56 -16.86
CA ASP A 680 49.96 11.42 -17.95
C ASP A 680 50.01 12.69 -18.77
N SER A 681 48.86 13.32 -18.96
CA SER A 681 48.66 14.55 -19.71
C SER A 681 49.16 14.51 -21.15
N ALA A 682 49.58 13.35 -21.65
CA ALA A 682 49.82 13.23 -23.08
C ALA A 682 48.55 13.60 -23.84
N ALA A 683 47.44 12.96 -23.48
CA ALA A 683 46.09 13.25 -23.96
C ALA A 683 45.81 12.73 -25.37
N THR A 684 46.65 11.85 -25.89
CA THR A 684 46.37 11.25 -27.20
C THR A 684 45.10 10.41 -27.15
N THR A 685 45.00 9.53 -26.15
CA THR A 685 43.87 8.64 -25.94
C THR A 685 43.27 8.79 -24.55
N ASP A 686 41.96 8.51 -24.43
CA ASP A 686 41.31 8.60 -23.13
C ASP A 686 41.94 7.66 -22.12
N GLU A 687 42.47 6.52 -22.57
CA GLU A 687 43.01 5.51 -21.67
C GLU A 687 44.25 6.01 -20.93
N GLU A 688 45.11 6.76 -21.61
CA GLU A 688 46.30 7.31 -20.97
C GLU A 688 45.93 8.38 -19.94
N ARG A 689 44.91 9.18 -20.25
CA ARG A 689 44.50 10.24 -19.34
C ARG A 689 43.97 9.65 -18.04
N GLN A 690 43.30 8.51 -18.13
CA GLN A 690 42.70 7.85 -16.98
C GLN A 690 43.73 7.07 -16.19
N HIS A 691 45.00 7.23 -16.54
CA HIS A 691 46.10 6.53 -15.88
C HIS A 691 46.92 7.55 -15.11
N LEU A 692 46.95 7.40 -13.79
CA LEU A 692 47.88 8.17 -12.96
C LEU A 692 49.22 7.43 -12.95
N GLN A 693 50.26 8.09 -13.47
CA GLN A 693 51.60 7.50 -13.56
C GLN A 693 52.34 7.80 -12.28
N GLU A 694 52.92 6.77 -11.67
CA GLU A 694 53.74 6.98 -10.47
C GLU A 694 55.08 7.56 -10.90
N VAL A 695 55.28 8.86 -10.69
CA VAL A 695 56.50 9.54 -11.13
C VAL A 695 57.47 9.73 -9.97
N GLY A 696 57.01 9.67 -8.73
CA GLY A 696 57.87 9.76 -7.58
C GLY A 696 57.77 8.54 -6.69
N LEU A 697 58.92 8.00 -6.29
CA LEU A 697 58.99 6.87 -5.39
C LEU A 697 60.06 7.18 -4.36
N PHE A 698 59.78 6.95 -3.08
CA PHE A 698 60.72 7.31 -2.03
C PHE A 698 60.40 6.52 -0.78
N HIS A 699 61.42 5.85 -0.23
CA HIS A 699 61.29 5.16 1.05
C HIS A 699 61.55 6.16 2.17
N LEU A 700 60.50 6.54 2.89
CA LEU A 700 60.65 7.51 3.96
C LEU A 700 61.25 6.88 5.21
N GLY A 701 60.79 5.69 5.59
CA GLY A 701 61.19 5.08 6.83
C GLY A 701 60.29 5.39 8.01
N GLU A 702 59.26 6.21 7.82
CA GLU A 702 58.29 6.54 8.85
C GLU A 702 56.89 6.17 8.37
N PHE A 703 55.95 6.12 9.29
CA PHE A 703 54.55 5.84 8.99
C PHE A 703 53.81 7.17 9.05
N VAL A 704 53.31 7.64 7.91
CA VAL A 704 52.70 8.96 7.82
C VAL A 704 51.20 8.82 8.09
N ASN A 705 50.72 9.48 9.15
CA ASN A 705 49.29 9.48 9.41
C ASN A 705 48.55 10.65 8.78
N VAL A 706 49.20 11.81 8.66
CA VAL A 706 48.49 13.04 8.30
C VAL A 706 49.38 13.92 7.45
N PHE A 707 48.84 14.36 6.32
CA PHE A 707 49.43 15.41 5.50
C PHE A 707 48.64 16.70 5.75
N CYS A 708 49.33 17.84 5.81
CA CYS A 708 48.69 19.10 6.17
C CYS A 708 49.46 20.24 5.50
N HIS A 709 48.76 21.03 4.67
CA HIS A 709 49.38 22.17 4.01
C HIS A 709 49.70 23.25 5.05
N GLY A 710 50.92 23.76 5.04
CA GLY A 710 51.31 24.83 5.94
C GLY A 710 52.79 24.80 6.22
N SER A 711 53.26 25.86 6.91
CA SER A 711 54.64 25.92 7.35
C SER A 711 54.71 26.63 8.69
N LEU A 712 55.74 26.29 9.46
CA LEU A 712 56.01 26.89 10.76
C LEU A 712 57.07 27.98 10.69
N VAL A 713 57.56 28.31 9.49
CA VAL A 713 58.62 29.30 9.34
C VAL A 713 57.97 30.68 9.34
N MET A 714 58.73 31.67 9.78
CA MET A 714 58.23 33.04 9.80
C MET A 714 58.23 33.50 8.34
N GLN A 715 57.06 33.58 7.72
CA GLN A 715 56.92 34.06 6.35
C GLN A 715 56.32 35.47 6.29
N ASN A 716 56.73 36.34 7.20
CA ASN A 716 56.31 37.73 7.15
C ASN A 716 57.18 38.40 6.09
N LEU A 717 56.63 39.42 5.45
CA LEU A 717 57.26 40.07 4.30
C LEU A 717 58.71 40.42 4.58
N GLY A 718 59.59 39.88 3.75
CA GLY A 718 61.01 40.12 3.86
C GLY A 718 61.87 38.86 3.73
N GLU A 719 61.26 37.67 3.63
CA GLU A 719 62.04 36.44 3.47
C GLU A 719 62.48 36.28 2.02
N THR A 720 63.75 35.94 1.83
CA THR A 720 64.32 35.73 0.51
C THR A 720 63.65 34.54 -0.18
N SER A 721 63.53 34.65 -1.50
CA SER A 721 62.80 33.63 -2.26
C SER A 721 63.53 32.29 -2.20
N THR A 722 62.82 31.25 -1.76
CA THR A 722 63.38 29.91 -1.72
C THR A 722 63.21 29.18 -3.06
N PRO A 723 64.18 28.35 -3.46
CA PRO A 723 63.97 27.54 -4.69
C PRO A 723 62.80 26.59 -4.59
N THR A 724 62.45 26.20 -3.37
CA THR A 724 61.38 25.24 -3.13
C THR A 724 60.06 25.97 -3.21
N GLN A 725 59.05 25.34 -3.81
CA GLN A 725 57.72 25.93 -3.91
C GLN A 725 56.68 24.96 -3.36
N GLY A 726 55.83 25.47 -2.47
CA GLY A 726 54.81 24.71 -1.79
C GLY A 726 55.27 24.23 -0.41
N SER A 727 54.31 23.86 0.43
CA SER A 727 54.66 23.40 1.77
C SER A 727 53.60 22.43 2.29
N VAL A 728 54.00 21.17 2.42
CA VAL A 728 53.19 20.13 3.04
C VAL A 728 53.95 19.55 4.22
N LEU A 729 53.35 19.64 5.40
CA LEU A 729 53.88 19.05 6.62
C LEU A 729 53.21 17.70 6.83
N PHE A 730 53.95 16.75 7.42
CA PHE A 730 53.34 15.47 7.72
C PHE A 730 53.79 14.93 9.07
N GLY A 731 52.86 14.29 9.77
CA GLY A 731 53.13 13.68 11.06
C GLY A 731 53.15 12.17 10.97
N THR A 732 53.94 11.53 11.83
CA THR A 732 54.17 10.10 11.74
C THR A 732 54.00 9.44 13.11
N VAL A 733 54.07 8.10 13.09
CA VAL A 733 53.83 7.32 14.29
C VAL A 733 54.92 7.52 15.32
N ASN A 734 56.16 7.68 14.88
CA ASN A 734 57.30 7.79 15.78
C ASN A 734 57.57 9.22 16.21
N GLY A 735 56.63 10.12 15.95
CA GLY A 735 56.74 11.52 16.31
C GLY A 735 57.44 12.37 15.27
N MET A 736 58.11 11.76 14.30
CA MET A 736 58.82 12.50 13.27
C MET A 736 57.85 13.42 12.52
N ILE A 737 58.26 14.68 12.35
CA ILE A 737 57.54 15.63 11.51
C ILE A 737 58.43 15.95 10.31
N GLY A 738 57.84 15.91 9.11
CA GLY A 738 58.59 16.15 7.90
C GLY A 738 57.88 17.17 7.02
N LEU A 739 58.55 17.52 5.93
CA LEU A 739 58.06 18.54 5.01
C LEU A 739 58.37 18.09 3.59
N VAL A 740 57.38 18.22 2.71
CA VAL A 740 57.52 17.92 1.29
C VAL A 740 57.29 19.21 0.53
N THR A 741 58.17 19.50 -0.42
CA THR A 741 58.06 20.68 -1.27
C THR A 741 58.53 20.32 -2.67
N SER A 742 58.18 21.15 -3.64
CA SER A 742 58.47 20.90 -5.04
C SER A 742 59.69 21.69 -5.52
N LEU A 743 60.28 21.20 -6.61
CA LEU A 743 61.45 21.82 -7.23
C LEU A 743 61.21 22.00 -8.72
N SER A 744 61.99 22.90 -9.32
CA SER A 744 62.07 22.99 -10.78
C SER A 744 63.00 21.91 -11.32
N GLU A 745 62.83 21.58 -12.60
CA GLU A 745 63.68 20.55 -13.19
C GLU A 745 65.16 20.90 -13.00
N SER A 746 65.52 22.17 -13.20
CA SER A 746 66.90 22.58 -13.03
C SER A 746 67.39 22.36 -11.61
N TRP A 747 66.58 22.71 -10.60
CA TRP A 747 67.06 22.62 -9.22
C TRP A 747 67.16 21.16 -8.77
N TYR A 748 66.20 20.34 -9.19
CA TYR A 748 66.29 18.90 -8.90
C TYR A 748 67.59 18.32 -9.42
N ASN A 749 67.87 18.52 -10.71
CA ASN A 749 69.05 17.91 -11.31
C ASN A 749 70.30 18.34 -10.55
N LEU A 750 70.39 19.62 -10.21
CA LEU A 750 71.51 20.08 -9.39
C LEU A 750 71.57 19.32 -8.08
N LEU A 751 70.46 19.29 -7.36
CA LEU A 751 70.47 18.64 -6.04
C LEU A 751 70.64 17.14 -6.18
N LEU A 752 70.06 16.54 -7.21
CA LEU A 752 70.25 15.10 -7.42
C LEU A 752 71.70 14.77 -7.75
N ASP A 753 72.29 15.50 -8.70
CA ASP A 753 73.70 15.26 -9.03
C ASP A 753 74.56 15.42 -7.80
N MET A 754 74.24 16.41 -6.96
CA MET A 754 75.00 16.62 -5.74
C MET A 754 74.82 15.50 -4.74
N GLN A 755 73.64 14.85 -4.71
CA GLN A 755 73.48 13.70 -3.82
C GLN A 755 74.46 12.60 -4.21
N ASN A 756 74.48 12.24 -5.49
CA ASN A 756 75.38 11.18 -5.95
C ASN A 756 76.82 11.49 -5.60
N ARG A 757 77.19 12.76 -5.61
CA ARG A 757 78.53 13.16 -5.22
C ARG A 757 78.69 13.04 -3.70
N LEU A 758 77.67 13.47 -2.95
CA LEU A 758 77.74 13.38 -1.49
C LEU A 758 77.81 11.93 -1.01
N ASN A 759 77.12 11.01 -1.68
CA ASN A 759 77.10 9.62 -1.22
C ASN A 759 78.47 8.97 -1.40
N LYS A 760 79.23 9.40 -2.39
CA LYS A 760 80.59 8.88 -2.54
C LYS A 760 81.52 9.43 -1.46
N VAL A 761 81.21 10.61 -0.92
CA VAL A 761 82.10 11.28 0.03
C VAL A 761 81.77 10.93 1.48
N ILE A 762 80.49 10.83 1.81
CA ILE A 762 80.07 10.70 3.21
C ILE A 762 80.13 9.23 3.62
N LYS A 763 80.70 8.97 4.79
CA LYS A 763 80.85 7.62 5.32
C LYS A 763 79.59 7.26 6.10
N SER A 764 78.96 6.14 5.72
CA SER A 764 77.73 5.70 6.35
C SER A 764 78.02 4.77 7.52
N VAL A 765 77.20 4.88 8.57
CA VAL A 765 77.32 3.94 9.68
C VAL A 765 76.82 2.58 9.22
N GLY A 766 77.61 1.55 9.48
CA GLY A 766 77.28 0.23 8.99
C GLY A 766 77.55 0.02 7.52
N LYS A 767 78.15 1.01 6.85
CA LYS A 767 78.45 0.93 5.42
C LYS A 767 77.19 0.55 4.64
N ILE A 768 76.09 1.25 4.95
CA ILE A 768 74.82 1.06 4.26
C ILE A 768 74.75 2.04 3.09
N GLU A 769 74.55 1.52 1.89
CA GLU A 769 74.42 2.37 0.71
C GLU A 769 73.17 3.25 0.82
N HIS A 770 73.36 4.55 0.67
CA HIS A 770 72.23 5.48 0.77
C HIS A 770 71.18 5.16 -0.29
N SER A 771 71.62 4.86 -1.52
CA SER A 771 70.69 4.54 -2.59
C SER A 771 69.82 3.33 -2.24
N PHE A 772 70.40 2.34 -1.55
CA PHE A 772 69.62 1.19 -1.09
C PHE A 772 68.57 1.61 -0.08
N TRP A 773 68.98 2.40 0.91
CA TRP A 773 68.10 2.82 1.99
C TRP A 773 66.84 3.47 1.47
N ARG A 774 66.97 4.43 0.54
CA ARG A 774 65.81 5.16 0.05
C ARG A 774 65.07 4.43 -1.07
N SER A 775 65.51 3.24 -1.47
CA SER A 775 64.79 2.50 -2.49
C SER A 775 63.39 2.13 -1.98
N PHE A 776 62.40 2.34 -2.84
CA PHE A 776 61.04 1.92 -2.53
C PHE A 776 61.04 0.45 -2.16
N HIS A 777 60.38 0.10 -1.05
CA HIS A 777 60.51 -1.26 -0.55
C HIS A 777 59.23 -1.78 0.09
N THR A 778 58.71 -2.86 -0.48
CA THR A 778 57.70 -3.71 0.14
C THR A 778 58.25 -5.13 0.17
N GLU A 779 57.53 -6.02 0.87
CA GLU A 779 57.97 -7.42 0.88
C GLU A 779 58.06 -7.98 -0.53
N ARG A 780 57.35 -7.37 -1.49
CA ARG A 780 57.24 -7.87 -2.84
C ARG A 780 58.02 -7.08 -3.87
N LYS A 781 58.33 -5.81 -3.60
CA LYS A 781 59.06 -4.99 -4.56
C LYS A 781 60.20 -4.20 -3.91
N THR A 782 61.21 -3.90 -4.74
CA THR A 782 62.23 -2.91 -4.41
C THR A 782 62.53 -2.13 -5.68
N GLU A 783 62.34 -0.82 -5.64
CA GLU A 783 62.60 0.04 -6.78
C GLU A 783 63.53 1.16 -6.36
N PRO A 784 64.39 1.64 -7.27
CA PRO A 784 65.22 2.79 -6.94
C PRO A 784 64.35 4.02 -6.76
N ALA A 785 64.76 4.88 -5.83
CA ALA A 785 64.00 6.11 -5.59
C ALA A 785 63.99 6.98 -6.84
N THR A 786 62.93 7.77 -6.99
CA THR A 786 62.82 8.66 -8.12
C THR A 786 61.99 9.88 -7.78
N GLY A 787 62.40 11.03 -8.31
CA GLY A 787 61.62 12.23 -8.15
C GLY A 787 61.69 12.87 -6.78
N PHE A 788 62.56 12.39 -5.90
CA PHE A 788 62.63 12.87 -4.54
C PHE A 788 64.07 13.15 -4.16
N ILE A 789 64.31 14.33 -3.61
CA ILE A 789 65.61 14.72 -3.09
C ILE A 789 65.58 14.49 -1.59
N ASP A 790 66.52 13.68 -1.09
CA ASP A 790 66.64 13.47 0.34
C ASP A 790 67.24 14.71 0.98
N GLY A 791 66.39 15.66 1.39
CA GLY A 791 66.90 16.92 1.90
C GLY A 791 67.82 16.75 3.08
N ASP A 792 67.61 15.69 3.87
CA ASP A 792 68.49 15.44 5.01
C ASP A 792 69.91 15.13 4.56
N LEU A 793 70.05 14.52 3.38
CA LEU A 793 71.39 14.32 2.82
C LEU A 793 71.98 15.64 2.36
N ILE A 794 71.18 16.43 1.62
CA ILE A 794 71.64 17.72 1.12
C ILE A 794 72.05 18.63 2.28
N GLU A 795 71.28 18.64 3.36
CA GLU A 795 71.61 19.50 4.49
C GLU A 795 72.83 19.02 5.27
N SER A 796 73.36 17.84 4.95
CA SER A 796 74.58 17.36 5.59
C SER A 796 75.84 17.89 4.94
N PHE A 797 75.73 18.53 3.78
CA PHE A 797 76.88 19.16 3.13
C PHE A 797 77.52 20.19 4.06
N LEU A 798 76.71 20.91 4.82
CA LEU A 798 77.21 21.94 5.72
C LEU A 798 77.97 21.36 6.91
N ASP A 799 77.85 20.06 7.18
CA ASP A 799 78.51 19.44 8.31
C ASP A 799 79.77 18.66 7.94
N ILE A 800 80.05 18.49 6.64
CA ILE A 800 81.23 17.74 6.23
C ILE A 800 82.45 18.65 6.20
N SER A 801 83.62 18.06 6.39
CA SER A 801 84.85 18.84 6.48
C SER A 801 85.15 19.54 5.16
N ARG A 802 85.93 20.62 5.26
CA ARG A 802 86.22 21.41 4.07
C ARG A 802 86.84 20.58 2.96
N PRO A 803 87.84 19.72 3.22
CA PRO A 803 88.39 18.90 2.12
C PRO A 803 87.31 18.16 1.37
N LYS A 804 86.30 17.70 2.10
CA LYS A 804 85.21 16.95 1.50
C LYS A 804 84.28 17.84 0.72
N MET A 805 84.08 19.09 1.15
CA MET A 805 83.22 20.00 0.41
C MET A 805 83.75 20.27 -0.99
N GLN A 806 85.05 20.59 -1.10
CA GLN A 806 85.62 20.90 -2.40
C GLN A 806 85.62 19.65 -3.28
N GLU A 807 85.80 18.47 -2.66
CA GLU A 807 85.70 17.22 -3.41
C GLU A 807 84.32 17.05 -4.02
N VAL A 808 83.28 17.42 -3.26
CA VAL A 808 81.90 17.26 -3.73
C VAL A 808 81.63 18.21 -4.90
N VAL A 809 82.18 19.42 -4.86
CA VAL A 809 81.87 20.42 -5.88
C VAL A 809 82.82 20.34 -7.07
N ALA A 810 83.76 19.42 -7.07
CA ALA A 810 84.67 19.29 -8.19
C ALA A 810 83.88 18.91 -9.44
N ASN A 811 84.16 19.58 -10.55
CA ASN A 811 83.51 19.25 -11.81
C ASN A 811 81.99 19.30 -11.71
N LEU A 812 81.45 20.18 -10.89
CA LEU A 812 80.01 20.32 -10.75
C LEU A 812 79.58 21.46 -11.67
N GLN A 813 78.72 21.15 -12.63
CA GLN A 813 78.25 22.11 -13.62
C GLN A 813 76.74 22.27 -13.48
N TYR A 814 76.30 23.49 -13.15
CA TYR A 814 74.88 23.79 -13.09
C TYR A 814 74.38 23.85 -14.54
N ASP A 815 73.11 23.52 -14.79
CA ASP A 815 72.57 23.71 -16.14
C ASP A 815 71.22 24.45 -16.11
N ASP A 816 70.66 24.60 -17.29
CA ASP A 816 69.34 25.18 -17.57
C ASP A 816 69.06 26.41 -16.71
N GLY A 817 69.94 27.40 -16.85
CA GLY A 817 69.90 28.58 -15.99
C GLY A 817 70.36 29.82 -16.74
N SER A 818 70.79 30.86 -16.01
CA SER A 818 71.41 32.00 -16.67
C SER A 818 72.58 31.55 -17.52
N GLY A 819 73.30 30.54 -17.04
CA GLY A 819 74.38 29.93 -17.77
C GLY A 819 74.03 28.48 -18.05
N MET A 820 74.14 28.04 -19.31
CA MET A 820 73.85 26.65 -19.63
C MET A 820 74.87 25.74 -18.96
N LYS A 821 76.14 26.13 -18.92
CA LYS A 821 77.17 25.47 -18.12
C LYS A 821 77.76 26.45 -17.11
N ARG A 822 77.67 26.09 -15.82
CA ARG A 822 78.07 26.95 -14.71
C ARG A 822 78.91 26.12 -13.73
N GLU A 823 80.20 26.42 -13.61
CA GLU A 823 81.03 25.77 -12.59
C GLU A 823 80.58 26.16 -11.19
N ALA A 824 80.71 25.20 -10.25
CA ALA A 824 80.25 25.39 -8.87
C ALA A 824 81.41 25.35 -7.89
N THR A 825 81.45 26.31 -6.97
CA THR A 825 82.40 26.31 -5.85
C THR A 825 81.68 25.90 -4.57
N ALA A 826 82.48 25.50 -3.56
CA ALA A 826 81.90 25.03 -2.31
C ALA A 826 81.14 26.14 -1.59
N ASP A 827 81.67 27.36 -1.59
CA ASP A 827 80.99 28.45 -0.91
C ASP A 827 79.64 28.76 -1.58
N ASP A 828 79.54 28.56 -2.91
CA ASP A 828 78.24 28.70 -3.57
C ASP A 828 77.22 27.69 -3.05
N LEU A 829 77.63 26.43 -2.91
CA LEU A 829 76.72 25.41 -2.38
C LEU A 829 76.41 25.67 -0.91
N ILE A 830 77.41 26.13 -0.15
CA ILE A 830 77.14 26.48 1.25
C ILE A 830 76.03 27.51 1.32
N LYS A 831 75.95 28.39 0.32
CA LYS A 831 74.87 29.37 0.26
C LYS A 831 73.53 28.72 -0.08
N VAL A 832 73.53 27.82 -1.07
CA VAL A 832 72.29 27.16 -1.49
C VAL A 832 71.75 26.28 -0.37
N VAL A 833 72.60 25.43 0.20
CA VAL A 833 72.14 24.51 1.23
C VAL A 833 71.64 25.29 2.45
N GLU A 834 72.34 26.38 2.79
CA GLU A 834 71.88 27.21 3.90
C GLU A 834 70.50 27.81 3.62
N GLU A 835 70.22 28.15 2.37
CA GLU A 835 68.87 28.61 2.02
C GLU A 835 67.85 27.48 2.18
N LEU A 836 68.24 26.26 1.81
CA LEU A 836 67.35 25.11 1.90
C LEU A 836 67.08 24.73 3.34
N THR A 837 67.94 25.14 4.28
CA THR A 837 67.66 24.95 5.70
C THR A 837 66.67 25.98 6.25
N ARG A 838 66.32 27.01 5.48
CA ARG A 838 65.43 28.06 5.96
C ARG A 838 63.96 27.79 5.68
N ILE A 839 63.64 26.63 5.09
CA ILE A 839 62.24 26.25 4.90
C ILE A 839 61.66 25.56 6.11
N HIS A 840 62.46 25.31 7.15
CA HIS A 840 61.97 24.74 8.39
C HIS A 840 62.78 25.20 9.61
N THR B 7 16.62 -14.01 -28.30
CA THR B 7 16.97 -15.01 -27.29
C THR B 7 18.27 -14.63 -26.57
N GLU B 8 18.63 -15.39 -25.55
CA GLU B 8 19.84 -15.14 -24.78
C GLU B 8 21.09 -15.26 -25.62
N SER B 9 21.00 -15.91 -26.78
CA SER B 9 22.15 -16.29 -27.58
C SER B 9 22.51 -15.27 -28.66
N ASP B 10 21.65 -14.28 -28.91
CA ASP B 10 21.85 -13.29 -29.96
C ASP B 10 22.75 -12.17 -29.45
N TRP B 11 24.02 -12.51 -29.31
CA TRP B 11 25.01 -11.58 -28.79
C TRP B 11 25.37 -10.51 -29.82
N GLY B 12 25.87 -9.39 -29.31
CA GLY B 12 26.33 -8.29 -30.15
C GLY B 12 25.29 -7.26 -30.50
N LYS B 13 24.02 -7.51 -30.19
CA LYS B 13 22.94 -6.57 -30.50
C LYS B 13 22.54 -5.71 -29.30
N ARG B 14 22.46 -6.29 -28.10
CA ARG B 14 22.02 -5.53 -26.94
C ARG B 14 22.99 -4.36 -26.73
N CYS B 15 22.45 -3.24 -26.23
CA CYS B 15 23.28 -2.06 -26.08
C CYS B 15 23.90 -2.00 -24.68
N VAL B 16 25.00 -1.26 -24.57
CA VAL B 16 25.62 -1.01 -23.26
C VAL B 16 24.83 -0.03 -22.42
N ASP B 17 23.77 0.55 -22.98
CA ASP B 17 22.88 1.38 -22.18
C ASP B 17 22.32 0.58 -21.00
N LYS B 18 22.24 -0.73 -21.17
CA LYS B 18 21.62 -1.60 -20.19
C LYS B 18 22.47 -1.75 -18.94
N PHE B 19 23.64 -1.15 -18.89
CA PHE B 19 24.52 -1.20 -17.73
C PHE B 19 24.80 0.22 -17.26
N ASP B 20 24.69 0.42 -15.95
CA ASP B 20 25.15 1.64 -15.30
C ASP B 20 26.63 1.45 -15.02
N ILE B 21 27.48 2.26 -15.65
CA ILE B 21 28.92 2.11 -15.45
C ILE B 21 29.28 2.64 -14.07
N ILE B 22 30.01 1.83 -13.31
CA ILE B 22 30.43 2.25 -11.97
C ILE B 22 31.79 2.91 -11.99
N GLY B 23 32.70 2.41 -12.81
CA GLY B 23 34.01 3.02 -12.89
C GLY B 23 35.01 2.08 -13.52
N ILE B 24 36.17 2.63 -13.83
CA ILE B 24 37.23 1.87 -14.46
C ILE B 24 37.99 1.09 -13.39
N ILE B 25 38.17 -0.20 -13.62
CA ILE B 25 38.86 -1.05 -12.66
C ILE B 25 40.21 -1.54 -13.16
N GLY B 26 40.53 -1.33 -14.43
CA GLY B 26 41.85 -1.73 -14.91
C GLY B 26 42.06 -1.37 -16.37
N GLU B 27 43.34 -1.23 -16.71
CA GLU B 27 43.76 -1.13 -18.11
C GLU B 27 43.94 -2.55 -18.63
N GLY B 28 43.20 -2.90 -19.69
CA GLY B 28 43.27 -4.22 -20.28
C GLY B 28 44.33 -4.29 -21.36
N THR B 29 44.16 -5.26 -22.26
CA THR B 29 45.05 -5.36 -23.41
C THR B 29 44.47 -4.71 -24.65
N TYR B 30 43.21 -4.98 -24.92
CA TYR B 30 42.51 -4.49 -26.11
C TYR B 30 41.54 -3.36 -25.78
N GLY B 31 41.54 -2.90 -24.53
CA GLY B 31 40.65 -1.85 -24.09
C GLY B 31 40.64 -1.79 -22.57
N GLN B 32 39.91 -0.79 -22.07
CA GLN B 32 39.79 -0.65 -20.63
C GLN B 32 38.76 -1.62 -20.08
N VAL B 33 38.82 -1.85 -18.77
CA VAL B 33 37.88 -2.73 -18.10
C VAL B 33 37.10 -1.95 -17.06
N TYR B 34 35.78 -2.00 -17.15
CA TYR B 34 34.88 -1.26 -16.27
C TYR B 34 34.12 -2.21 -15.35
N LYS B 35 33.77 -1.67 -14.19
CA LYS B 35 32.77 -2.27 -13.31
C LYS B 35 31.43 -1.62 -13.62
N ALA B 36 30.37 -2.43 -13.63
CA ALA B 36 29.06 -1.91 -14.01
C ALA B 36 27.99 -2.74 -13.33
N LYS B 37 26.78 -2.19 -13.30
CA LYS B 37 25.63 -2.86 -12.72
C LYS B 37 24.58 -2.98 -13.83
N ASP B 38 24.01 -4.17 -13.97
CA ASP B 38 22.92 -4.37 -14.91
C ASP B 38 21.68 -3.62 -14.42
N LYS B 39 21.09 -2.82 -15.30
CA LYS B 39 19.93 -2.02 -14.89
C LYS B 39 18.70 -2.89 -14.61
N ASP B 40 18.57 -4.02 -15.30
CA ASP B 40 17.38 -4.84 -15.18
C ASP B 40 17.43 -5.76 -13.97
N THR B 41 18.57 -6.43 -13.76
CA THR B 41 18.70 -7.43 -12.72
C THR B 41 19.44 -6.94 -11.48
N GLY B 42 20.20 -5.86 -11.59
CA GLY B 42 21.02 -5.40 -10.50
C GLY B 42 22.33 -6.14 -10.35
N GLU B 43 22.58 -7.14 -11.19
CA GLU B 43 23.83 -7.88 -11.12
C GLU B 43 25.00 -6.96 -11.47
N LEU B 44 26.12 -7.20 -10.79
CA LEU B 44 27.35 -6.50 -11.07
C LEU B 44 28.18 -7.27 -12.08
N VAL B 45 28.79 -6.53 -13.01
CA VAL B 45 29.56 -7.15 -14.08
C VAL B 45 30.86 -6.39 -14.27
N ALA B 46 31.77 -7.02 -14.99
CA ALA B 46 32.96 -6.38 -15.51
C ALA B 46 32.78 -6.33 -17.02
N LEU B 47 33.11 -5.19 -17.62
CA LEU B 47 33.01 -5.00 -19.06
C LEU B 47 34.42 -4.81 -19.60
N LYS B 48 34.84 -5.70 -20.51
CA LYS B 48 36.07 -5.51 -21.27
C LYS B 48 35.70 -4.83 -22.58
N LYS B 49 36.21 -3.62 -22.80
CA LYS B 49 35.93 -2.87 -24.02
C LYS B 49 36.87 -3.32 -25.14
N VAL B 50 36.29 -3.64 -26.29
CA VAL B 50 37.04 -4.04 -27.47
C VAL B 50 36.92 -2.93 -28.49
N ARG B 51 38.04 -2.37 -28.92
CA ARG B 51 38.04 -1.28 -29.88
C ARG B 51 38.53 -1.86 -31.20
N LEU B 52 37.68 -1.82 -32.22
CA LEU B 52 38.07 -2.20 -33.56
C LEU B 52 38.36 -0.98 -34.43
N ASP B 53 38.38 0.22 -33.82
CA ASP B 53 38.74 1.41 -34.57
C ASP B 53 40.21 1.37 -34.99
N ASN B 54 41.04 0.52 -34.39
CA ASN B 54 42.43 0.43 -34.86
C ASN B 54 42.46 0.08 -36.35
N GLU B 55 41.64 -0.87 -36.76
CA GLU B 55 41.37 -1.19 -38.15
C GLU B 55 42.62 -1.57 -38.94
N LYS B 56 43.77 -1.73 -38.29
CA LYS B 56 44.91 -2.40 -38.91
C LYS B 56 44.64 -3.89 -39.08
N GLU B 57 44.12 -4.53 -38.03
CA GLU B 57 43.70 -5.92 -38.11
C GLU B 57 42.28 -6.09 -37.60
N GLY B 58 41.52 -5.00 -37.51
CA GLY B 58 40.12 -5.13 -37.17
C GLY B 58 39.96 -5.61 -35.74
N PHE B 59 38.98 -6.46 -35.54
CA PHE B 59 38.69 -7.00 -34.22
C PHE B 59 39.93 -7.70 -33.67
N PRO B 60 40.37 -7.36 -32.45
CA PRO B 60 41.63 -7.91 -31.95
C PRO B 60 41.57 -9.42 -31.80
N ILE B 61 42.67 -10.08 -32.18
CA ILE B 61 42.69 -11.53 -32.03
C ILE B 61 42.66 -11.93 -30.55
N THR B 62 43.33 -11.16 -29.70
CA THR B 62 43.29 -11.42 -28.27
C THR B 62 41.85 -11.57 -27.78
N ALA B 63 40.98 -10.66 -28.21
CA ALA B 63 39.57 -10.74 -27.82
C ALA B 63 38.88 -11.91 -28.51
N ILE B 64 39.23 -12.17 -29.77
CA ILE B 64 38.65 -13.31 -30.49
C ILE B 64 38.95 -14.60 -29.76
N ARG B 65 40.18 -14.76 -29.26
CA ARG B 65 40.52 -15.95 -28.49
C ARG B 65 39.64 -16.08 -27.26
N GLU B 66 39.44 -14.96 -26.55
CA GLU B 66 38.70 -14.98 -25.30
C GLU B 66 37.22 -15.27 -25.53
N ILE B 67 36.69 -14.83 -26.67
CA ILE B 67 35.30 -15.14 -27.01
C ILE B 67 35.17 -16.59 -27.47
N LYS B 68 36.05 -17.01 -28.38
CA LYS B 68 36.00 -18.36 -28.93
C LYS B 68 36.12 -19.41 -27.84
N ILE B 69 37.02 -19.19 -26.88
CA ILE B 69 37.34 -20.21 -25.88
C ILE B 69 36.36 -20.16 -24.72
N LEU B 70 36.02 -18.98 -24.23
CA LEU B 70 35.20 -18.91 -23.02
C LEU B 70 33.73 -19.21 -23.28
N ARG B 71 33.27 -19.24 -24.53
CA ARG B 71 31.94 -19.78 -24.79
C ARG B 71 31.94 -21.31 -24.88
N GLN B 72 33.11 -21.94 -24.90
CA GLN B 72 33.22 -23.39 -24.84
C GLN B 72 33.45 -23.93 -23.44
N LEU B 73 34.17 -23.19 -22.60
CA LEU B 73 34.59 -23.65 -21.29
C LEU B 73 33.52 -23.29 -20.26
N ILE B 74 33.08 -24.29 -19.51
CA ILE B 74 32.09 -24.12 -18.46
C ILE B 74 32.65 -24.82 -17.23
N HIS B 75 33.26 -24.06 -16.31
CA HIS B 75 33.75 -24.64 -15.08
C HIS B 75 33.63 -23.59 -13.99
N ARG B 76 33.45 -24.06 -12.75
CA ARG B 76 33.27 -23.13 -11.65
C ARG B 76 34.52 -22.28 -11.44
N SER B 77 35.68 -22.80 -11.83
CA SER B 77 36.95 -22.13 -11.64
C SER B 77 37.45 -21.46 -12.92
N VAL B 78 36.57 -21.30 -13.92
CA VAL B 78 36.87 -20.55 -15.13
C VAL B 78 35.90 -19.40 -15.25
N VAL B 79 36.41 -18.24 -15.69
CA VAL B 79 35.59 -17.04 -15.70
C VAL B 79 34.52 -17.17 -16.78
N ASN B 80 33.37 -16.54 -16.56
CA ASN B 80 32.22 -16.68 -17.43
C ASN B 80 31.98 -15.39 -18.21
N MET B 81 31.85 -15.50 -19.53
CA MET B 81 31.44 -14.38 -20.36
C MET B 81 29.92 -14.45 -20.50
N LYS B 82 29.23 -13.39 -20.08
CA LYS B 82 27.77 -13.47 -20.03
C LYS B 82 27.14 -13.06 -21.36
N GLU B 83 27.68 -12.02 -21.99
CA GLU B 83 27.20 -11.56 -23.30
C GLU B 83 28.23 -10.59 -23.87
N ILE B 84 27.94 -10.13 -25.10
CA ILE B 84 28.70 -9.10 -25.77
C ILE B 84 27.71 -8.03 -26.18
N VAL B 85 27.97 -6.79 -25.77
CA VAL B 85 27.08 -5.67 -26.01
C VAL B 85 27.84 -4.58 -26.75
N THR B 86 27.10 -3.62 -27.30
CA THR B 86 27.67 -2.62 -28.18
C THR B 86 27.27 -1.20 -27.76
N ASP B 87 28.10 -0.24 -28.18
CA ASP B 87 27.82 1.18 -28.05
C ASP B 87 26.62 1.59 -28.90
N LYS B 88 25.95 2.68 -28.49
CA LYS B 88 24.84 3.20 -29.29
C LYS B 88 25.37 3.52 -30.69
N GLN B 89 24.77 2.92 -31.71
CA GLN B 89 25.19 3.11 -33.09
C GLN B 89 24.28 4.09 -33.82
N ASP B 90 24.88 5.13 -34.41
CA ASP B 90 24.09 6.03 -35.24
C ASP B 90 23.56 5.27 -36.45
N ALA B 91 24.37 4.35 -36.96
CA ALA B 91 23.99 3.45 -38.05
C ALA B 91 23.51 4.17 -39.30
N LEU B 92 24.01 5.38 -39.56
CA LEU B 92 23.72 6.00 -40.85
C LEU B 92 24.24 5.12 -41.98
N ASP B 93 25.37 4.47 -41.75
CA ASP B 93 26.04 3.56 -42.67
C ASP B 93 26.89 2.64 -41.81
N PHE B 94 26.99 1.36 -42.18
CA PHE B 94 27.87 0.47 -41.42
C PHE B 94 29.32 0.96 -41.44
N LYS B 95 29.73 1.66 -42.51
CA LYS B 95 31.08 2.23 -42.56
C LYS B 95 31.28 3.34 -41.52
N LYS B 96 30.27 4.20 -41.34
CA LYS B 96 30.41 5.28 -40.37
C LYS B 96 30.57 4.74 -38.95
N ASP B 97 29.86 3.65 -38.64
CA ASP B 97 29.90 3.10 -37.29
C ASP B 97 31.32 2.77 -36.87
N LYS B 98 31.73 3.32 -35.73
CA LYS B 98 33.05 3.06 -35.16
C LYS B 98 32.95 2.75 -33.67
N GLY B 99 31.74 2.51 -33.15
CA GLY B 99 31.61 2.25 -31.74
C GLY B 99 32.27 0.95 -31.37
N ALA B 100 32.47 0.76 -30.07
CA ALA B 100 33.23 -0.38 -29.60
C ALA B 100 32.26 -1.46 -29.15
N PHE B 101 32.83 -2.63 -28.84
CA PHE B 101 32.10 -3.76 -28.32
C PHE B 101 32.57 -3.99 -26.88
N TYR B 102 31.69 -4.51 -26.04
CA TYR B 102 32.01 -4.78 -24.65
C TYR B 102 31.76 -6.25 -24.37
N LEU B 103 32.73 -6.91 -23.75
CA LEU B 103 32.60 -8.30 -23.34
C LEU B 103 32.13 -8.29 -21.87
N VAL B 104 30.95 -8.83 -21.62
CA VAL B 104 30.34 -8.76 -20.30
C VAL B 104 30.75 -10.01 -19.52
N PHE B 105 31.41 -9.81 -18.38
CA PHE B 105 31.83 -10.89 -17.51
C PHE B 105 31.15 -10.71 -16.15
N GLU B 106 31.14 -11.79 -15.37
CA GLU B 106 30.79 -11.71 -13.96
C GLU B 106 31.82 -10.86 -13.21
N TYR B 107 31.36 -10.00 -12.31
CA TYR B 107 32.30 -9.20 -11.52
C TYR B 107 32.84 -10.04 -10.36
N MET B 108 34.16 -9.99 -10.18
CA MET B 108 34.85 -10.68 -9.10
C MET B 108 35.41 -9.67 -8.11
N ASP B 109 35.27 -9.96 -6.82
CA ASP B 109 35.53 -8.95 -5.79
C ASP B 109 36.97 -8.46 -5.82
N HIS B 110 37.94 -9.36 -6.01
CA HIS B 110 39.35 -8.98 -5.95
C HIS B 110 40.13 -9.79 -6.99
N ASP B 111 41.36 -9.33 -7.28
CA ASP B 111 42.35 -10.09 -8.02
C ASP B 111 43.48 -10.45 -7.06
N LEU B 112 44.19 -11.54 -7.34
CA LEU B 112 45.14 -12.05 -6.35
C LEU B 112 46.32 -11.09 -6.17
N MET B 113 46.80 -10.49 -7.26
CA MET B 113 47.91 -9.54 -7.14
C MET B 113 47.54 -8.42 -6.17
N GLY B 114 46.37 -7.80 -6.39
CA GLY B 114 45.92 -6.76 -5.50
C GLY B 114 45.91 -7.20 -4.05
N LEU B 115 45.39 -8.40 -3.79
CA LEU B 115 45.30 -8.86 -2.41
C LEU B 115 46.68 -9.06 -1.80
N LEU B 116 47.65 -9.52 -2.58
CA LEU B 116 48.99 -9.74 -2.03
C LEU B 116 49.79 -8.44 -2.02
N GLU B 117 49.76 -7.68 -3.11
CA GLU B 117 50.53 -6.45 -3.19
C GLU B 117 50.13 -5.47 -2.09
N SER B 118 48.84 -5.38 -1.79
CA SER B 118 48.39 -4.50 -0.70
C SER B 118 48.75 -5.06 0.66
N GLY B 119 49.22 -6.30 0.74
CA GLY B 119 49.63 -6.88 2.01
C GLY B 119 48.48 -7.21 2.92
N LEU B 120 47.27 -7.30 2.36
CA LEU B 120 46.04 -7.37 3.12
C LEU B 120 45.46 -8.78 3.20
N VAL B 121 46.24 -9.79 2.86
CA VAL B 121 45.74 -11.15 2.90
C VAL B 121 46.77 -12.00 3.63
N HIS B 122 46.25 -12.98 4.35
CA HIS B 122 47.03 -14.02 5.00
C HIS B 122 46.42 -15.35 4.60
N PHE B 123 47.24 -16.25 4.09
CA PHE B 123 46.80 -17.55 3.62
C PHE B 123 47.27 -18.62 4.60
N SER B 124 46.32 -19.35 5.19
CA SER B 124 46.62 -20.52 5.99
C SER B 124 46.83 -21.72 5.07
N GLU B 125 47.29 -22.84 5.64
CA GLU B 125 47.40 -24.04 4.82
C GLU B 125 46.03 -24.37 4.22
N ASP B 126 44.99 -24.40 5.07
CA ASP B 126 43.65 -24.75 4.60
C ASP B 126 43.14 -23.77 3.55
N HIS B 127 43.58 -22.50 3.62
CA HIS B 127 43.21 -21.55 2.57
C HIS B 127 43.92 -21.87 1.27
N ILE B 128 45.22 -22.20 1.34
CA ILE B 128 45.98 -22.52 0.14
C ILE B 128 45.43 -23.76 -0.52
N LYS B 129 44.97 -24.73 0.27
CA LYS B 129 44.35 -25.93 -0.29
C LYS B 129 43.13 -25.57 -1.13
N SER B 130 42.23 -24.73 -0.60
CA SER B 130 41.04 -24.38 -1.35
C SER B 130 41.40 -23.64 -2.63
N PHE B 131 42.33 -22.69 -2.53
CA PHE B 131 42.77 -21.92 -3.68
C PHE B 131 43.35 -22.84 -4.74
N MET B 132 44.32 -23.68 -4.36
CA MET B 132 45.00 -24.51 -5.32
C MET B 132 44.09 -25.59 -5.90
N LYS B 133 43.22 -26.18 -5.08
CA LYS B 133 42.32 -27.19 -5.62
C LYS B 133 41.44 -26.61 -6.72
N GLN B 134 40.92 -25.40 -6.52
CA GLN B 134 40.10 -24.77 -7.55
C GLN B 134 40.93 -24.40 -8.76
N LEU B 135 42.10 -23.80 -8.56
CA LEU B 135 42.92 -23.39 -9.68
C LEU B 135 43.34 -24.58 -10.53
N MET B 136 43.80 -25.64 -9.88
CA MET B 136 44.23 -26.81 -10.63
C MET B 136 43.04 -27.51 -11.27
N GLU B 137 41.89 -27.53 -10.59
CA GLU B 137 40.72 -28.14 -11.21
C GLU B 137 40.29 -27.39 -12.46
N GLY B 138 40.36 -26.06 -12.43
CA GLY B 138 40.04 -25.31 -13.63
C GLY B 138 41.06 -25.53 -14.73
N LEU B 139 42.34 -25.56 -14.35
CA LEU B 139 43.38 -25.82 -15.33
C LEU B 139 43.20 -27.22 -15.91
N GLU B 140 42.87 -28.19 -15.04
CA GLU B 140 42.56 -29.53 -15.54
C GLU B 140 41.44 -29.52 -16.56
N TYR B 141 40.36 -28.77 -16.29
CA TYR B 141 39.28 -28.70 -17.26
C TYR B 141 39.79 -28.16 -18.59
N CYS B 142 40.54 -27.06 -18.55
CA CYS B 142 41.07 -26.47 -19.77
C CYS B 142 42.06 -27.41 -20.46
N HIS B 143 42.99 -27.99 -19.68
CA HIS B 143 43.99 -28.86 -20.30
C HIS B 143 43.36 -30.12 -20.88
N LYS B 144 42.38 -30.71 -20.17
CA LYS B 144 41.70 -31.88 -20.71
C LYS B 144 40.91 -31.52 -21.97
N LYS B 145 40.49 -30.27 -22.12
CA LYS B 145 39.87 -29.74 -23.33
C LYS B 145 40.91 -29.22 -24.33
N ASN B 146 42.20 -29.49 -24.07
CA ASN B 146 43.31 -29.21 -25.02
C ASN B 146 43.47 -27.72 -25.32
N PHE B 147 43.40 -26.90 -24.28
CA PHE B 147 43.68 -25.47 -24.36
C PHE B 147 44.84 -25.13 -23.42
N LEU B 148 45.69 -24.20 -23.84
CA LEU B 148 46.76 -23.67 -23.00
C LEU B 148 46.48 -22.22 -22.64
N HIS B 149 46.66 -21.85 -21.36
CA HIS B 149 46.38 -20.48 -20.94
C HIS B 149 47.50 -19.54 -21.40
N ARG B 150 48.73 -19.88 -21.07
CA ARG B 150 49.97 -19.28 -21.55
C ARG B 150 50.25 -17.92 -20.94
N ASP B 151 49.40 -17.42 -20.06
CA ASP B 151 49.69 -16.21 -19.31
C ASP B 151 49.13 -16.30 -17.89
N ILE B 152 49.60 -17.26 -17.10
CA ILE B 152 49.11 -17.42 -15.73
C ILE B 152 49.96 -16.56 -14.81
N LYS B 153 49.32 -15.57 -14.18
CA LYS B 153 49.98 -14.72 -13.20
C LYS B 153 48.97 -14.39 -12.10
N CYS B 154 49.48 -13.83 -11.00
CA CYS B 154 48.61 -13.43 -9.90
C CYS B 154 47.53 -12.46 -10.37
N SER B 155 47.85 -11.61 -11.35
CA SER B 155 46.86 -10.66 -11.84
C SER B 155 45.67 -11.34 -12.51
N ASN B 156 45.88 -12.55 -13.03
CA ASN B 156 44.84 -13.25 -13.77
C ASN B 156 44.09 -14.29 -12.95
N ILE B 157 44.30 -14.35 -11.64
CA ILE B 157 43.53 -15.25 -10.79
C ILE B 157 42.62 -14.39 -9.94
N LEU B 158 41.32 -14.48 -10.18
CA LEU B 158 40.33 -13.63 -9.51
C LEU B 158 39.65 -14.41 -8.40
N LEU B 159 39.39 -13.71 -7.29
CA LEU B 159 38.89 -14.32 -6.08
C LEU B 159 37.76 -13.43 -5.59
N ASN B 160 36.59 -14.01 -5.36
CA ASN B 160 35.55 -13.29 -4.63
C ASN B 160 35.46 -13.85 -3.21
N ASN B 161 34.86 -13.06 -2.33
CA ASN B 161 35.00 -13.28 -0.89
C ASN B 161 34.37 -14.58 -0.43
N SER B 162 33.56 -15.21 -1.29
CA SER B 162 33.06 -16.54 -1.00
C SER B 162 34.18 -17.56 -0.91
N GLY B 163 35.36 -17.23 -1.43
CA GLY B 163 36.47 -18.15 -1.50
C GLY B 163 36.58 -18.86 -2.83
N GLN B 164 35.77 -18.48 -3.80
CA GLN B 164 35.78 -19.10 -5.11
C GLN B 164 36.86 -18.45 -5.96
N ILE B 165 37.60 -19.29 -6.67
CA ILE B 165 38.69 -18.86 -7.52
C ILE B 165 38.24 -19.05 -8.96
N LYS B 166 38.57 -18.10 -9.84
CA LYS B 166 38.25 -18.26 -11.25
C LYS B 166 39.44 -17.75 -12.05
N LEU B 167 39.82 -18.50 -13.08
CA LEU B 167 40.89 -18.12 -14.00
C LEU B 167 40.31 -17.18 -15.06
N ALA B 168 41.13 -16.21 -15.52
CA ALA B 168 40.50 -15.10 -16.23
C ALA B 168 41.01 -14.59 -17.58
N ASP B 169 42.29 -14.32 -17.74
CA ASP B 169 42.74 -13.69 -18.98
C ASP B 169 43.09 -14.78 -20.00
N PHE B 170 42.11 -15.17 -20.82
CA PHE B 170 42.38 -16.14 -21.86
C PHE B 170 42.76 -15.50 -23.20
N GLY B 171 43.43 -14.35 -23.15
CA GLY B 171 43.79 -13.65 -24.37
C GLY B 171 44.95 -14.26 -25.14
N LEU B 172 45.74 -15.11 -24.50
CA LEU B 172 46.85 -15.79 -25.16
C LEU B 172 46.62 -17.30 -25.29
N ALA B 173 45.38 -17.75 -25.15
CA ALA B 173 45.06 -19.17 -25.15
C ALA B 173 44.95 -19.74 -26.56
N ARG B 174 45.53 -20.93 -26.75
CA ARG B 174 45.57 -21.64 -28.02
C ARG B 174 45.41 -23.14 -27.77
N LEU B 175 44.89 -23.83 -28.78
CA LEU B 175 44.69 -25.28 -28.71
C LEU B 175 46.01 -26.02 -28.89
N TYR B 176 46.16 -27.14 -28.19
CA TYR B 176 47.39 -27.94 -28.20
C TYR B 176 47.08 -29.28 -28.88
N ASN B 177 47.90 -29.66 -29.86
CA ASN B 177 47.79 -30.95 -30.50
C ASN B 177 48.99 -31.76 -30.01
N SER B 178 48.71 -32.85 -29.29
CA SER B 178 49.79 -33.65 -28.75
C SER B 178 50.53 -34.41 -29.85
N GLU B 179 49.80 -34.95 -30.81
CA GLU B 179 50.43 -35.73 -31.87
C GLU B 179 51.25 -34.84 -32.80
N GLU B 180 50.60 -33.87 -33.43
CA GLU B 180 51.22 -32.95 -34.39
C GLU B 180 51.68 -31.69 -33.67
N SER B 181 52.97 -31.64 -33.37
CA SER B 181 53.54 -30.48 -32.68
C SER B 181 53.44 -29.24 -33.56
N ARG B 182 53.04 -28.13 -32.95
CA ARG B 182 52.87 -26.90 -33.69
C ARG B 182 53.83 -25.83 -33.20
N PRO B 183 54.41 -25.02 -34.10
CA PRO B 183 55.28 -23.93 -33.65
C PRO B 183 54.45 -22.80 -33.06
N TYR B 184 54.76 -22.42 -31.82
CA TYR B 184 54.09 -21.29 -31.18
C TYR B 184 55.07 -20.13 -30.86
N ASN B 186 57.41 -18.07 -28.42
CA ASN B 186 58.20 -18.46 -27.24
C ASN B 186 58.14 -17.50 -26.06
N LYS B 187 57.91 -16.23 -26.30
CA LYS B 187 57.82 -15.26 -25.21
C LYS B 187 56.35 -15.11 -24.79
N VAL B 188 55.80 -16.10 -24.09
CA VAL B 188 54.37 -16.12 -23.84
C VAL B 188 54.05 -15.78 -22.39
N ILE B 189 54.79 -16.22 -21.38
CA ILE B 189 54.40 -15.94 -19.99
C ILE B 189 55.28 -14.85 -19.37
N THR B 190 54.72 -14.11 -18.40
CA THR B 190 55.47 -13.04 -17.74
C THR B 190 56.71 -13.65 -17.09
N LEU B 191 57.82 -12.91 -17.13
CA LEU B 191 59.10 -13.52 -16.77
C LEU B 191 59.02 -14.15 -15.37
N TRP B 192 58.28 -13.53 -14.46
CA TRP B 192 58.23 -14.04 -13.10
C TRP B 192 57.59 -15.42 -13.02
N TYR B 193 56.61 -15.69 -13.89
CA TYR B 193 55.90 -16.95 -13.90
C TYR B 193 56.20 -17.77 -15.15
N ARG B 194 57.35 -17.55 -15.79
CA ARG B 194 57.63 -18.24 -17.05
C ARG B 194 58.33 -19.58 -16.80
N PRO B 195 57.99 -20.61 -17.56
CA PRO B 195 58.66 -21.91 -17.40
C PRO B 195 60.11 -21.84 -17.87
N PRO B 196 60.96 -22.73 -17.38
CA PRO B 196 62.38 -22.69 -17.81
C PRO B 196 62.54 -23.10 -19.25
N GLU B 197 61.66 -23.97 -19.74
CA GLU B 197 61.76 -24.44 -21.12
C GLU B 197 61.63 -23.29 -22.11
N LEU B 198 60.71 -22.35 -21.85
CA LEU B 198 60.50 -21.23 -22.76
C LEU B 198 61.63 -20.21 -22.65
N LEU B 199 62.26 -20.12 -21.49
CA LEU B 199 63.44 -19.26 -21.37
C LEU B 199 64.55 -19.74 -22.29
N LEU B 200 64.66 -21.06 -22.45
CA LEU B 200 65.66 -21.64 -23.34
C LEU B 200 65.13 -21.78 -24.76
N GLY B 201 63.98 -21.18 -25.06
CA GLY B 201 63.56 -21.03 -26.44
C GLY B 201 62.64 -22.10 -26.97
N GLU B 202 62.04 -22.92 -26.11
CA GLU B 202 61.18 -23.97 -26.62
C GLU B 202 60.02 -23.32 -27.34
N GLU B 203 59.95 -23.53 -28.64
CA GLU B 203 58.84 -23.04 -29.46
C GLU B 203 57.73 -24.06 -29.61
N ARG B 204 57.98 -25.31 -29.25
CA ARG B 204 56.96 -26.36 -29.27
C ARG B 204 56.76 -26.79 -27.84
N TYR B 205 55.96 -26.03 -27.10
CA TYR B 205 55.86 -26.26 -25.67
C TYR B 205 54.60 -27.04 -25.37
N THR B 206 54.50 -27.47 -24.13
CA THR B 206 53.47 -28.35 -23.63
C THR B 206 52.55 -27.63 -22.65
N PRO B 207 51.44 -28.25 -22.26
CA PRO B 207 50.63 -27.69 -21.18
C PRO B 207 51.38 -27.57 -19.87
N ALA B 208 52.57 -28.17 -19.76
CA ALA B 208 53.34 -28.08 -18.53
C ALA B 208 53.79 -26.65 -18.23
N ILE B 209 53.74 -25.75 -19.22
CA ILE B 209 54.08 -24.36 -18.95
C ILE B 209 53.16 -23.79 -17.89
N ASP B 210 51.86 -24.09 -17.98
CA ASP B 210 50.91 -23.57 -17.00
C ASP B 210 51.14 -24.19 -15.62
N VAL B 211 51.50 -25.48 -15.57
CA VAL B 211 51.75 -26.09 -14.28
C VAL B 211 52.87 -25.36 -13.56
N TRP B 212 53.94 -25.00 -14.29
CA TRP B 212 55.04 -24.28 -13.67
C TRP B 212 54.55 -22.98 -13.02
N SER B 213 53.77 -22.20 -13.76
CA SER B 213 53.26 -20.94 -13.24
C SER B 213 52.52 -21.16 -11.93
N CYS B 214 51.65 -22.16 -11.90
CA CYS B 214 50.84 -22.41 -10.70
C CYS B 214 51.70 -22.84 -9.52
N GLY B 215 52.77 -23.58 -9.77
CA GLY B 215 53.71 -23.88 -8.70
C GLY B 215 54.36 -22.63 -8.16
N CYS B 216 54.76 -21.71 -9.05
CA CYS B 216 55.31 -20.44 -8.59
C CYS B 216 54.33 -19.74 -7.66
N ILE B 217 53.04 -19.78 -8.01
CA ILE B 217 52.01 -19.21 -7.15
C ILE B 217 51.91 -20.00 -5.86
N LEU B 218 52.00 -21.33 -5.94
CA LEU B 218 51.93 -22.14 -4.73
C LEU B 218 52.98 -21.68 -3.72
N GLY B 219 54.24 -21.57 -4.16
CA GLY B 219 55.27 -21.08 -3.26
C GLY B 219 54.99 -19.67 -2.76
N GLU B 220 54.53 -18.81 -3.67
CA GLU B 220 54.28 -17.41 -3.30
C GLU B 220 53.22 -17.29 -2.22
N LEU B 221 52.18 -18.12 -2.27
CA LEU B 221 51.15 -18.05 -1.24
C LEU B 221 51.74 -18.40 0.13
N PHE B 222 52.80 -19.20 0.16
CA PHE B 222 53.45 -19.58 1.40
C PHE B 222 54.49 -18.58 1.87
N THR B 223 55.03 -17.76 0.97
CA THR B 223 55.97 -16.71 1.35
C THR B 223 55.38 -15.31 1.27
N LYS B 224 54.33 -15.10 0.47
CA LYS B 224 53.70 -13.80 0.20
C LYS B 224 54.56 -12.93 -0.71
N LYS B 225 55.66 -13.46 -1.25
CA LYS B 225 56.55 -12.81 -2.20
C LYS B 225 56.73 -13.71 -3.41
N PRO B 226 56.70 -13.17 -4.63
CA PRO B 226 56.95 -14.01 -5.81
C PRO B 226 58.29 -14.72 -5.68
N ILE B 227 58.36 -15.94 -6.21
CA ILE B 227 59.53 -16.76 -5.95
C ILE B 227 60.72 -16.29 -6.78
N PHE B 228 60.50 -16.09 -8.07
CA PHE B 228 61.57 -15.77 -9.02
C PHE B 228 61.28 -14.40 -9.63
N GLN B 229 61.89 -13.37 -9.10
CA GLN B 229 61.69 -12.01 -9.56
C GLN B 229 62.97 -11.57 -10.27
N ALA B 230 62.86 -11.38 -11.58
CA ALA B 230 63.99 -10.94 -12.37
C ALA B 230 63.47 -10.04 -13.48
N ASN B 231 64.39 -9.31 -14.11
CA ASN B 231 64.01 -8.37 -15.15
C ASN B 231 64.35 -8.89 -16.53
N LEU B 232 65.33 -9.78 -16.65
CA LEU B 232 65.81 -10.29 -17.92
C LEU B 232 65.81 -11.80 -17.91
N GLU B 233 65.66 -12.37 -19.10
CA GLU B 233 65.42 -13.80 -19.25
C GLU B 233 66.57 -14.62 -18.67
N LEU B 234 67.81 -14.17 -18.86
CA LEU B 234 68.94 -14.90 -18.32
C LEU B 234 68.94 -14.89 -16.79
N ALA B 235 68.68 -13.71 -16.20
CA ALA B 235 68.69 -13.60 -14.74
C ALA B 235 67.67 -14.53 -14.11
N GLN B 236 66.52 -14.69 -14.75
CA GLN B 236 65.51 -15.61 -14.25
C GLN B 236 66.04 -17.04 -14.28
N LEU B 237 66.66 -17.42 -15.39
CA LEU B 237 67.21 -18.78 -15.49
C LEU B 237 68.21 -19.04 -14.37
N GLU B 238 68.99 -18.03 -13.99
CA GLU B 238 69.91 -18.16 -12.85
C GLU B 238 69.14 -18.34 -11.55
N LEU B 239 68.14 -17.50 -11.32
CA LEU B 239 67.37 -17.59 -10.08
C LEU B 239 66.66 -18.94 -9.98
N ILE B 240 66.01 -19.35 -11.07
CA ILE B 240 65.41 -20.68 -11.12
C ILE B 240 66.47 -21.76 -10.92
N SER B 241 67.61 -21.61 -11.58
CA SER B 241 68.66 -22.61 -11.48
C SER B 241 69.19 -22.68 -10.05
N ARG B 242 69.32 -21.54 -9.38
CA ARG B 242 69.85 -21.58 -8.01
C ARG B 242 68.99 -22.46 -7.11
N LEU B 243 67.69 -22.44 -7.32
CA LEU B 243 66.77 -23.18 -6.46
C LEU B 243 66.39 -24.53 -7.05
N CYS B 244 65.98 -24.56 -8.32
CA CYS B 244 65.49 -25.79 -8.92
C CYS B 244 66.60 -26.65 -9.50
N GLY B 245 67.81 -26.14 -9.57
CA GLY B 245 68.90 -26.85 -10.20
C GLY B 245 69.15 -26.38 -11.61
N SER B 246 70.40 -26.48 -12.04
CA SER B 246 70.78 -26.01 -13.36
C SER B 246 70.30 -27.01 -14.41
N PRO B 247 69.88 -26.52 -15.58
CA PRO B 247 69.53 -27.44 -16.66
C PRO B 247 70.75 -28.25 -17.06
N CYS B 248 70.74 -29.54 -16.75
CA CYS B 248 71.80 -30.42 -17.17
C CYS B 248 71.11 -31.57 -17.88
N PRO B 249 71.76 -32.19 -18.87
CA PRO B 249 71.11 -33.31 -19.56
C PRO B 249 70.73 -34.44 -18.61
N ALA B 250 71.36 -34.52 -17.43
CA ALA B 250 71.03 -35.56 -16.47
C ALA B 250 69.58 -35.46 -16.00
N VAL B 251 69.09 -34.24 -15.80
CA VAL B 251 67.73 -34.05 -15.29
C VAL B 251 66.78 -33.62 -16.39
N TRP B 252 67.29 -33.28 -17.57
CA TRP B 252 66.50 -32.75 -18.69
C TRP B 252 67.14 -33.26 -19.97
N PRO B 253 66.98 -34.55 -20.27
CA PRO B 253 67.80 -35.16 -21.33
C PRO B 253 67.76 -34.43 -22.65
N ASP B 254 66.64 -33.80 -23.00
CA ASP B 254 66.49 -33.13 -24.28
C ASP B 254 66.76 -31.63 -24.18
N VAL B 255 67.36 -31.18 -23.08
CA VAL B 255 67.70 -29.76 -22.96
C VAL B 255 68.68 -29.38 -24.05
N ILE B 256 69.50 -30.34 -24.50
CA ILE B 256 70.49 -30.07 -25.53
C ILE B 256 69.85 -29.67 -26.85
N ARG B 257 68.59 -30.04 -27.07
CA ARG B 257 67.90 -29.73 -28.31
C ARG B 257 67.25 -28.35 -28.30
N LEU B 258 67.48 -27.56 -27.26
CA LEU B 258 66.81 -26.26 -27.16
C LEU B 258 67.67 -25.14 -27.73
N PRO B 259 67.03 -24.21 -28.46
CA PRO B 259 67.79 -23.13 -29.12
C PRO B 259 68.87 -22.45 -28.29
N TYR B 260 68.57 -22.08 -27.04
CA TYR B 260 69.48 -21.22 -26.29
C TYR B 260 70.23 -21.96 -25.16
N PHE B 261 70.22 -23.30 -25.17
CA PHE B 261 70.82 -24.04 -24.06
C PHE B 261 72.31 -23.74 -23.93
N ASN B 262 73.04 -23.79 -25.04
CA ASN B 262 74.47 -23.47 -25.00
C ASN B 262 74.69 -21.97 -24.84
N THR B 263 73.82 -21.16 -25.45
CA THR B 263 73.97 -19.72 -25.36
C THR B 263 73.76 -19.23 -23.92
N MET B 264 72.62 -19.60 -23.34
CA MET B 264 72.20 -19.16 -22.01
C MET B 264 72.63 -20.19 -20.98
N LYS B 265 73.60 -19.86 -20.15
CA LYS B 265 74.00 -20.79 -19.11
C LYS B 265 73.95 -20.11 -17.76
N PRO B 266 73.52 -20.79 -16.70
CA PRO B 266 73.68 -20.21 -15.36
C PRO B 266 75.15 -20.13 -15.00
N LYS B 267 75.45 -19.28 -14.01
CA LYS B 267 76.83 -19.07 -13.60
C LYS B 267 77.55 -20.38 -13.30
N LYS B 268 76.86 -21.29 -12.62
CA LYS B 268 77.44 -22.56 -12.18
C LYS B 268 76.48 -23.69 -12.55
N GLN B 269 76.94 -24.93 -12.33
CA GLN B 269 76.06 -26.10 -12.30
C GLN B 269 75.53 -26.20 -10.88
N TYR B 270 74.25 -25.84 -10.68
CA TYR B 270 73.67 -25.78 -9.34
C TYR B 270 72.98 -27.09 -8.95
N ARG B 271 73.09 -27.43 -7.67
CA ARG B 271 72.28 -28.49 -7.08
C ARG B 271 70.89 -27.95 -6.73
N ARG B 272 69.94 -28.86 -6.64
CA ARG B 272 68.57 -28.48 -6.30
C ARG B 272 68.49 -28.28 -4.80
N ARG B 273 68.01 -27.12 -4.36
CA ARG B 273 67.85 -26.85 -2.94
C ARG B 273 66.40 -26.57 -2.58
N LEU B 274 65.46 -26.89 -3.48
CA LEU B 274 64.07 -26.52 -3.27
C LEU B 274 63.57 -27.02 -1.92
N ARG B 275 63.84 -28.28 -1.59
CA ARG B 275 63.37 -28.82 -0.33
C ARG B 275 64.06 -28.18 0.87
N GLU B 276 65.29 -27.71 0.71
CA GLU B 276 65.97 -27.05 1.82
C GLU B 276 65.45 -25.63 2.02
N GLU B 277 65.46 -24.82 0.95
CA GLU B 277 65.08 -23.42 1.08
C GLU B 277 63.58 -23.27 1.35
N PHE B 278 62.79 -24.29 1.06
CA PHE B 278 61.36 -24.31 1.36
C PHE B 278 61.04 -25.27 2.51
N SER B 279 61.97 -25.44 3.44
CA SER B 279 61.75 -26.40 4.52
C SER B 279 60.60 -26.03 5.44
N PHE B 280 60.20 -24.75 5.44
CA PHE B 280 59.11 -24.30 6.30
C PHE B 280 57.72 -24.65 5.74
N ILE B 281 57.66 -25.22 4.55
CA ILE B 281 56.40 -25.55 3.89
C ILE B 281 55.97 -26.91 4.41
N PRO B 282 54.66 -27.16 4.59
CA PRO B 282 54.22 -28.52 4.96
C PRO B 282 54.67 -29.59 3.97
N SER B 283 54.85 -30.80 4.50
CA SER B 283 55.41 -31.88 3.71
C SER B 283 54.57 -32.13 2.46
N ALA B 284 53.25 -32.23 2.63
CA ALA B 284 52.38 -32.49 1.49
C ALA B 284 52.51 -31.41 0.43
N ALA B 285 52.68 -30.17 0.86
CA ALA B 285 52.80 -29.07 -0.11
C ALA B 285 54.18 -29.05 -0.74
N LEU B 286 55.22 -29.28 0.06
CA LEU B 286 56.57 -29.28 -0.50
C LEU B 286 56.71 -30.28 -1.64
N ASP B 287 56.10 -31.46 -1.49
CA ASP B 287 56.15 -32.44 -2.57
C ASP B 287 55.44 -31.92 -3.82
N LEU B 288 54.33 -31.19 -3.62
CA LEU B 288 53.65 -30.61 -4.77
C LEU B 288 54.53 -29.58 -5.46
N LEU B 289 55.22 -28.75 -4.68
CA LEU B 289 56.09 -27.72 -5.26
C LEU B 289 57.25 -28.35 -6.01
N ASP B 290 57.91 -29.35 -5.40
CA ASP B 290 59.04 -29.99 -6.07
C ASP B 290 58.61 -30.62 -7.39
N HIS B 291 57.41 -31.20 -7.45
CA HIS B 291 56.98 -31.82 -8.69
C HIS B 291 56.51 -30.77 -9.70
N MET B 292 55.88 -29.68 -9.23
CA MET B 292 55.39 -28.67 -10.16
C MET B 292 56.53 -27.84 -10.72
N LEU B 293 57.56 -27.59 -9.91
CA LEU B 293 58.72 -26.82 -10.37
C LEU B 293 59.85 -27.74 -10.81
N THR B 294 59.49 -28.77 -11.57
CA THR B 294 60.46 -29.68 -12.15
C THR B 294 60.92 -29.14 -13.50
N LEU B 295 62.23 -29.16 -13.73
CA LEU B 295 62.80 -28.51 -14.89
C LEU B 295 62.29 -29.14 -16.19
N ASP B 296 62.31 -30.47 -16.28
CA ASP B 296 61.95 -31.13 -17.53
C ASP B 296 60.44 -31.16 -17.68
N PRO B 297 59.87 -30.50 -18.69
CA PRO B 297 58.40 -30.51 -18.82
C PRO B 297 57.82 -31.91 -18.92
N SER B 298 58.58 -32.87 -19.43
CA SER B 298 58.10 -34.23 -19.58
C SER B 298 58.09 -35.01 -18.27
N LYS B 299 58.85 -34.55 -17.28
CA LYS B 299 58.86 -35.11 -15.94
C LYS B 299 58.06 -34.26 -14.96
N ARG B 300 57.60 -33.10 -15.40
CA ARG B 300 56.77 -32.23 -14.57
C ARG B 300 55.37 -32.80 -14.45
N CYS B 301 54.82 -32.73 -13.23
CA CYS B 301 53.51 -33.29 -12.97
C CYS B 301 52.42 -32.60 -13.80
N THR B 302 51.33 -33.35 -14.01
CA THR B 302 50.19 -32.83 -14.73
C THR B 302 49.24 -32.15 -13.74
N ALA B 303 48.22 -31.45 -14.27
CA ALA B 303 47.22 -30.88 -13.39
C ALA B 303 46.48 -31.97 -12.63
N GLU B 304 46.05 -33.03 -13.33
CA GLU B 304 45.37 -34.12 -12.67
C GLU B 304 46.24 -34.70 -11.55
N GLN B 305 47.53 -34.86 -11.82
CA GLN B 305 48.41 -35.45 -10.83
C GLN B 305 48.47 -34.57 -9.59
N THR B 306 48.35 -33.24 -9.75
CA THR B 306 48.33 -32.37 -8.59
C THR B 306 47.04 -32.57 -7.78
N LEU B 307 45.91 -32.79 -8.47
CA LEU B 307 44.64 -33.02 -7.79
C LEU B 307 44.57 -34.39 -7.11
N GLN B 308 45.39 -35.33 -7.55
CA GLN B 308 45.56 -36.63 -6.89
C GLN B 308 46.87 -36.64 -6.10
N SER B 309 46.98 -35.66 -5.21
CA SER B 309 48.12 -35.50 -4.33
C SER B 309 47.68 -35.51 -2.87
N ASP B 310 48.59 -35.90 -1.97
CA ASP B 310 48.26 -35.87 -0.56
C ASP B 310 47.76 -34.50 -0.13
N PHE B 311 48.24 -33.43 -0.78
CA PHE B 311 47.88 -32.09 -0.35
C PHE B 311 46.46 -31.71 -0.76
N LEU B 312 46.09 -31.99 -2.01
CA LEU B 312 44.82 -31.51 -2.55
C LEU B 312 43.76 -32.59 -2.75
N LYS B 313 44.15 -33.87 -2.72
CA LYS B 313 43.21 -34.94 -3.03
C LYS B 313 42.00 -34.94 -2.10
N ASP B 314 42.22 -34.73 -0.81
CA ASP B 314 41.17 -34.90 0.18
C ASP B 314 40.61 -33.58 0.66
N VAL B 315 40.96 -32.48 -0.01
CA VAL B 315 40.34 -31.19 0.27
C VAL B 315 38.91 -31.21 -0.23
N GLU B 316 37.97 -30.78 0.61
CA GLU B 316 36.58 -30.71 0.21
C GLU B 316 36.21 -29.28 -0.13
N LEU B 317 35.73 -29.08 -1.35
CA LEU B 317 35.40 -27.72 -1.75
C LEU B 317 34.08 -27.21 -1.17
N SER B 318 33.34 -28.06 -0.45
CA SER B 318 32.22 -27.55 0.32
C SER B 318 32.68 -26.54 1.36
N LYS B 319 33.81 -26.78 2.01
CA LYS B 319 34.42 -25.85 2.95
C LYS B 319 35.37 -24.91 2.20
N MET B 320 34.82 -23.82 1.69
CA MET B 320 35.62 -22.94 0.85
C MET B 320 36.65 -22.15 1.64
N ALA B 321 36.44 -21.93 2.94
CA ALA B 321 37.44 -21.32 3.80
C ALA B 321 38.03 -20.07 3.13
N PRO B 322 37.26 -18.97 3.09
CA PRO B 322 37.78 -17.75 2.44
C PRO B 322 39.00 -17.27 3.08
N PRO B 323 39.92 -16.61 2.34
CA PRO B 323 41.13 -16.04 2.94
C PRO B 323 40.79 -14.91 3.90
N ASP B 324 41.73 -14.65 4.82
CA ASP B 324 41.51 -13.66 5.88
C ASP B 324 41.82 -12.27 5.37
N LEU B 325 40.78 -11.47 5.18
CA LEU B 325 40.92 -10.08 4.75
C LEU B 325 40.51 -9.16 5.89
N PRO B 326 41.41 -8.35 6.45
CA PRO B 326 40.97 -7.41 7.51
C PRO B 326 40.30 -6.22 6.84
N HIS B 327 39.06 -5.92 7.22
CA HIS B 327 38.37 -4.76 6.70
C HIS B 327 37.97 -3.78 7.79
N TRP B 328 38.35 -4.07 9.03
CA TRP B 328 38.23 -3.12 10.13
C TRP B 328 39.44 -3.33 11.03
N GLN B 329 39.97 -2.25 11.60
CA GLN B 329 41.22 -2.21 12.36
C GLN B 329 42.40 -2.25 11.39
N ASP B 330 42.14 -2.45 10.09
CA ASP B 330 43.09 -2.15 9.04
C ASP B 330 43.12 -0.65 8.83
N CYS B 331 41.98 -0.02 9.13
CA CYS B 331 41.86 1.43 9.04
C CYS B 331 42.78 2.13 10.02
N HIS B 332 42.79 1.71 11.29
CA HIS B 332 43.75 2.25 12.26
C HIS B 332 44.53 1.14 12.93
N GLU B 333 45.85 1.32 13.02
CA GLU B 333 46.74 0.32 13.59
C GLU B 333 46.60 0.20 15.10
N THR C 24 21.45 -19.75 -24.33
CA THR C 24 22.85 -20.17 -24.27
C THR C 24 23.54 -20.05 -25.63
N LYS C 25 23.33 -21.03 -26.51
CA LYS C 25 23.92 -21.05 -27.85
C LYS C 25 22.89 -20.99 -28.96
N PRO C 26 23.20 -20.33 -30.08
CA PRO C 26 22.21 -20.13 -31.15
C PRO C 26 21.98 -21.38 -31.98
N CYS C 27 20.86 -21.38 -32.71
CA CYS C 27 20.51 -22.48 -33.61
C CYS C 27 20.90 -22.09 -35.03
N TRP C 28 21.79 -22.86 -35.65
CA TRP C 28 22.30 -22.51 -36.97
C TRP C 28 21.82 -23.42 -38.09
N TYR C 29 20.69 -24.10 -37.92
CA TYR C 29 20.20 -25.03 -38.92
C TYR C 29 18.76 -24.74 -39.29
N TRP C 30 18.49 -24.74 -40.61
CA TRP C 30 17.18 -24.47 -41.17
C TRP C 30 16.71 -25.67 -42.00
N ASP C 31 15.40 -25.72 -42.26
CA ASP C 31 14.82 -26.74 -43.15
C ASP C 31 14.90 -26.26 -44.60
N LYS C 32 15.12 -27.20 -45.52
CA LYS C 32 15.23 -26.84 -46.93
C LYS C 32 14.12 -25.90 -47.34
N LYS C 33 12.89 -26.22 -46.93
CA LYS C 33 11.75 -25.39 -47.29
C LYS C 33 11.96 -23.94 -46.86
N ASP C 34 12.75 -23.71 -45.81
CA ASP C 34 12.93 -22.36 -45.33
C ASP C 34 13.78 -21.52 -46.28
N LEU C 35 14.59 -22.15 -47.12
CA LEU C 35 15.46 -21.40 -48.02
C LEU C 35 14.69 -20.70 -49.12
N ALA C 36 13.39 -20.97 -49.25
CA ALA C 36 12.54 -20.22 -50.17
C ALA C 36 12.27 -18.81 -49.68
N HIS C 37 12.74 -18.48 -48.47
CA HIS C 37 12.41 -17.22 -47.82
C HIS C 37 13.65 -16.54 -47.24
N THR C 38 14.80 -16.69 -47.89
CA THR C 38 15.93 -15.87 -47.52
C THR C 38 15.66 -14.44 -47.98
N PRO C 39 16.31 -13.45 -47.36
CA PRO C 39 16.19 -12.07 -47.89
C PRO C 39 16.41 -11.99 -49.39
N SER C 40 17.42 -12.71 -49.89
CA SER C 40 17.71 -12.67 -51.32
C SER C 40 16.50 -13.09 -52.15
N GLN C 41 15.85 -14.19 -51.75
CA GLN C 41 14.68 -14.65 -52.48
C GLN C 41 13.59 -13.60 -52.50
N LEU C 42 13.34 -12.96 -51.36
CA LEU C 42 12.24 -12.02 -51.22
C LEU C 42 12.51 -10.67 -51.85
N GLU C 43 13.75 -10.40 -52.26
CA GLU C 43 14.06 -9.24 -53.07
C GLU C 43 14.05 -9.55 -54.57
N GLY C 44 13.50 -10.70 -54.97
CA GLY C 44 13.30 -11.01 -56.37
C GLY C 44 14.36 -11.87 -57.00
N LEU C 45 15.37 -12.28 -56.25
CA LEU C 45 16.34 -13.25 -56.74
C LEU C 45 15.70 -14.62 -56.79
N ASP C 46 15.91 -15.35 -57.89
CA ASP C 46 15.28 -16.66 -58.01
C ASP C 46 16.15 -17.71 -57.34
N PRO C 47 15.59 -18.90 -57.09
CA PRO C 47 16.39 -19.91 -56.36
C PRO C 47 17.68 -20.26 -57.09
N ALA C 48 17.63 -20.43 -58.41
CA ALA C 48 18.83 -20.80 -59.14
C ALA C 48 19.93 -19.77 -58.95
N THR C 49 19.57 -18.48 -59.03
CA THR C 49 20.57 -17.43 -58.93
C THR C 49 21.21 -17.40 -57.54
N GLU C 50 20.40 -17.51 -56.47
CA GLU C 50 21.01 -17.52 -55.14
C GLU C 50 21.94 -18.72 -54.98
N ALA C 51 21.51 -19.89 -55.46
CA ALA C 51 22.39 -21.06 -55.42
C ALA C 51 23.69 -20.78 -56.16
N ARG C 52 23.61 -20.16 -57.34
CA ARG C 52 24.81 -19.82 -58.08
C ARG C 52 25.68 -18.87 -57.27
N TYR C 53 25.07 -17.83 -56.70
CA TYR C 53 25.85 -16.88 -55.90
C TYR C 53 26.54 -17.59 -54.75
N ARG C 54 25.85 -18.55 -54.13
CA ARG C 54 26.46 -19.26 -53.01
C ARG C 54 27.67 -20.06 -53.49
N ARG C 55 27.52 -20.78 -54.60
CA ARG C 55 28.65 -21.54 -55.13
C ARG C 55 29.82 -20.61 -55.44
N GLU C 56 29.55 -19.50 -56.13
CA GLU C 56 30.61 -18.58 -56.53
C GLU C 56 31.30 -17.98 -55.32
N GLY C 57 30.53 -17.54 -54.32
CA GLY C 57 31.14 -16.98 -53.13
C GLY C 57 31.97 -17.98 -52.37
N ALA C 58 31.43 -19.19 -52.16
CA ALA C 58 32.18 -20.23 -51.47
C ALA C 58 33.46 -20.56 -52.22
N ARG C 59 33.35 -20.80 -53.52
CA ARG C 59 34.53 -21.17 -54.31
C ARG C 59 35.55 -20.05 -54.33
N PHE C 60 35.09 -18.80 -54.37
CA PHE C 60 35.98 -17.66 -54.19
C PHE C 60 36.74 -17.77 -52.88
N ILE C 61 36.02 -17.99 -51.77
CA ILE C 61 36.67 -18.15 -50.47
C ILE C 61 37.67 -19.30 -50.53
N PHE C 62 37.25 -20.43 -51.09
CA PHE C 62 38.11 -21.60 -51.19
C PHE C 62 39.35 -21.29 -52.00
N ASP C 63 39.18 -20.69 -53.18
CA ASP C 63 40.31 -20.44 -54.05
C ASP C 63 41.26 -19.42 -53.44
N VAL C 64 40.71 -18.32 -52.91
CA VAL C 64 41.57 -17.29 -52.32
C VAL C 64 42.43 -17.89 -51.21
N GLY C 65 41.79 -18.61 -50.29
CA GLY C 65 42.51 -19.14 -49.15
C GLY C 65 43.50 -20.23 -49.53
N THR C 66 43.16 -21.02 -50.55
CA THR C 66 44.11 -22.03 -51.03
C THR C 66 45.36 -21.38 -51.60
N ARG C 67 45.19 -20.30 -52.37
CA ARG C 67 46.36 -19.59 -52.88
C ARG C 67 47.23 -19.07 -51.75
N LEU C 68 46.60 -18.62 -50.66
CA LEU C 68 47.34 -18.11 -49.51
C LEU C 68 47.88 -19.22 -48.61
N GLY C 69 47.65 -20.49 -48.95
CA GLY C 69 48.18 -21.57 -48.15
C GLY C 69 47.40 -21.89 -46.90
N LEU C 70 46.10 -21.62 -46.88
CA LEU C 70 45.34 -21.77 -45.64
C LEU C 70 44.86 -23.20 -45.43
N HIS C 71 44.88 -23.61 -44.17
CA HIS C 71 44.39 -24.89 -43.69
C HIS C 71 42.94 -25.12 -44.10
N TYR C 72 42.58 -26.39 -44.29
CA TYR C 72 41.24 -26.68 -44.81
C TYR C 72 40.16 -26.23 -43.85
N ASP C 73 40.42 -26.28 -42.54
CA ASP C 73 39.44 -25.78 -41.57
C ASP C 73 39.23 -24.28 -41.74
N THR C 74 40.29 -23.53 -42.00
CA THR C 74 40.14 -22.09 -42.16
C THR C 74 39.27 -21.75 -43.36
N LEU C 75 39.44 -22.50 -44.46
CA LEU C 75 38.59 -22.28 -45.62
C LEU C 75 37.14 -22.59 -45.27
N ALA C 76 36.89 -23.72 -44.61
CA ALA C 76 35.53 -24.12 -44.31
C ALA C 76 34.86 -23.14 -43.34
N THR C 77 35.59 -22.69 -42.31
CA THR C 77 35.01 -21.73 -41.38
C THR C 77 34.55 -20.48 -42.12
N GLY C 78 35.41 -19.93 -42.97
CA GLY C 78 34.99 -18.80 -43.78
C GLY C 78 33.73 -19.10 -44.57
N ILE C 79 33.67 -20.28 -45.17
CA ILE C 79 32.52 -20.65 -45.98
C ILE C 79 31.28 -20.76 -45.12
N ILE C 80 31.42 -21.23 -43.88
CA ILE C 80 30.24 -21.39 -43.02
C ILE C 80 29.75 -20.02 -42.57
N TYR C 81 30.67 -19.13 -42.19
CA TYR C 81 30.30 -17.74 -41.94
C TYR C 81 29.54 -17.19 -43.14
N PHE C 82 30.11 -17.34 -44.34
CA PHE C 82 29.50 -16.82 -45.55
C PHE C 82 28.08 -17.35 -45.73
N HIS C 83 27.90 -18.67 -45.66
CA HIS C 83 26.57 -19.24 -45.83
C HIS C 83 25.60 -18.71 -44.79
N ARG C 84 26.03 -18.63 -43.54
CA ARG C 84 25.14 -18.13 -42.49
C ARG C 84 24.78 -16.68 -42.75
N PHE C 85 25.77 -15.86 -43.14
CA PHE C 85 25.53 -14.44 -43.40
C PHE C 85 24.34 -14.23 -44.31
N TYR C 86 24.27 -14.95 -45.42
CA TYR C 86 23.21 -14.71 -46.39
C TYR C 86 21.91 -15.44 -46.06
N MET C 87 21.81 -15.97 -44.85
CA MET C 87 20.50 -16.26 -44.25
C MET C 87 19.90 -15.02 -43.58
N PHE C 88 20.69 -13.97 -43.37
CA PHE C 88 20.22 -12.76 -42.71
C PHE C 88 20.29 -11.50 -43.57
N HIS C 89 20.92 -11.56 -44.74
CA HIS C 89 21.07 -10.39 -45.59
C HIS C 89 20.84 -10.81 -47.03
N SER C 90 20.63 -9.83 -47.90
CA SER C 90 20.36 -10.12 -49.31
C SER C 90 21.61 -9.94 -50.14
N PHE C 91 21.78 -10.81 -51.14
CA PHE C 91 22.91 -10.68 -52.04
C PHE C 91 22.88 -9.38 -52.84
N LYS C 92 21.70 -8.75 -52.99
CA LYS C 92 21.63 -7.51 -53.75
C LYS C 92 22.17 -6.31 -52.98
N GLN C 93 22.27 -6.38 -51.66
CA GLN C 93 22.78 -5.29 -50.85
C GLN C 93 24.16 -5.54 -50.27
N PHE C 94 24.64 -6.77 -50.31
CA PHE C 94 25.99 -7.09 -49.84
C PHE C 94 26.73 -7.86 -50.92
N PRO C 95 27.58 -7.18 -51.70
CA PRO C 95 28.33 -7.86 -52.76
C PRO C 95 29.06 -9.09 -52.23
N ARG C 96 28.91 -10.21 -52.95
CA ARG C 96 29.28 -11.50 -52.36
C ARG C 96 30.79 -11.63 -52.18
N TYR C 97 31.59 -11.16 -53.13
CA TYR C 97 33.04 -11.38 -53.02
C TYR C 97 33.63 -10.53 -51.89
N VAL C 98 33.04 -9.37 -51.59
CA VAL C 98 33.47 -8.63 -50.41
C VAL C 98 33.16 -9.43 -49.15
N THR C 99 31.91 -9.89 -49.03
CA THR C 99 31.53 -10.72 -47.90
C THR C 99 32.47 -11.92 -47.77
N GLY C 100 32.70 -12.62 -48.88
CA GLY C 100 33.61 -13.76 -48.84
C GLY C 100 34.97 -13.39 -48.31
N ALA C 101 35.58 -12.34 -48.87
CA ALA C 101 36.90 -11.92 -48.42
C ALA C 101 36.88 -11.59 -46.93
N CYS C 102 35.83 -10.91 -46.46
CA CYS C 102 35.71 -10.60 -45.04
C CYS C 102 35.62 -11.87 -44.22
N CYS C 103 34.78 -12.81 -44.64
CA CYS C 103 34.64 -14.07 -43.90
C CYS C 103 35.97 -14.79 -43.78
N LEU C 104 36.73 -14.86 -44.89
CA LEU C 104 38.03 -15.53 -44.83
C LEU C 104 38.95 -14.78 -43.89
N PHE C 105 38.94 -13.44 -43.94
CA PHE C 105 39.78 -12.66 -43.05
C PHE C 105 39.48 -12.98 -41.58
N LEU C 106 38.20 -13.01 -41.21
CA LEU C 106 37.85 -13.33 -39.84
C LEU C 106 38.17 -14.79 -39.52
N ALA C 107 37.84 -15.69 -40.44
CA ALA C 107 38.11 -17.10 -40.22
C ALA C 107 39.57 -17.34 -39.88
N GLY C 108 40.47 -16.63 -40.58
CA GLY C 108 41.88 -16.76 -40.29
C GLY C 108 42.23 -16.41 -38.85
N LYS C 109 41.61 -15.35 -38.32
CA LYS C 109 41.87 -15.01 -36.92
C LYS C 109 41.25 -16.03 -35.99
N VAL C 110 40.04 -16.50 -36.30
CA VAL C 110 39.36 -17.44 -35.41
C VAL C 110 40.16 -18.74 -35.32
N GLU C 111 40.60 -19.27 -36.46
CA GLU C 111 41.27 -20.56 -36.54
C GLU C 111 42.79 -20.46 -36.36
N GLU C 112 43.30 -19.28 -35.98
CA GLU C 112 44.74 -19.05 -35.72
C GLU C 112 45.60 -19.34 -36.96
N THR C 113 45.06 -19.01 -38.13
CA THR C 113 45.83 -19.01 -39.38
C THR C 113 45.69 -17.62 -40.00
N PRO C 114 46.14 -16.59 -39.29
CA PRO C 114 45.78 -15.22 -39.67
C PRO C 114 46.45 -14.78 -40.96
N LYS C 115 45.77 -13.87 -41.65
CA LYS C 115 46.32 -13.21 -42.83
C LYS C 115 46.01 -11.73 -42.75
N LYS C 116 46.89 -10.92 -43.33
CA LYS C 116 46.66 -9.49 -43.39
C LYS C 116 45.60 -9.21 -44.46
N CYS C 117 44.71 -8.27 -44.18
CA CYS C 117 43.64 -7.98 -45.13
C CYS C 117 44.21 -7.59 -46.50
N LYS C 118 45.30 -6.81 -46.52
CA LYS C 118 45.88 -6.41 -47.80
C LYS C 118 46.27 -7.62 -48.63
N ASP C 119 46.72 -8.71 -47.98
CA ASP C 119 47.11 -9.90 -48.72
C ASP C 119 45.90 -10.64 -49.29
N ILE C 120 44.77 -10.65 -48.57
CA ILE C 120 43.57 -11.26 -49.12
C ILE C 120 43.10 -10.48 -50.33
N ILE C 121 43.14 -9.15 -50.26
CA ILE C 121 42.73 -8.32 -51.38
C ILE C 121 43.62 -8.60 -52.58
N LYS C 122 44.95 -8.58 -52.35
CA LYS C 122 45.89 -8.84 -53.42
C LYS C 122 45.53 -10.13 -54.15
N THR C 123 45.27 -11.20 -53.39
CA THR C 123 44.92 -12.47 -54.00
C THR C 123 43.56 -12.41 -54.67
N ALA C 124 42.60 -11.72 -54.05
CA ALA C 124 41.28 -11.60 -54.67
C ALA C 124 41.39 -10.88 -56.01
N ARG C 125 42.24 -9.86 -56.09
CA ARG C 125 42.42 -9.15 -57.35
C ARG C 125 43.05 -10.04 -58.40
N SER C 126 44.00 -10.88 -57.99
CA SER C 126 44.63 -11.81 -58.92
C SER C 126 43.60 -12.75 -59.54
N LEU C 127 42.62 -13.17 -58.75
CA LEU C 127 41.69 -14.20 -59.20
C LEU C 127 40.41 -13.62 -59.82
N LEU C 128 40.05 -12.39 -59.50
CA LEU C 128 38.83 -11.79 -60.03
C LEU C 128 39.14 -10.94 -61.26
N ASN C 129 38.19 -10.94 -62.20
CA ASN C 129 38.34 -10.09 -63.38
C ASN C 129 38.04 -8.65 -62.96
N ASP C 130 38.01 -7.73 -63.91
CA ASP C 130 37.82 -6.33 -63.57
C ASP C 130 36.40 -6.06 -63.10
N VAL C 131 35.40 -6.65 -63.78
CA VAL C 131 34.01 -6.45 -63.37
C VAL C 131 33.80 -6.95 -61.95
N GLN C 132 34.28 -8.16 -61.67
CA GLN C 132 34.07 -8.76 -60.36
C GLN C 132 34.73 -7.94 -59.27
N PHE C 133 35.99 -7.56 -59.49
CA PHE C 133 36.67 -6.74 -58.49
C PHE C 133 36.01 -5.38 -58.32
N GLY C 134 35.10 -5.01 -59.22
CA GLY C 134 34.35 -3.77 -59.01
C GLY C 134 33.57 -3.75 -57.71
N GLN C 135 33.17 -4.93 -57.21
CA GLN C 135 32.41 -4.99 -55.97
C GLN C 135 33.15 -4.36 -54.80
N PHE C 136 34.48 -4.40 -54.81
CA PHE C 136 35.28 -3.85 -53.72
C PHE C 136 35.34 -2.34 -53.73
N GLY C 137 34.76 -1.70 -54.75
CA GLY C 137 34.67 -0.27 -54.80
C GLY C 137 36.05 0.36 -54.92
N ASP C 138 36.11 1.63 -54.53
CA ASP C 138 37.32 2.42 -54.75
C ASP C 138 38.41 2.04 -53.74
N ASP C 139 38.03 1.52 -52.59
CA ASP C 139 38.97 1.12 -51.54
C ASP C 139 38.63 -0.29 -51.10
N PRO C 140 39.25 -1.30 -51.72
CA PRO C 140 38.91 -2.69 -51.35
C PRO C 140 39.12 -3.02 -49.88
N LYS C 141 40.29 -2.72 -49.33
CA LYS C 141 40.54 -3.09 -47.93
C LYS C 141 39.47 -2.50 -47.01
N GLU C 142 39.11 -1.23 -47.22
CA GLU C 142 38.12 -0.60 -46.36
C GLU C 142 36.77 -1.29 -46.46
N GLU C 143 36.30 -1.59 -47.68
CA GLU C 143 35.01 -2.23 -47.82
C GLU C 143 34.96 -3.54 -47.03
N VAL C 144 36.09 -4.24 -46.98
CA VAL C 144 36.17 -5.51 -46.26
C VAL C 144 36.24 -5.29 -44.76
N MET C 145 37.18 -4.45 -44.31
CA MET C 145 37.35 -4.25 -42.88
C MET C 145 36.08 -3.71 -42.24
N VAL C 146 35.37 -2.82 -42.94
CA VAL C 146 34.16 -2.22 -42.40
C VAL C 146 33.10 -3.29 -42.16
N LEU C 147 33.07 -4.33 -42.99
CA LEU C 147 32.05 -5.35 -42.89
C LEU C 147 32.23 -6.24 -41.66
N GLU C 148 33.45 -6.30 -41.11
CA GLU C 148 33.71 -7.20 -39.99
C GLU C 148 32.69 -7.01 -38.87
N ARG C 149 32.32 -5.76 -38.59
CA ARG C 149 31.35 -5.52 -37.52
C ARG C 149 30.02 -6.20 -37.83
N ILE C 150 29.53 -6.04 -39.06
CA ILE C 150 28.25 -6.64 -39.42
C ILE C 150 28.36 -8.16 -39.41
N LEU C 151 29.50 -8.69 -39.87
CA LEU C 151 29.69 -10.13 -39.85
C LEU C 151 29.61 -10.68 -38.44
N LEU C 152 30.37 -10.10 -37.52
CA LEU C 152 30.38 -10.58 -36.14
C LEU C 152 28.98 -10.51 -35.52
N GLN C 153 28.30 -9.37 -35.68
CA GLN C 153 26.94 -9.28 -35.15
C GLN C 153 26.03 -10.29 -35.83
N THR C 154 26.22 -10.49 -37.14
CA THR C 154 25.34 -11.41 -37.86
C THR C 154 25.50 -12.84 -37.36
N ILE C 155 26.74 -13.30 -37.22
CA ILE C 155 26.98 -14.68 -36.78
C ILE C 155 26.88 -14.75 -35.26
N LYS C 156 26.36 -13.70 -34.64
CA LYS C 156 26.00 -13.70 -33.22
C LYS C 156 27.20 -14.07 -32.36
N PHE C 157 28.40 -13.65 -32.77
CA PHE C 157 29.65 -13.91 -32.07
C PHE C 157 29.83 -15.38 -31.70
N ASP C 158 29.13 -16.28 -32.38
CA ASP C 158 29.35 -17.72 -32.22
C ASP C 158 30.43 -18.13 -33.22
N LEU C 159 31.69 -18.07 -32.79
CA LEU C 159 32.82 -18.23 -33.69
C LEU C 159 33.27 -19.68 -33.84
N GLN C 160 33.08 -20.52 -32.83
CA GLN C 160 33.57 -21.90 -32.90
C GLN C 160 32.68 -22.70 -33.84
N VAL C 161 33.31 -23.37 -34.80
CA VAL C 161 32.60 -24.16 -35.79
C VAL C 161 33.29 -25.51 -35.93
N GLU C 162 32.51 -26.56 -36.03
CA GLU C 162 32.98 -27.91 -36.28
C GLU C 162 32.68 -28.24 -37.74
N HIS C 163 33.53 -29.05 -38.35
CA HIS C 163 33.40 -29.33 -39.78
C HIS C 163 33.40 -30.83 -40.03
N PRO C 164 32.78 -31.27 -41.12
CA PRO C 164 32.71 -32.72 -41.38
C PRO C 164 34.07 -33.41 -41.37
N TYR C 165 35.15 -32.67 -41.64
CA TYR C 165 36.45 -33.33 -41.77
C TYR C 165 36.83 -34.09 -40.50
N GLN C 166 36.71 -33.43 -39.34
CA GLN C 166 37.21 -34.07 -38.13
C GLN C 166 36.46 -35.36 -37.84
N PHE C 167 35.17 -35.41 -38.21
CA PHE C 167 34.36 -36.60 -37.97
C PHE C 167 34.63 -37.68 -39.00
N LEU C 168 34.89 -37.29 -40.25
CA LEU C 168 35.31 -38.25 -41.25
C LEU C 168 36.53 -39.02 -40.78
N LEU C 169 37.48 -38.33 -40.12
CA LEU C 169 38.67 -39.00 -39.62
C LEU C 169 38.39 -39.73 -38.32
N LYS C 170 37.65 -39.11 -37.39
CA LYS C 170 37.34 -39.81 -36.14
C LYS C 170 36.66 -41.14 -36.41
N TYR C 171 35.71 -41.16 -37.34
CA TYR C 171 34.94 -42.37 -37.64
C TYR C 171 35.76 -43.36 -38.47
N ALA C 172 36.50 -42.86 -39.46
CA ALA C 172 37.34 -43.75 -40.27
C ALA C 172 38.38 -44.48 -39.43
N LYS C 173 38.88 -43.82 -38.38
CA LYS C 173 39.89 -44.46 -37.53
C LYS C 173 39.34 -45.72 -36.86
N GLN C 174 38.03 -45.78 -36.64
CA GLN C 174 37.40 -46.93 -36.00
C GLN C 174 37.04 -48.03 -37.00
N LEU C 175 37.34 -47.82 -38.28
CA LEU C 175 37.18 -48.87 -39.28
C LEU C 175 38.48 -49.66 -39.35
N LYS C 176 38.37 -50.98 -39.39
CA LYS C 176 39.53 -51.86 -39.50
C LYS C 176 39.27 -52.86 -40.63
N GLY C 177 40.24 -52.98 -41.51
CA GLY C 177 40.15 -53.82 -42.69
C GLY C 177 41.21 -53.42 -43.69
N ASP C 178 40.94 -53.72 -44.95
CA ASP C 178 41.85 -53.39 -46.04
C ASP C 178 42.28 -51.93 -45.99
N LYS C 179 43.57 -51.69 -45.71
CA LYS C 179 44.06 -50.32 -45.61
C LYS C 179 43.69 -49.52 -46.84
N ASN C 180 43.81 -50.13 -48.02
CA ASN C 180 43.63 -49.42 -49.28
C ASN C 180 42.18 -49.12 -49.60
N LYS C 181 41.27 -50.04 -49.29
CA LYS C 181 39.86 -49.77 -49.53
C LYS C 181 39.34 -48.67 -48.63
N ILE C 182 39.79 -48.64 -47.37
CA ILE C 182 39.37 -47.58 -46.45
C ILE C 182 39.96 -46.24 -46.85
N GLN C 183 41.23 -46.20 -47.27
CA GLN C 183 41.81 -44.93 -47.70
C GLN C 183 41.08 -44.41 -48.92
N LYS C 184 40.71 -45.30 -49.85
CA LYS C 184 39.89 -44.84 -50.98
C LYS C 184 38.56 -44.27 -50.51
N LEU C 185 37.93 -44.92 -49.52
CA LEU C 185 36.68 -44.40 -48.99
C LEU C 185 36.89 -43.00 -48.41
N VAL C 186 37.94 -42.82 -47.62
CA VAL C 186 38.17 -41.53 -46.97
C VAL C 186 38.40 -40.45 -48.02
N GLN C 187 39.28 -40.69 -48.98
CA GLN C 187 39.57 -39.63 -49.94
C GLN C 187 38.34 -39.27 -50.77
N MET C 188 37.59 -40.27 -51.22
CA MET C 188 36.38 -39.95 -51.98
C MET C 188 35.40 -39.16 -51.13
N ALA C 189 35.22 -39.57 -49.87
CA ALA C 189 34.33 -38.83 -48.98
C ALA C 189 34.86 -37.42 -48.73
N TRP C 190 36.18 -37.29 -48.51
CA TRP C 190 36.77 -35.97 -48.32
C TRP C 190 36.45 -35.04 -49.47
N THR C 191 36.58 -35.53 -50.71
CA THR C 191 36.21 -34.73 -51.86
C THR C 191 34.74 -34.32 -51.78
N PHE C 192 33.87 -35.23 -51.37
CA PHE C 192 32.45 -34.89 -51.23
C PHE C 192 32.26 -33.80 -50.19
N VAL C 193 33.06 -33.81 -49.12
CA VAL C 193 32.96 -32.73 -48.14
C VAL C 193 33.33 -31.40 -48.79
N ASN C 194 34.49 -31.35 -49.46
CA ASN C 194 34.89 -30.11 -50.12
C ASN C 194 33.79 -29.61 -51.04
N ASP C 195 33.13 -30.53 -51.73
CA ASP C 195 32.10 -30.14 -52.70
C ASP C 195 30.83 -29.65 -52.01
N SER C 196 30.52 -30.21 -50.83
CA SER C 196 29.31 -29.82 -50.11
C SER C 196 29.41 -28.41 -49.55
N LEU C 197 30.62 -27.85 -49.46
CA LEU C 197 30.75 -26.48 -48.96
C LEU C 197 30.10 -25.48 -49.91
N CYS C 198 29.93 -25.85 -51.19
CA CYS C 198 29.29 -24.98 -52.16
C CYS C 198 27.77 -24.95 -52.01
N THR C 199 27.23 -25.74 -51.10
CA THR C 199 25.79 -25.91 -50.94
C THR C 199 25.34 -25.47 -49.56
N THR C 200 24.02 -25.44 -49.40
CA THR C 200 23.39 -25.08 -48.14
C THR C 200 23.27 -26.26 -47.17
N LEU C 201 23.93 -27.39 -47.47
CA LEU C 201 23.93 -28.49 -46.53
C LEU C 201 24.55 -28.06 -45.19
N SER C 202 25.58 -27.20 -45.26
CA SER C 202 26.17 -26.63 -44.06
C SER C 202 25.11 -26.01 -43.15
N LEU C 203 24.02 -25.56 -43.76
CA LEU C 203 22.94 -24.89 -43.06
C LEU C 203 21.80 -25.82 -42.71
N GLN C 204 21.82 -27.06 -43.19
CA GLN C 204 20.72 -27.98 -42.93
C GLN C 204 21.04 -29.10 -41.95
N TRP C 205 22.28 -29.57 -41.91
CA TRP C 205 22.60 -30.76 -41.14
C TRP C 205 23.89 -30.53 -40.38
N GLU C 206 23.94 -31.03 -39.14
CA GLU C 206 25.15 -30.93 -38.35
C GLU C 206 26.30 -31.59 -39.10
N PRO C 207 27.55 -31.15 -38.84
CA PRO C 207 28.68 -31.76 -39.56
C PRO C 207 28.81 -33.26 -39.34
N GLU C 208 28.52 -33.75 -38.14
CA GLU C 208 28.59 -35.20 -37.90
C GLU C 208 27.77 -35.96 -38.94
N ILE C 209 26.56 -35.46 -39.25
CA ILE C 209 25.71 -36.13 -40.23
C ILE C 209 26.33 -36.04 -41.62
N ILE C 210 26.91 -34.89 -41.96
CA ILE C 210 27.55 -34.74 -43.26
C ILE C 210 28.65 -35.78 -43.43
N ALA C 211 29.48 -35.94 -42.41
CA ALA C 211 30.58 -36.90 -42.49
C ALA C 211 30.07 -38.30 -42.75
N VAL C 212 29.00 -38.70 -42.04
CA VAL C 212 28.42 -40.02 -42.27
C VAL C 212 27.85 -40.10 -43.69
N ALA C 213 27.12 -39.07 -44.10
CA ALA C 213 26.51 -39.10 -45.43
C ALA C 213 27.58 -39.30 -46.50
N VAL C 214 28.71 -38.61 -46.38
CA VAL C 214 29.73 -38.76 -47.41
C VAL C 214 30.39 -40.14 -47.35
N MET C 215 30.58 -40.69 -46.15
CA MET C 215 31.05 -42.07 -46.04
C MET C 215 30.05 -43.01 -46.72
N TYR C 216 28.77 -42.84 -46.40
CA TYR C 216 27.70 -43.63 -47.01
C TYR C 216 27.71 -43.51 -48.52
N LEU C 217 27.86 -42.30 -49.05
CA LEU C 217 27.86 -42.13 -50.50
C LEU C 217 29.07 -42.83 -51.11
N ALA C 218 30.26 -42.59 -50.56
CA ALA C 218 31.45 -43.25 -51.09
C ALA C 218 31.29 -44.77 -51.05
N GLY C 219 30.69 -45.30 -49.97
CA GLY C 219 30.50 -46.74 -49.89
C GLY C 219 29.66 -47.28 -51.02
N ARG C 220 28.53 -46.64 -51.30
CA ARG C 220 27.70 -47.05 -52.42
C ARG C 220 28.48 -46.99 -53.73
N LEU C 221 29.19 -45.88 -53.94
CA LEU C 221 29.89 -45.69 -55.21
C LEU C 221 31.06 -46.66 -55.36
N CYS C 222 31.79 -46.93 -54.29
CA CYS C 222 32.91 -47.88 -54.37
C CYS C 222 32.48 -49.33 -54.15
N LYS C 223 31.18 -49.59 -53.97
CA LYS C 223 30.68 -50.95 -53.72
C LYS C 223 31.31 -51.60 -52.49
N PHE C 224 31.46 -50.82 -51.42
CA PHE C 224 31.98 -51.30 -50.15
C PHE C 224 30.84 -51.44 -49.13
N GLU C 225 30.92 -52.46 -48.28
CA GLU C 225 29.96 -52.67 -47.20
C GLU C 225 30.59 -52.34 -45.84
N ILE C 226 30.45 -51.08 -45.44
CA ILE C 226 31.20 -50.53 -44.32
C ILE C 226 30.97 -51.29 -43.03
N GLN C 227 29.79 -51.87 -42.84
CA GLN C 227 29.53 -52.52 -41.55
C GLN C 227 30.60 -53.56 -41.24
N GLU C 228 31.12 -54.24 -42.26
CA GLU C 228 32.13 -55.27 -42.03
C GLU C 228 33.35 -54.71 -41.31
N TRP C 229 33.64 -53.42 -41.53
CA TRP C 229 34.80 -52.79 -40.91
C TRP C 229 34.51 -52.28 -39.51
N THR C 230 33.26 -52.31 -39.06
CA THR C 230 32.94 -51.77 -37.75
C THR C 230 33.09 -52.85 -36.68
N SER C 231 33.06 -52.41 -35.42
CA SER C 231 33.09 -53.37 -34.32
C SER C 231 31.79 -54.16 -34.22
N LYS C 232 30.78 -53.84 -35.03
CA LYS C 232 29.48 -54.51 -35.00
C LYS C 232 29.17 -54.95 -36.43
N PRO C 233 29.92 -55.95 -36.94
CA PRO C 233 29.84 -56.26 -38.38
C PRO C 233 28.51 -56.80 -38.84
N MET C 234 27.60 -57.12 -37.95
CA MET C 234 26.27 -57.60 -38.33
C MET C 234 25.21 -56.55 -38.04
N TYR C 235 25.64 -55.32 -37.78
CA TYR C 235 24.79 -54.15 -37.59
C TYR C 235 24.77 -53.42 -38.93
N ARG C 236 23.74 -53.70 -39.74
CA ARG C 236 23.77 -53.22 -41.12
C ARG C 236 23.70 -51.70 -41.20
N ARG C 237 23.02 -51.03 -40.27
CA ARG C 237 23.03 -49.57 -40.23
C ARG C 237 24.28 -49.13 -39.46
N TRP C 238 25.40 -49.16 -40.17
CA TRP C 238 26.70 -49.03 -39.54
C TRP C 238 26.89 -47.66 -38.90
N TRP C 239 26.21 -46.64 -39.42
CA TRP C 239 26.45 -45.28 -38.92
C TRP C 239 25.83 -45.04 -37.55
N GLU C 240 24.84 -45.83 -37.14
CA GLU C 240 24.14 -45.55 -35.89
C GLU C 240 25.09 -45.56 -34.69
N GLN C 241 26.19 -46.30 -34.77
CA GLN C 241 27.18 -46.28 -33.70
C GLN C 241 28.06 -45.04 -33.71
N PHE C 242 28.00 -44.23 -34.77
CA PHE C 242 28.71 -42.96 -34.85
C PHE C 242 27.80 -41.77 -34.58
N VAL C 243 26.63 -41.76 -35.21
CA VAL C 243 25.67 -40.68 -35.13
C VAL C 243 24.31 -41.27 -34.79
N GLN C 244 23.82 -40.97 -33.59
CA GLN C 244 22.55 -41.53 -33.16
C GLN C 244 21.39 -40.77 -33.79
N ASP C 245 20.33 -41.51 -34.10
CA ASP C 245 19.06 -40.95 -34.54
C ASP C 245 19.10 -40.42 -35.97
N VAL C 246 19.91 -40.98 -36.86
CA VAL C 246 19.92 -40.46 -38.22
C VAL C 246 19.22 -41.46 -39.13
N PRO C 247 18.09 -41.08 -39.72
CA PRO C 247 17.44 -41.97 -40.69
C PRO C 247 18.18 -41.95 -42.02
N VAL C 248 18.01 -43.04 -42.77
CA VAL C 248 18.53 -43.08 -44.13
C VAL C 248 17.94 -41.95 -44.94
N ASP C 249 16.68 -41.59 -44.67
CA ASP C 249 16.05 -40.50 -45.39
C ASP C 249 17.00 -39.31 -45.48
N VAL C 250 17.61 -38.97 -44.36
CA VAL C 250 18.53 -37.84 -44.30
C VAL C 250 19.77 -38.11 -45.14
N LEU C 251 20.45 -39.23 -44.86
CA LEU C 251 21.68 -39.52 -45.58
C LEU C 251 21.43 -39.56 -47.09
N GLU C 252 20.29 -40.10 -47.49
CA GLU C 252 19.95 -40.16 -48.91
C GLU C 252 19.68 -38.77 -49.46
N ASP C 253 18.95 -37.93 -48.73
CA ASP C 253 18.73 -36.56 -49.18
C ASP C 253 20.08 -35.86 -49.40
N ILE C 254 21.00 -36.02 -48.46
CA ILE C 254 22.30 -35.39 -48.58
C ILE C 254 23.04 -35.92 -49.78
N CYS C 255 23.03 -37.25 -49.98
CA CYS C 255 23.69 -37.81 -51.15
C CYS C 255 23.12 -37.23 -52.43
N HIS C 256 21.79 -37.15 -52.52
CA HIS C 256 21.13 -36.61 -53.71
C HIS C 256 21.64 -35.20 -53.99
N GLN C 257 21.70 -34.36 -52.95
CA GLN C 257 22.13 -32.98 -53.14
C GLN C 257 23.58 -32.91 -53.59
N ILE C 258 24.46 -33.76 -53.04
CA ILE C 258 25.86 -33.71 -53.44
C ILE C 258 26.02 -34.11 -54.91
N LEU C 259 25.41 -35.23 -55.31
CA LEU C 259 25.58 -35.68 -56.68
C LEU C 259 24.95 -34.70 -57.67
N ASP C 260 23.93 -33.94 -57.25
CA ASP C 260 23.31 -32.98 -58.15
C ASP C 260 24.34 -31.98 -58.66
N LEU C 261 25.26 -31.56 -57.79
CA LEU C 261 26.31 -30.64 -58.22
C LEU C 261 27.12 -31.27 -59.35
N TYR C 262 27.41 -32.57 -59.26
CA TYR C 262 28.19 -33.23 -60.31
C TYR C 262 27.39 -33.36 -61.60
N SER C 263 26.10 -33.67 -61.52
CA SER C 263 25.30 -33.84 -62.73
C SER C 263 25.07 -32.51 -63.43
N GLN C 264 24.80 -31.44 -62.65
CA GLN C 264 24.63 -30.12 -63.24
C GLN C 264 25.91 -29.67 -63.92
N GLY C 265 27.04 -29.79 -63.23
CA GLY C 265 28.32 -29.46 -63.83
C GLY C 265 28.75 -30.52 -64.84
N LYS C 266 29.85 -30.25 -65.53
CA LYS C 266 30.41 -31.22 -66.45
C LYS C 266 31.22 -32.29 -65.72
N GLN C 267 31.60 -32.02 -64.47
CA GLN C 267 32.37 -32.92 -63.62
C GLN C 267 31.59 -34.17 -63.23
N GLN C 268 32.31 -35.27 -63.01
CA GLN C 268 31.75 -36.56 -62.62
C GLN C 268 32.30 -37.04 -61.27
N MET C 269 31.67 -38.07 -60.72
CA MET C 269 32.07 -38.60 -59.42
C MET C 269 33.56 -38.95 -59.44
N PRO C 270 34.32 -38.69 -58.35
CA PRO C 270 35.77 -38.88 -58.44
C PRO C 270 36.22 -40.30 -58.74
N HIS C 271 35.65 -41.29 -58.04
CA HIS C 271 36.05 -42.70 -58.12
C HIS C 271 37.51 -42.89 -58.47
N MET D 5 -37.74 19.00 -47.58
CA MET D 5 -36.98 18.12 -48.51
C MET D 5 -35.74 18.87 -49.02
N SER D 6 -34.75 18.10 -49.47
CA SER D 6 -33.50 18.65 -49.97
C SER D 6 -33.36 18.29 -51.44
N TYR D 7 -32.74 19.18 -52.19
CA TYR D 7 -32.66 19.10 -53.64
C TYR D 7 -31.20 19.18 -54.06
N ASN D 8 -30.74 18.18 -54.79
CA ASN D 8 -29.33 18.11 -55.17
C ASN D 8 -29.18 17.54 -56.58
N TYR D 9 -28.00 17.78 -57.13
CA TYR D 9 -27.59 17.50 -58.50
C TYR D 9 -26.28 16.74 -58.42
N VAL D 10 -26.15 15.68 -59.21
CA VAL D 10 -24.97 14.81 -59.16
C VAL D 10 -24.46 14.58 -60.58
N VAL D 11 -23.21 14.95 -60.84
CA VAL D 11 -22.61 14.77 -62.15
C VAL D 11 -21.28 14.04 -62.05
N THR D 12 -20.88 13.46 -63.16
CA THR D 12 -19.57 12.83 -63.31
C THR D 12 -18.57 13.86 -63.82
N ALA D 13 -17.46 14.02 -63.10
CA ALA D 13 -16.34 14.85 -63.55
C ALA D 13 -15.25 14.04 -64.25
N GLN D 14 -15.00 12.81 -63.82
CA GLN D 14 -14.10 11.90 -64.51
C GLN D 14 -14.80 10.55 -64.55
N LYS D 15 -14.96 9.98 -65.74
CA LYS D 15 -15.65 8.71 -65.87
C LYS D 15 -14.82 7.61 -65.22
N PRO D 16 -15.44 6.47 -64.92
CA PRO D 16 -14.70 5.34 -64.36
C PRO D 16 -13.52 4.97 -65.25
N THR D 17 -12.36 4.76 -64.63
CA THR D 17 -11.15 4.44 -65.36
C THR D 17 -10.69 3.00 -65.14
N ALA D 18 -11.23 2.31 -64.15
CA ALA D 18 -10.77 0.96 -63.83
C ALA D 18 -11.43 -0.07 -64.74
N VAL D 19 -10.61 -1.01 -65.19
CA VAL D 19 -11.07 -2.08 -66.07
C VAL D 19 -11.68 -3.19 -65.23
N ASN D 20 -12.95 -3.50 -65.49
CA ASN D 20 -13.65 -4.55 -64.75
C ASN D 20 -13.72 -5.86 -65.53
N GLY D 21 -13.52 -5.79 -66.84
CA GLY D 21 -13.47 -6.99 -67.66
C GLY D 21 -13.25 -6.59 -69.11
N CYS D 22 -12.71 -7.52 -69.89
CA CYS D 22 -12.48 -7.26 -71.31
C CYS D 22 -12.50 -8.55 -72.11
N VAL D 23 -13.10 -8.47 -73.32
CA VAL D 23 -13.24 -9.61 -74.21
C VAL D 23 -12.76 -9.22 -75.61
N THR D 24 -12.49 -10.25 -76.42
CA THR D 24 -12.15 -10.08 -77.82
C THR D 24 -13.08 -10.91 -78.69
N GLY D 25 -13.40 -10.35 -79.86
CA GLY D 25 -14.24 -11.08 -80.78
C GLY D 25 -14.42 -10.31 -82.07
N HIS D 26 -15.50 -10.63 -82.79
CA HIS D 26 -15.82 -10.04 -84.08
C HIS D 26 -17.23 -9.45 -83.96
N PHE D 27 -17.32 -8.30 -83.29
CA PHE D 27 -18.59 -7.68 -82.91
C PHE D 27 -19.04 -6.64 -83.93
N THR D 28 -18.13 -5.77 -84.39
CA THR D 28 -18.51 -4.71 -85.33
C THR D 28 -18.59 -5.22 -86.76
N SER D 29 -17.72 -6.16 -87.13
CA SER D 29 -17.74 -6.76 -88.45
C SER D 29 -17.13 -8.15 -88.34
N ALA D 30 -17.58 -9.06 -89.19
CA ALA D 30 -16.98 -10.38 -89.19
C ALA D 30 -15.50 -10.33 -89.55
N GLU D 31 -15.03 -9.20 -90.09
CA GLU D 31 -13.64 -9.05 -90.50
C GLU D 31 -12.82 -8.42 -89.39
N ASP D 32 -13.40 -7.47 -88.65
CA ASP D 32 -12.65 -6.72 -87.66
C ASP D 32 -12.40 -7.58 -86.43
N LEU D 33 -11.22 -7.41 -85.85
CA LEU D 33 -10.91 -7.98 -84.53
C LEU D 33 -11.17 -6.90 -83.48
N ASN D 34 -12.09 -7.19 -82.56
CA ASN D 34 -12.54 -6.21 -81.59
C ASN D 34 -11.98 -6.50 -80.20
N LEU D 35 -11.76 -5.43 -79.45
CA LEU D 35 -11.48 -5.49 -78.02
C LEU D 35 -12.55 -4.65 -77.33
N LEU D 36 -13.40 -5.28 -76.54
CA LEU D 36 -14.42 -4.58 -75.77
C LEU D 36 -13.92 -4.53 -74.33
N ILE D 37 -13.78 -3.31 -73.80
CA ILE D 37 -13.32 -3.07 -72.44
C ILE D 37 -14.52 -2.53 -71.66
N ALA D 38 -14.78 -3.11 -70.50
CA ALA D 38 -15.90 -2.71 -69.66
C ALA D 38 -15.40 -1.98 -68.41
N LYS D 39 -15.82 -0.73 -68.26
CA LYS D 39 -15.75 0.02 -67.02
C LYS D 39 -17.10 -0.04 -66.33
N ASN D 40 -17.14 0.40 -65.07
CA ASN D 40 -18.30 0.08 -64.24
C ASN D 40 -19.61 0.27 -64.99
N THR D 41 -19.83 1.46 -65.54
CA THR D 41 -21.03 1.77 -66.32
C THR D 41 -20.76 2.03 -67.79
N ARG D 42 -19.51 1.95 -68.22
CA ARG D 42 -19.12 2.33 -69.58
C ARG D 42 -18.59 1.13 -70.34
N LEU D 43 -19.05 0.98 -71.58
CA LEU D 43 -18.57 -0.03 -72.51
C LEU D 43 -17.79 0.68 -73.61
N GLU D 44 -16.54 0.28 -73.81
CA GLU D 44 -15.67 0.85 -74.84
C GLU D 44 -15.38 -0.22 -75.90
N ILE D 45 -15.53 0.16 -77.17
CA ILE D 45 -15.34 -0.76 -78.29
C ILE D 45 -14.15 -0.28 -79.11
N TYR D 46 -13.16 -1.15 -79.32
CA TYR D 46 -11.95 -0.84 -80.07
C TYR D 46 -11.77 -1.82 -81.22
N VAL D 47 -10.90 -1.45 -82.18
CA VAL D 47 -10.49 -2.33 -83.26
C VAL D 47 -8.97 -2.48 -83.25
N VAL D 48 -8.51 -3.72 -83.36
CA VAL D 48 -7.09 -4.05 -83.21
C VAL D 48 -6.34 -3.74 -84.50
N THR D 49 -5.25 -2.99 -84.37
CA THR D 49 -4.33 -2.71 -85.46
C THR D 49 -2.95 -3.26 -85.10
N ALA D 50 -1.98 -3.09 -86.01
CA ALA D 50 -0.60 -3.41 -85.71
C ALA D 50 0.04 -2.34 -84.82
N GLU D 51 -0.63 -1.21 -84.67
CA GLU D 51 -0.14 -0.04 -83.94
C GLU D 51 -0.62 0.02 -82.50
N GLY D 52 -1.86 -0.36 -82.26
CA GLY D 52 -2.50 -0.23 -80.97
C GLY D 52 -3.97 -0.50 -81.13
N LEU D 53 -4.81 0.31 -80.49
CA LEU D 53 -6.25 0.16 -80.53
C LEU D 53 -6.85 1.37 -81.23
N ARG D 54 -7.79 1.12 -82.12
CA ARG D 54 -8.52 2.21 -82.78
C ARG D 54 -9.91 2.32 -82.20
N PRO D 55 -10.25 3.41 -81.51
CA PRO D 55 -11.59 3.54 -80.95
C PRO D 55 -12.64 3.66 -82.05
N VAL D 56 -13.83 3.12 -81.76
CA VAL D 56 -14.91 3.20 -82.74
C VAL D 56 -16.18 3.75 -82.12
N LYS D 57 -16.50 3.34 -80.89
CA LYS D 57 -17.75 3.75 -80.26
C LYS D 57 -17.64 3.51 -78.77
N GLU D 58 -18.25 4.40 -77.99
CA GLU D 58 -18.39 4.22 -76.55
C GLU D 58 -19.81 4.55 -76.12
N VAL D 59 -20.39 3.68 -75.31
CA VAL D 59 -21.72 3.89 -74.77
C VAL D 59 -21.70 3.76 -73.26
N GLY D 60 -22.66 4.43 -72.62
CA GLY D 60 -22.96 4.19 -71.22
C GLY D 60 -24.22 3.35 -71.09
N MET D 61 -24.31 2.61 -70.00
CA MET D 61 -25.47 1.82 -69.67
C MET D 61 -26.02 2.24 -68.32
N TYR D 62 -27.34 2.10 -68.16
CA TYR D 62 -28.00 2.42 -66.90
C TYR D 62 -27.90 1.20 -65.96
N GLY D 63 -26.65 0.86 -65.63
CA GLY D 63 -26.39 -0.34 -64.87
C GLY D 63 -24.91 -0.69 -64.78
N LYS D 64 -24.55 -1.40 -63.72
CA LYS D 64 -23.20 -1.91 -63.54
C LYS D 64 -23.01 -3.19 -64.34
N ILE D 65 -21.97 -3.24 -65.17
CA ILE D 65 -21.75 -4.39 -66.05
C ILE D 65 -21.17 -5.54 -65.24
N ALA D 66 -21.96 -6.59 -65.05
CA ALA D 66 -21.53 -7.77 -64.30
C ALA D 66 -21.01 -8.89 -65.19
N VAL D 67 -21.70 -9.18 -66.30
CA VAL D 67 -21.28 -10.18 -67.26
C VAL D 67 -21.18 -9.51 -68.62
N MET D 68 -20.09 -9.78 -69.34
CA MET D 68 -19.89 -9.30 -70.70
C MET D 68 -19.22 -10.39 -71.51
N GLU D 69 -19.91 -10.90 -72.55
CA GLU D 69 -19.35 -11.98 -73.36
C GLU D 69 -19.80 -11.83 -74.81
N LEU D 70 -18.94 -12.26 -75.73
CA LEU D 70 -19.26 -12.24 -77.15
C LEU D 70 -19.55 -13.67 -77.61
N PHE D 71 -20.64 -13.84 -78.35
CA PHE D 71 -21.02 -15.15 -78.87
C PHE D 71 -21.59 -14.94 -80.27
N ARG D 72 -21.63 -16.02 -81.06
CA ARG D 72 -22.12 -15.94 -82.43
C ARG D 72 -23.03 -17.12 -82.75
N PRO D 73 -24.33 -16.95 -82.60
CA PRO D 73 -25.24 -18.08 -82.77
C PRO D 73 -25.35 -18.52 -84.22
N LYS D 74 -25.66 -19.80 -84.39
CA LYS D 74 -25.83 -20.38 -85.72
C LYS D 74 -26.74 -19.48 -86.55
N GLY D 75 -26.26 -19.08 -87.72
CA GLY D 75 -27.01 -18.23 -88.61
C GLY D 75 -26.62 -16.77 -88.64
N GLU D 76 -25.82 -16.30 -87.69
CA GLU D 76 -25.43 -14.90 -87.65
C GLU D 76 -24.18 -14.57 -88.46
N SER D 77 -24.14 -13.32 -88.95
CA SER D 77 -23.01 -12.85 -89.74
C SER D 77 -21.78 -12.56 -88.89
N LYS D 78 -21.99 -12.10 -87.67
CA LYS D 78 -20.91 -11.61 -86.82
C LYS D 78 -21.34 -11.79 -85.37
N ASP D 79 -20.41 -11.54 -84.45
CA ASP D 79 -20.67 -11.79 -83.04
C ASP D 79 -21.70 -10.81 -82.49
N LEU D 80 -22.51 -11.31 -81.55
CA LEU D 80 -23.41 -10.53 -80.73
C LEU D 80 -22.82 -10.43 -79.33
N LEU D 81 -23.28 -9.43 -78.57
CA LEU D 81 -22.75 -9.14 -77.24
C LEU D 81 -23.81 -9.38 -76.19
N PHE D 82 -23.47 -10.17 -75.16
CA PHE D 82 -24.36 -10.36 -74.02
C PHE D 82 -23.84 -9.58 -72.81
N ILE D 83 -24.74 -8.87 -72.14
CA ILE D 83 -24.41 -8.13 -70.92
C ILE D 83 -25.50 -8.31 -69.88
N LEU D 84 -25.08 -8.54 -68.64
CA LEU D 84 -25.93 -8.62 -67.46
C LEU D 84 -25.41 -7.62 -66.43
N THR D 85 -26.31 -6.83 -65.85
CA THR D 85 -25.93 -5.84 -64.84
C THR D 85 -26.12 -6.36 -63.42
N ALA D 86 -25.53 -5.62 -62.47
CA ALA D 86 -25.60 -5.99 -61.07
C ALA D 86 -27.02 -5.89 -60.51
N LYS D 87 -27.91 -5.14 -61.16
CA LYS D 87 -29.32 -5.16 -60.81
C LYS D 87 -30.08 -6.20 -61.63
N TYR D 88 -29.35 -7.09 -62.31
CA TYR D 88 -29.92 -8.22 -63.02
C TYR D 88 -30.64 -7.81 -64.30
N ASN D 89 -30.20 -6.73 -64.94
CA ASN D 89 -30.66 -6.37 -66.27
C ASN D 89 -29.84 -7.12 -67.30
N ALA D 90 -30.51 -7.96 -68.10
CA ALA D 90 -29.88 -8.74 -69.15
C ALA D 90 -30.26 -8.17 -70.51
N CYS D 91 -29.35 -8.31 -71.47
CA CYS D 91 -29.64 -7.87 -72.83
C CYS D 91 -28.65 -8.51 -73.79
N ILE D 92 -29.07 -8.61 -75.05
CA ILE D 92 -28.20 -9.01 -76.15
C ILE D 92 -28.11 -7.83 -77.11
N LEU D 93 -26.89 -7.46 -77.48
CA LEU D 93 -26.64 -6.25 -78.23
C LEU D 93 -26.03 -6.57 -79.59
N GLU D 94 -26.35 -5.73 -80.57
CA GLU D 94 -25.82 -5.83 -81.91
C GLU D 94 -25.22 -4.49 -82.31
N TYR D 95 -24.04 -4.53 -82.93
CA TYR D 95 -23.45 -3.35 -83.53
C TYR D 95 -24.01 -3.19 -84.94
N LYS D 96 -24.54 -2.01 -85.25
CA LYS D 96 -25.08 -1.74 -86.57
C LYS D 96 -24.64 -0.35 -87.01
N GLN D 97 -24.02 -0.28 -88.18
CA GLN D 97 -23.47 0.98 -88.67
C GLN D 97 -23.84 1.18 -90.13
N SER D 98 -24.38 2.36 -90.44
CA SER D 98 -24.76 2.75 -91.79
C SER D 98 -24.05 4.08 -92.10
N GLY D 99 -22.93 4.00 -92.81
CA GLY D 99 -22.13 5.18 -93.04
C GLY D 99 -21.55 5.67 -91.73
N GLU D 100 -21.84 6.93 -91.37
CA GLU D 100 -21.33 7.48 -90.12
C GLU D 100 -22.28 7.28 -88.94
N SER D 101 -23.49 6.78 -89.16
CA SER D 101 -24.46 6.66 -88.07
C SER D 101 -24.22 5.34 -87.36
N ILE D 102 -23.80 5.42 -86.10
CA ILE D 102 -23.52 4.23 -85.30
C ILE D 102 -24.57 4.12 -84.19
N ASP D 103 -25.17 2.94 -84.09
CA ASP D 103 -26.17 2.65 -83.06
C ASP D 103 -25.85 1.28 -82.49
N ILE D 104 -26.30 1.04 -81.27
CA ILE D 104 -26.20 -0.26 -80.62
C ILE D 104 -27.61 -0.76 -80.39
N ILE D 105 -27.96 -1.87 -81.05
CA ILE D 105 -29.34 -2.34 -81.09
C ILE D 105 -29.58 -3.36 -80.00
N THR D 106 -30.74 -3.23 -79.35
CA THR D 106 -31.17 -4.17 -78.32
C THR D 106 -31.96 -5.29 -79.00
N ARG D 107 -31.33 -6.46 -79.13
CA ARG D 107 -31.99 -7.57 -79.78
C ARG D 107 -32.89 -8.34 -78.80
N ALA D 108 -32.50 -8.40 -77.53
CA ALA D 108 -33.28 -9.07 -76.49
C ALA D 108 -33.00 -8.38 -75.17
N HIS D 109 -34.00 -8.35 -74.29
CA HIS D 109 -33.78 -7.75 -72.98
C HIS D 109 -34.84 -8.19 -71.99
N GLY D 110 -34.45 -8.14 -70.72
CA GLY D 110 -35.33 -8.47 -69.61
C GLY D 110 -34.53 -8.52 -68.33
N ASN D 111 -35.25 -8.59 -67.21
CA ASN D 111 -34.64 -8.66 -65.90
C ASN D 111 -34.74 -10.07 -65.35
N VAL D 112 -33.61 -10.64 -64.96
CA VAL D 112 -33.51 -12.06 -64.68
C VAL D 112 -33.49 -12.35 -63.17
N GLN D 113 -33.88 -11.38 -62.34
CA GLN D 113 -33.87 -11.57 -60.90
C GLN D 113 -34.95 -12.56 -60.46
N ASP D 114 -34.62 -13.36 -59.44
CA ASP D 114 -35.57 -14.29 -58.84
C ASP D 114 -36.18 -13.68 -57.59
N ARG D 115 -37.47 -13.98 -57.35
CA ARG D 115 -38.10 -13.47 -56.13
C ARG D 115 -37.38 -13.97 -54.89
N ILE D 116 -36.96 -15.24 -54.90
CA ILE D 116 -36.34 -15.88 -53.75
C ILE D 116 -35.04 -16.51 -54.21
N GLY D 117 -33.96 -16.19 -53.50
CA GLY D 117 -32.65 -16.75 -53.79
C GLY D 117 -31.59 -16.07 -52.95
N ARG D 118 -30.51 -16.78 -52.63
CA ARG D 118 -29.43 -16.19 -51.87
C ARG D 118 -28.30 -15.81 -52.83
N PRO D 119 -27.93 -14.53 -52.93
CA PRO D 119 -26.82 -14.16 -53.81
C PRO D 119 -25.54 -14.88 -53.43
N SER D 120 -24.84 -15.40 -54.45
CA SER D 120 -23.71 -16.28 -54.19
C SER D 120 -22.51 -15.51 -53.66
N GLU D 121 -21.67 -16.20 -52.90
CA GLU D 121 -20.53 -15.55 -52.27
C GLU D 121 -19.55 -15.02 -53.31
N THR D 122 -19.23 -15.82 -54.33
CA THR D 122 -18.28 -15.41 -55.34
C THR D 122 -18.91 -14.60 -56.48
N GLY D 123 -20.12 -14.07 -56.27
CA GLY D 123 -20.68 -13.10 -57.19
C GLY D 123 -21.27 -13.71 -58.45
N ILE D 124 -21.83 -12.83 -59.28
CA ILE D 124 -22.45 -13.29 -60.52
C ILE D 124 -21.40 -13.92 -61.43
N ILE D 125 -21.74 -15.07 -62.01
CA ILE D 125 -20.97 -15.70 -63.06
C ILE D 125 -21.88 -15.88 -64.27
N GLY D 126 -21.36 -15.56 -65.45
CA GLY D 126 -22.10 -15.79 -66.70
C GLY D 126 -21.28 -16.52 -67.75
N ILE D 127 -21.85 -17.58 -68.34
CA ILE D 127 -21.16 -18.42 -69.31
C ILE D 127 -22.10 -18.77 -70.45
N ILE D 128 -21.53 -19.08 -71.62
CA ILE D 128 -22.32 -19.42 -72.81
C ILE D 128 -21.81 -20.70 -73.44
N ASP D 129 -22.74 -21.50 -73.94
CA ASP D 129 -22.43 -22.79 -74.56
C ASP D 129 -21.51 -22.57 -75.76
N PRO D 130 -20.58 -23.50 -76.01
CA PRO D 130 -19.72 -23.32 -77.20
C PRO D 130 -20.52 -23.30 -78.49
N GLU D 131 -21.62 -24.05 -78.54
CA GLU D 131 -22.53 -24.07 -79.68
C GLU D 131 -23.60 -22.99 -79.57
N CYS D 132 -23.41 -22.03 -78.65
CA CYS D 132 -24.32 -20.89 -78.48
C CYS D 132 -25.76 -21.36 -78.40
N ARG D 133 -25.98 -22.44 -77.66
CA ARG D 133 -27.33 -22.93 -77.43
C ARG D 133 -28.03 -22.23 -76.27
N MET D 134 -27.29 -21.82 -75.25
CA MET D 134 -27.92 -21.28 -74.06
C MET D 134 -26.93 -20.37 -73.34
N ILE D 135 -27.47 -19.53 -72.46
CA ILE D 135 -26.69 -18.70 -71.55
C ILE D 135 -26.86 -19.28 -70.15
N GLY D 136 -25.73 -19.59 -69.49
CA GLY D 136 -25.75 -20.04 -68.10
C GLY D 136 -25.47 -18.88 -67.17
N LEU D 137 -26.28 -18.79 -66.12
CA LEU D 137 -26.11 -17.77 -65.09
C LEU D 137 -26.08 -18.40 -63.71
N ARG D 138 -25.09 -18.04 -62.92
CA ARG D 138 -25.02 -18.44 -61.52
C ARG D 138 -25.29 -17.17 -60.71
N LEU D 139 -26.55 -16.96 -60.34
CA LEU D 139 -26.93 -15.78 -59.58
C LEU D 139 -27.07 -16.07 -58.09
N TYR D 140 -27.61 -17.23 -57.73
CA TYR D 140 -27.92 -17.53 -56.35
C TYR D 140 -27.32 -18.87 -55.96
N ASP D 141 -26.97 -18.99 -54.68
CA ASP D 141 -26.51 -20.28 -54.18
C ASP D 141 -27.59 -21.32 -54.45
N GLY D 142 -27.19 -22.44 -55.04
CA GLY D 142 -28.10 -23.57 -55.19
C GLY D 142 -29.07 -23.52 -56.35
N LEU D 143 -29.01 -22.52 -57.21
CA LEU D 143 -29.88 -22.43 -58.38
C LEU D 143 -28.99 -22.06 -59.56
N PHE D 144 -29.22 -22.73 -60.69
CA PHE D 144 -28.53 -22.46 -61.94
C PHE D 144 -29.60 -21.99 -62.93
N LYS D 145 -29.43 -20.80 -63.47
CA LYS D 145 -30.43 -20.22 -64.37
C LYS D 145 -29.97 -20.38 -65.82
N VAL D 146 -30.90 -20.79 -66.67
CA VAL D 146 -30.62 -21.05 -68.08
C VAL D 146 -31.49 -20.15 -68.94
N ILE D 147 -30.85 -19.33 -69.77
CA ILE D 147 -31.53 -18.60 -70.83
C ILE D 147 -31.25 -19.32 -72.15
N PRO D 148 -32.25 -19.97 -72.76
CA PRO D 148 -31.99 -20.62 -74.06
C PRO D 148 -31.80 -19.59 -75.17
N LEU D 149 -30.84 -19.85 -76.05
CA LEU D 149 -30.52 -18.94 -77.15
C LEU D 149 -31.39 -19.32 -78.35
N ASP D 150 -32.68 -19.11 -78.16
CA ASP D 150 -33.69 -19.27 -79.20
C ASP D 150 -33.82 -17.98 -80.00
N ARG D 151 -34.24 -18.12 -81.26
CA ARG D 151 -34.40 -16.94 -82.11
C ARG D 151 -35.50 -16.03 -81.56
N ASP D 152 -36.56 -16.62 -81.00
CA ASP D 152 -37.73 -15.88 -80.54
C ASP D 152 -37.65 -15.42 -79.10
N ASN D 153 -36.64 -15.85 -78.34
CA ASN D 153 -36.58 -15.55 -76.91
C ASN D 153 -36.15 -14.09 -76.71
N LYS D 154 -37.01 -13.19 -77.22
CA LYS D 154 -36.70 -11.77 -77.19
C LYS D 154 -36.84 -11.17 -75.79
N GLU D 155 -37.52 -11.85 -74.88
CA GLU D 155 -37.63 -11.41 -73.49
C GLU D 155 -36.59 -12.07 -72.58
N LEU D 156 -35.71 -12.91 -73.11
CA LEU D 156 -34.71 -13.58 -72.30
C LEU D 156 -35.37 -14.31 -71.14
N LYS D 157 -36.40 -15.09 -71.47
CA LYS D 157 -37.06 -15.95 -70.50
C LYS D 157 -36.10 -17.07 -70.07
N ALA D 158 -36.23 -17.51 -68.83
CA ALA D 158 -35.30 -18.49 -68.28
C ALA D 158 -35.99 -19.40 -67.28
N PHE D 159 -35.32 -20.50 -66.96
CA PHE D 159 -35.74 -21.47 -65.95
C PHE D 159 -34.54 -21.78 -65.06
N ASN D 160 -34.82 -22.20 -63.83
CA ASN D 160 -33.78 -22.55 -62.87
C ASN D 160 -33.71 -24.07 -62.70
N ILE D 161 -32.49 -24.61 -62.67
CA ILE D 161 -32.27 -26.03 -62.36
C ILE D 161 -31.69 -26.10 -60.96
N ARG D 162 -32.31 -26.88 -60.08
CA ARG D 162 -31.79 -26.98 -58.72
C ARG D 162 -30.37 -27.54 -58.74
N LEU D 163 -29.50 -26.98 -57.90
CA LEU D 163 -28.11 -27.40 -57.80
C LEU D 163 -27.81 -27.84 -56.37
N GLU D 164 -27.39 -29.10 -56.21
CA GLU D 164 -27.13 -29.63 -54.87
C GLU D 164 -25.96 -28.93 -54.20
N GLU D 165 -24.91 -28.62 -54.96
CA GLU D 165 -23.70 -28.03 -54.41
C GLU D 165 -23.95 -26.55 -54.21
N LEU D 166 -24.18 -26.13 -52.98
CA LEU D 166 -24.67 -24.77 -52.75
C LEU D 166 -23.60 -23.74 -53.03
N HIS D 167 -22.35 -24.01 -52.65
CA HIS D 167 -21.29 -23.01 -52.71
C HIS D 167 -20.36 -23.31 -53.89
N VAL D 168 -20.57 -22.65 -55.01
CA VAL D 168 -19.79 -22.86 -56.22
C VAL D 168 -18.72 -21.78 -56.32
N ILE D 169 -17.48 -22.20 -56.54
CA ILE D 169 -16.38 -21.25 -56.66
C ILE D 169 -16.33 -20.68 -58.08
N ASP D 170 -16.37 -21.57 -59.09
CA ASP D 170 -16.31 -21.16 -60.48
C ASP D 170 -16.94 -22.23 -61.36
N VAL D 171 -17.47 -21.81 -62.52
CA VAL D 171 -18.10 -22.72 -63.47
C VAL D 171 -17.84 -22.23 -64.89
N LYS D 172 -17.70 -23.18 -65.81
CA LYS D 172 -17.53 -22.92 -67.23
C LYS D 172 -18.26 -24.00 -68.03
N PHE D 173 -18.68 -23.64 -69.25
CA PHE D 173 -19.18 -24.64 -70.20
C PHE D 173 -17.98 -25.30 -70.89
N LEU D 174 -18.03 -26.62 -71.00
CA LEU D 174 -16.91 -27.37 -71.55
C LEU D 174 -16.98 -27.54 -73.06
N TYR D 175 -15.80 -27.78 -73.66
CA TYR D 175 -15.68 -28.02 -75.09
C TYR D 175 -15.60 -29.53 -75.35
N GLY D 176 -15.92 -29.91 -76.58
CA GLY D 176 -15.75 -31.28 -77.04
C GLY D 176 -16.71 -32.27 -76.43
N CYS D 177 -17.90 -31.82 -76.01
CA CYS D 177 -18.90 -32.68 -75.40
C CYS D 177 -20.11 -32.72 -76.32
N GLN D 178 -20.76 -33.87 -76.42
CA GLN D 178 -21.93 -33.95 -77.31
C GLN D 178 -23.12 -33.20 -76.75
N ALA D 179 -23.30 -33.22 -75.44
CA ALA D 179 -24.34 -32.48 -74.78
C ALA D 179 -23.72 -31.29 -74.07
N PRO D 180 -24.50 -30.24 -73.82
CA PRO D 180 -23.96 -29.12 -73.03
C PRO D 180 -23.49 -29.61 -71.68
N THR D 181 -22.23 -29.32 -71.36
CA THR D 181 -21.63 -29.79 -70.11
C THR D 181 -21.05 -28.61 -69.36
N ILE D 182 -21.33 -28.55 -68.06
CA ILE D 182 -20.77 -27.55 -67.17
C ILE D 182 -19.75 -28.24 -66.29
N CYS D 183 -18.63 -27.56 -66.05
CA CYS D 183 -17.59 -28.01 -65.14
C CYS D 183 -17.43 -26.94 -64.06
N PHE D 184 -17.60 -27.32 -62.80
CA PHE D 184 -17.57 -26.34 -61.73
C PHE D 184 -16.78 -26.86 -60.54
N VAL D 185 -15.98 -25.96 -59.96
CA VAL D 185 -15.34 -26.19 -58.67
C VAL D 185 -16.27 -25.69 -57.57
N TYR D 186 -16.49 -26.53 -56.57
CA TYR D 186 -17.39 -26.21 -55.48
C TYR D 186 -16.70 -26.53 -54.17
N GLN D 187 -17.29 -26.03 -53.08
CA GLN D 187 -16.75 -26.24 -51.75
C GLN D 187 -17.83 -26.80 -50.85
N ASP D 188 -17.48 -27.86 -50.13
CA ASP D 188 -18.34 -28.45 -49.12
C ASP D 188 -17.45 -28.69 -47.90
N PRO D 189 -17.98 -29.24 -46.80
CA PRO D 189 -17.14 -29.42 -45.61
C PRO D 189 -15.95 -30.34 -45.85
N GLN D 190 -15.97 -31.13 -46.93
CA GLN D 190 -14.93 -32.11 -47.18
C GLN D 190 -13.75 -31.55 -47.98
N GLY D 191 -13.76 -30.25 -48.28
CA GLY D 191 -12.72 -29.64 -49.09
C GLY D 191 -13.27 -29.01 -50.36
N ARG D 192 -12.42 -28.76 -51.35
CA ARG D 192 -12.87 -28.27 -52.64
C ARG D 192 -12.74 -29.37 -53.68
N HIS D 193 -13.72 -29.42 -54.59
CA HIS D 193 -13.85 -30.50 -55.55
C HIS D 193 -14.33 -29.92 -56.88
N VAL D 194 -14.03 -30.66 -57.94
CA VAL D 194 -14.50 -30.37 -59.29
C VAL D 194 -15.44 -31.47 -59.77
N LYS D 195 -16.57 -31.07 -60.37
CA LYS D 195 -17.63 -31.96 -60.80
C LYS D 195 -18.13 -31.50 -62.17
N THR D 196 -18.86 -32.40 -62.85
CA THR D 196 -19.48 -32.05 -64.13
C THR D 196 -20.95 -32.44 -64.10
N TYR D 197 -21.79 -31.63 -64.74
CA TYR D 197 -23.20 -31.91 -64.94
C TYR D 197 -23.48 -31.62 -66.41
N GLU D 198 -24.39 -32.39 -67.02
CA GLU D 198 -24.89 -32.07 -68.34
C GLU D 198 -26.23 -31.36 -68.24
N VAL D 199 -26.44 -30.41 -69.16
CA VAL D 199 -27.63 -29.56 -69.15
C VAL D 199 -28.50 -29.97 -70.33
N SER D 200 -29.74 -30.35 -70.03
CA SER D 200 -30.71 -30.72 -71.05
C SER D 200 -31.75 -29.59 -71.10
N LEU D 201 -31.76 -28.84 -72.21
CA LEU D 201 -32.77 -27.82 -72.40
C LEU D 201 -34.16 -28.40 -72.56
N ARG D 202 -34.26 -29.59 -73.17
CA ARG D 202 -35.57 -30.20 -73.41
C ARG D 202 -36.23 -30.59 -72.11
N GLU D 203 -35.48 -31.25 -71.22
CA GLU D 203 -36.01 -31.68 -69.95
C GLU D 203 -35.97 -30.59 -68.88
N LYS D 204 -35.20 -29.53 -69.12
CA LYS D 204 -35.01 -28.48 -68.12
C LYS D 204 -34.48 -29.07 -66.81
N GLU D 205 -33.41 -29.86 -66.90
CA GLU D 205 -32.79 -30.40 -65.70
C GLU D 205 -31.38 -30.84 -66.02
N PHE D 206 -30.62 -31.13 -64.95
CA PHE D 206 -29.28 -31.68 -65.10
C PHE D 206 -29.32 -33.19 -65.30
N ASN D 207 -28.36 -33.70 -66.06
CA ASN D 207 -28.11 -35.13 -66.16
C ASN D 207 -26.66 -35.45 -65.78
N LYS D 208 -26.41 -36.74 -65.60
CA LYS D 208 -25.12 -37.23 -65.15
C LYS D 208 -24.01 -36.68 -66.03
N GLY D 209 -22.93 -36.22 -65.39
CA GLY D 209 -21.86 -35.57 -66.12
C GLY D 209 -20.91 -36.56 -66.77
N PRO D 210 -20.16 -36.09 -67.77
CA PRO D 210 -19.26 -37.02 -68.49
C PRO D 210 -18.16 -37.60 -67.62
N TRP D 211 -17.54 -36.82 -66.74
CA TRP D 211 -16.42 -37.34 -65.96
C TRP D 211 -16.56 -37.10 -64.45
N LYS D 212 -15.84 -37.93 -63.70
CA LYS D 212 -15.98 -38.07 -62.26
C LYS D 212 -15.50 -36.84 -61.50
N GLN D 213 -15.99 -36.74 -60.27
CA GLN D 213 -15.55 -35.70 -59.34
C GLN D 213 -14.09 -35.94 -58.99
N GLU D 214 -13.39 -34.87 -58.66
CA GLU D 214 -12.05 -35.02 -58.09
C GLU D 214 -11.93 -34.12 -56.87
N ASN D 215 -11.19 -34.57 -55.86
CA ASN D 215 -10.85 -33.70 -54.74
C ASN D 215 -9.66 -32.85 -55.19
N VAL D 216 -9.83 -31.53 -55.18
CA VAL D 216 -8.82 -30.65 -55.78
C VAL D 216 -8.20 -29.76 -54.71
N GLU D 217 -7.26 -28.91 -55.13
CA GLU D 217 -6.58 -28.04 -54.19
C GLU D 217 -7.59 -27.23 -53.38
N ALA D 218 -7.28 -27.08 -52.10
CA ALA D 218 -8.17 -26.36 -51.18
C ALA D 218 -8.39 -24.94 -51.64
N GLU D 219 -7.45 -24.38 -52.41
CA GLU D 219 -7.53 -23.01 -52.89
C GLU D 219 -7.81 -22.95 -54.38
N ALA D 220 -8.45 -23.98 -54.92
CA ALA D 220 -8.85 -23.96 -56.33
C ALA D 220 -9.67 -22.71 -56.62
N SER D 221 -9.15 -21.85 -57.51
CA SER D 221 -9.73 -20.54 -57.74
C SER D 221 -10.47 -20.42 -59.06
N MET D 222 -9.95 -21.00 -60.14
CA MET D 222 -10.49 -20.74 -61.48
C MET D 222 -10.54 -22.00 -62.33
N VAL D 223 -11.56 -22.04 -63.19
CA VAL D 223 -11.79 -23.12 -64.13
C VAL D 223 -11.54 -22.60 -65.54
N ILE D 224 -10.76 -23.34 -66.31
CA ILE D 224 -10.47 -23.02 -67.70
C ILE D 224 -11.01 -24.15 -68.56
N ALA D 225 -11.86 -23.82 -69.53
CA ALA D 225 -12.35 -24.80 -70.49
C ALA D 225 -11.33 -24.86 -71.63
N VAL D 226 -10.62 -25.98 -71.72
CA VAL D 226 -9.60 -26.15 -72.77
C VAL D 226 -10.31 -26.45 -74.09
N PRO D 227 -9.87 -25.86 -75.22
CA PRO D 227 -10.60 -26.04 -76.49
C PRO D 227 -10.52 -27.42 -77.08
N GLU D 228 -11.21 -27.63 -78.19
CA GLU D 228 -11.45 -28.97 -78.71
C GLU D 228 -10.22 -29.79 -79.01
N PRO D 229 -9.12 -29.24 -79.55
CA PRO D 229 -7.97 -30.11 -79.88
C PRO D 229 -7.53 -30.99 -78.73
N PHE D 230 -7.49 -30.44 -77.51
CA PHE D 230 -7.18 -31.18 -76.29
C PHE D 230 -8.43 -31.64 -75.58
N GLY D 231 -9.40 -30.75 -75.40
CA GLY D 231 -10.54 -31.05 -74.56
C GLY D 231 -10.15 -30.96 -73.10
N GLY D 232 -11.13 -31.15 -72.24
CA GLY D 232 -10.90 -31.17 -70.81
C GLY D 232 -10.97 -29.79 -70.18
N ALA D 233 -10.43 -29.69 -68.96
CA ALA D 233 -10.50 -28.47 -68.18
C ALA D 233 -9.28 -28.34 -67.30
N ILE D 234 -8.82 -27.09 -67.09
CA ILE D 234 -7.69 -26.80 -66.22
C ILE D 234 -8.19 -26.04 -64.99
N ILE D 235 -7.64 -26.39 -63.83
CA ILE D 235 -8.03 -25.79 -62.56
C ILE D 235 -6.81 -25.05 -62.00
N ILE D 236 -6.96 -23.76 -61.76
CA ILE D 236 -5.88 -22.93 -61.24
C ILE D 236 -6.03 -22.81 -59.73
N GLY D 237 -4.95 -23.07 -59.00
CA GLY D 237 -4.99 -22.94 -57.56
C GLY D 237 -3.99 -21.94 -57.00
N GLN D 238 -3.67 -22.12 -55.73
CA GLN D 238 -2.65 -21.30 -55.06
C GLN D 238 -1.26 -21.89 -55.26
N GLU D 239 -1.16 -23.23 -55.16
CA GLU D 239 0.10 -23.94 -55.29
C GLU D 239 0.20 -24.79 -56.55
N SER D 240 -0.93 -25.19 -57.15
CA SER D 240 -0.89 -26.19 -58.21
C SER D 240 -1.87 -25.85 -59.33
N ILE D 241 -1.54 -26.36 -60.51
CA ILE D 241 -2.40 -26.30 -61.69
C ILE D 241 -2.66 -27.73 -62.14
N THR D 242 -3.94 -28.07 -62.32
CA THR D 242 -4.35 -29.44 -62.62
C THR D 242 -5.18 -29.47 -63.90
N TYR D 243 -5.00 -30.54 -64.68
CA TYR D 243 -5.80 -30.79 -65.87
C TYR D 243 -6.69 -32.01 -65.63
N HIS D 244 -7.98 -31.90 -65.97
CA HIS D 244 -8.93 -33.01 -65.84
C HIS D 244 -9.68 -33.16 -67.16
N ASN D 245 -9.62 -34.35 -67.78
CA ASN D 245 -10.50 -34.71 -68.90
C ASN D 245 -10.75 -36.21 -68.79
N GLY D 246 -11.80 -36.58 -68.05
CA GLY D 246 -12.16 -37.97 -67.93
C GLY D 246 -11.04 -38.80 -67.31
N ASP D 247 -10.59 -39.83 -68.03
CA ASP D 247 -9.54 -40.69 -67.46
C ASP D 247 -8.22 -39.96 -67.30
N LYS D 248 -7.96 -38.91 -68.07
CA LYS D 248 -6.69 -38.21 -67.98
C LYS D 248 -6.64 -37.31 -66.74
N TYR D 249 -5.48 -37.31 -66.08
CA TYR D 249 -5.24 -36.44 -64.92
C TYR D 249 -3.78 -36.01 -64.91
N LEU D 250 -3.55 -34.70 -64.91
CA LEU D 250 -2.21 -34.13 -64.76
C LEU D 250 -2.22 -33.10 -63.65
N ALA D 251 -1.06 -32.91 -63.03
CA ALA D 251 -0.90 -31.88 -62.00
C ALA D 251 0.55 -31.39 -61.99
N ILE D 252 0.73 -30.09 -62.18
CA ILE D 252 2.03 -29.45 -62.05
C ILE D 252 1.94 -28.48 -60.88
N ALA D 253 2.97 -28.47 -60.04
CA ALA D 253 2.99 -27.63 -58.84
C ALA D 253 4.34 -26.94 -58.74
N PRO D 254 4.62 -26.02 -59.67
CA PRO D 254 5.92 -25.35 -59.68
C PRO D 254 6.04 -24.39 -58.51
N PRO D 255 7.22 -24.31 -57.88
CA PRO D 255 7.36 -23.46 -56.68
C PRO D 255 7.12 -21.99 -56.95
N ILE D 256 7.09 -21.57 -58.22
CA ILE D 256 7.07 -20.15 -58.55
C ILE D 256 5.70 -19.53 -58.26
N ILE D 257 4.62 -20.25 -58.56
CA ILE D 257 3.30 -19.66 -58.44
C ILE D 257 2.82 -19.56 -57.00
N LYS D 258 3.36 -20.37 -56.09
CA LYS D 258 2.97 -20.26 -54.69
C LYS D 258 3.33 -18.90 -54.12
N GLN D 259 4.30 -18.21 -54.72
CA GLN D 259 4.74 -16.92 -54.19
C GLN D 259 3.65 -15.86 -54.24
N SER D 260 2.78 -15.89 -55.24
CA SER D 260 1.70 -14.91 -55.29
C SER D 260 0.49 -15.50 -55.98
N THR D 261 -0.69 -15.17 -55.46
CA THR D 261 -1.92 -15.75 -55.98
C THR D 261 -2.17 -15.37 -57.43
N ILE D 262 -2.52 -16.37 -58.24
CA ILE D 262 -2.88 -16.16 -59.64
C ILE D 262 -4.36 -15.82 -59.72
N VAL D 263 -4.68 -14.72 -60.38
CA VAL D 263 -6.03 -14.18 -60.33
C VAL D 263 -6.73 -14.13 -61.68
N CYS D 264 -6.03 -14.16 -62.81
CA CYS D 264 -6.71 -14.11 -64.10
C CYS D 264 -6.00 -15.01 -65.10
N HIS D 265 -6.72 -15.38 -66.16
CA HIS D 265 -6.18 -16.20 -67.23
C HIS D 265 -6.76 -15.76 -68.57
N ASN D 266 -6.10 -16.17 -69.65
CA ASN D 266 -6.63 -15.98 -71.00
C ASN D 266 -6.01 -16.97 -71.97
N ARG D 267 -6.82 -17.36 -72.96
CA ARG D 267 -6.40 -18.30 -74.01
C ARG D 267 -5.66 -17.51 -75.08
N VAL D 268 -4.46 -17.95 -75.42
CA VAL D 268 -3.65 -17.33 -76.46
C VAL D 268 -3.92 -18.01 -77.80
N ASP D 269 -3.65 -19.31 -77.86
CA ASP D 269 -3.77 -20.08 -79.08
C ASP D 269 -5.13 -20.72 -79.15
N PRO D 270 -5.93 -20.49 -80.20
CA PRO D 270 -7.20 -21.22 -80.29
C PRO D 270 -7.04 -22.73 -80.19
N ASN D 271 -5.92 -23.32 -80.66
CA ASN D 271 -5.77 -24.76 -80.51
C ASN D 271 -5.63 -25.15 -79.03
N GLY D 272 -5.37 -24.18 -78.16
CA GLY D 272 -5.31 -24.39 -76.73
C GLY D 272 -3.96 -24.71 -76.13
N SER D 273 -2.89 -24.69 -76.92
CA SER D 273 -1.58 -25.08 -76.40
C SER D 273 -1.06 -24.11 -75.35
N ARG D 274 -1.36 -22.80 -75.47
CA ARG D 274 -0.77 -21.81 -74.58
C ARG D 274 -1.82 -20.85 -74.00
N TYR D 275 -1.66 -20.57 -72.71
CA TYR D 275 -2.50 -19.65 -71.96
C TYR D 275 -1.65 -18.64 -71.22
N LEU D 276 -2.20 -17.45 -70.96
CA LEU D 276 -1.56 -16.45 -70.12
C LEU D 276 -2.15 -16.49 -68.72
N LEU D 277 -1.28 -16.28 -67.73
CA LEU D 277 -1.69 -16.22 -66.32
C LEU D 277 -1.09 -14.99 -65.66
N GLY D 278 -1.88 -14.32 -64.82
CA GLY D 278 -1.40 -13.19 -64.06
C GLY D 278 -1.70 -13.34 -62.58
N ASP D 279 -0.82 -12.78 -61.76
CA ASP D 279 -0.91 -12.92 -60.30
C ASP D 279 -0.81 -11.56 -59.63
N MET D 280 -1.06 -11.55 -58.32
CA MET D 280 -1.27 -10.29 -57.61
C MET D 280 -0.01 -9.45 -57.50
N GLU D 281 1.18 -10.00 -57.72
CA GLU D 281 2.38 -9.19 -57.76
C GLU D 281 2.67 -8.66 -59.15
N GLY D 282 1.74 -8.84 -60.09
CA GLY D 282 1.91 -8.31 -61.43
C GLY D 282 2.67 -9.21 -62.36
N ARG D 283 3.03 -10.42 -61.93
CA ARG D 283 3.83 -11.29 -62.77
C ARG D 283 2.96 -11.89 -63.86
N LEU D 284 3.55 -12.08 -65.03
CA LEU D 284 2.85 -12.61 -66.19
C LEU D 284 3.49 -13.94 -66.57
N PHE D 285 2.68 -14.99 -66.62
CA PHE D 285 3.16 -16.32 -66.95
C PHE D 285 2.56 -16.82 -68.26
N MET D 286 3.25 -17.78 -68.86
CA MET D 286 2.74 -18.55 -69.98
C MET D 286 2.52 -19.98 -69.51
N LEU D 287 1.30 -20.48 -69.67
CA LEU D 287 0.98 -21.86 -69.39
C LEU D 287 0.96 -22.62 -70.71
N LEU D 288 1.83 -23.61 -70.85
CA LEU D 288 2.02 -24.33 -72.10
C LEU D 288 1.52 -25.75 -71.91
N LEU D 289 0.66 -26.20 -72.82
CA LEU D 289 0.13 -27.55 -72.80
C LEU D 289 0.86 -28.39 -73.85
N GLU D 290 1.51 -29.47 -73.42
CA GLU D 290 2.34 -30.27 -74.31
C GLU D 290 1.52 -31.44 -74.86
N LYS D 291 1.25 -31.41 -76.17
CA LYS D 291 0.46 -32.43 -76.83
C LYS D 291 1.31 -33.62 -77.25
N GLU D 292 0.70 -34.80 -77.19
CA GLU D 292 1.29 -36.04 -77.68
C GLU D 292 0.32 -36.68 -78.67
N GLU D 293 0.71 -36.77 -79.94
CA GLU D 293 -0.13 -37.44 -80.92
C GLU D 293 -0.01 -38.95 -80.70
N GLN D 294 -1.14 -39.64 -80.72
CA GLN D 294 -1.12 -41.08 -80.52
C GLN D 294 -1.13 -41.76 -81.89
N MET D 295 -0.74 -43.04 -81.92
CA MET D 295 -0.75 -43.75 -83.19
C MET D 295 -2.13 -43.74 -83.83
N ASP D 296 -3.16 -43.39 -83.06
CA ASP D 296 -4.51 -43.28 -83.60
C ASP D 296 -4.67 -42.13 -84.57
N GLY D 297 -3.84 -41.08 -84.43
CA GLY D 297 -4.05 -39.82 -85.07
C GLY D 297 -4.78 -38.83 -84.18
N THR D 298 -5.25 -39.30 -83.02
CA THR D 298 -5.83 -38.49 -81.96
C THR D 298 -4.74 -37.92 -81.05
N VAL D 299 -5.00 -36.72 -80.52
CA VAL D 299 -4.05 -36.00 -79.69
C VAL D 299 -4.53 -35.93 -78.24
N THR D 300 -3.66 -36.34 -77.31
CA THR D 300 -3.91 -36.23 -75.88
C THR D 300 -2.83 -35.39 -75.20
N LEU D 301 -3.19 -34.76 -74.08
CA LEU D 301 -2.26 -33.91 -73.34
C LEU D 301 -1.19 -34.72 -72.62
N LYS D 302 0.08 -34.38 -72.88
CA LYS D 302 1.21 -35.08 -72.27
C LYS D 302 1.67 -34.44 -70.96
N ASP D 303 1.82 -33.11 -70.94
CA ASP D 303 2.37 -32.43 -69.77
C ASP D 303 1.98 -30.97 -69.77
N LEU D 304 2.20 -30.32 -68.63
CA LEU D 304 1.99 -28.89 -68.43
C LEU D 304 3.30 -28.21 -68.05
N ARG D 305 3.49 -26.98 -68.52
CA ARG D 305 4.68 -26.19 -68.22
C ARG D 305 4.26 -24.75 -67.95
N VAL D 306 4.99 -24.09 -67.06
CA VAL D 306 4.76 -22.68 -66.76
C VAL D 306 6.07 -21.92 -66.95
N GLU D 307 6.00 -20.81 -67.70
CA GLU D 307 7.18 -19.99 -67.95
C GLU D 307 6.88 -18.55 -67.56
N LEU D 308 7.82 -17.92 -66.84
CA LEU D 308 7.69 -16.53 -66.43
C LEU D 308 8.06 -15.63 -67.62
N LEU D 309 7.13 -14.75 -68.00
CA LEU D 309 7.37 -13.84 -69.11
C LEU D 309 7.92 -12.49 -68.65
N GLY D 310 7.38 -11.95 -67.56
CA GLY D 310 7.84 -10.66 -67.10
C GLY D 310 6.86 -10.07 -66.10
N GLU D 311 6.76 -8.75 -66.13
CA GLU D 311 5.93 -8.01 -65.17
C GLU D 311 5.02 -7.07 -65.93
N THR D 312 3.76 -7.02 -65.49
CA THR D 312 2.79 -6.06 -66.00
C THR D 312 2.15 -5.33 -64.84
N SER D 313 1.15 -4.51 -65.10
CA SER D 313 0.33 -3.98 -64.03
C SER D 313 -0.52 -5.09 -63.44
N ILE D 314 -0.88 -4.94 -62.16
CA ILE D 314 -1.75 -5.93 -61.52
C ILE D 314 -3.03 -6.06 -62.33
N ALA D 315 -3.29 -7.25 -62.86
CA ALA D 315 -4.28 -7.43 -63.90
C ALA D 315 -5.58 -7.97 -63.32
N GLU D 316 -6.69 -7.24 -63.54
CA GLU D 316 -7.99 -7.83 -63.27
C GLU D 316 -8.33 -8.87 -64.34
N CYS D 317 -7.98 -8.58 -65.59
CA CYS D 317 -8.22 -9.48 -66.70
C CYS D 317 -7.16 -9.23 -67.76
N LEU D 318 -6.80 -10.31 -68.46
CA LEU D 318 -5.85 -10.25 -69.55
C LEU D 318 -6.57 -10.63 -70.84
N THR D 319 -6.11 -10.10 -71.96
CA THR D 319 -6.63 -10.58 -73.23
C THR D 319 -5.56 -10.45 -74.31
N TYR D 320 -5.27 -11.57 -74.96
CA TYR D 320 -4.26 -11.58 -76.02
C TYR D 320 -4.97 -11.03 -77.26
N LEU D 321 -4.32 -10.10 -77.96
CA LEU D 321 -4.91 -9.53 -79.18
C LEU D 321 -4.30 -10.22 -80.39
N ASP D 322 -3.10 -9.85 -80.80
CA ASP D 322 -2.47 -10.56 -81.91
C ASP D 322 -1.05 -10.05 -82.10
N ASN D 323 -0.21 -10.90 -82.68
CA ASN D 323 1.14 -10.50 -83.05
C ASN D 323 2.00 -10.20 -81.83
N GLY D 324 1.69 -10.87 -80.73
CA GLY D 324 2.41 -10.71 -79.48
C GLY D 324 1.96 -9.56 -78.62
N VAL D 325 0.82 -8.94 -78.92
CA VAL D 325 0.31 -7.78 -78.20
C VAL D 325 -0.79 -8.24 -77.26
N VAL D 326 -0.65 -7.88 -75.97
CA VAL D 326 -1.61 -8.25 -74.94
C VAL D 326 -2.14 -6.99 -74.25
N PHE D 327 -3.45 -6.97 -74.02
CA PHE D 327 -4.08 -5.89 -73.25
C PHE D 327 -4.15 -6.30 -71.78
N VAL D 328 -3.57 -5.49 -70.90
CA VAL D 328 -3.58 -5.73 -69.47
C VAL D 328 -4.64 -4.82 -68.86
N GLY D 329 -5.76 -5.39 -68.44
CA GLY D 329 -6.81 -4.61 -67.84
C GLY D 329 -6.67 -4.61 -66.34
N SER D 330 -6.42 -3.44 -65.76
CA SER D 330 -6.12 -3.32 -64.35
C SER D 330 -7.22 -2.54 -63.63
N ARG D 331 -7.45 -2.91 -62.38
CA ARG D 331 -8.37 -2.20 -61.51
C ARG D 331 -7.66 -1.50 -60.37
N LEU D 332 -6.39 -1.85 -60.11
CA LEU D 332 -5.59 -1.24 -59.06
C LEU D 332 -4.51 -0.31 -59.60
N GLY D 333 -4.20 -0.38 -60.90
CA GLY D 333 -3.17 0.46 -61.48
C GLY D 333 -3.45 0.77 -62.93
N ASP D 334 -2.49 1.35 -63.63
CA ASP D 334 -2.68 1.70 -65.03
C ASP D 334 -2.87 0.45 -65.88
N SER D 335 -3.78 0.51 -66.83
CA SER D 335 -3.92 -0.56 -67.81
C SER D 335 -2.82 -0.42 -68.86
N GLN D 336 -2.67 -1.46 -69.69
CA GLN D 336 -1.52 -1.48 -70.58
C GLN D 336 -1.82 -2.20 -71.90
N LEU D 337 -1.05 -1.84 -72.91
CA LEU D 337 -0.73 -2.70 -74.04
C LEU D 337 0.72 -3.15 -73.85
N VAL D 338 0.99 -4.44 -74.01
CA VAL D 338 2.36 -4.93 -73.89
C VAL D 338 2.69 -5.86 -75.04
N LYS D 339 3.96 -5.88 -75.41
CA LYS D 339 4.48 -6.75 -76.47
C LYS D 339 5.21 -7.93 -75.83
N LEU D 340 4.84 -9.13 -76.27
CA LEU D 340 5.52 -10.36 -75.88
C LEU D 340 6.53 -10.71 -76.97
N ASN D 341 7.80 -10.83 -76.58
CA ASN D 341 8.87 -11.13 -77.52
C ASN D 341 9.31 -12.58 -77.39
N VAL D 342 9.85 -13.12 -78.50
CA VAL D 342 10.36 -14.48 -78.47
C VAL D 342 11.69 -14.56 -77.73
N ASP D 343 12.55 -13.57 -77.91
CA ASP D 343 13.82 -13.49 -77.19
C ASP D 343 13.67 -12.53 -76.02
N SER D 344 14.25 -12.90 -74.88
CA SER D 344 14.25 -12.05 -73.70
C SER D 344 15.20 -10.87 -73.88
N ASN D 345 14.95 -9.81 -73.09
CA ASN D 345 15.85 -8.65 -73.12
C ASN D 345 17.00 -8.88 -72.14
N GLU D 346 17.82 -7.84 -71.93
CA GLU D 346 19.02 -7.99 -71.11
C GLU D 346 18.69 -8.27 -69.65
N GLN D 347 17.45 -8.03 -69.24
CA GLN D 347 17.02 -8.24 -67.86
C GLN D 347 16.41 -9.60 -67.64
N GLY D 348 16.25 -10.39 -68.69
CA GLY D 348 15.57 -11.66 -68.61
C GLY D 348 14.09 -11.58 -68.90
N SER D 349 13.58 -10.41 -69.25
CA SER D 349 12.16 -10.20 -69.44
C SER D 349 11.79 -10.36 -70.91
N TYR D 350 10.66 -10.99 -71.16
CA TYR D 350 10.09 -11.13 -72.49
C TYR D 350 8.98 -10.12 -72.74
N VAL D 351 8.75 -9.19 -71.81
CA VAL D 351 7.61 -8.27 -71.86
C VAL D 351 8.12 -6.85 -71.98
N VAL D 352 7.59 -6.11 -72.94
CA VAL D 352 7.93 -4.71 -73.14
C VAL D 352 6.64 -3.92 -73.27
N ALA D 353 6.48 -2.91 -72.43
CA ALA D 353 5.27 -2.10 -72.47
C ALA D 353 5.21 -1.30 -73.76
N MET D 354 4.03 -1.26 -74.36
CA MET D 354 3.78 -0.43 -75.53
C MET D 354 3.09 0.87 -75.10
N GLU D 355 1.90 0.77 -74.52
CA GLU D 355 1.14 1.93 -74.11
C GLU D 355 0.65 1.78 -72.68
N THR D 356 0.34 2.92 -72.07
CA THR D 356 -0.18 2.99 -70.71
C THR D 356 -1.46 3.82 -70.70
N PHE D 357 -2.53 3.24 -70.14
CA PHE D 357 -3.85 3.86 -70.05
C PHE D 357 -4.08 4.35 -68.64
N THR D 358 -4.37 5.65 -68.50
CA THR D 358 -4.50 6.22 -67.17
C THR D 358 -5.67 5.57 -66.42
N ASN D 359 -5.37 5.05 -65.23
CA ASN D 359 -6.39 4.54 -64.32
C ASN D 359 -6.21 5.23 -62.98
N LEU D 360 -7.21 6.01 -62.57
CA LEU D 360 -7.14 6.62 -61.25
C LEU D 360 -7.33 5.61 -60.14
N GLY D 361 -7.63 4.35 -60.49
CA GLY D 361 -7.56 3.26 -59.56
C GLY D 361 -8.43 3.52 -58.34
N PRO D 362 -8.27 2.70 -57.30
CA PRO D 362 -8.90 3.03 -56.03
C PRO D 362 -8.44 4.41 -55.59
N ILE D 363 -9.38 5.30 -55.36
CA ILE D 363 -9.08 6.61 -54.80
C ILE D 363 -9.37 6.49 -53.31
N VAL D 364 -8.34 6.25 -52.51
CA VAL D 364 -8.56 5.99 -51.10
C VAL D 364 -8.75 7.29 -50.32
N ASP D 365 -8.11 8.38 -50.77
CA ASP D 365 -8.27 9.69 -50.17
C ASP D 365 -7.94 10.72 -51.24
N MET D 366 -8.24 11.98 -50.94
CA MET D 366 -7.90 13.06 -51.87
C MET D 366 -8.00 14.40 -51.15
N CYS D 367 -7.33 15.40 -51.72
CA CYS D 367 -7.41 16.77 -51.22
C CYS D 367 -7.43 17.73 -52.41
N VAL D 368 -8.05 18.89 -52.20
CA VAL D 368 -8.11 19.95 -53.19
C VAL D 368 -7.19 21.07 -52.73
N VAL D 369 -6.30 21.51 -53.61
CA VAL D 369 -5.31 22.54 -53.27
C VAL D 369 -5.08 23.41 -54.48
N ASP D 370 -5.06 24.72 -54.26
CA ASP D 370 -4.79 25.71 -55.30
C ASP D 370 -3.27 25.84 -55.37
N LEU D 371 -2.64 24.93 -56.10
CA LEU D 371 -1.18 24.91 -56.16
C LEU D 371 -0.65 26.19 -56.80
N GLU D 372 -1.39 26.76 -57.74
CA GLU D 372 -1.00 27.97 -58.44
C GLU D 372 -1.52 29.22 -57.73
N ARG D 373 -1.97 29.07 -56.49
CA ARG D 373 -2.55 30.14 -55.67
C ARG D 373 -3.59 30.95 -56.44
N GLN D 374 -4.15 30.35 -57.48
CA GLN D 374 -5.18 30.93 -58.33
C GLN D 374 -6.52 30.31 -58.01
N GLY D 375 -7.58 30.89 -58.60
CA GLY D 375 -8.92 30.37 -58.36
C GLY D 375 -9.08 28.91 -58.75
N GLN D 376 -8.29 28.46 -59.72
CA GLN D 376 -8.39 27.09 -60.19
C GLN D 376 -7.83 26.13 -59.15
N GLY D 377 -8.55 25.04 -58.94
CA GLY D 377 -8.23 24.05 -57.93
C GLY D 377 -7.69 22.78 -58.57
N GLN D 378 -6.78 22.11 -57.88
CA GLN D 378 -6.23 20.85 -58.34
C GLN D 378 -6.51 19.79 -57.29
N LEU D 379 -6.73 18.56 -57.75
CA LEU D 379 -7.05 17.43 -56.89
C LEU D 379 -5.88 16.47 -56.87
N VAL D 380 -5.28 16.27 -55.70
CA VAL D 380 -4.22 15.27 -55.52
C VAL D 380 -4.83 14.08 -54.80
N THR D 381 -4.76 12.90 -55.42
CA THR D 381 -5.43 11.72 -54.91
C THR D 381 -4.43 10.67 -54.48
N CYS D 382 -4.78 9.92 -53.42
CA CYS D 382 -4.10 8.67 -53.09
C CYS D 382 -4.74 7.58 -53.92
N SER D 383 -4.04 7.08 -54.93
CA SER D 383 -4.62 6.17 -55.90
C SER D 383 -3.84 4.88 -56.02
N GLY D 384 -4.57 3.80 -56.29
CA GLY D 384 -3.95 2.51 -56.54
C GLY D 384 -3.65 1.71 -55.28
N ALA D 385 -3.00 0.57 -55.49
CA ALA D 385 -2.62 -0.30 -54.39
C ALA D 385 -1.33 -1.04 -54.76
N PHE D 386 -0.58 -1.42 -53.73
CA PHE D 386 0.63 -2.23 -53.83
C PHE D 386 1.62 -1.53 -54.76
N LYS D 387 2.22 -2.21 -55.74
CA LYS D 387 3.23 -1.56 -56.56
C LYS D 387 2.65 -0.48 -57.44
N GLU D 388 1.34 -0.44 -57.60
CA GLU D 388 0.66 0.56 -58.41
C GLU D 388 0.34 1.83 -57.63
N GLY D 389 0.67 1.86 -56.34
CA GLY D 389 0.37 3.03 -55.54
C GLY D 389 0.98 4.29 -56.13
N SER D 390 0.24 5.39 -56.02
CA SER D 390 0.65 6.64 -56.63
C SER D 390 -0.16 7.78 -56.02
N LEU D 391 0.36 8.98 -56.20
CA LEU D 391 -0.41 10.20 -56.10
C LEU D 391 -0.79 10.60 -57.52
N ARG D 392 -1.97 11.17 -57.69
CA ARG D 392 -2.43 11.64 -58.99
C ARG D 392 -2.88 13.09 -58.83
N ILE D 393 -2.27 13.99 -59.60
CA ILE D 393 -2.62 15.40 -59.58
C ILE D 393 -3.46 15.70 -60.82
N ILE D 394 -4.69 16.15 -60.59
CA ILE D 394 -5.69 16.31 -61.62
C ILE D 394 -6.13 17.76 -61.60
N ARG D 395 -6.09 18.39 -62.76
CA ARG D 395 -6.48 19.79 -62.90
C ARG D 395 -7.31 19.88 -64.17
N ASN D 396 -8.17 20.87 -64.26
CA ASN D 396 -8.94 21.09 -65.47
C ASN D 396 -8.06 21.86 -66.45
N GLY D 397 -8.09 21.43 -67.71
CA GLY D 397 -7.30 22.09 -68.72
C GLY D 397 -7.98 23.33 -69.27
N ILE D 398 -7.15 24.23 -69.79
CA ILE D 398 -7.66 25.45 -70.42
C ILE D 398 -6.96 25.62 -71.77
N GLN D 408 -12.46 19.32 -74.13
CA GLN D 408 -12.09 19.42 -72.72
C GLN D 408 -11.64 18.06 -72.19
N LYS D 409 -10.48 18.04 -71.54
CA LYS D 409 -9.92 16.84 -70.94
C LYS D 409 -9.26 17.26 -69.63
N LEU D 410 -9.02 16.30 -68.75
CA LEU D 410 -8.33 16.54 -67.48
C LEU D 410 -6.85 16.21 -67.66
N HIS D 411 -5.99 17.09 -67.15
CA HIS D 411 -4.54 16.86 -67.19
C HIS D 411 -4.19 16.15 -65.88
N ILE D 412 -3.65 14.94 -66.00
CA ILE D 412 -3.42 14.08 -64.85
C ILE D 412 -1.94 13.82 -64.79
N ARG D 413 -1.30 14.34 -63.75
CA ARG D 413 0.12 14.09 -63.50
C ARG D 413 0.20 12.93 -62.52
N THR D 414 1.08 11.98 -62.80
CA THR D 414 1.16 10.75 -62.02
C THR D 414 2.46 10.69 -61.24
N VAL D 415 2.36 10.42 -59.95
CA VAL D 415 3.50 10.31 -59.05
C VAL D 415 3.57 8.90 -58.47
N PRO D 416 4.34 7.99 -59.04
CA PRO D 416 4.38 6.61 -58.52
C PRO D 416 5.04 6.52 -57.16
N LEU D 417 4.45 5.69 -56.29
CA LEU D 417 4.98 5.41 -54.96
C LEU D 417 5.45 3.98 -54.76
N TYR D 418 4.97 3.03 -55.56
CA TYR D 418 5.33 1.62 -55.51
C TYR D 418 4.97 0.97 -54.18
N GLU D 419 4.11 1.63 -53.41
CA GLU D 419 3.53 1.09 -52.18
C GLU D 419 2.13 1.67 -52.08
N SER D 420 1.35 1.13 -51.16
CA SER D 420 -0.07 1.49 -51.09
C SER D 420 -0.24 2.84 -50.38
N PRO D 421 -0.81 3.86 -51.03
CA PRO D 421 -1.14 5.11 -50.34
C PRO D 421 -2.51 5.01 -49.68
N ARG D 422 -2.64 5.60 -48.47
CA ARG D 422 -3.89 5.43 -47.72
C ARG D 422 -4.60 6.73 -47.39
N LYS D 423 -3.88 7.75 -46.92
CA LYS D 423 -4.49 9.04 -46.62
C LYS D 423 -3.50 10.15 -47.00
N ILE D 424 -4.04 11.30 -47.38
CA ILE D 424 -3.22 12.44 -47.81
C ILE D 424 -3.72 13.71 -47.13
N CYS D 425 -2.78 14.59 -46.80
CA CYS D 425 -3.09 15.84 -46.12
C CYS D 425 -2.12 16.88 -46.62
N TYR D 426 -2.62 18.08 -46.88
CA TYR D 426 -1.81 19.17 -47.39
C TYR D 426 -1.47 20.13 -46.27
N GLN D 427 -0.21 20.52 -46.19
CA GLN D 427 0.29 21.43 -45.16
C GLN D 427 0.93 22.61 -45.87
N GLU D 428 0.20 23.72 -46.00
CA GLU D 428 0.71 24.84 -46.78
C GLU D 428 1.99 25.41 -46.17
N VAL D 429 2.05 25.53 -44.84
CA VAL D 429 3.18 26.18 -44.20
C VAL D 429 4.50 25.57 -44.68
N SER D 430 4.50 24.25 -44.90
CA SER D 430 5.71 23.54 -45.30
C SER D 430 5.76 23.28 -46.80
N GLN D 431 4.80 23.82 -47.55
CA GLN D 431 4.72 23.61 -49.00
C GLN D 431 4.85 22.13 -49.33
N CYS D 432 4.11 21.30 -48.61
CA CYS D 432 4.25 19.87 -48.82
C CYS D 432 2.97 19.15 -48.40
N PHE D 433 2.89 17.90 -48.83
CA PHE D 433 1.82 17.00 -48.45
C PHE D 433 2.35 15.99 -47.45
N GLY D 434 1.50 15.62 -46.49
CA GLY D 434 1.73 14.43 -45.68
C GLY D 434 0.89 13.32 -46.29
N VAL D 435 1.49 12.15 -46.41
CA VAL D 435 0.82 10.98 -46.98
C VAL D 435 1.11 9.78 -46.10
N LEU D 436 0.06 9.12 -45.65
CA LEU D 436 0.17 7.82 -44.99
C LEU D 436 0.21 6.74 -46.05
N SER D 437 1.10 5.76 -45.85
CA SER D 437 1.28 4.70 -46.83
C SER D 437 1.70 3.44 -46.12
N SER D 438 1.47 2.30 -46.77
CA SER D 438 1.92 1.02 -46.25
C SER D 438 2.47 0.15 -47.37
N ARG D 439 3.50 -0.63 -47.02
CA ARG D 439 4.15 -1.55 -47.92
C ARG D 439 4.15 -2.95 -47.31
N ILE D 440 4.19 -3.95 -48.18
CA ILE D 440 4.17 -5.34 -47.75
C ILE D 440 5.61 -5.83 -47.60
N GLU D 441 5.94 -6.34 -46.43
CA GLU D 441 7.17 -7.10 -46.23
C GLU D 441 6.78 -8.52 -45.86
N VAL D 442 7.73 -9.43 -46.01
CA VAL D 442 7.48 -10.86 -45.82
C VAL D 442 8.45 -11.43 -44.80
N GLN D 443 7.94 -12.33 -43.97
CA GLN D 443 8.76 -12.98 -42.95
C GLN D 443 9.88 -13.78 -43.60
N ASP D 444 11.11 -13.50 -43.18
CA ASP D 444 12.27 -14.14 -43.77
C ASP D 444 13.07 -14.91 -42.72
N THR D 445 14.14 -15.55 -43.18
CA THR D 445 14.93 -16.45 -42.34
C THR D 445 15.75 -15.72 -41.30
N SER D 446 15.83 -14.39 -41.36
CA SER D 446 16.55 -13.63 -40.34
C SER D 446 15.71 -13.44 -39.08
N GLY D 447 14.43 -13.81 -39.12
CA GLY D 447 13.47 -13.48 -38.09
C GLY D 447 12.73 -12.19 -38.36
N GLY D 448 13.33 -11.28 -39.13
CA GLY D 448 12.67 -10.06 -39.53
C GLY D 448 11.86 -10.24 -40.79
N THR D 449 11.68 -9.14 -41.51
CA THR D 449 10.94 -9.14 -42.76
C THR D 449 11.73 -8.40 -43.81
N THR D 450 11.39 -8.66 -45.06
CA THR D 450 12.08 -8.13 -46.22
C THR D 450 11.05 -7.56 -47.19
N ALA D 451 11.35 -6.36 -47.70
CA ALA D 451 10.46 -5.71 -48.65
C ALA D 451 10.58 -6.39 -50.01
N LEU D 452 9.45 -6.59 -50.67
CA LEU D 452 9.45 -7.30 -51.94
C LEU D 452 10.08 -6.46 -53.05
N ARG D 453 10.13 -5.14 -52.87
CA ARG D 453 10.67 -4.23 -53.87
C ARG D 453 10.91 -2.90 -53.19
N PRO D 454 11.84 -2.10 -53.71
CA PRO D 454 12.02 -0.75 -53.17
C PRO D 454 10.81 0.12 -53.47
N SER D 455 10.52 1.06 -52.57
CA SER D 455 9.36 1.92 -52.76
C SER D 455 9.56 3.22 -51.98
N ALA D 456 8.55 4.09 -52.04
CA ALA D 456 8.70 5.47 -51.58
C ALA D 456 9.27 5.55 -50.18
N SER D 457 8.77 4.71 -49.27
CA SER D 457 9.19 4.80 -47.88
C SER D 457 10.58 4.21 -47.64
N THR D 458 11.13 3.46 -48.60
CA THR D 458 12.45 2.86 -48.44
C THR D 458 13.52 3.59 -49.22
N GLN D 459 13.12 4.42 -50.19
CA GLN D 459 14.04 5.20 -51.00
C GLN D 459 13.99 6.67 -50.60
N ALA D 460 13.43 6.95 -49.43
CA ALA D 460 13.31 8.33 -48.98
C ALA D 460 14.67 8.91 -48.61
N LEU D 461 14.81 10.22 -48.85
CA LEU D 461 16.05 10.93 -48.59
C LEU D 461 16.41 10.91 -47.10
N SER D 462 15.50 11.37 -46.26
CA SER D 462 15.64 11.30 -44.81
C SER D 462 14.61 10.31 -44.29
N SER D 463 14.97 9.58 -43.23
CA SER D 463 14.08 8.55 -42.73
C SER D 463 14.22 8.43 -41.22
N SER D 464 13.18 7.89 -40.59
CA SER D 464 13.16 7.71 -39.14
C SER D 464 12.21 6.58 -38.78
N VAL D 465 12.37 6.05 -37.57
CA VAL D 465 11.52 4.96 -37.08
C VAL D 465 11.07 5.26 -35.66
N SER D 466 9.79 5.01 -35.38
CA SER D 466 9.27 5.29 -34.05
C SER D 466 10.01 4.46 -33.01
N SER D 467 10.37 5.10 -31.92
CA SER D 467 10.99 4.47 -30.76
C SER D 467 10.03 4.44 -29.58
N SER D 468 8.74 4.60 -29.84
CA SER D 468 7.76 4.71 -28.76
C SER D 468 7.81 3.45 -27.91
N LYS D 469 7.75 3.64 -26.60
CA LYS D 469 7.75 2.52 -25.66
C LYS D 469 6.37 2.31 -25.05
N LEU D 470 5.36 3.00 -25.55
CA LEU D 470 4.04 2.99 -24.91
C LEU D 470 3.50 1.56 -24.77
N PHE D 471 3.50 0.80 -25.85
CA PHE D 471 2.99 -0.57 -25.75
C PHE D 471 4.09 -1.51 -25.30
N SER D 472 5.33 -1.04 -25.33
CA SER D 472 6.47 -1.78 -24.82
C SER D 472 6.35 -3.26 -25.08
N SER D 473 6.90 -4.06 -24.18
CA SER D 473 6.75 -5.51 -24.21
C SER D 473 5.48 -5.99 -23.50
N SER D 474 4.63 -5.06 -23.05
CA SER D 474 3.41 -5.45 -22.34
C SER D 474 2.59 -6.45 -23.15
N THR D 475 2.45 -6.21 -24.45
CA THR D 475 1.70 -7.12 -25.31
C THR D 475 2.57 -8.34 -25.60
N ALA D 476 2.03 -9.54 -25.39
CA ALA D 476 2.77 -10.76 -25.67
C ALA D 476 3.04 -10.89 -27.17
N PRO D 477 4.23 -11.36 -27.56
CA PRO D 477 4.53 -11.48 -28.99
C PRO D 477 3.82 -12.66 -29.61
N HIS D 478 3.41 -12.49 -30.85
CA HIS D 478 2.64 -13.51 -31.56
C HIS D 478 3.55 -14.29 -32.49
N GLU D 479 3.15 -15.53 -32.75
CA GLU D 479 4.01 -16.43 -33.49
C GLU D 479 4.10 -15.95 -34.93
N THR D 480 5.31 -15.97 -35.49
CA THR D 480 5.56 -15.54 -36.87
C THR D 480 6.11 -16.73 -37.64
N SER D 481 5.53 -16.98 -38.81
CA SER D 481 5.93 -18.08 -39.68
C SER D 481 6.56 -17.52 -40.95
N PHE D 482 7.66 -18.14 -41.38
CA PHE D 482 8.34 -17.66 -42.58
C PHE D 482 7.37 -17.62 -43.75
N GLY D 483 7.43 -16.53 -44.52
CA GLY D 483 6.61 -16.38 -45.71
C GLY D 483 5.32 -15.61 -45.51
N GLU D 484 4.93 -15.34 -44.26
CA GLU D 484 3.72 -14.57 -44.02
C GLU D 484 3.96 -13.10 -44.36
N GLU D 485 2.91 -12.45 -44.85
CA GLU D 485 2.95 -11.03 -45.18
C GLU D 485 2.62 -10.23 -43.94
N VAL D 486 3.18 -9.02 -43.88
CA VAL D 486 2.83 -8.04 -42.85
C VAL D 486 2.84 -6.69 -43.54
N GLU D 487 2.08 -5.76 -43.00
CA GLU D 487 2.08 -4.37 -43.47
C GLU D 487 3.01 -3.53 -42.61
N VAL D 488 3.73 -2.61 -43.26
CA VAL D 488 4.57 -1.64 -42.60
C VAL D 488 4.07 -0.26 -42.99
N HIS D 489 3.71 0.55 -42.02
CA HIS D 489 3.09 1.85 -42.27
C HIS D 489 4.07 2.99 -42.04
N ASN D 490 3.95 4.04 -42.85
CA ASN D 490 4.89 5.15 -42.83
C ASN D 490 4.12 6.45 -43.04
N LEU D 491 4.72 7.53 -42.56
CA LEU D 491 4.29 8.88 -42.91
C LEU D 491 5.29 9.43 -43.91
N LEU D 492 4.81 9.87 -45.07
CA LEU D 492 5.66 10.45 -46.10
C LEU D 492 5.44 11.95 -46.14
N ILE D 493 6.54 12.70 -46.19
CA ILE D 493 6.50 14.14 -46.41
C ILE D 493 6.94 14.37 -47.84
N ILE D 494 6.05 14.95 -48.65
CA ILE D 494 6.21 15.01 -50.10
C ILE D 494 6.09 16.46 -50.54
N ASP D 495 7.09 16.93 -51.28
CA ASP D 495 7.13 18.32 -51.75
C ASP D 495 5.99 18.61 -52.73
N GLN D 496 5.39 19.79 -52.61
CA GLN D 496 4.16 20.08 -53.35
C GLN D 496 4.39 20.39 -54.82
N HIS D 497 5.62 20.70 -55.23
CA HIS D 497 5.92 20.99 -56.63
C HIS D 497 6.67 19.87 -57.32
N THR D 498 7.67 19.29 -56.64
CA THR D 498 8.46 18.22 -57.23
C THR D 498 7.92 16.85 -56.86
N PHE D 499 7.21 16.74 -55.73
CA PHE D 499 6.74 15.47 -55.22
C PHE D 499 7.89 14.51 -54.95
N GLU D 500 9.04 15.08 -54.60
CA GLU D 500 10.11 14.29 -54.05
C GLU D 500 9.74 13.88 -52.63
N VAL D 501 10.08 12.66 -52.25
CA VAL D 501 9.84 12.20 -50.89
C VAL D 501 10.95 12.74 -50.01
N LEU D 502 10.62 13.73 -49.20
CA LEU D 502 11.61 14.44 -48.40
C LEU D 502 11.95 13.70 -47.12
N HIS D 503 10.94 13.06 -46.52
CA HIS D 503 11.15 12.29 -45.30
C HIS D 503 10.19 11.11 -45.31
N ALA D 504 10.55 10.06 -44.60
CA ALA D 504 9.68 8.91 -44.40
C ALA D 504 9.82 8.44 -42.95
N HIS D 505 8.70 8.30 -42.27
CA HIS D 505 8.68 7.85 -40.88
C HIS D 505 7.98 6.50 -40.82
N GLN D 506 8.69 5.49 -40.33
CA GLN D 506 8.14 4.16 -40.16
C GLN D 506 7.55 4.02 -38.76
N PHE D 507 6.30 3.58 -38.70
CA PHE D 507 5.63 3.43 -37.41
C PHE D 507 6.02 2.11 -36.76
N LEU D 508 5.49 1.89 -35.56
CA LEU D 508 5.85 0.71 -34.79
C LEU D 508 5.45 -0.55 -35.53
N GLN D 509 6.11 -1.64 -35.17
CA GLN D 509 5.76 -2.95 -35.70
C GLN D 509 4.31 -3.28 -35.39
N ASN D 510 3.56 -3.65 -36.42
CA ASN D 510 2.15 -3.98 -36.31
C ASN D 510 1.27 -2.76 -36.01
N GLU D 511 1.79 -1.55 -36.20
CA GLU D 511 1.02 -0.33 -36.02
C GLU D 511 0.50 0.11 -37.38
N TYR D 512 -0.80 0.32 -37.49
CA TYR D 512 -1.41 0.84 -38.71
C TYR D 512 -1.69 2.32 -38.53
N ALA D 513 -1.34 3.11 -39.54
CA ALA D 513 -1.69 4.52 -39.58
C ALA D 513 -3.05 4.64 -40.27
N LEU D 514 -4.04 5.17 -39.56
CA LEU D 514 -5.40 5.21 -40.07
C LEU D 514 -5.89 6.61 -40.39
N SER D 515 -5.36 7.64 -39.74
CA SER D 515 -5.91 8.98 -39.89
C SER D 515 -4.80 10.02 -39.80
N LEU D 516 -4.98 11.11 -40.53
CA LEU D 516 -3.95 12.13 -40.66
C LEU D 516 -4.62 13.50 -40.77
N VAL D 517 -4.08 14.47 -40.04
CA VAL D 517 -4.52 15.86 -40.16
C VAL D 517 -3.29 16.77 -40.17
N SER D 518 -3.47 17.95 -40.73
CA SER D 518 -2.51 19.04 -40.66
C SER D 518 -3.24 20.23 -40.04
N CYS D 519 -2.73 20.74 -38.93
CA CYS D 519 -3.45 21.85 -38.30
C CYS D 519 -2.59 22.50 -37.23
N LYS D 520 -3.02 23.70 -36.84
CA LYS D 520 -2.56 24.40 -35.65
C LYS D 520 -3.54 24.07 -34.53
N LEU D 521 -3.04 23.94 -33.30
CA LEU D 521 -3.92 23.68 -32.16
C LEU D 521 -3.67 24.67 -31.04
N GLY D 522 -4.74 24.97 -30.30
CA GLY D 522 -4.61 25.79 -29.11
C GLY D 522 -3.96 27.12 -29.39
N LYS D 523 -3.05 27.51 -28.48
CA LYS D 523 -2.28 28.74 -28.62
C LYS D 523 -0.90 28.49 -29.21
N ASP D 524 -0.66 27.31 -29.77
CA ASP D 524 0.61 26.95 -30.37
C ASP D 524 0.61 27.39 -31.83
N PRO D 525 1.48 28.32 -32.24
CA PRO D 525 1.47 28.77 -33.65
C PRO D 525 2.08 27.76 -34.61
N ASN D 526 2.74 26.73 -34.12
CA ASN D 526 3.36 25.74 -35.00
C ASN D 526 2.30 24.88 -35.66
N THR D 527 2.51 24.55 -36.92
CA THR D 527 1.61 23.70 -37.70
C THR D 527 2.15 22.27 -37.73
N TYR D 528 1.31 21.31 -37.30
CA TYR D 528 1.75 19.94 -37.13
C TYR D 528 1.05 18.96 -38.06
N PHE D 529 1.74 17.85 -38.34
CA PHE D 529 1.12 16.66 -38.91
C PHE D 529 0.78 15.74 -37.74
N ILE D 530 -0.49 15.35 -37.63
CA ILE D 530 -0.96 14.50 -36.55
C ILE D 530 -1.54 13.23 -37.15
N VAL D 531 -1.14 12.08 -36.62
CA VAL D 531 -1.51 10.79 -37.18
C VAL D 531 -2.18 9.95 -36.09
N GLY D 532 -3.29 9.32 -36.44
CA GLY D 532 -3.98 8.40 -35.55
C GLY D 532 -3.75 6.97 -36.01
N THR D 533 -3.43 6.11 -35.04
CA THR D 533 -2.97 4.77 -35.34
C THR D 533 -3.79 3.73 -34.58
N ALA D 534 -3.53 2.47 -34.93
CA ALA D 534 -4.15 1.31 -34.29
C ALA D 534 -3.13 0.17 -34.26
N MET D 535 -3.06 -0.53 -33.14
CA MET D 535 -2.21 -1.71 -33.02
C MET D 535 -2.99 -2.93 -33.50
N VAL D 536 -2.56 -3.50 -34.62
CA VAL D 536 -3.29 -4.55 -35.30
C VAL D 536 -2.56 -5.85 -35.02
N TYR D 537 -3.18 -6.69 -34.23
CA TYR D 537 -2.69 -8.05 -33.99
C TYR D 537 -3.72 -9.03 -34.56
N PRO D 538 -3.25 -10.05 -35.28
CA PRO D 538 -4.21 -10.92 -36.00
C PRO D 538 -5.30 -11.53 -35.13
N GLU D 539 -5.03 -11.78 -33.86
CA GLU D 539 -5.99 -12.47 -33.01
C GLU D 539 -7.17 -11.59 -32.64
N GLU D 540 -6.96 -10.27 -32.56
CA GLU D 540 -7.95 -9.40 -31.97
C GLU D 540 -9.03 -9.04 -32.97
N ALA D 541 -10.29 -9.14 -32.53
CA ALA D 541 -11.42 -8.76 -33.39
C ALA D 541 -11.46 -7.27 -33.66
N GLU D 542 -11.01 -6.45 -32.72
CA GLU D 542 -11.09 -5.03 -32.85
C GLU D 542 -9.86 -4.57 -32.08
N PRO D 543 -9.06 -3.67 -32.63
CA PRO D 543 -7.85 -3.23 -31.92
C PRO D 543 -8.22 -2.69 -30.54
N LYS D 544 -7.36 -2.97 -29.57
CA LYS D 544 -7.54 -2.48 -28.22
C LYS D 544 -6.46 -1.47 -27.83
N GLN D 545 -5.52 -1.16 -28.74
CA GLN D 545 -4.45 -0.23 -28.47
C GLN D 545 -4.23 0.70 -29.66
N GLY D 546 -3.72 1.90 -29.37
CA GLY D 546 -3.43 2.84 -30.44
C GLY D 546 -2.76 4.09 -29.91
N ARG D 547 -2.31 4.91 -30.86
CA ARG D 547 -1.62 6.15 -30.55
C ARG D 547 -2.14 7.30 -31.40
N ILE D 548 -2.08 8.50 -30.83
CA ILE D 548 -2.18 9.75 -31.57
C ILE D 548 -0.79 10.38 -31.49
N VAL D 549 -0.19 10.65 -32.64
CA VAL D 549 1.17 11.14 -32.72
C VAL D 549 1.17 12.50 -33.42
N VAL D 550 1.88 13.46 -32.83
CA VAL D 550 1.99 14.81 -33.37
C VAL D 550 3.42 14.99 -33.87
N PHE D 551 3.56 15.31 -35.16
CA PHE D 551 4.85 15.54 -35.78
C PHE D 551 4.96 17.01 -36.18
N GLN D 552 6.19 17.50 -36.28
CA GLN D 552 6.44 18.80 -36.91
C GLN D 552 7.49 18.61 -38.00
N TYR D 553 7.18 19.01 -39.23
CA TYR D 553 8.18 19.07 -40.30
C TYR D 553 8.69 20.50 -40.42
N SER D 554 9.94 20.74 -40.04
CA SER D 554 10.56 22.05 -40.12
C SER D 554 12.04 21.86 -40.45
N ASP D 555 12.58 22.80 -41.21
CA ASP D 555 14.01 22.79 -41.58
C ASP D 555 14.40 21.43 -42.16
N GLY D 556 13.50 20.83 -42.93
CA GLY D 556 13.86 19.62 -43.62
C GLY D 556 13.95 18.38 -42.77
N LYS D 557 13.57 18.45 -41.48
CA LYS D 557 13.63 17.32 -40.58
C LYS D 557 12.31 17.18 -39.83
N LEU D 558 11.91 15.93 -39.59
CA LEU D 558 10.66 15.61 -38.91
C LEU D 558 10.89 15.27 -37.44
N GLN D 559 10.19 15.97 -36.55
CA GLN D 559 10.33 15.81 -35.10
C GLN D 559 9.02 15.32 -34.49
N THR D 560 9.13 14.40 -33.54
CA THR D 560 7.97 13.89 -32.83
C THR D 560 7.67 14.82 -31.66
N VAL D 561 6.59 15.58 -31.77
CA VAL D 561 6.30 16.58 -30.75
C VAL D 561 5.62 15.94 -29.55
N ALA D 562 4.70 15.01 -29.80
CA ALA D 562 3.98 14.41 -28.69
C ALA D 562 3.27 13.13 -29.14
N GLU D 563 3.08 12.22 -28.20
CA GLU D 563 2.31 11.00 -28.41
C GLU D 563 1.29 10.86 -27.29
N LYS D 564 0.09 10.44 -27.65
CA LYS D 564 -1.02 10.23 -26.73
C LYS D 564 -1.48 8.79 -26.90
N GLU D 565 -1.49 8.03 -25.81
CA GLU D 565 -1.95 6.66 -25.88
C GLU D 565 -3.47 6.59 -25.81
N VAL D 566 -4.07 5.74 -26.64
CA VAL D 566 -5.50 5.47 -26.61
C VAL D 566 -5.71 3.97 -26.60
N LYS D 567 -6.92 3.58 -26.21
CA LYS D 567 -7.31 2.17 -26.07
C LYS D 567 -8.13 1.69 -27.26
N GLY D 568 -7.67 1.93 -28.48
CA GLY D 568 -8.41 1.50 -29.66
C GLY D 568 -7.81 2.09 -30.92
N ALA D 569 -8.55 1.92 -32.02
CA ALA D 569 -8.10 2.38 -33.32
C ALA D 569 -8.58 3.80 -33.56
N VAL D 570 -7.67 4.67 -33.97
CA VAL D 570 -8.01 6.08 -34.24
C VAL D 570 -8.41 6.14 -35.71
N TYR D 571 -9.68 5.84 -35.97
CA TYR D 571 -10.16 5.77 -37.34
C TYR D 571 -10.20 7.15 -38.01
N SER D 572 -10.43 8.21 -37.23
CA SER D 572 -10.67 9.52 -37.82
C SER D 572 -10.27 10.66 -36.89
N MET D 573 -9.75 11.74 -37.49
CA MET D 573 -9.43 12.96 -36.76
C MET D 573 -9.80 14.15 -37.61
N VAL D 574 -10.08 15.27 -36.95
CA VAL D 574 -10.35 16.52 -37.66
C VAL D 574 -10.12 17.66 -36.69
N GLU D 575 -9.57 18.76 -37.20
CA GLU D 575 -9.41 19.96 -36.40
C GLU D 575 -10.76 20.58 -36.11
N PHE D 576 -10.97 20.97 -34.86
CA PHE D 576 -12.27 21.42 -34.36
C PHE D 576 -12.04 22.65 -33.49
N ASN D 577 -12.07 23.81 -34.11
CA ASN D 577 -11.98 25.08 -33.40
C ASN D 577 -10.78 25.08 -32.46
N GLY D 578 -9.62 24.77 -33.03
CA GLY D 578 -8.39 24.75 -32.27
C GLY D 578 -8.20 23.54 -31.39
N LYS D 579 -9.16 22.63 -31.35
CA LYS D 579 -9.04 21.39 -30.61
C LYS D 579 -8.96 20.23 -31.59
N LEU D 580 -8.52 19.08 -31.09
CA LEU D 580 -8.37 17.89 -31.91
C LEU D 580 -9.56 16.97 -31.62
N LEU D 581 -10.36 16.71 -32.66
CA LEU D 581 -11.49 15.81 -32.56
C LEU D 581 -11.08 14.47 -33.17
N ALA D 582 -11.10 13.42 -32.36
CA ALA D 582 -10.66 12.10 -32.78
C ALA D 582 -11.68 11.06 -32.37
N SER D 583 -11.79 10.01 -33.19
CA SER D 583 -12.68 8.88 -32.93
C SER D 583 -11.83 7.65 -32.63
N ILE D 584 -12.03 7.08 -31.43
CA ILE D 584 -11.35 5.86 -31.01
C ILE D 584 -12.40 4.77 -30.84
N ASN D 585 -12.45 3.84 -31.81
CA ASN D 585 -13.47 2.78 -31.78
C ASN D 585 -14.87 3.40 -31.68
N SER D 586 -15.63 3.07 -30.63
CA SER D 586 -16.96 3.68 -30.45
C SER D 586 -16.90 5.12 -29.93
N THR D 587 -15.83 5.47 -29.23
CA THR D 587 -15.73 6.76 -28.56
C THR D 587 -15.37 7.88 -29.53
N VAL D 588 -15.99 9.05 -29.34
CA VAL D 588 -15.61 10.29 -30.01
C VAL D 588 -15.12 11.28 -28.95
N ARG D 589 -13.85 11.68 -29.05
CA ARG D 589 -13.25 12.51 -28.01
C ARG D 589 -12.83 13.85 -28.59
N LEU D 590 -12.85 14.87 -27.74
CA LEU D 590 -12.31 16.20 -28.06
C LEU D 590 -11.10 16.41 -27.17
N TYR D 591 -9.94 16.63 -27.80
CA TYR D 591 -8.70 16.85 -27.09
C TYR D 591 -8.33 18.32 -27.14
N GLU D 592 -7.79 18.83 -26.03
CA GLU D 592 -7.19 20.15 -25.99
C GLU D 592 -5.67 20.02 -26.02
N TRP D 593 -5.02 21.06 -26.54
CA TRP D 593 -3.57 21.12 -26.69
C TRP D 593 -3.04 22.04 -25.61
N THR D 594 -2.34 21.49 -24.63
CA THR D 594 -1.94 22.26 -23.47
C THR D 594 -0.76 23.17 -23.84
N THR D 595 -0.41 24.06 -22.91
CA THR D 595 0.81 24.85 -23.09
C THR D 595 2.09 24.02 -22.90
N GLU D 596 1.99 22.80 -22.35
CA GLU D 596 3.11 21.89 -22.28
C GLU D 596 3.19 20.98 -23.51
N LYS D 597 2.45 21.32 -24.57
CA LYS D 597 2.49 20.59 -25.84
C LYS D 597 2.16 19.10 -25.67
N GLU D 598 1.04 18.81 -25.00
CA GLU D 598 0.50 17.47 -24.93
C GLU D 598 -1.02 17.53 -25.03
N LEU D 599 -1.63 16.42 -25.45
CA LEU D 599 -3.07 16.36 -25.64
C LEU D 599 -3.76 15.98 -24.34
N ARG D 600 -4.84 16.70 -24.03
CA ARG D 600 -5.62 16.50 -22.81
C ARG D 600 -7.09 16.34 -23.19
N THR D 601 -7.72 15.31 -22.66
CA THR D 601 -9.11 15.03 -23.01
C THR D 601 -10.05 16.04 -22.36
N GLU D 602 -10.91 16.66 -23.17
CA GLU D 602 -11.91 17.56 -22.61
C GLU D 602 -13.23 16.84 -22.35
N CYS D 603 -13.75 16.13 -23.35
CA CYS D 603 -15.05 15.48 -23.21
C CYS D 603 -15.16 14.37 -24.23
N ASN D 604 -16.10 13.46 -23.97
CA ASN D 604 -16.28 12.25 -24.74
C ASN D 604 -17.74 12.06 -25.11
N HIS D 605 -17.96 11.34 -26.20
CA HIS D 605 -19.26 10.85 -26.61
C HIS D 605 -19.11 9.38 -26.92
N TYR D 606 -20.00 8.54 -26.36
CA TYR D 606 -19.80 7.09 -26.43
C TYR D 606 -20.80 6.32 -27.27
N ASN D 607 -21.89 6.94 -27.71
CA ASN D 607 -23.02 6.18 -28.29
C ASN D 607 -22.79 5.86 -29.78
N ASN D 608 -21.85 4.96 -30.01
CA ASN D 608 -21.57 4.50 -31.36
C ASN D 608 -21.26 3.01 -31.37
N ILE D 609 -21.33 2.43 -32.56
CA ILE D 609 -20.85 1.08 -32.78
C ILE D 609 -19.41 1.09 -33.25
N MET D 610 -19.13 1.92 -34.25
CA MET D 610 -17.78 2.16 -34.73
C MET D 610 -17.79 3.50 -35.46
N ALA D 611 -17.11 4.49 -34.89
CA ALA D 611 -17.15 5.86 -35.40
C ALA D 611 -16.09 6.01 -36.48
N LEU D 612 -16.46 5.60 -37.68
CA LEU D 612 -15.48 5.54 -38.76
C LEU D 612 -15.18 6.90 -39.36
N TYR D 613 -16.16 7.80 -39.39
CA TYR D 613 -16.01 9.04 -40.15
C TYR D 613 -16.47 10.26 -39.37
N LEU D 614 -15.72 11.34 -39.52
CA LEU D 614 -16.00 12.61 -38.85
C LEU D 614 -15.91 13.76 -39.84
N LYS D 615 -16.84 14.71 -39.71
CA LYS D 615 -16.76 15.99 -40.40
C LYS D 615 -17.28 17.04 -39.42
N THR D 616 -16.86 18.28 -39.61
CA THR D 616 -17.31 19.35 -38.72
C THR D 616 -17.75 20.59 -39.49
N LYS D 617 -18.59 21.38 -38.83
CA LYS D 617 -18.97 22.72 -39.30
C LYS D 617 -19.38 23.50 -38.05
N GLY D 618 -18.59 24.51 -37.69
CA GLY D 618 -18.88 25.27 -36.49
C GLY D 618 -18.68 24.39 -35.26
N ASP D 619 -19.64 24.41 -34.35
CA ASP D 619 -19.60 23.54 -33.18
C ASP D 619 -20.36 22.24 -33.42
N PHE D 620 -20.75 21.95 -34.65
CA PHE D 620 -21.49 20.75 -35.03
C PHE D 620 -20.57 19.69 -35.60
N ILE D 621 -20.84 18.43 -35.27
CA ILE D 621 -20.05 17.29 -35.72
C ILE D 621 -20.98 16.28 -36.38
N LEU D 622 -20.59 15.84 -37.57
CA LEU D 622 -21.31 14.76 -38.26
C LEU D 622 -20.46 13.49 -38.13
N VAL D 623 -21.03 12.47 -37.52
CA VAL D 623 -20.34 11.21 -37.25
C VAL D 623 -20.91 10.15 -38.17
N GLY D 624 -20.04 9.49 -38.93
CA GLY D 624 -20.43 8.36 -39.74
C GLY D 624 -20.06 7.08 -39.02
N ASP D 625 -21.05 6.21 -38.83
CA ASP D 625 -20.88 5.00 -38.06
C ASP D 625 -20.83 3.81 -39.00
N LEU D 626 -20.31 2.70 -38.49
CA LEU D 626 -20.22 1.50 -39.32
C LEU D 626 -21.59 0.97 -39.71
N MET D 627 -22.55 0.92 -38.78
CA MET D 627 -23.86 0.38 -39.12
C MET D 627 -25.04 1.29 -38.80
N ARG D 628 -24.84 2.34 -38.01
CA ARG D 628 -25.96 3.20 -37.58
C ARG D 628 -25.98 4.52 -38.32
N SER D 629 -25.68 4.52 -39.62
CA SER D 629 -25.87 5.71 -40.47
C SER D 629 -25.09 6.86 -39.85
N VAL D 630 -25.70 8.03 -39.68
CA VAL D 630 -24.97 9.23 -39.28
C VAL D 630 -25.62 9.86 -38.07
N LEU D 631 -24.78 10.44 -37.22
CA LEU D 631 -25.18 11.13 -36.01
C LEU D 631 -24.72 12.56 -36.12
N LEU D 632 -25.56 13.48 -35.66
CA LEU D 632 -25.25 14.91 -35.59
C LEU D 632 -24.97 15.27 -34.14
N LEU D 633 -23.72 15.58 -33.85
CA LEU D 633 -23.30 15.94 -32.51
C LEU D 633 -23.09 17.44 -32.48
N ALA D 634 -23.22 18.03 -31.32
CA ALA D 634 -22.92 19.43 -31.17
C ALA D 634 -22.08 19.58 -29.91
N TYR D 635 -21.07 20.44 -30.00
CA TYR D 635 -20.27 20.81 -28.86
C TYR D 635 -21.00 21.94 -28.15
N LYS D 636 -21.29 21.75 -26.88
CA LYS D 636 -21.89 22.82 -26.12
C LYS D 636 -20.81 23.48 -25.30
N PRO D 637 -20.23 24.59 -25.75
CA PRO D 637 -19.07 25.15 -25.07
C PRO D 637 -19.39 25.66 -23.67
N MET D 638 -20.64 26.03 -23.38
CA MET D 638 -20.92 26.49 -22.02
C MET D 638 -20.73 25.36 -21.01
N GLU D 639 -20.95 24.10 -21.41
CA GLU D 639 -20.77 23.00 -20.48
C GLU D 639 -19.51 22.19 -20.71
N GLY D 640 -18.90 22.30 -21.90
CA GLY D 640 -17.67 21.57 -22.16
C GLY D 640 -17.89 20.08 -22.36
N ASN D 641 -18.84 19.73 -23.21
CA ASN D 641 -19.21 18.34 -23.46
C ASN D 641 -19.97 18.30 -24.78
N PHE D 642 -20.44 17.11 -25.15
CA PHE D 642 -21.20 16.93 -26.36
C PHE D 642 -22.68 16.76 -26.02
N GLU D 643 -23.53 17.08 -27.00
CA GLU D 643 -24.96 16.83 -26.92
C GLU D 643 -25.41 16.25 -28.26
N GLU D 644 -26.28 15.25 -28.19
CA GLU D 644 -26.77 14.57 -29.39
C GLU D 644 -27.92 15.36 -29.98
N ILE D 645 -27.71 15.93 -31.17
CA ILE D 645 -28.74 16.76 -31.78
C ILE D 645 -29.78 15.92 -32.51
N ALA D 646 -29.34 15.01 -33.38
CA ALA D 646 -30.28 14.20 -34.14
C ALA D 646 -29.53 13.05 -34.79
N ARG D 647 -30.22 11.93 -34.95
CA ARG D 647 -29.63 10.74 -35.53
C ARG D 647 -30.47 10.21 -36.67
N ASP D 648 -29.80 9.67 -37.69
CA ASP D 648 -30.49 8.90 -38.71
C ASP D 648 -30.65 7.48 -38.15
N PHE D 649 -31.87 7.10 -37.83
CA PHE D 649 -32.10 5.80 -37.23
C PHE D 649 -32.22 4.69 -38.25
N ASN D 650 -32.16 4.99 -39.53
CA ASN D 650 -32.07 3.95 -40.54
C ASN D 650 -30.69 3.30 -40.49
N PRO D 651 -30.60 1.97 -40.44
CA PRO D 651 -29.28 1.33 -40.52
C PRO D 651 -28.72 1.38 -41.93
N ASN D 652 -27.47 1.85 -42.03
CA ASN D 652 -26.73 1.97 -43.27
C ASN D 652 -25.28 1.61 -42.99
N TRP D 653 -24.62 1.00 -43.95
CA TRP D 653 -23.19 0.70 -43.84
C TRP D 653 -22.44 1.85 -44.54
N MET D 654 -21.86 2.72 -43.74
CA MET D 654 -21.31 3.96 -44.26
C MET D 654 -19.92 3.74 -44.85
N SER D 655 -19.66 4.41 -45.98
CA SER D 655 -18.33 4.49 -46.57
C SER D 655 -17.73 5.88 -46.49
N ALA D 656 -18.56 6.92 -46.41
CA ALA D 656 -18.10 8.29 -46.32
C ALA D 656 -19.29 9.18 -46.00
N VAL D 657 -19.01 10.31 -45.34
CA VAL D 657 -20.04 11.29 -45.00
C VAL D 657 -19.51 12.66 -45.37
N GLU D 658 -20.44 13.63 -45.41
CA GLU D 658 -20.06 15.03 -45.62
C GLU D 658 -21.21 15.91 -45.18
N ILE D 659 -20.86 17.11 -44.72
CA ILE D 659 -21.82 18.13 -44.33
C ILE D 659 -22.01 19.05 -45.53
N LEU D 660 -23.25 19.20 -45.99
CA LEU D 660 -23.52 20.11 -47.10
C LEU D 660 -23.75 21.53 -46.63
N ASP D 661 -24.56 21.69 -45.60
CA ASP D 661 -24.82 22.99 -44.97
C ASP D 661 -25.32 22.71 -43.56
N ASP D 662 -25.75 23.75 -42.86
CA ASP D 662 -26.12 23.59 -41.45
C ASP D 662 -27.26 22.60 -41.26
N ASP D 663 -28.03 22.32 -42.32
CA ASP D 663 -29.21 21.47 -42.20
C ASP D 663 -29.15 20.20 -43.02
N ASN D 664 -28.31 20.10 -44.04
CA ASN D 664 -28.23 18.92 -44.89
C ASN D 664 -26.94 18.14 -44.68
N PHE D 665 -27.05 16.82 -44.65
CA PHE D 665 -25.93 15.92 -44.41
C PHE D 665 -25.92 14.81 -45.46
N LEU D 666 -24.77 14.60 -46.07
CA LEU D 666 -24.63 13.70 -47.21
C LEU D 666 -23.92 12.42 -46.79
N GLY D 667 -24.42 11.28 -47.28
CA GLY D 667 -23.84 10.00 -46.93
C GLY D 667 -23.75 9.07 -48.12
N ALA D 668 -22.80 8.14 -48.02
CA ALA D 668 -22.57 7.14 -49.04
C ALA D 668 -22.55 5.76 -48.39
N GLU D 669 -23.25 4.82 -49.01
CA GLU D 669 -23.47 3.48 -48.47
C GLU D 669 -22.65 2.44 -49.22
N ASN D 670 -22.43 1.30 -48.56
CA ASN D 670 -21.73 0.21 -49.22
C ASN D 670 -22.56 -0.41 -50.32
N ALA D 671 -23.80 0.02 -50.48
CA ALA D 671 -24.68 -0.45 -51.53
C ALA D 671 -24.56 0.37 -52.78
N PHE D 672 -23.56 1.25 -52.83
CA PHE D 672 -23.37 2.16 -53.96
C PHE D 672 -24.48 3.19 -54.00
N ASN D 673 -24.99 3.60 -52.85
CA ASN D 673 -26.08 4.56 -52.81
C ASN D 673 -25.62 5.82 -52.10
N LEU D 674 -26.19 6.95 -52.51
CA LEU D 674 -26.05 8.21 -51.81
C LEU D 674 -27.37 8.50 -51.12
N PHE D 675 -27.33 9.21 -50.00
CA PHE D 675 -28.56 9.67 -49.40
C PHE D 675 -28.25 10.96 -48.65
N VAL D 676 -29.27 11.79 -48.50
CA VAL D 676 -29.16 13.03 -47.76
C VAL D 676 -30.25 13.06 -46.70
N CYS D 677 -29.86 13.22 -45.45
CA CYS D 677 -30.81 13.38 -44.35
C CYS D 677 -30.64 14.78 -43.78
N GLN D 678 -31.72 15.30 -43.20
CA GLN D 678 -31.70 16.64 -42.64
C GLN D 678 -32.53 16.71 -41.36
N LYS D 679 -32.18 17.70 -40.52
CA LYS D 679 -32.99 18.01 -39.35
C LYS D 679 -34.43 18.23 -39.79
N ASP D 680 -35.36 17.59 -39.09
CA ASP D 680 -36.76 17.64 -39.49
C ASP D 680 -37.34 19.05 -39.39
N SER D 681 -37.07 19.76 -38.29
CA SER D 681 -37.57 21.13 -38.10
C SER D 681 -39.08 21.17 -38.30
N ALA D 682 -39.78 20.17 -37.77
CA ALA D 682 -41.23 20.13 -37.84
C ALA D 682 -41.84 19.43 -36.64
N ALA D 683 -43.01 19.91 -36.21
CA ALA D 683 -43.87 19.39 -35.17
C ALA D 683 -43.37 19.75 -33.76
N THR D 684 -42.18 20.32 -33.61
CA THR D 684 -41.66 20.79 -32.33
C THR D 684 -41.83 19.76 -31.21
N THR D 685 -41.44 18.52 -31.50
CA THR D 685 -41.42 17.44 -30.52
C THR D 685 -39.95 17.10 -30.35
N ASP D 686 -39.49 16.97 -29.10
CA ASP D 686 -38.06 16.70 -28.92
C ASP D 686 -37.68 15.38 -29.58
N GLU D 687 -38.60 14.41 -29.58
CA GLU D 687 -38.32 13.12 -30.19
C GLU D 687 -38.25 13.23 -31.71
N GLU D 688 -39.18 13.98 -32.31
CA GLU D 688 -39.16 14.23 -33.76
C GLU D 688 -38.01 15.15 -34.17
N ARG D 689 -37.61 16.08 -33.29
CA ARG D 689 -36.43 16.89 -33.58
C ARG D 689 -35.17 16.02 -33.67
N GLN D 690 -35.10 14.97 -32.86
CA GLN D 690 -33.94 14.09 -32.85
C GLN D 690 -33.97 13.04 -33.94
N HIS D 691 -34.85 13.15 -34.91
CA HIS D 691 -35.00 12.18 -35.98
C HIS D 691 -34.43 12.86 -37.22
N LEU D 692 -33.27 12.37 -37.68
CA LEU D 692 -32.71 12.84 -38.94
C LEU D 692 -33.43 12.07 -40.03
N GLN D 693 -34.19 12.76 -40.87
CA GLN D 693 -34.99 12.09 -41.88
C GLN D 693 -34.21 12.00 -43.19
N GLU D 694 -34.17 10.80 -43.76
CA GLU D 694 -33.57 10.57 -45.08
C GLU D 694 -34.51 11.13 -46.14
N VAL D 695 -34.11 12.27 -46.73
CA VAL D 695 -34.95 12.97 -47.69
C VAL D 695 -34.48 12.80 -49.12
N GLY D 696 -33.22 12.47 -49.33
CA GLY D 696 -32.70 12.24 -50.67
C GLY D 696 -32.11 10.84 -50.76
N LEU D 697 -32.46 10.12 -51.82
CA LEU D 697 -31.97 8.78 -52.08
C LEU D 697 -31.58 8.69 -53.55
N PHE D 698 -30.43 8.08 -53.83
CA PHE D 698 -29.94 8.03 -55.21
C PHE D 698 -28.94 6.88 -55.32
N HIS D 699 -29.15 6.02 -56.32
CA HIS D 699 -28.22 4.95 -56.60
C HIS D 699 -27.07 5.51 -57.45
N LEU D 700 -25.90 5.63 -56.85
CA LEU D 700 -24.78 6.22 -57.58
C LEU D 700 -24.20 5.22 -58.57
N GLY D 701 -24.06 3.97 -58.16
CA GLY D 701 -23.40 2.97 -58.96
C GLY D 701 -21.92 2.88 -58.73
N GLU D 702 -21.35 3.76 -57.92
CA GLU D 702 -19.94 3.78 -57.60
C GLU D 702 -19.80 3.65 -56.08
N PHE D 703 -18.60 3.32 -55.63
CA PHE D 703 -18.29 3.18 -54.21
C PHE D 703 -17.48 4.41 -53.79
N VAL D 704 -18.07 5.24 -52.95
CA VAL D 704 -17.46 6.51 -52.57
C VAL D 704 -16.56 6.32 -51.36
N ASN D 705 -15.27 6.60 -51.53
CA ASN D 705 -14.35 6.53 -50.40
C ASN D 705 -14.19 7.85 -49.69
N VAL D 706 -14.32 8.98 -50.39
CA VAL D 706 -13.94 10.26 -49.81
C VAL D 706 -14.84 11.37 -50.37
N PHE D 707 -15.39 12.19 -49.48
CA PHE D 707 -16.04 13.43 -49.87
C PHE D 707 -15.11 14.60 -49.55
N CYS D 708 -15.10 15.60 -50.43
CA CYS D 708 -14.16 16.71 -50.34
C CYS D 708 -14.80 17.96 -50.93
N HIS D 709 -14.97 18.99 -50.09
CA HIS D 709 -15.49 20.26 -50.57
C HIS D 709 -14.47 20.94 -51.48
N GLY D 710 -14.91 21.38 -52.66
CA GLY D 710 -14.01 22.07 -53.57
C GLY D 710 -14.47 21.95 -55.00
N SER D 711 -13.77 22.67 -55.87
CA SER D 711 -14.03 22.59 -57.31
C SER D 711 -12.71 22.73 -58.07
N LEU D 712 -12.69 22.13 -59.26
CA LEU D 712 -11.54 22.17 -60.15
C LEU D 712 -11.69 23.23 -61.25
N VAL D 713 -12.82 23.94 -61.25
CA VAL D 713 -13.09 24.98 -62.22
C VAL D 713 -12.63 26.31 -61.65
N MET D 714 -12.35 27.26 -62.52
CA MET D 714 -11.92 28.58 -62.08
C MET D 714 -13.05 29.30 -61.36
N GLN D 715 -12.78 29.67 -60.11
CA GLN D 715 -13.69 30.43 -59.25
C GLN D 715 -13.26 31.91 -59.30
N ASN D 716 -14.00 32.72 -60.02
CA ASN D 716 -13.69 34.13 -60.13
C ASN D 716 -14.30 34.91 -58.97
N LEU D 717 -13.48 35.76 -58.33
CA LEU D 717 -13.97 36.46 -57.14
C LEU D 717 -15.22 37.25 -57.47
N GLY D 718 -15.35 37.68 -58.72
CA GLY D 718 -16.57 38.35 -59.13
C GLY D 718 -17.77 37.47 -58.87
N GLU D 719 -18.85 38.09 -58.38
CA GLU D 719 -20.03 37.31 -58.05
C GLU D 719 -20.77 36.94 -59.33
N THR D 720 -21.03 35.64 -59.49
CA THR D 720 -21.81 35.10 -60.59
C THR D 720 -23.00 34.36 -59.99
N SER D 721 -24.18 34.58 -60.56
CA SER D 721 -25.37 33.89 -60.07
C SER D 721 -25.47 32.52 -60.74
N THR D 722 -24.79 31.54 -60.14
CA THR D 722 -24.86 30.18 -60.67
C THR D 722 -26.14 29.53 -60.16
N PRO D 723 -26.78 28.68 -60.97
CA PRO D 723 -27.95 27.94 -60.47
C PRO D 723 -27.61 26.93 -59.38
N THR D 724 -26.40 26.38 -59.42
CA THR D 724 -25.97 25.41 -58.43
C THR D 724 -25.37 26.14 -57.25
N GLN D 725 -25.64 25.62 -56.06
CA GLN D 725 -25.09 26.15 -54.82
C GLN D 725 -24.25 25.07 -54.16
N GLY D 726 -22.96 25.35 -53.96
CA GLY D 726 -22.07 24.40 -53.33
C GLY D 726 -21.35 23.51 -54.34
N SER D 727 -20.28 22.87 -53.86
CA SER D 727 -19.50 21.94 -54.67
C SER D 727 -18.81 20.95 -53.74
N VAL D 728 -19.21 19.69 -53.81
CA VAL D 728 -18.56 18.60 -53.08
C VAL D 728 -18.08 17.59 -54.12
N LEU D 729 -16.78 17.29 -54.12
CA LEU D 729 -16.18 16.27 -54.98
C LEU D 729 -16.08 14.94 -54.25
N PHE D 730 -16.17 13.84 -55.01
CA PHE D 730 -16.00 12.53 -54.39
C PHE D 730 -15.17 11.60 -55.27
N GLY D 731 -14.30 10.81 -54.61
CA GLY D 731 -13.47 9.83 -55.27
C GLY D 731 -13.98 8.44 -54.98
N THR D 732 -13.83 7.55 -55.94
CA THR D 732 -14.44 6.23 -55.88
C THR D 732 -13.44 5.14 -56.20
N VAL D 733 -13.90 3.90 -56.00
CA VAL D 733 -13.04 2.72 -56.15
C VAL D 733 -12.64 2.51 -57.59
N ASN D 734 -13.50 2.85 -58.54
CA ASN D 734 -13.24 2.65 -59.95
C ASN D 734 -12.57 3.85 -60.59
N GLY D 735 -12.09 4.81 -59.80
CA GLY D 735 -11.45 5.98 -60.33
C GLY D 735 -12.39 7.10 -60.71
N MET D 736 -13.69 6.83 -60.79
CA MET D 736 -14.67 7.86 -61.09
C MET D 736 -14.59 9.00 -60.08
N ILE D 737 -14.53 10.23 -60.58
CA ILE D 737 -14.63 11.43 -59.75
C ILE D 737 -15.93 12.13 -60.08
N GLY D 738 -16.69 12.50 -59.04
CA GLY D 738 -17.99 13.11 -59.20
C GLY D 738 -18.15 14.36 -58.36
N LEU D 739 -19.31 15.01 -58.52
CA LEU D 739 -19.58 16.27 -57.86
C LEU D 739 -21.03 16.29 -57.42
N VAL D 740 -21.24 16.73 -56.17
CA VAL D 740 -22.57 16.90 -55.60
C VAL D 740 -22.74 18.38 -55.29
N THR D 741 -23.89 18.92 -55.71
CA THR D 741 -24.24 20.31 -55.46
C THR D 741 -25.73 20.35 -55.17
N SER D 742 -26.17 21.40 -54.51
CA SER D 742 -27.57 21.55 -54.14
C SER D 742 -28.27 22.51 -55.10
N LEU D 743 -29.60 22.42 -55.12
CA LEU D 743 -30.41 23.23 -56.01
C LEU D 743 -31.48 23.98 -55.23
N SER D 744 -32.00 25.05 -55.83
CA SER D 744 -33.19 25.69 -55.31
C SER D 744 -34.41 24.87 -55.72
N GLU D 745 -35.49 25.02 -54.96
CA GLU D 745 -36.70 24.29 -55.30
C GLU D 745 -37.12 24.59 -56.74
N SER D 746 -37.00 25.85 -57.15
CA SER D 746 -37.36 26.21 -58.52
C SER D 746 -36.57 25.35 -59.51
N TRP D 747 -35.28 25.17 -59.25
CA TRP D 747 -34.41 24.46 -60.18
C TRP D 747 -34.62 22.96 -60.17
N TYR D 748 -34.80 22.36 -59.00
CA TYR D 748 -35.05 20.92 -58.93
C TYR D 748 -36.23 20.54 -59.80
N ASN D 749 -37.35 21.22 -59.63
CA ASN D 749 -38.55 20.88 -60.40
C ASN D 749 -38.32 20.98 -61.90
N LEU D 750 -37.66 22.03 -62.38
CA LEU D 750 -37.40 22.08 -63.83
C LEU D 750 -36.58 20.87 -64.26
N LEU D 751 -35.45 20.63 -63.59
CA LEU D 751 -34.54 19.57 -64.01
C LEU D 751 -35.18 18.21 -63.86
N LEU D 752 -35.98 18.02 -62.81
CA LEU D 752 -36.70 16.76 -62.65
C LEU D 752 -37.67 16.56 -63.80
N ASP D 753 -38.41 17.61 -64.17
CA ASP D 753 -39.35 17.53 -65.28
C ASP D 753 -38.63 17.14 -66.57
N MET D 754 -37.43 17.69 -66.81
CA MET D 754 -36.73 17.35 -68.04
C MET D 754 -36.24 15.90 -68.04
N GLN D 755 -35.90 15.36 -66.88
CA GLN D 755 -35.51 13.96 -66.80
C GLN D 755 -36.63 13.07 -67.31
N ASN D 756 -37.83 13.24 -66.75
CA ASN D 756 -38.98 12.47 -67.21
C ASN D 756 -39.23 12.65 -68.70
N ARG D 757 -38.93 13.84 -69.24
CA ARG D 757 -39.05 14.08 -70.67
C ARG D 757 -37.93 13.43 -71.46
N LEU D 758 -36.70 13.60 -70.98
CA LEU D 758 -35.55 13.03 -71.66
C LEU D 758 -35.65 11.52 -71.71
N ASN D 759 -36.21 10.92 -70.67
CA ASN D 759 -36.26 9.46 -70.59
C ASN D 759 -37.21 8.87 -71.62
N LYS D 760 -38.23 9.62 -72.03
CA LYS D 760 -39.10 9.16 -73.12
C LYS D 760 -38.38 9.24 -74.47
N VAL D 761 -37.41 10.14 -74.59
CA VAL D 761 -36.79 10.45 -75.87
C VAL D 761 -35.56 9.59 -76.14
N ILE D 762 -34.75 9.36 -75.11
CA ILE D 762 -33.43 8.73 -75.29
C ILE D 762 -33.58 7.22 -75.25
N LYS D 763 -32.97 6.54 -76.21
CA LYS D 763 -32.96 5.09 -76.26
C LYS D 763 -31.75 4.62 -75.46
N SER D 764 -31.97 3.78 -74.44
CA SER D 764 -30.88 3.30 -73.61
C SER D 764 -30.38 1.95 -74.13
N VAL D 765 -29.09 1.69 -73.93
CA VAL D 765 -28.53 0.39 -74.30
C VAL D 765 -29.17 -0.68 -73.43
N GLY D 766 -29.66 -1.74 -74.07
CA GLY D 766 -30.35 -2.77 -73.35
C GLY D 766 -31.76 -2.41 -72.92
N LYS D 767 -32.24 -1.23 -73.30
CA LYS D 767 -33.58 -0.77 -72.96
C LYS D 767 -33.85 -0.90 -71.45
N ILE D 768 -32.91 -0.39 -70.67
CA ILE D 768 -33.04 -0.36 -69.21
C ILE D 768 -33.68 0.96 -68.79
N GLU D 769 -34.80 0.87 -68.07
CA GLU D 769 -35.50 2.06 -67.58
C GLU D 769 -34.61 2.85 -66.63
N HIS D 770 -34.44 4.15 -66.93
CA HIS D 770 -33.57 4.99 -66.11
C HIS D 770 -34.05 5.06 -64.67
N SER D 771 -35.36 5.23 -64.46
CA SER D 771 -35.88 5.37 -63.11
C SER D 771 -35.50 4.16 -62.26
N PHE D 772 -35.48 2.97 -62.87
CA PHE D 772 -35.03 1.76 -62.17
C PHE D 772 -33.55 1.85 -61.81
N TRP D 773 -32.71 2.23 -62.77
CA TRP D 773 -31.27 2.28 -62.55
C TRP D 773 -30.91 3.17 -61.36
N ARG D 774 -31.44 4.39 -61.33
CA ARG D 774 -31.08 5.29 -60.25
C ARG D 774 -31.88 5.08 -58.97
N SER D 775 -32.80 4.10 -58.94
CA SER D 775 -33.52 3.80 -57.70
C SER D 775 -32.61 3.22 -56.62
N PHE D 776 -32.80 3.70 -55.39
CA PHE D 776 -32.08 3.21 -54.22
C PHE D 776 -32.19 1.69 -54.09
N HIS D 777 -31.05 1.04 -53.86
CA HIS D 777 -31.06 -0.42 -53.88
C HIS D 777 -30.03 -1.05 -52.96
N THR D 778 -30.51 -1.87 -52.04
CA THR D 778 -29.74 -2.84 -51.28
C THR D 778 -30.33 -4.21 -51.54
N GLU D 779 -29.67 -5.26 -51.02
CA GLU D 779 -30.25 -6.59 -51.16
C GLU D 779 -31.64 -6.66 -50.54
N ARG D 780 -31.97 -5.77 -49.62
CA ARG D 780 -33.22 -5.83 -48.88
C ARG D 780 -34.24 -4.79 -49.28
N LYS D 781 -33.82 -3.65 -49.81
CA LYS D 781 -34.78 -2.63 -50.21
C LYS D 781 -34.49 -2.08 -51.59
N THR D 782 -35.55 -1.63 -52.24
CA THR D 782 -35.47 -0.85 -53.47
C THR D 782 -36.51 0.25 -53.32
N GLU D 783 -36.05 1.50 -53.38
CA GLU D 783 -36.90 2.66 -53.26
C GLU D 783 -36.66 3.56 -54.48
N PRO D 784 -37.69 4.28 -54.92
CA PRO D 784 -37.46 5.23 -56.01
C PRO D 784 -36.56 6.36 -55.55
N ALA D 785 -35.69 6.82 -56.45
CA ALA D 785 -34.80 7.92 -56.11
C ALA D 785 -35.61 9.16 -55.82
N THR D 786 -35.09 9.99 -54.92
CA THR D 786 -35.77 11.23 -54.56
C THR D 786 -34.72 12.25 -54.14
N GLY D 787 -34.96 13.50 -54.51
CA GLY D 787 -34.07 14.59 -54.11
C GLY D 787 -32.78 14.69 -54.87
N PHE D 788 -32.61 13.96 -55.97
CA PHE D 788 -31.36 13.95 -56.72
C PHE D 788 -31.63 14.08 -58.20
N ILE D 789 -30.92 15.00 -58.87
CA ILE D 789 -30.99 15.15 -60.32
C ILE D 789 -29.79 14.45 -60.93
N ASP D 790 -30.04 13.51 -61.83
CA ASP D 790 -28.97 12.81 -62.53
C ASP D 790 -28.35 13.77 -63.54
N GLY D 791 -27.33 14.52 -63.09
CA GLY D 791 -26.74 15.53 -63.95
C GLY D 791 -26.18 14.96 -65.24
N ASP D 792 -25.76 13.69 -65.23
CA ASP D 792 -25.29 13.09 -66.47
C ASP D 792 -26.41 12.97 -67.48
N LEU D 793 -27.64 12.76 -67.02
CA LEU D 793 -28.80 12.74 -67.91
C LEU D 793 -29.13 14.12 -68.44
N ILE D 794 -29.13 15.12 -67.55
CA ILE D 794 -29.41 16.48 -67.99
C ILE D 794 -28.40 16.91 -69.05
N GLU D 795 -27.12 16.59 -68.85
CA GLU D 795 -26.08 17.00 -69.78
C GLU D 795 -26.11 16.24 -71.10
N SER D 796 -26.95 15.22 -71.24
CA SER D 796 -27.09 14.55 -72.53
C SER D 796 -28.10 15.24 -73.44
N PHE D 797 -28.89 16.17 -72.89
CA PHE D 797 -29.81 16.97 -73.70
C PHE D 797 -29.05 17.70 -74.81
N LEU D 798 -27.82 18.12 -74.53
CA LEU D 798 -27.02 18.83 -75.51
C LEU D 798 -26.55 17.93 -76.65
N ASP D 799 -26.59 16.61 -76.46
CA ASP D 799 -26.09 15.69 -77.48
C ASP D 799 -27.17 15.03 -78.33
N ILE D 800 -28.44 15.24 -78.03
CA ILE D 800 -29.51 14.67 -78.85
C ILE D 800 -29.81 15.62 -80.01
N SER D 801 -30.39 15.06 -81.08
CA SER D 801 -30.69 15.86 -82.25
C SER D 801 -31.70 16.94 -81.87
N ARG D 802 -31.63 18.10 -82.55
CA ARG D 802 -32.60 19.14 -82.27
C ARG D 802 -34.02 18.62 -82.48
N PRO D 803 -34.30 17.80 -83.49
CA PRO D 803 -35.64 17.19 -83.59
C PRO D 803 -36.12 16.59 -82.28
N LYS D 804 -35.22 15.94 -81.54
CA LYS D 804 -35.59 15.37 -80.24
C LYS D 804 -35.62 16.45 -79.15
N MET D 805 -34.74 17.44 -79.24
CA MET D 805 -34.80 18.56 -78.32
C MET D 805 -36.15 19.26 -78.39
N GLN D 806 -36.65 19.49 -79.60
CA GLN D 806 -37.95 20.11 -79.78
C GLN D 806 -39.05 19.22 -79.22
N GLU D 807 -38.89 17.90 -79.33
CA GLU D 807 -39.81 16.98 -78.66
C GLU D 807 -39.78 17.15 -77.15
N VAL D 808 -38.58 17.33 -76.59
CA VAL D 808 -38.44 17.37 -75.13
C VAL D 808 -39.17 18.56 -74.55
N VAL D 809 -39.14 19.70 -75.24
CA VAL D 809 -39.70 20.93 -74.70
C VAL D 809 -41.18 21.12 -75.03
N ALA D 810 -41.81 20.16 -75.68
CA ALA D 810 -43.21 20.31 -76.01
C ALA D 810 -44.02 20.49 -74.72
N ASN D 811 -44.93 21.47 -74.74
CA ASN D 811 -45.80 21.81 -73.61
C ASN D 811 -45.03 22.12 -72.33
N LEU D 812 -43.78 22.56 -72.43
CA LEU D 812 -42.95 22.91 -71.29
C LEU D 812 -42.96 24.42 -71.07
N GLN D 813 -43.09 24.84 -69.81
CA GLN D 813 -43.11 26.25 -69.43
C GLN D 813 -41.79 26.64 -68.79
N TYR D 814 -41.19 27.70 -69.30
CA TYR D 814 -39.90 28.22 -68.86
C TYR D 814 -40.06 29.41 -67.93
N ASP D 815 -39.08 29.57 -67.02
CA ASP D 815 -39.03 30.77 -66.19
C ASP D 815 -37.82 31.58 -66.65
N ASP D 816 -38.05 32.84 -67.01
CA ASP D 816 -36.98 33.78 -67.32
C ASP D 816 -36.38 34.38 -66.05
N GLY D 817 -36.93 34.06 -64.89
CA GLY D 817 -36.66 34.90 -63.75
C GLY D 817 -37.28 36.27 -63.92
N SER D 818 -38.14 36.40 -64.92
CA SER D 818 -38.92 37.61 -65.19
C SER D 818 -40.31 37.46 -64.63
N GLY D 819 -40.53 36.45 -63.79
CA GLY D 819 -41.82 36.16 -63.24
C GLY D 819 -42.79 35.58 -64.23
N MET D 820 -42.46 35.58 -65.51
CA MET D 820 -43.31 35.03 -66.55
C MET D 820 -42.89 33.61 -66.91
N LYS D 821 -43.87 32.72 -67.03
CA LYS D 821 -43.65 31.35 -67.47
C LYS D 821 -44.21 31.31 -68.90
N ARG D 822 -43.35 30.98 -69.86
CA ARG D 822 -43.65 31.06 -71.28
C ARG D 822 -43.24 29.74 -71.90
N GLU D 823 -43.92 29.34 -72.97
CA GLU D 823 -43.56 28.08 -73.62
C GLU D 823 -42.05 28.09 -73.81
N ALA D 824 -41.39 27.04 -73.34
CA ALA D 824 -39.93 27.02 -73.30
C ALA D 824 -39.40 26.63 -74.66
N THR D 825 -38.46 27.41 -75.19
CA THR D 825 -37.93 27.01 -76.48
C THR D 825 -36.64 26.22 -76.26
N ALA D 826 -36.28 25.46 -77.29
CA ALA D 826 -35.14 24.55 -77.17
C ALA D 826 -33.87 25.30 -76.86
N ASP D 827 -33.70 26.49 -77.42
CA ASP D 827 -32.50 27.27 -77.18
C ASP D 827 -32.36 27.67 -75.71
N ASP D 828 -33.50 27.93 -75.05
CA ASP D 828 -33.46 28.28 -73.64
C ASP D 828 -32.90 27.15 -72.81
N LEU D 829 -33.37 25.92 -73.08
CA LEU D 829 -32.89 24.76 -72.33
C LEU D 829 -31.42 24.48 -72.64
N ILE D 830 -31.01 24.69 -73.89
CA ILE D 830 -29.62 24.49 -74.27
C ILE D 830 -28.70 25.43 -73.49
N LYS D 831 -29.15 26.68 -73.28
CA LYS D 831 -28.38 27.62 -72.48
C LYS D 831 -28.35 27.21 -71.02
N VAL D 832 -29.48 26.72 -70.50
CA VAL D 832 -29.53 26.29 -69.11
C VAL D 832 -28.58 25.13 -68.88
N VAL D 833 -28.66 24.10 -69.72
CA VAL D 833 -27.82 22.92 -69.56
C VAL D 833 -26.35 23.31 -69.72
N GLU D 834 -26.07 24.22 -70.66
CA GLU D 834 -24.69 24.63 -70.87
C GLU D 834 -24.13 25.29 -69.62
N GLU D 835 -24.98 26.04 -68.89
CA GLU D 835 -24.57 26.59 -67.61
C GLU D 835 -24.23 25.48 -66.63
N LEU D 836 -25.00 24.39 -66.65
CA LEU D 836 -24.74 23.29 -65.74
C LEU D 836 -23.48 22.51 -66.12
N THR D 837 -23.04 22.58 -67.38
CA THR D 837 -21.78 21.91 -67.69
C THR D 837 -20.58 22.70 -67.16
N ARG D 838 -20.80 23.90 -66.66
CA ARG D 838 -19.69 24.73 -66.20
C ARG D 838 -19.40 24.56 -64.72
N ILE D 839 -20.11 23.65 -64.03
CA ILE D 839 -19.80 23.42 -62.63
C ILE D 839 -18.66 22.43 -62.46
N HIS D 840 -18.21 21.81 -63.55
CA HIS D 840 -17.14 20.82 -63.51
C HIS D 840 -16.30 20.84 -64.77
N THR E 7 -35.02 -2.43 -0.74
CA THR E 7 -34.76 -3.76 -1.27
C THR E 7 -34.82 -3.75 -2.81
N GLU E 8 -34.47 -4.89 -3.39
CA GLU E 8 -34.47 -5.04 -4.85
C GLU E 8 -35.86 -4.95 -5.47
N SER E 9 -36.91 -5.07 -4.67
CA SER E 9 -38.27 -5.18 -5.19
C SER E 9 -39.02 -3.84 -5.23
N ASP E 10 -38.50 -2.80 -4.59
CA ASP E 10 -39.22 -1.54 -4.41
C ASP E 10 -39.04 -0.64 -5.65
N TRP E 11 -39.74 -1.03 -6.72
CA TRP E 11 -39.65 -0.32 -7.99
C TRP E 11 -40.40 1.00 -7.94
N GLY E 12 -40.00 1.93 -8.82
CA GLY E 12 -40.66 3.20 -8.95
C GLY E 12 -40.14 4.29 -8.04
N LYS E 13 -39.25 3.95 -7.10
CA LYS E 13 -38.78 4.88 -6.08
C LYS E 13 -37.42 5.49 -6.43
N ARG E 14 -36.49 4.68 -6.94
CA ARG E 14 -35.15 5.14 -7.29
C ARG E 14 -35.22 6.17 -8.41
N CYS E 15 -34.25 7.08 -8.45
CA CYS E 15 -34.23 8.14 -9.44
C CYS E 15 -33.46 7.72 -10.69
N VAL E 16 -33.77 8.36 -11.82
CA VAL E 16 -32.98 8.13 -13.03
C VAL E 16 -31.61 8.80 -12.93
N ASP E 17 -31.37 9.58 -11.86
CA ASP E 17 -30.03 10.08 -11.59
C ASP E 17 -29.02 8.96 -11.43
N LYS E 18 -29.46 7.81 -10.96
CA LYS E 18 -28.56 6.69 -10.72
C LYS E 18 -28.06 6.08 -12.03
N PHE E 19 -28.53 6.59 -13.17
CA PHE E 19 -28.04 6.16 -14.48
C PHE E 19 -27.39 7.35 -15.16
N ASP E 20 -26.19 7.10 -15.69
CA ASP E 20 -25.50 8.03 -16.56
C ASP E 20 -25.98 7.75 -17.99
N ILE E 21 -26.67 8.71 -18.60
CA ILE E 21 -27.24 8.51 -19.93
C ILE E 21 -26.14 8.54 -20.97
N ILE E 22 -26.11 7.53 -21.84
CA ILE E 22 -25.12 7.48 -22.91
C ILE E 22 -25.67 8.07 -24.21
N GLY E 23 -26.92 7.81 -24.54
CA GLY E 23 -27.48 8.35 -25.76
C GLY E 23 -28.76 7.65 -26.17
N ILE E 24 -29.41 8.25 -27.16
CA ILE E 24 -30.68 7.77 -27.68
C ILE E 24 -30.41 6.69 -28.71
N ILE E 25 -31.05 5.53 -28.56
CA ILE E 25 -30.85 4.41 -29.46
C ILE E 25 -32.08 4.05 -30.26
N GLY E 26 -33.23 4.58 -29.91
CA GLY E 26 -34.42 4.32 -30.69
C GLY E 26 -35.60 5.11 -30.17
N GLU E 27 -36.54 5.40 -31.06
CA GLU E 27 -37.83 5.97 -30.68
C GLU E 27 -38.80 4.82 -30.45
N GLY E 28 -39.35 4.76 -29.24
CA GLY E 28 -40.23 3.69 -28.84
C GLY E 28 -41.67 4.00 -29.19
N THR E 29 -42.58 3.39 -28.43
CA THR E 29 -44.00 3.65 -28.64
C THR E 29 -44.53 4.74 -27.72
N TYR E 30 -44.18 4.65 -26.44
CA TYR E 30 -44.62 5.56 -25.39
C TYR E 30 -43.49 6.49 -24.96
N GLY E 31 -42.37 6.45 -25.67
CA GLY E 31 -41.21 7.24 -25.34
C GLY E 31 -40.02 6.69 -26.10
N GLN E 32 -38.89 7.38 -25.93
CA GLN E 32 -37.65 6.98 -26.54
C GLN E 32 -36.96 5.88 -25.73
N VAL E 33 -35.98 5.23 -26.35
CA VAL E 33 -35.17 4.21 -25.67
C VAL E 33 -33.75 4.75 -25.59
N TYR E 34 -33.21 4.83 -24.38
CA TYR E 34 -31.87 5.33 -24.14
C TYR E 34 -30.94 4.20 -23.70
N LYS E 35 -29.66 4.34 -24.02
CA LYS E 35 -28.60 3.53 -23.44
C LYS E 35 -27.98 4.28 -22.26
N ALA E 36 -27.69 3.56 -21.19
CA ALA E 36 -27.16 4.21 -19.99
C ALA E 36 -26.33 3.22 -19.18
N LYS E 37 -25.54 3.76 -18.25
CA LYS E 37 -24.69 2.98 -17.36
C LYS E 37 -25.08 3.26 -15.92
N ASP E 38 -25.22 2.19 -15.14
CA ASP E 38 -25.48 2.33 -13.72
C ASP E 38 -24.25 2.99 -13.09
N LYS E 39 -24.46 4.10 -12.41
CA LYS E 39 -23.31 4.79 -11.82
C LYS E 39 -22.67 3.90 -10.75
N ASP E 40 -23.48 3.07 -10.09
CA ASP E 40 -22.98 2.27 -8.98
C ASP E 40 -22.34 0.97 -9.45
N THR E 41 -22.97 0.25 -10.39
CA THR E 41 -22.45 -1.06 -10.76
C THR E 41 -21.62 -1.06 -12.03
N GLY E 42 -21.71 -0.03 -12.85
CA GLY E 42 -21.03 -0.03 -14.13
C GLY E 42 -21.75 -0.80 -15.21
N GLU E 43 -22.91 -1.35 -14.88
CA GLU E 43 -23.70 -2.09 -15.84
C GLU E 43 -24.25 -1.19 -16.93
N LEU E 44 -24.35 -1.73 -18.14
CA LEU E 44 -25.04 -1.04 -19.23
C LEU E 44 -26.49 -1.48 -19.24
N VAL E 45 -27.40 -0.52 -19.44
CA VAL E 45 -28.82 -0.77 -19.41
C VAL E 45 -29.46 -0.01 -20.57
N ALA E 46 -30.70 -0.39 -20.88
CA ALA E 46 -31.54 0.36 -21.80
C ALA E 46 -32.70 0.96 -21.02
N LEU E 47 -33.02 2.22 -21.32
CA LEU E 47 -34.11 2.91 -20.65
C LEU E 47 -35.21 3.20 -21.67
N LYS E 48 -36.39 2.62 -21.43
CA LYS E 48 -37.59 3.01 -22.15
C LYS E 48 -38.25 4.13 -21.35
N LYS E 49 -38.34 5.31 -21.94
CA LYS E 49 -38.97 6.42 -21.25
C LYS E 49 -40.48 6.26 -21.40
N VAL E 50 -41.19 6.34 -20.28
CA VAL E 50 -42.65 6.31 -20.27
C VAL E 50 -43.11 7.69 -19.84
N ARG E 51 -43.91 8.33 -20.69
CA ARG E 51 -44.39 9.68 -20.45
C ARG E 51 -45.86 9.59 -20.08
N LEU E 52 -46.19 10.07 -18.88
CA LEU E 52 -47.57 10.16 -18.44
C LEU E 52 -48.11 11.58 -18.50
N ASP E 53 -47.37 12.51 -19.10
CA ASP E 53 -47.81 13.90 -19.20
C ASP E 53 -49.04 14.09 -20.08
N ASN E 54 -49.32 13.16 -20.99
CA ASN E 54 -50.53 13.29 -21.80
C ASN E 54 -51.79 13.34 -20.94
N GLU E 55 -51.89 12.48 -19.93
CA GLU E 55 -53.00 12.49 -18.99
C GLU E 55 -54.32 12.30 -19.70
N LYS E 56 -54.28 11.88 -20.98
CA LYS E 56 -55.50 11.44 -21.65
C LYS E 56 -56.05 10.19 -20.97
N GLU E 57 -55.21 9.19 -20.78
CA GLU E 57 -55.54 8.00 -20.01
C GLU E 57 -54.41 7.67 -19.04
N GLY E 58 -53.57 8.65 -18.71
CA GLY E 58 -52.55 8.41 -17.71
C GLY E 58 -51.45 7.51 -18.23
N PHE E 59 -50.99 6.63 -17.34
CA PHE E 59 -49.91 5.70 -17.68
C PHE E 59 -50.30 4.86 -18.89
N PRO E 60 -49.46 4.81 -19.93
CA PRO E 60 -49.87 4.13 -21.16
C PRO E 60 -50.12 2.65 -20.91
N ILE E 61 -51.17 2.13 -21.52
CA ILE E 61 -51.45 0.70 -21.36
C ILE E 61 -50.32 -0.12 -21.98
N THR E 62 -49.75 0.37 -23.09
CA THR E 62 -48.59 -0.29 -23.68
C THR E 62 -47.54 -0.60 -22.63
N ALA E 63 -47.23 0.41 -21.80
CA ALA E 63 -46.24 0.22 -20.75
C ALA E 63 -46.77 -0.68 -19.65
N ILE E 64 -48.06 -0.56 -19.32
CA ILE E 64 -48.63 -1.45 -18.31
C ILE E 64 -48.49 -2.89 -18.73
N ARG E 65 -48.77 -3.18 -20.00
CA ARG E 65 -48.65 -4.56 -20.46
C ARG E 65 -47.23 -5.07 -20.29
N GLU E 66 -46.24 -4.27 -20.69
CA GLU E 66 -44.86 -4.72 -20.66
C GLU E 66 -44.36 -4.90 -19.22
N ILE E 67 -44.86 -4.08 -18.30
CA ILE E 67 -44.49 -4.24 -16.89
C ILE E 67 -45.16 -5.47 -16.32
N LYS E 68 -46.47 -5.59 -16.55
CA LYS E 68 -47.24 -6.71 -16.02
C LYS E 68 -46.71 -8.04 -16.54
N ILE E 69 -46.37 -8.11 -17.82
CA ILE E 69 -46.02 -9.40 -18.41
C ILE E 69 -44.56 -9.74 -18.15
N LEU E 70 -43.65 -8.77 -18.28
CA LEU E 70 -42.24 -9.07 -18.13
C LEU E 70 -41.79 -9.23 -16.68
N ARG E 71 -42.60 -8.82 -15.70
CA ARG E 71 -42.30 -9.24 -14.33
C ARG E 71 -42.80 -10.65 -14.04
N GLN E 72 -43.58 -11.23 -14.96
CA GLN E 72 -43.98 -12.63 -14.84
C GLN E 72 -43.05 -13.56 -15.58
N LEU E 73 -42.55 -13.14 -16.74
CA LEU E 73 -41.79 -14.02 -17.62
C LEU E 73 -40.33 -13.96 -17.26
N ILE E 74 -39.75 -15.13 -17.01
CA ILE E 74 -38.33 -15.25 -16.74
C ILE E 74 -37.83 -16.38 -17.63
N HIS E 75 -37.19 -16.02 -18.74
CA HIS E 75 -36.59 -16.98 -19.64
C HIS E 75 -35.35 -16.33 -20.24
N ARG E 76 -34.35 -17.16 -20.54
CA ARG E 76 -33.12 -16.61 -21.10
C ARG E 76 -33.35 -15.95 -22.45
N SER E 77 -34.41 -16.34 -23.16
CA SER E 77 -34.71 -15.83 -24.48
C SER E 77 -35.82 -14.79 -24.44
N VAL E 78 -36.17 -14.29 -23.25
CA VAL E 78 -37.12 -13.19 -23.11
C VAL E 78 -36.39 -12.03 -22.46
N VAL E 79 -36.66 -10.83 -22.94
CA VAL E 79 -35.91 -9.68 -22.47
C VAL E 79 -36.22 -9.47 -21.00
N ASN E 80 -35.24 -8.99 -20.24
CA ASN E 80 -35.35 -8.92 -18.80
C ASN E 80 -35.52 -7.48 -18.35
N MET E 81 -36.59 -7.21 -17.61
CA MET E 81 -36.81 -5.90 -17.02
C MET E 81 -36.25 -5.89 -15.61
N LYS E 82 -35.30 -4.99 -15.36
CA LYS E 82 -34.59 -4.98 -14.09
C LYS E 82 -35.28 -4.10 -13.04
N GLU E 83 -35.75 -2.93 -13.42
CA GLU E 83 -36.45 -2.06 -12.49
C GLU E 83 -37.12 -0.92 -13.24
N ILE E 84 -37.82 -0.06 -12.49
CA ILE E 84 -38.44 1.15 -13.00
C ILE E 84 -37.98 2.32 -12.14
N VAL E 85 -37.48 3.37 -12.78
CA VAL E 85 -36.97 4.54 -12.09
C VAL E 85 -37.72 5.78 -12.56
N THR E 86 -37.57 6.86 -11.81
CA THR E 86 -38.38 8.05 -12.00
C THR E 86 -37.49 9.28 -12.20
N ASP E 87 -38.03 10.25 -12.93
CA ASP E 87 -37.42 11.57 -13.00
C ASP E 87 -37.43 12.16 -11.59
N LYS E 88 -36.55 13.14 -11.35
CA LYS E 88 -36.53 13.69 -10.00
C LYS E 88 -37.92 14.20 -9.64
N GLN E 89 -38.53 13.57 -8.64
CA GLN E 89 -39.86 13.94 -8.16
C GLN E 89 -39.72 14.88 -6.96
N ASP E 90 -39.06 16.02 -7.24
CA ASP E 90 -38.78 16.99 -6.19
C ASP E 90 -40.02 17.72 -5.69
N ALA E 91 -40.97 18.02 -6.58
CA ALA E 91 -42.19 18.73 -6.19
C ALA E 91 -42.68 18.32 -4.80
N LEU E 92 -42.88 19.31 -3.93
CA LEU E 92 -43.46 19.02 -2.62
C LEU E 92 -44.86 18.45 -2.76
N ASP E 93 -45.62 18.91 -3.75
CA ASP E 93 -46.97 18.42 -3.99
C ASP E 93 -46.91 17.37 -5.08
N PHE E 94 -47.53 16.20 -4.84
CA PHE E 94 -47.59 15.19 -5.89
C PHE E 94 -48.44 15.69 -7.05
N LYS E 95 -49.39 16.60 -6.75
CA LYS E 95 -50.24 17.15 -7.80
C LYS E 95 -49.39 17.88 -8.83
N LYS E 96 -48.35 18.58 -8.37
CA LYS E 96 -47.46 19.29 -9.29
C LYS E 96 -46.64 18.34 -10.17
N ASP E 97 -46.23 17.19 -9.63
CA ASP E 97 -45.31 16.31 -10.35
C ASP E 97 -45.80 16.01 -11.75
N LYS E 98 -44.91 16.22 -12.73
CA LYS E 98 -45.18 15.88 -14.12
C LYS E 98 -44.05 15.04 -14.72
N GLY E 99 -43.13 14.57 -13.89
CA GLY E 99 -42.00 13.80 -14.36
C GLY E 99 -42.42 12.48 -14.95
N ALA E 100 -41.48 11.84 -15.64
CA ALA E 100 -41.71 10.58 -16.32
C ALA E 100 -41.12 9.42 -15.53
N PHE E 101 -41.44 8.21 -15.99
CA PHE E 101 -40.91 6.97 -15.47
C PHE E 101 -40.07 6.34 -16.58
N TYR E 102 -39.05 5.57 -16.18
CA TYR E 102 -38.17 4.88 -17.12
C TYR E 102 -38.17 3.40 -16.80
N LEU E 103 -38.36 2.58 -17.83
CA LEU E 103 -38.30 1.13 -17.68
C LEU E 103 -36.87 0.69 -17.97
N VAL E 104 -36.23 0.08 -16.98
CA VAL E 104 -34.83 -0.30 -17.08
C VAL E 104 -34.71 -1.74 -17.55
N PHE E 105 -33.98 -1.94 -18.65
CA PHE E 105 -33.74 -3.25 -19.22
C PHE E 105 -32.24 -3.56 -19.27
N GLU E 106 -31.94 -4.84 -19.48
CA GLU E 106 -30.60 -5.25 -19.91
C GLU E 106 -30.30 -4.66 -21.28
N TYR E 107 -29.07 -4.14 -21.47
CA TYR E 107 -28.70 -3.64 -22.79
C TYR E 107 -28.23 -4.81 -23.65
N MET E 108 -28.74 -4.89 -24.88
CA MET E 108 -28.36 -5.93 -25.84
C MET E 108 -27.52 -5.31 -26.94
N ASP E 109 -26.45 -6.00 -27.32
CA ASP E 109 -25.47 -5.36 -28.21
C ASP E 109 -26.09 -4.93 -29.53
N HIS E 110 -26.96 -5.77 -30.10
CA HIS E 110 -27.54 -5.49 -31.41
C HIS E 110 -29.00 -5.92 -31.47
N ASP E 111 -29.69 -5.40 -32.48
CA ASP E 111 -31.00 -5.86 -32.88
C ASP E 111 -30.84 -6.55 -34.22
N LEU E 112 -31.73 -7.48 -34.53
CA LEU E 112 -31.49 -8.28 -35.73
C LEU E 112 -31.63 -7.43 -36.99
N MET E 113 -32.62 -6.53 -37.03
CA MET E 113 -32.83 -5.72 -38.22
C MET E 113 -31.60 -4.90 -38.56
N GLY E 114 -31.03 -4.21 -37.58
CA GLY E 114 -29.83 -3.43 -37.83
C GLY E 114 -28.74 -4.24 -38.50
N LEU E 115 -28.50 -5.46 -38.00
CA LEU E 115 -27.43 -6.28 -38.54
C LEU E 115 -27.70 -6.68 -39.98
N LEU E 116 -28.97 -6.90 -40.33
CA LEU E 116 -29.29 -7.31 -41.69
C LEU E 116 -29.43 -6.12 -42.65
N GLU E 117 -30.14 -5.07 -42.21
CA GLU E 117 -30.35 -3.92 -43.09
C GLU E 117 -29.03 -3.36 -43.56
N SER E 118 -28.05 -3.26 -42.66
CA SER E 118 -26.74 -2.76 -42.99
C SER E 118 -25.91 -3.75 -43.77
N GLY E 119 -26.34 -5.01 -43.88
CA GLY E 119 -25.59 -5.97 -44.65
C GLY E 119 -24.32 -6.46 -43.99
N LEU E 120 -24.24 -6.36 -42.66
CA LEU E 120 -23.01 -6.61 -41.93
C LEU E 120 -22.93 -7.95 -41.21
N VAL E 121 -23.83 -8.89 -41.47
CA VAL E 121 -23.75 -10.19 -40.82
C VAL E 121 -23.99 -11.31 -41.83
N HIS E 122 -23.41 -12.48 -41.52
CA HIS E 122 -23.66 -13.70 -42.27
C HIS E 122 -23.99 -14.86 -41.34
N PHE E 123 -25.05 -15.59 -41.65
CA PHE E 123 -25.50 -16.73 -40.84
C PHE E 123 -25.23 -18.04 -41.57
N SER E 124 -24.44 -18.91 -40.95
CA SER E 124 -24.29 -20.28 -41.44
C SER E 124 -25.46 -21.13 -40.98
N GLU E 125 -25.53 -22.38 -41.46
CA GLU E 125 -26.58 -23.25 -40.96
C GLU E 125 -26.54 -23.32 -39.44
N ASP E 126 -25.35 -23.57 -38.87
CA ASP E 126 -25.26 -23.73 -37.42
C ASP E 126 -25.65 -22.46 -36.68
N HIS E 127 -25.42 -21.29 -37.27
CA HIS E 127 -25.82 -20.06 -36.61
C HIS E 127 -27.33 -19.96 -36.57
N ILE E 128 -28.00 -20.32 -37.66
CA ILE E 128 -29.45 -20.27 -37.68
C ILE E 128 -30.03 -21.28 -36.69
N LYS E 129 -29.41 -22.45 -36.58
CA LYS E 129 -29.90 -23.42 -35.60
C LYS E 129 -29.87 -22.81 -34.21
N SER E 130 -28.76 -22.16 -33.86
CA SER E 130 -28.68 -21.52 -32.55
C SER E 130 -29.74 -20.43 -32.39
N PHE E 131 -29.85 -19.53 -33.38
CA PHE E 131 -30.79 -18.43 -33.31
C PHE E 131 -32.22 -18.94 -33.17
N MET E 132 -32.66 -19.81 -34.07
CA MET E 132 -34.04 -20.24 -34.07
C MET E 132 -34.37 -21.03 -32.81
N LYS E 133 -33.46 -21.89 -32.36
CA LYS E 133 -33.76 -22.66 -31.16
C LYS E 133 -34.00 -21.73 -29.98
N GLN E 134 -33.21 -20.67 -29.85
CA GLN E 134 -33.42 -19.75 -28.75
C GLN E 134 -34.75 -19.02 -28.90
N LEU E 135 -35.05 -18.56 -30.11
CA LEU E 135 -36.29 -17.81 -30.32
C LEU E 135 -37.51 -18.69 -30.05
N MET E 136 -37.50 -19.91 -30.57
CA MET E 136 -38.64 -20.80 -30.34
C MET E 136 -38.73 -21.21 -28.88
N GLU E 137 -37.58 -21.45 -28.24
CA GLU E 137 -37.60 -21.79 -26.82
C GLU E 137 -38.21 -20.66 -26.00
N GLY E 138 -37.89 -19.41 -26.35
CA GLY E 138 -38.52 -18.29 -25.70
C GLY E 138 -39.99 -18.17 -26.08
N LEU E 139 -40.30 -18.37 -27.36
CA LEU E 139 -41.68 -18.28 -27.80
C LEU E 139 -42.54 -19.37 -27.19
N GLU E 140 -42.05 -20.60 -27.13
CA GLU E 140 -42.83 -21.63 -26.47
C GLU E 140 -43.08 -21.26 -25.01
N TYR E 141 -42.05 -20.74 -24.34
CA TYR E 141 -42.22 -20.33 -22.94
C TYR E 141 -43.36 -19.35 -22.80
N CYS E 142 -43.41 -18.35 -23.68
CA CYS E 142 -44.51 -17.40 -23.64
C CYS E 142 -45.83 -18.11 -23.91
N HIS E 143 -45.87 -18.99 -24.90
CA HIS E 143 -47.10 -19.67 -25.24
C HIS E 143 -47.57 -20.60 -24.13
N LYS E 144 -46.65 -21.31 -23.46
CA LYS E 144 -47.09 -22.15 -22.35
C LYS E 144 -47.64 -21.30 -21.20
N LYS E 145 -47.20 -20.04 -21.09
CA LYS E 145 -47.77 -19.10 -20.13
C LYS E 145 -48.98 -18.38 -20.71
N ASN E 146 -49.47 -18.82 -21.86
CA ASN E 146 -50.70 -18.33 -22.48
C ASN E 146 -50.61 -16.84 -22.78
N PHE E 147 -49.45 -16.42 -23.30
CA PHE E 147 -49.27 -15.05 -23.76
C PHE E 147 -48.96 -15.05 -25.25
N LEU E 148 -49.54 -14.09 -25.96
CA LEU E 148 -49.27 -13.88 -27.37
C LEU E 148 -48.46 -12.60 -27.51
N HIS E 149 -47.39 -12.66 -28.31
CA HIS E 149 -46.59 -11.46 -28.51
C HIS E 149 -47.25 -10.49 -29.48
N ARG E 150 -47.61 -10.99 -30.66
CA ARG E 150 -48.44 -10.30 -31.65
C ARG E 150 -47.69 -9.21 -32.38
N ASP E 151 -46.41 -8.97 -32.07
CA ASP E 151 -45.62 -8.02 -32.85
C ASP E 151 -44.21 -8.57 -33.02
N ILE E 152 -44.09 -9.72 -33.68
CA ILE E 152 -42.79 -10.35 -33.90
C ILE E 152 -42.24 -9.77 -35.20
N LYS E 153 -41.11 -9.07 -35.11
CA LYS E 153 -40.41 -8.55 -36.27
C LYS E 153 -38.91 -8.59 -35.96
N CYS E 154 -38.10 -8.42 -37.01
CA CYS E 154 -36.66 -8.47 -36.83
C CYS E 154 -36.19 -7.41 -35.83
N SER E 155 -36.84 -6.25 -35.83
CA SER E 155 -36.45 -5.18 -34.91
C SER E 155 -36.71 -5.55 -33.46
N ASN E 156 -37.66 -6.45 -33.18
CA ASN E 156 -37.97 -6.82 -31.81
C ASN E 156 -37.27 -8.09 -31.36
N ILE E 157 -36.32 -8.60 -32.14
CA ILE E 157 -35.47 -9.72 -31.74
C ILE E 157 -34.07 -9.15 -31.51
N LEU E 158 -33.62 -9.19 -30.25
CA LEU E 158 -32.34 -8.63 -29.88
C LEU E 158 -31.30 -9.74 -29.72
N LEU E 159 -30.08 -9.43 -30.13
CA LEU E 159 -28.94 -10.35 -30.18
C LEU E 159 -27.77 -9.62 -29.55
N ASN E 160 -27.14 -10.22 -28.54
CA ASN E 160 -25.88 -9.66 -28.06
C ASN E 160 -24.74 -10.53 -28.57
N ASN E 161 -23.52 -10.00 -28.51
CA ASN E 161 -22.41 -10.59 -29.27
C ASN E 161 -22.01 -11.98 -28.80
N SER E 162 -22.45 -12.42 -27.62
CA SER E 162 -22.19 -13.80 -27.21
C SER E 162 -22.93 -14.83 -28.06
N GLY E 163 -23.96 -14.40 -28.79
CA GLY E 163 -24.83 -15.33 -29.50
C GLY E 163 -26.15 -15.61 -28.84
N GLN E 164 -26.48 -14.91 -27.76
CA GLN E 164 -27.75 -15.07 -27.08
C GLN E 164 -28.84 -14.27 -27.76
N ILE E 165 -29.99 -14.88 -27.95
CA ILE E 165 -31.13 -14.24 -28.59
C ILE E 165 -32.15 -13.95 -27.49
N LYS E 166 -32.77 -12.77 -27.53
CA LYS E 166 -33.81 -12.42 -26.59
C LYS E 166 -34.94 -11.70 -27.33
N LEU E 167 -36.17 -12.11 -27.03
CA LEU E 167 -37.36 -11.45 -27.57
C LEU E 167 -37.76 -10.24 -26.75
N ALA E 168 -38.22 -9.19 -27.42
CA ALA E 168 -38.48 -7.93 -26.73
C ALA E 168 -39.71 -7.22 -27.29
N ASP E 169 -40.00 -6.04 -26.72
CA ASP E 169 -41.19 -5.23 -26.95
C ASP E 169 -42.45 -6.06 -26.82
N PHE E 170 -42.86 -6.33 -25.59
CA PHE E 170 -44.11 -7.02 -25.29
C PHE E 170 -45.21 -6.02 -25.07
N GLY E 171 -45.15 -4.91 -25.82
CA GLY E 171 -46.13 -3.83 -25.66
C GLY E 171 -47.50 -4.14 -26.17
N LEU E 172 -47.65 -5.14 -27.04
CA LEU E 172 -48.95 -5.55 -27.55
C LEU E 172 -49.35 -6.93 -27.06
N ALA E 173 -48.69 -7.42 -26.00
CA ALA E 173 -48.90 -8.79 -25.55
C ALA E 173 -50.17 -8.93 -24.73
N ARG E 174 -50.91 -10.01 -25.00
CA ARG E 174 -52.21 -10.28 -24.38
C ARG E 174 -52.31 -11.74 -24.00
N LEU E 175 -53.13 -12.01 -22.98
CA LEU E 175 -53.39 -13.38 -22.56
C LEU E 175 -54.35 -14.06 -23.53
N TYR E 176 -54.12 -15.35 -23.77
CA TYR E 176 -54.89 -16.13 -24.73
C TYR E 176 -55.73 -17.16 -23.99
N ASN E 177 -57.04 -17.15 -24.23
CA ASN E 177 -57.94 -18.17 -23.72
C ASN E 177 -58.56 -18.93 -24.87
N SER E 178 -58.39 -20.25 -24.89
CA SER E 178 -59.06 -21.04 -25.92
C SER E 178 -60.57 -21.04 -25.69
N GLU E 179 -61.00 -21.22 -24.45
CA GLU E 179 -62.40 -21.12 -24.06
C GLU E 179 -62.80 -19.65 -23.97
N GLU E 180 -64.10 -19.39 -24.02
CA GLU E 180 -64.65 -18.04 -23.92
C GLU E 180 -63.87 -17.06 -24.80
N SER E 181 -63.85 -17.36 -26.10
CA SER E 181 -63.09 -16.52 -27.01
C SER E 181 -63.77 -15.17 -27.13
N ARG E 182 -63.00 -14.11 -26.95
CA ARG E 182 -63.45 -12.73 -27.04
C ARG E 182 -62.56 -11.99 -28.05
N PRO E 183 -63.09 -10.93 -28.66
CA PRO E 183 -62.31 -10.24 -29.71
C PRO E 183 -61.04 -9.59 -29.17
N TYR E 184 -59.93 -9.83 -29.88
CA TYR E 184 -58.66 -9.15 -29.59
C TYR E 184 -58.55 -8.21 -30.82
N ASN E 186 -57.68 -6.82 -34.25
CA ASN E 186 -57.26 -7.52 -35.47
C ASN E 186 -56.11 -6.73 -36.11
N LYS E 187 -55.32 -7.37 -36.99
CA LYS E 187 -54.24 -6.69 -37.71
C LYS E 187 -53.29 -6.05 -36.70
N VAL E 188 -52.54 -6.94 -36.03
CA VAL E 188 -51.67 -6.53 -34.94
C VAL E 188 -50.20 -6.55 -35.38
N ILE E 189 -49.81 -7.50 -36.25
CA ILE E 189 -48.39 -7.64 -36.57
C ILE E 189 -48.04 -6.79 -37.79
N THR E 190 -46.79 -6.34 -37.87
CA THR E 190 -46.35 -5.55 -39.01
C THR E 190 -46.57 -6.33 -40.29
N LEU E 191 -46.90 -5.61 -41.36
CA LEU E 191 -47.43 -6.28 -42.54
C LEU E 191 -46.50 -7.37 -43.05
N TRP E 192 -45.18 -7.13 -43.00
CA TRP E 192 -44.27 -8.07 -43.62
C TRP E 192 -44.27 -9.41 -42.90
N TYR E 193 -44.55 -9.44 -41.59
CA TYR E 193 -44.56 -10.68 -40.83
C TYR E 193 -45.96 -11.08 -40.38
N ARG E 194 -47.00 -10.58 -41.06
CA ARG E 194 -48.37 -10.90 -40.63
C ARG E 194 -48.90 -12.16 -41.32
N PRO E 195 -49.61 -12.99 -40.56
CA PRO E 195 -50.16 -14.25 -41.10
C PRO E 195 -51.37 -14.01 -41.98
N PRO E 196 -51.74 -14.98 -42.83
CA PRO E 196 -52.93 -14.78 -43.68
C PRO E 196 -54.24 -14.65 -42.91
N GLU E 197 -54.37 -15.30 -41.75
CA GLU E 197 -55.61 -15.18 -40.99
C GLU E 197 -55.88 -13.73 -40.58
N LEU E 198 -54.84 -13.00 -40.15
CA LEU E 198 -55.06 -11.62 -39.73
C LEU E 198 -55.29 -10.69 -40.92
N LEU E 199 -54.75 -11.04 -42.09
CA LEU E 199 -55.07 -10.28 -43.30
C LEU E 199 -56.53 -10.47 -43.71
N LEU E 200 -57.06 -11.67 -43.54
CA LEU E 200 -58.42 -12.01 -43.92
C LEU E 200 -59.44 -11.73 -42.82
N GLY E 201 -59.04 -11.04 -41.76
CA GLY E 201 -59.98 -10.51 -40.79
C GLY E 201 -60.23 -11.30 -39.53
N GLU E 202 -59.35 -12.24 -39.16
CA GLU E 202 -59.55 -13.06 -37.97
C GLU E 202 -59.41 -12.18 -36.72
N GLU E 203 -60.54 -11.87 -36.08
CA GLU E 203 -60.49 -10.97 -34.94
C GLU E 203 -60.23 -11.76 -33.65
N ARG E 204 -60.43 -13.08 -33.68
CA ARG E 204 -60.21 -14.02 -32.58
C ARG E 204 -59.18 -15.02 -33.10
N TYR E 205 -57.90 -14.72 -32.90
CA TYR E 205 -56.82 -15.53 -33.45
C TYR E 205 -56.15 -16.42 -32.39
N THR E 206 -55.21 -17.23 -32.86
CA THR E 206 -54.49 -18.22 -32.08
C THR E 206 -53.06 -17.77 -31.87
N PRO E 207 -52.33 -18.46 -30.99
CA PRO E 207 -50.89 -18.19 -30.87
C PRO E 207 -50.12 -18.46 -32.15
N ALA E 208 -50.72 -19.14 -33.12
CA ALA E 208 -50.04 -19.46 -34.37
C ALA E 208 -49.67 -18.21 -35.16
N ILE E 209 -50.21 -17.04 -34.81
CA ILE E 209 -49.76 -15.82 -35.46
C ILE E 209 -48.27 -15.62 -35.19
N ASP E 210 -47.83 -15.84 -33.95
CA ASP E 210 -46.42 -15.67 -33.63
C ASP E 210 -45.56 -16.69 -34.37
N VAL E 211 -46.05 -17.92 -34.55
CA VAL E 211 -45.28 -18.92 -35.29
C VAL E 211 -45.05 -18.45 -36.73
N TRP E 212 -46.10 -17.95 -37.37
CA TRP E 212 -45.96 -17.49 -38.75
C TRP E 212 -44.86 -16.45 -38.85
N SER E 213 -44.87 -15.46 -37.94
CA SER E 213 -43.82 -14.45 -37.94
C SER E 213 -42.45 -15.08 -37.89
N CYS E 214 -42.26 -16.04 -36.99
CA CYS E 214 -40.95 -16.69 -36.87
C CYS E 214 -40.62 -17.49 -38.12
N GLY E 215 -41.63 -18.06 -38.77
CA GLY E 215 -41.38 -18.72 -40.05
C GLY E 215 -40.85 -17.75 -41.09
N CYS E 216 -41.42 -16.54 -41.14
CA CYS E 216 -40.91 -15.53 -42.06
C CYS E 216 -39.45 -15.20 -41.76
N ILE E 217 -39.11 -15.08 -40.48
CA ILE E 217 -37.74 -14.76 -40.10
C ILE E 217 -36.80 -15.89 -40.49
N LEU E 218 -37.24 -17.14 -40.31
CA LEU E 218 -36.41 -18.27 -40.70
C LEU E 218 -36.04 -18.18 -42.18
N GLY E 219 -37.04 -17.95 -43.04
CA GLY E 219 -36.74 -17.82 -44.45
C GLY E 219 -35.79 -16.67 -44.73
N GLU E 220 -36.02 -15.54 -44.07
CA GLU E 220 -35.17 -14.36 -44.29
C GLU E 220 -33.73 -14.67 -43.92
N LEU E 221 -33.52 -15.47 -42.86
CA LEU E 221 -32.15 -15.81 -42.47
C LEU E 221 -31.41 -16.62 -43.53
N PHE E 222 -32.12 -17.37 -44.36
CA PHE E 222 -31.46 -18.13 -45.41
C PHE E 222 -31.27 -17.33 -46.70
N THR E 223 -32.05 -16.25 -46.91
CA THR E 223 -31.87 -15.43 -48.10
C THR E 223 -31.25 -14.07 -47.82
N LYS E 224 -31.34 -13.58 -46.58
CA LYS E 224 -30.92 -12.25 -46.16
C LYS E 224 -31.91 -11.16 -46.61
N LYS E 225 -33.03 -11.55 -47.24
CA LYS E 225 -34.05 -10.61 -47.68
C LYS E 225 -35.41 -11.10 -47.18
N PRO E 226 -36.24 -10.21 -46.66
CA PRO E 226 -37.57 -10.63 -46.19
C PRO E 226 -38.36 -11.34 -47.28
N ILE E 227 -39.20 -12.27 -46.85
CA ILE E 227 -39.91 -13.11 -47.81
C ILE E 227 -41.06 -12.35 -48.46
N PHE E 228 -41.87 -11.66 -47.65
CA PHE E 228 -43.08 -11.00 -48.13
C PHE E 228 -42.96 -9.50 -47.88
N GLN E 229 -42.60 -8.76 -48.90
CA GLN E 229 -42.41 -7.30 -48.83
C GLN E 229 -43.55 -6.66 -49.60
N ALA E 230 -44.47 -6.02 -48.89
CA ALA E 230 -45.63 -5.40 -49.50
C ALA E 230 -46.01 -4.14 -48.74
N ASN E 231 -46.87 -3.34 -49.37
CA ASN E 231 -47.33 -2.08 -48.79
C ASN E 231 -48.77 -2.07 -48.32
N LEU E 232 -49.64 -2.88 -48.91
CA LEU E 232 -51.04 -2.93 -48.56
C LEU E 232 -51.43 -4.38 -48.32
N GLU E 233 -52.47 -4.59 -47.52
CA GLU E 233 -52.83 -5.96 -47.16
C GLU E 233 -53.08 -6.84 -48.38
N LEU E 234 -53.73 -6.29 -49.42
CA LEU E 234 -54.03 -7.14 -50.57
C LEU E 234 -52.74 -7.59 -51.27
N ALA E 235 -51.78 -6.69 -51.45
CA ALA E 235 -50.52 -7.07 -52.09
C ALA E 235 -49.81 -8.15 -51.28
N GLN E 236 -49.86 -8.04 -49.95
CA GLN E 236 -49.21 -9.01 -49.08
C GLN E 236 -49.85 -10.38 -49.23
N LEU E 237 -51.18 -10.44 -49.19
CA LEU E 237 -51.86 -11.72 -49.39
C LEU E 237 -51.51 -12.33 -50.74
N GLU E 238 -51.30 -11.51 -51.77
CA GLU E 238 -50.91 -12.03 -53.07
C GLU E 238 -49.53 -12.67 -53.01
N LEU E 239 -48.57 -12.01 -52.37
CA LEU E 239 -47.23 -12.60 -52.27
C LEU E 239 -47.26 -13.92 -51.51
N ILE E 240 -47.99 -13.97 -50.40
CA ILE E 240 -48.16 -15.20 -49.65
C ILE E 240 -48.75 -16.29 -50.55
N SER E 241 -49.77 -15.94 -51.33
CA SER E 241 -50.43 -16.94 -52.17
C SER E 241 -49.50 -17.51 -53.23
N ARG E 242 -48.63 -16.66 -53.81
CA ARG E 242 -47.74 -17.15 -54.85
C ARG E 242 -46.82 -18.24 -54.33
N LEU E 243 -46.46 -18.18 -53.06
CA LEU E 243 -45.51 -19.10 -52.45
C LEU E 243 -46.19 -20.23 -51.71
N CYS E 244 -47.17 -19.91 -50.87
CA CYS E 244 -47.81 -20.90 -50.01
C CYS E 244 -49.03 -21.54 -50.64
N GLY E 245 -49.52 -21.02 -51.74
CA GLY E 245 -50.80 -21.44 -52.28
C GLY E 245 -51.91 -20.52 -51.82
N SER E 246 -52.94 -20.39 -52.66
CA SER E 246 -54.00 -19.46 -52.32
C SER E 246 -54.85 -20.03 -51.18
N PRO E 247 -55.28 -19.18 -50.25
CA PRO E 247 -56.22 -19.64 -49.21
C PRO E 247 -57.52 -20.15 -49.83
N CYS E 248 -57.75 -21.44 -49.68
CA CYS E 248 -58.99 -22.04 -50.15
C CYS E 248 -59.43 -23.10 -49.15
N PRO E 249 -60.72 -23.43 -49.12
CA PRO E 249 -61.19 -24.49 -48.22
C PRO E 249 -60.49 -25.82 -48.45
N ALA E 250 -59.89 -26.03 -49.62
CA ALA E 250 -59.21 -27.29 -49.90
C ALA E 250 -58.12 -27.58 -48.88
N VAL E 251 -57.39 -26.54 -48.48
CA VAL E 251 -56.30 -26.67 -47.50
C VAL E 251 -56.59 -25.96 -46.20
N TRP E 252 -57.70 -25.22 -46.12
CA TRP E 252 -58.01 -24.38 -44.96
C TRP E 252 -59.51 -24.38 -44.77
N PRO E 253 -60.06 -25.48 -44.25
CA PRO E 253 -61.52 -25.66 -44.29
C PRO E 253 -62.33 -24.49 -43.77
N ASP E 254 -61.82 -23.77 -42.77
CA ASP E 254 -62.57 -22.70 -42.13
C ASP E 254 -62.26 -21.33 -42.72
N VAL E 255 -61.55 -21.26 -43.84
CA VAL E 255 -61.22 -19.96 -44.43
C VAL E 255 -62.49 -19.23 -44.83
N ILE E 256 -63.54 -19.98 -45.18
CA ILE E 256 -64.80 -19.40 -45.62
C ILE E 256 -65.48 -18.62 -44.51
N ARG E 257 -65.09 -18.83 -43.25
CA ARG E 257 -65.68 -18.05 -42.17
C ARG E 257 -65.02 -16.70 -41.97
N LEU E 258 -64.04 -16.34 -42.78
CA LEU E 258 -63.32 -15.12 -42.46
C LEU E 258 -63.91 -13.93 -43.20
N PRO E 259 -64.09 -12.80 -42.51
CA PRO E 259 -64.76 -11.64 -43.15
C PRO E 259 -64.29 -11.36 -44.57
N TYR E 260 -62.96 -11.32 -44.78
CA TYR E 260 -62.42 -10.84 -46.04
C TYR E 260 -62.04 -11.98 -46.99
N PHE E 261 -62.54 -13.20 -46.76
CA PHE E 261 -62.16 -14.29 -47.65
C PHE E 261 -62.58 -13.99 -49.08
N ASN E 262 -63.84 -13.58 -49.27
CA ASN E 262 -64.31 -13.21 -50.59
C ASN E 262 -63.79 -11.85 -51.03
N THR E 263 -63.70 -10.89 -50.12
CA THR E 263 -63.25 -9.56 -50.48
C THR E 263 -61.84 -9.60 -51.03
N MET E 264 -60.92 -10.19 -50.28
CA MET E 264 -59.52 -10.23 -50.67
C MET E 264 -59.22 -11.54 -51.39
N LYS E 265 -59.69 -11.61 -52.63
CA LYS E 265 -59.32 -12.82 -53.34
C LYS E 265 -58.00 -12.59 -54.05
N PRO E 266 -57.09 -13.56 -54.03
CA PRO E 266 -55.84 -13.40 -54.79
C PRO E 266 -56.12 -13.46 -56.28
N LYS E 267 -55.15 -12.97 -57.05
CA LYS E 267 -55.30 -12.88 -58.49
C LYS E 267 -55.64 -14.24 -59.10
N LYS E 268 -54.98 -15.29 -58.63
CA LYS E 268 -55.23 -16.64 -59.10
C LYS E 268 -55.42 -17.55 -57.90
N GLN E 269 -55.88 -18.78 -58.16
CA GLN E 269 -55.79 -19.85 -57.18
C GLN E 269 -54.45 -20.52 -57.43
N TYR E 270 -53.46 -20.16 -56.61
CA TYR E 270 -52.08 -20.58 -56.82
C TYR E 270 -51.85 -21.88 -56.07
N ARG E 271 -51.07 -22.77 -56.67
CA ARG E 271 -50.62 -23.93 -55.93
C ARG E 271 -49.43 -23.53 -55.04
N ARG E 272 -49.12 -24.39 -54.08
CA ARG E 272 -48.00 -24.14 -53.17
C ARG E 272 -46.69 -24.43 -53.90
N ARG E 273 -45.77 -23.47 -53.85
CA ARG E 273 -44.47 -23.65 -54.47
C ARG E 273 -43.30 -23.48 -53.50
N LEU E 274 -43.59 -23.46 -52.20
CA LEU E 274 -42.58 -23.11 -51.21
C LEU E 274 -41.33 -23.97 -51.34
N ARG E 275 -41.49 -25.28 -51.46
CA ARG E 275 -40.33 -26.16 -51.51
C ARG E 275 -39.51 -25.94 -52.76
N GLU E 276 -40.17 -25.55 -53.85
CA GLU E 276 -39.44 -25.27 -55.08
C GLU E 276 -38.68 -23.96 -54.93
N GLU E 277 -39.35 -22.93 -54.43
CA GLU E 277 -38.72 -21.61 -54.36
C GLU E 277 -37.58 -21.59 -53.35
N PHE E 278 -37.59 -22.48 -52.35
CA PHE E 278 -36.55 -22.54 -51.33
C PHE E 278 -35.69 -23.81 -51.45
N SER E 279 -35.50 -24.30 -52.67
CA SER E 279 -34.84 -25.60 -52.85
C SER E 279 -33.40 -25.61 -52.34
N PHE E 280 -32.78 -24.44 -52.17
CA PHE E 280 -31.40 -24.36 -51.68
C PHE E 280 -31.28 -24.49 -50.17
N ILE E 281 -32.39 -24.59 -49.44
CA ILE E 281 -32.33 -24.69 -47.98
C ILE E 281 -32.08 -26.14 -47.61
N PRO E 282 -31.28 -26.40 -46.57
CA PRO E 282 -31.12 -27.79 -46.09
C PRO E 282 -32.46 -28.40 -45.79
N SER E 283 -32.59 -29.70 -46.07
CA SER E 283 -33.88 -30.35 -45.97
C SER E 283 -34.46 -30.23 -44.57
N ALA E 284 -33.64 -30.48 -43.54
CA ALA E 284 -34.16 -30.40 -42.18
C ALA E 284 -34.75 -29.03 -41.90
N ALA E 285 -34.13 -27.97 -42.43
CA ALA E 285 -34.63 -26.62 -42.21
C ALA E 285 -35.81 -26.33 -43.13
N LEU E 286 -35.74 -26.76 -44.39
CA LEU E 286 -36.86 -26.56 -45.30
C LEU E 286 -38.14 -27.14 -44.74
N ASP E 287 -38.06 -28.32 -44.14
CA ASP E 287 -39.23 -28.94 -43.54
C ASP E 287 -39.80 -28.10 -42.41
N LEU E 288 -38.93 -27.47 -41.61
CA LEU E 288 -39.40 -26.53 -40.59
C LEU E 288 -40.11 -25.34 -41.22
N LEU E 289 -39.54 -24.78 -42.28
CA LEU E 289 -40.16 -23.63 -42.92
C LEU E 289 -41.53 -23.98 -43.45
N ASP E 290 -41.65 -25.13 -44.10
CA ASP E 290 -42.93 -25.52 -44.68
C ASP E 290 -44.02 -25.56 -43.62
N HIS E 291 -43.69 -26.06 -42.42
CA HIS E 291 -44.68 -26.22 -41.37
C HIS E 291 -45.00 -24.91 -40.69
N MET E 292 -44.00 -24.03 -40.54
CA MET E 292 -44.27 -22.75 -39.91
C MET E 292 -45.08 -21.84 -40.83
N LEU E 293 -44.89 -21.95 -42.13
CA LEU E 293 -45.65 -21.17 -43.11
C LEU E 293 -46.79 -21.97 -43.72
N THR E 294 -47.52 -22.71 -42.88
CA THR E 294 -48.73 -23.40 -43.31
C THR E 294 -49.88 -22.41 -43.18
N LEU E 295 -50.73 -22.37 -44.21
CA LEU E 295 -51.74 -21.32 -44.26
C LEU E 295 -52.72 -21.42 -43.11
N ASP E 296 -53.28 -22.60 -42.89
CA ASP E 296 -54.35 -22.76 -41.91
C ASP E 296 -53.75 -22.77 -40.50
N PRO E 297 -54.08 -21.79 -39.66
CA PRO E 297 -53.46 -21.75 -38.31
C PRO E 297 -53.67 -23.02 -37.51
N SER E 298 -54.75 -23.77 -37.77
CA SER E 298 -55.01 -25.03 -37.09
C SER E 298 -54.18 -26.19 -37.63
N LYS E 299 -53.56 -26.02 -38.80
CA LYS E 299 -52.60 -26.99 -39.32
C LYS E 299 -51.14 -26.53 -39.18
N ARG E 300 -50.91 -25.25 -38.84
CA ARG E 300 -49.55 -24.77 -38.66
C ARG E 300 -48.98 -25.29 -37.34
N CYS E 301 -47.72 -25.70 -37.38
CA CYS E 301 -47.09 -26.25 -36.19
C CYS E 301 -46.99 -25.20 -35.09
N THR E 302 -46.86 -25.69 -33.86
CA THR E 302 -46.71 -24.88 -32.67
C THR E 302 -45.23 -24.59 -32.39
N ALA E 303 -44.98 -23.75 -31.39
CA ALA E 303 -43.59 -23.54 -30.98
C ALA E 303 -42.98 -24.84 -30.49
N GLU E 304 -43.71 -25.57 -29.64
CA GLU E 304 -43.20 -26.84 -29.12
C GLU E 304 -42.82 -27.78 -30.26
N GLN E 305 -43.65 -27.84 -31.30
CA GLN E 305 -43.38 -28.76 -32.39
C GLN E 305 -42.10 -28.40 -33.15
N THR E 306 -41.77 -27.12 -33.27
CA THR E 306 -40.54 -26.74 -33.96
C THR E 306 -39.31 -27.20 -33.18
N LEU E 307 -39.39 -27.17 -31.85
CA LEU E 307 -38.29 -27.68 -31.02
C LEU E 307 -38.15 -29.19 -31.16
N GLN E 308 -39.20 -29.86 -31.64
CA GLN E 308 -39.16 -31.29 -31.93
C GLN E 308 -39.07 -31.52 -33.44
N SER E 309 -38.11 -30.86 -34.08
CA SER E 309 -37.90 -31.00 -35.51
C SER E 309 -36.48 -31.47 -35.74
N ASP E 310 -36.26 -32.19 -36.83
CA ASP E 310 -34.91 -32.64 -37.14
C ASP E 310 -33.93 -31.47 -37.13
N PHE E 311 -34.41 -30.27 -37.47
CA PHE E 311 -33.52 -29.12 -37.58
C PHE E 311 -33.06 -28.63 -36.21
N LEU E 312 -33.96 -28.54 -35.23
CA LEU E 312 -33.63 -27.96 -33.93
C LEU E 312 -33.56 -28.97 -32.79
N LYS E 313 -34.06 -30.18 -33.00
CA LYS E 313 -34.22 -31.14 -31.91
C LYS E 313 -32.92 -31.35 -31.15
N ASP E 314 -31.81 -31.48 -31.86
CA ASP E 314 -30.53 -31.86 -31.27
C ASP E 314 -29.54 -30.70 -31.18
N VAL E 315 -29.98 -29.47 -31.44
CA VAL E 315 -29.11 -28.31 -31.27
C VAL E 315 -28.90 -28.08 -29.78
N GLU E 316 -27.64 -27.92 -29.39
CA GLU E 316 -27.27 -27.69 -27.99
C GLU E 316 -26.80 -26.26 -27.87
N LEU E 317 -27.46 -25.48 -27.02
CA LEU E 317 -27.09 -24.09 -26.87
C LEU E 317 -25.85 -23.92 -26.01
N SER E 318 -25.29 -25.04 -25.54
CA SER E 318 -23.98 -24.99 -24.91
C SER E 318 -22.98 -24.35 -25.86
N LYS E 319 -23.05 -24.74 -27.14
CA LYS E 319 -22.32 -24.06 -28.21
C LYS E 319 -23.24 -23.01 -28.82
N MET E 320 -23.19 -21.78 -28.32
CA MET E 320 -24.12 -20.78 -28.83
C MET E 320 -23.78 -20.30 -30.24
N ALA E 321 -22.58 -20.57 -30.74
CA ALA E 321 -22.24 -20.29 -32.15
C ALA E 321 -22.60 -18.86 -32.51
N PRO E 322 -21.82 -17.88 -32.08
CA PRO E 322 -22.14 -16.48 -32.39
C PRO E 322 -22.29 -16.26 -33.87
N PRO E 323 -23.22 -15.38 -34.28
CA PRO E 323 -23.28 -15.04 -35.71
C PRO E 323 -21.98 -14.33 -36.08
N ASP E 324 -21.59 -14.47 -37.34
CA ASP E 324 -20.30 -13.94 -37.77
C ASP E 324 -20.45 -12.46 -38.07
N LEU E 325 -19.92 -11.63 -37.18
CA LEU E 325 -19.99 -10.18 -37.36
C LEU E 325 -18.58 -9.66 -37.61
N PRO E 326 -18.27 -9.18 -38.81
CA PRO E 326 -16.94 -8.60 -39.06
C PRO E 326 -16.83 -7.21 -38.46
N HIS E 327 -15.78 -6.98 -37.66
CA HIS E 327 -15.54 -5.69 -37.04
C HIS E 327 -14.16 -5.11 -37.34
N TRP E 328 -13.38 -5.75 -38.20
CA TRP E 328 -12.13 -5.18 -38.70
C TRP E 328 -11.96 -5.63 -40.15
N GLN E 329 -11.30 -4.78 -40.95
CA GLN E 329 -11.11 -4.90 -42.40
C GLN E 329 -12.32 -4.39 -43.17
N ASP E 330 -13.37 -3.95 -42.47
CA ASP E 330 -14.44 -3.13 -43.03
C ASP E 330 -14.09 -1.63 -43.05
N CYS E 331 -13.26 -1.18 -42.12
CA CYS E 331 -12.89 0.23 -42.05
C CYS E 331 -12.18 0.57 -43.37
N THR F 24 -36.75 -10.72 -5.28
CA THR F 24 -37.29 -10.53 -6.63
C THR F 24 -38.58 -9.71 -6.58
N LYS F 25 -39.67 -10.33 -6.08
CA LYS F 25 -41.00 -9.73 -6.00
C LYS F 25 -41.29 -9.32 -4.57
N PRO F 26 -41.97 -8.20 -4.31
CA PRO F 26 -42.14 -7.75 -2.92
C PRO F 26 -43.17 -8.60 -2.19
N CYS F 27 -43.12 -8.50 -0.85
CA CYS F 27 -44.01 -9.24 0.03
C CYS F 27 -45.21 -8.37 0.38
N TRP F 28 -46.41 -8.83 0.04
CA TRP F 28 -47.63 -8.05 0.22
C TRP F 28 -48.49 -8.59 1.37
N TYR F 29 -47.89 -9.25 2.34
CA TYR F 29 -48.64 -9.83 3.45
C TYR F 29 -48.06 -9.40 4.80
N TRP F 30 -48.96 -9.01 5.69
CA TRP F 30 -48.66 -8.53 7.04
C TRP F 30 -49.39 -9.43 8.04
N ASP F 31 -48.96 -9.36 9.29
CA ASP F 31 -49.64 -10.04 10.39
C ASP F 31 -50.73 -9.13 10.95
N LYS F 32 -51.86 -9.73 11.38
CA LYS F 32 -52.93 -8.89 11.91
C LYS F 32 -52.39 -7.90 12.95
N LYS F 33 -51.53 -8.39 13.86
CA LYS F 33 -50.99 -7.52 14.89
C LYS F 33 -50.31 -6.29 14.31
N ASP F 34 -49.82 -6.38 13.07
CA ASP F 34 -49.18 -5.23 12.44
C ASP F 34 -50.18 -4.16 12.01
N LEU F 35 -51.45 -4.53 11.84
CA LEU F 35 -52.42 -3.53 11.40
C LEU F 35 -52.72 -2.49 12.46
N ALA F 36 -52.27 -2.70 13.70
CA ALA F 36 -52.38 -1.70 14.75
C ALA F 36 -51.40 -0.56 14.55
N HIS F 37 -50.56 -0.66 13.51
CA HIS F 37 -49.46 0.28 13.27
C HIS F 37 -49.47 0.77 11.83
N THR F 38 -50.64 0.85 11.22
CA THR F 38 -50.75 1.48 9.92
C THR F 38 -50.53 2.98 10.06
N PRO F 39 -50.13 3.66 8.99
CA PRO F 39 -50.10 5.12 9.04
C PRO F 39 -51.39 5.70 9.58
N SER F 40 -52.54 5.15 9.17
CA SER F 40 -53.81 5.66 9.66
C SER F 40 -53.91 5.57 11.17
N GLN F 41 -53.58 4.42 11.74
CA GLN F 41 -53.63 4.28 13.20
C GLN F 41 -52.71 5.27 13.88
N LEU F 42 -51.50 5.45 13.37
CA LEU F 42 -50.53 6.29 14.04
C LEU F 42 -50.81 7.77 13.89
N GLU F 43 -51.73 8.15 13.00
CA GLU F 43 -52.24 9.52 12.96
C GLU F 43 -53.51 9.67 13.79
N GLY F 44 -53.82 8.70 14.64
CA GLY F 44 -54.89 8.84 15.60
C GLY F 44 -56.22 8.25 15.19
N LEU F 45 -56.30 7.63 14.02
CA LEU F 45 -57.51 6.92 13.63
C LEU F 45 -57.63 5.64 14.44
N ASP F 46 -58.81 5.37 14.98
CA ASP F 46 -59.00 4.20 15.83
C ASP F 46 -59.24 2.96 14.99
N PRO F 47 -59.11 1.77 15.59
CA PRO F 47 -59.24 0.55 14.78
C PRO F 47 -60.59 0.44 14.09
N ALA F 48 -61.68 0.76 14.79
CA ALA F 48 -63.00 0.64 14.17
C ALA F 48 -63.11 1.56 12.96
N THR F 49 -62.62 2.81 13.08
CA THR F 49 -62.76 3.75 11.98
C THR F 49 -61.97 3.30 10.76
N GLU F 50 -60.73 2.83 10.95
CA GLU F 50 -60.00 2.38 9.77
C GLU F 50 -60.73 1.20 9.13
N ALA F 51 -61.22 0.26 9.94
CA ALA F 51 -61.97 -0.86 9.38
C ALA F 51 -63.14 -0.37 8.55
N ARG F 52 -63.88 0.61 9.05
CA ARG F 52 -65.01 1.17 8.31
C ARG F 52 -64.54 1.87 7.04
N TYR F 53 -63.49 2.69 7.13
CA TYR F 53 -63.00 3.38 5.94
C TYR F 53 -62.63 2.37 4.85
N ARG F 54 -62.06 1.22 5.24
CA ARG F 54 -61.73 0.20 4.25
C ARG F 54 -62.99 -0.43 3.66
N ARG F 55 -63.95 -0.80 4.51
CA ARG F 55 -65.20 -1.35 4.01
C ARG F 55 -65.85 -0.39 3.03
N GLU F 56 -65.94 0.89 3.41
CA GLU F 56 -66.55 1.87 2.53
C GLU F 56 -65.79 1.96 1.22
N GLY F 57 -64.46 2.02 1.30
CA GLY F 57 -63.66 2.13 0.09
C GLY F 57 -63.80 0.90 -0.79
N ALA F 58 -63.72 -0.28 -0.19
CA ALA F 58 -63.87 -1.50 -0.97
C ALA F 58 -65.23 -1.54 -1.67
N ARG F 59 -66.30 -1.31 -0.91
CA ARG F 59 -67.64 -1.40 -1.50
C ARG F 59 -67.87 -0.30 -2.54
N PHE F 60 -67.32 0.90 -2.33
CA PHE F 60 -67.35 1.94 -3.35
C PHE F 60 -66.74 1.44 -4.66
N ILE F 61 -65.53 0.89 -4.58
CA ILE F 61 -64.91 0.32 -5.78
C ILE F 61 -65.81 -0.75 -6.37
N PHE F 62 -66.32 -1.64 -5.51
CA PHE F 62 -67.16 -2.74 -5.97
C PHE F 62 -68.39 -2.23 -6.69
N ASP F 63 -69.10 -1.28 -6.07
CA ASP F 63 -70.33 -0.77 -6.67
C ASP F 63 -70.06 0.05 -7.92
N VAL F 64 -69.07 0.93 -7.88
CA VAL F 64 -68.76 1.74 -9.06
C VAL F 64 -68.46 0.82 -10.24
N GLY F 65 -67.60 -0.16 -10.04
CA GLY F 65 -67.23 -1.05 -11.12
C GLY F 65 -68.36 -1.96 -11.55
N THR F 66 -69.21 -2.37 -10.59
CA THR F 66 -70.37 -3.16 -10.96
C THR F 66 -71.29 -2.36 -11.86
N ARG F 67 -71.54 -1.09 -11.50
CA ARG F 67 -72.36 -0.21 -12.33
C ARG F 67 -71.75 -0.01 -13.71
N LEU F 68 -70.41 0.04 -13.79
CA LEU F 68 -69.74 0.19 -15.08
C LEU F 68 -69.64 -1.11 -15.86
N GLY F 69 -70.18 -2.21 -15.33
CA GLY F 69 -70.19 -3.46 -16.05
C GLY F 69 -68.88 -4.21 -16.03
N LEU F 70 -68.07 -4.02 -14.99
CA LEU F 70 -66.72 -4.55 -14.98
C LEU F 70 -66.65 -5.99 -14.47
N HIS F 71 -65.75 -6.76 -15.09
CA HIS F 71 -65.46 -8.13 -14.70
C HIS F 71 -65.05 -8.22 -13.24
N TYR F 72 -65.30 -9.40 -12.63
CA TYR F 72 -65.12 -9.52 -11.20
C TYR F 72 -63.65 -9.39 -10.81
N ASP F 73 -62.74 -9.88 -11.66
CA ASP F 73 -61.31 -9.73 -11.37
C ASP F 73 -60.92 -8.26 -11.31
N THR F 74 -61.50 -7.44 -12.19
CA THR F 74 -61.17 -6.03 -12.23
C THR F 74 -61.54 -5.34 -10.93
N LEU F 75 -62.72 -5.67 -10.38
CA LEU F 75 -63.13 -5.07 -9.11
C LEU F 75 -62.14 -5.43 -8.01
N ALA F 76 -61.78 -6.71 -7.92
CA ALA F 76 -60.90 -7.18 -6.86
C ALA F 76 -59.50 -6.58 -6.98
N THR F 77 -58.96 -6.52 -8.21
CA THR F 77 -57.64 -5.92 -8.38
C THR F 77 -57.63 -4.49 -7.84
N GLY F 78 -58.63 -3.70 -8.22
CA GLY F 78 -58.75 -2.36 -7.66
C GLY F 78 -58.83 -2.38 -6.16
N ILE F 79 -59.63 -3.28 -5.60
CA ILE F 79 -59.77 -3.32 -4.15
C ILE F 79 -58.45 -3.67 -3.49
N ILE F 80 -57.69 -4.59 -4.09
CA ILE F 80 -56.43 -4.99 -3.47
C ILE F 80 -55.38 -3.89 -3.62
N TYR F 81 -55.33 -3.21 -4.77
CA TYR F 81 -54.52 -2.01 -4.84
C TYR F 81 -54.90 -1.07 -3.70
N PHE F 82 -56.20 -0.82 -3.56
CA PHE F 82 -56.71 0.08 -2.52
C PHE F 82 -56.23 -0.35 -1.14
N HIS F 83 -56.45 -1.62 -0.78
CA HIS F 83 -56.03 -2.05 0.54
C HIS F 83 -54.54 -1.84 0.76
N ARG F 84 -53.72 -2.19 -0.24
CA ARG F 84 -52.29 -2.06 -0.10
C ARG F 84 -51.89 -0.59 0.07
N PHE F 85 -52.50 0.30 -0.69
CA PHE F 85 -52.20 1.72 -0.60
C PHE F 85 -52.23 2.23 0.83
N TYR F 86 -53.26 1.86 1.58
CA TYR F 86 -53.41 2.36 2.95
C TYR F 86 -52.62 1.57 3.98
N MET F 87 -51.72 0.70 3.52
CA MET F 87 -50.63 0.25 4.37
C MET F 87 -49.45 1.21 4.35
N PHE F 88 -49.42 2.13 3.39
CA PHE F 88 -48.33 3.06 3.25
C PHE F 88 -48.75 4.51 3.44
N HIS F 89 -50.06 4.76 3.53
CA HIS F 89 -50.56 6.12 3.65
C HIS F 89 -51.72 6.13 4.64
N SER F 90 -52.06 7.33 5.08
CA SER F 90 -53.10 7.52 6.08
C SER F 90 -54.41 7.90 5.41
N PHE F 91 -55.52 7.37 5.93
CA PHE F 91 -56.81 7.77 5.42
C PHE F 91 -57.03 9.27 5.59
N LYS F 92 -56.29 9.91 6.48
CA LYS F 92 -56.46 11.34 6.70
C LYS F 92 -55.79 12.19 5.63
N GLN F 93 -54.84 11.63 4.87
CA GLN F 93 -54.14 12.39 3.86
C GLN F 93 -54.59 12.08 2.44
N PHE F 94 -55.23 10.94 2.22
CA PHE F 94 -55.68 10.53 0.91
C PHE F 94 -57.15 10.14 1.05
N PRO F 95 -58.07 11.05 0.71
CA PRO F 95 -59.50 10.70 0.78
C PRO F 95 -59.77 9.37 0.08
N ARG F 96 -60.52 8.51 0.77
CA ARG F 96 -60.63 7.12 0.35
C ARG F 96 -61.33 7.01 -0.99
N TYR F 97 -62.40 7.78 -1.22
CA TYR F 97 -63.16 7.57 -2.45
C TYR F 97 -62.37 8.03 -3.66
N VAL F 98 -61.48 9.02 -3.51
CA VAL F 98 -60.60 9.40 -4.61
C VAL F 98 -59.63 8.26 -4.90
N THR F 99 -58.95 7.77 -3.87
CA THR F 99 -58.06 6.62 -4.02
C THR F 99 -58.79 5.46 -4.67
N GLY F 100 -60.00 5.17 -4.21
CA GLY F 100 -60.78 4.09 -4.80
C GLY F 100 -60.93 4.24 -6.30
N ALA F 101 -61.42 5.40 -6.75
CA ALA F 101 -61.62 5.61 -8.18
C ALA F 101 -60.31 5.40 -8.94
N CYS F 102 -59.20 5.87 -8.39
CA CYS F 102 -57.90 5.69 -9.01
C CYS F 102 -57.55 4.22 -9.10
N CYS F 103 -57.76 3.48 -8.01
CA CYS F 103 -57.47 2.03 -8.03
C CYS F 103 -58.29 1.32 -9.09
N LEU F 104 -59.58 1.64 -9.18
CA LEU F 104 -60.39 1.02 -10.22
C LEU F 104 -59.90 1.43 -11.60
N PHE F 105 -59.58 2.70 -11.77
CA PHE F 105 -59.10 3.18 -13.06
C PHE F 105 -57.88 2.42 -13.52
N LEU F 106 -56.88 2.29 -12.66
CA LEU F 106 -55.69 1.53 -13.03
C LEU F 106 -56.00 0.06 -13.19
N ALA F 107 -56.82 -0.49 -12.30
CA ALA F 107 -57.19 -1.91 -12.41
C ALA F 107 -57.77 -2.20 -13.78
N GLY F 108 -58.61 -1.30 -14.30
CA GLY F 108 -59.17 -1.49 -15.63
C GLY F 108 -58.10 -1.61 -16.70
N LYS F 109 -57.03 -0.81 -16.59
CA LYS F 109 -55.94 -0.92 -17.55
C LYS F 109 -55.15 -2.20 -17.34
N VAL F 110 -54.89 -2.57 -16.09
CA VAL F 110 -54.08 -3.75 -15.82
C VAL F 110 -54.79 -5.00 -16.30
N GLU F 111 -56.08 -5.13 -16.01
CA GLU F 111 -56.84 -6.32 -16.33
C GLU F 111 -57.47 -6.28 -17.73
N GLU F 112 -57.12 -5.29 -18.54
CA GLU F 112 -57.63 -5.18 -19.90
C GLU F 112 -59.15 -5.08 -19.94
N THR F 113 -59.72 -4.38 -18.97
CA THR F 113 -61.13 -4.00 -19.00
C THR F 113 -61.21 -2.48 -18.78
N PRO F 114 -60.61 -1.70 -19.68
CA PRO F 114 -60.42 -0.27 -19.41
C PRO F 114 -61.71 0.51 -19.49
N LYS F 115 -61.76 1.59 -18.71
CA LYS F 115 -62.83 2.57 -18.73
C LYS F 115 -62.20 3.96 -18.66
N LYS F 116 -62.88 4.94 -19.25
CA LYS F 116 -62.38 6.30 -19.23
C LYS F 116 -62.58 6.90 -17.84
N CYS F 117 -61.61 7.72 -17.42
CA CYS F 117 -61.69 8.30 -16.09
C CYS F 117 -62.98 9.08 -15.91
N LYS F 118 -63.44 9.77 -16.96
CA LYS F 118 -64.68 10.55 -16.84
C LYS F 118 -65.87 9.67 -16.47
N ASP F 119 -65.90 8.43 -16.98
CA ASP F 119 -67.04 7.56 -16.69
C ASP F 119 -67.01 7.09 -15.24
N ILE F 120 -65.81 6.84 -14.71
CA ILE F 120 -65.71 6.45 -13.31
C ILE F 120 -66.20 7.59 -12.42
N ILE F 121 -65.82 8.83 -12.75
CA ILE F 121 -66.28 9.97 -11.97
C ILE F 121 -67.79 10.10 -12.05
N LYS F 122 -68.36 10.02 -13.25
CA LYS F 122 -69.81 10.11 -13.41
C LYS F 122 -70.50 9.10 -12.50
N THR F 123 -70.01 7.86 -12.50
CA THR F 123 -70.61 6.82 -11.68
C THR F 123 -70.41 7.10 -10.19
N ALA F 124 -69.22 7.59 -9.82
CA ALA F 124 -68.99 7.92 -8.41
C ALA F 124 -69.92 9.04 -7.95
N ARG F 125 -70.19 10.02 -8.82
CA ARG F 125 -71.12 11.06 -8.43
C ARG F 125 -72.50 10.47 -8.18
N SER F 126 -72.86 9.47 -8.99
CA SER F 126 -74.14 8.79 -8.83
C SER F 126 -74.25 8.12 -7.46
N LEU F 127 -73.16 7.56 -6.95
CA LEU F 127 -73.21 6.75 -5.75
C LEU F 127 -72.89 7.53 -4.47
N LEU F 128 -72.15 8.63 -4.56
CA LEU F 128 -71.77 9.38 -3.37
C LEU F 128 -72.70 10.57 -3.14
N ASN F 129 -72.93 10.89 -1.86
CA ASN F 129 -73.70 12.08 -1.52
C ASN F 129 -72.82 13.31 -1.71
N ASP F 130 -73.34 14.49 -1.35
CA ASP F 130 -72.56 15.71 -1.59
C ASP F 130 -71.36 15.81 -0.67
N VAL F 131 -71.51 15.43 0.59
CA VAL F 131 -70.38 15.48 1.52
C VAL F 131 -69.26 14.58 1.00
N GLN F 132 -69.60 13.37 0.59
CA GLN F 132 -68.60 12.41 0.15
C GLN F 132 -67.91 12.87 -1.12
N PHE F 133 -68.68 13.31 -2.11
CA PHE F 133 -68.08 13.76 -3.35
C PHE F 133 -67.25 15.04 -3.19
N GLY F 134 -67.39 15.73 -2.06
CA GLY F 134 -66.50 16.86 -1.82
C GLY F 134 -65.05 16.44 -1.87
N GLN F 135 -64.77 15.18 -1.55
CA GLN F 135 -63.40 14.70 -1.57
C GLN F 135 -62.75 14.90 -2.92
N PHE F 136 -63.53 14.89 -4.00
CA PHE F 136 -62.98 15.06 -5.33
C PHE F 136 -62.67 16.50 -5.70
N GLY F 137 -63.07 17.46 -4.86
CA GLY F 137 -62.71 18.84 -5.11
C GLY F 137 -63.32 19.41 -6.37
N ASP F 138 -62.67 20.48 -6.86
CA ASP F 138 -63.21 21.25 -7.98
C ASP F 138 -62.98 20.56 -9.33
N ASP F 139 -61.97 19.72 -9.45
CA ASP F 139 -61.70 18.98 -10.70
C ASP F 139 -61.52 17.52 -10.33
N PRO F 140 -62.62 16.75 -10.26
CA PRO F 140 -62.48 15.34 -9.87
C PRO F 140 -61.55 14.54 -10.77
N LYS F 141 -61.72 14.62 -12.09
CA LYS F 141 -60.86 13.82 -12.96
C LYS F 141 -59.38 14.10 -12.64
N GLU F 142 -59.03 15.37 -12.42
CA GLU F 142 -57.65 15.70 -12.11
C GLU F 142 -57.20 15.05 -10.81
N GLU F 143 -58.03 15.15 -9.76
CA GLU F 143 -57.64 14.54 -8.49
C GLU F 143 -57.33 13.05 -8.64
N VAL F 144 -58.05 12.37 -9.52
CA VAL F 144 -57.83 10.94 -9.73
C VAL F 144 -56.56 10.70 -10.56
N MET F 145 -56.45 11.38 -11.70
CA MET F 145 -55.31 11.16 -12.59
C MET F 145 -54.00 11.47 -11.89
N VAL F 146 -54.00 12.50 -11.05
CA VAL F 146 -52.79 12.90 -10.33
C VAL F 146 -52.31 11.78 -9.42
N LEU F 147 -53.25 11.06 -8.80
CA LEU F 147 -52.91 10.06 -7.80
C LEU F 147 -52.30 8.83 -8.44
N GLU F 148 -52.60 8.57 -9.71
CA GLU F 148 -52.10 7.36 -10.36
C GLU F 148 -50.59 7.18 -10.18
N ARG F 149 -49.84 8.28 -10.24
CA ARG F 149 -48.40 8.16 -10.08
C ARG F 149 -48.07 7.59 -8.70
N ILE F 150 -48.68 8.15 -7.66
CA ILE F 150 -48.42 7.70 -6.31
C ILE F 150 -48.92 6.27 -6.15
N LEU F 151 -50.05 5.95 -6.78
CA LEU F 151 -50.55 4.58 -6.74
C LEU F 151 -49.50 3.62 -7.29
N LEU F 152 -49.00 3.89 -8.50
CA LEU F 152 -48.01 3.01 -9.10
C LEU F 152 -46.77 2.88 -8.24
N GLN F 153 -46.24 4.00 -7.72
CA GLN F 153 -45.06 3.90 -6.87
C GLN F 153 -45.38 3.11 -5.61
N THR F 154 -46.58 3.31 -5.03
CA THR F 154 -46.90 2.63 -3.78
C THR F 154 -46.99 1.12 -3.99
N ILE F 155 -47.65 0.67 -5.06
CA ILE F 155 -47.79 -0.76 -5.30
C ILE F 155 -46.54 -1.30 -5.97
N LYS F 156 -45.48 -0.50 -6.00
CA LYS F 156 -44.17 -0.96 -6.46
C LYS F 156 -44.25 -1.57 -7.86
N PHE F 157 -45.14 -1.02 -8.68
CA PHE F 157 -45.34 -1.46 -10.05
C PHE F 157 -45.55 -2.96 -10.17
N ASP F 158 -45.89 -3.60 -9.07
CA ASP F 158 -46.24 -5.02 -9.09
C ASP F 158 -47.72 -5.07 -9.43
N LEU F 159 -48.01 -5.12 -10.72
CA LEU F 159 -49.38 -4.97 -11.20
C LEU F 159 -50.12 -6.28 -11.22
N GLN F 160 -49.40 -7.39 -11.35
CA GLN F 160 -50.07 -8.68 -11.45
C GLN F 160 -50.60 -9.07 -10.08
N VAL F 161 -51.88 -9.37 -10.00
CA VAL F 161 -52.53 -9.79 -8.76
C VAL F 161 -53.45 -10.96 -9.08
N GLU F 162 -53.42 -11.99 -8.25
CA GLU F 162 -54.35 -13.11 -8.35
C GLU F 162 -55.34 -13.11 -7.18
N HIS F 163 -56.52 -13.69 -7.44
CA HIS F 163 -57.64 -13.60 -6.54
C HIS F 163 -58.20 -14.96 -6.20
N PRO F 164 -58.86 -15.08 -5.04
CA PRO F 164 -59.36 -16.39 -4.59
C PRO F 164 -60.27 -17.06 -5.62
N TYR F 165 -60.88 -16.27 -6.50
CA TYR F 165 -61.88 -16.83 -7.41
C TYR F 165 -61.27 -17.95 -8.25
N GLN F 166 -60.14 -17.68 -8.89
CA GLN F 166 -59.61 -18.66 -9.82
C GLN F 166 -59.26 -19.96 -9.10
N PHE F 167 -58.86 -19.87 -7.84
CA PHE F 167 -58.53 -21.07 -7.08
C PHE F 167 -59.78 -21.76 -6.58
N LEU F 168 -60.79 -21.00 -6.20
CA LEU F 168 -62.08 -21.60 -5.86
C LEU F 168 -62.58 -22.49 -6.99
N LEU F 169 -62.39 -22.04 -8.24
CA LEU F 169 -62.84 -22.83 -9.38
C LEU F 169 -61.88 -23.96 -9.68
N LYS F 170 -60.57 -23.67 -9.70
CA LYS F 170 -59.58 -24.72 -9.98
C LYS F 170 -59.79 -25.92 -9.06
N TYR F 171 -60.06 -25.66 -7.78
CA TYR F 171 -60.22 -26.72 -6.81
C TYR F 171 -61.56 -27.42 -6.97
N ALA F 172 -62.64 -26.65 -7.20
CA ALA F 172 -63.96 -27.27 -7.34
C ALA F 172 -64.03 -28.19 -8.54
N LYS F 173 -63.31 -27.89 -9.63
CA LYS F 173 -63.39 -28.79 -10.78
C LYS F 173 -62.89 -30.20 -10.42
N GLN F 174 -62.02 -30.30 -9.42
CA GLN F 174 -61.48 -31.58 -8.99
C GLN F 174 -62.40 -32.31 -8.02
N LEU F 175 -63.55 -31.73 -7.69
CA LEU F 175 -64.55 -32.42 -6.88
C LEU F 175 -65.50 -33.18 -7.79
N LYS F 176 -65.84 -34.40 -7.39
CA LYS F 176 -66.77 -35.22 -8.14
C LYS F 176 -67.85 -35.71 -7.19
N GLY F 177 -69.10 -35.54 -7.57
CA GLY F 177 -70.19 -35.94 -6.71
C GLY F 177 -71.46 -35.22 -7.13
N ASP F 178 -72.39 -35.12 -6.18
CA ASP F 178 -73.66 -34.47 -6.45
C ASP F 178 -73.40 -33.09 -7.05
N LYS F 179 -73.69 -32.92 -8.34
CA LYS F 179 -73.43 -31.66 -9.00
C LYS F 179 -74.12 -30.50 -8.27
N ASN F 180 -75.33 -30.73 -7.77
CA ASN F 180 -76.05 -29.64 -7.15
C ASN F 180 -75.50 -29.27 -5.78
N LYS F 181 -75.05 -30.26 -4.99
CA LYS F 181 -74.44 -29.91 -3.72
C LYS F 181 -73.11 -29.19 -3.94
N ILE F 182 -72.33 -29.63 -4.92
CA ILE F 182 -71.06 -28.96 -5.20
C ILE F 182 -71.32 -27.54 -5.68
N GLN F 183 -72.36 -27.36 -6.50
CA GLN F 183 -72.68 -26.01 -6.96
C GLN F 183 -73.09 -25.11 -5.79
N LYS F 184 -73.89 -25.64 -4.86
CA LYS F 184 -74.24 -24.83 -3.69
C LYS F 184 -72.99 -24.44 -2.93
N LEU F 185 -72.01 -25.35 -2.83
CA LEU F 185 -70.75 -25.03 -2.18
C LEU F 185 -70.04 -23.89 -2.87
N VAL F 186 -69.91 -23.95 -4.19
CA VAL F 186 -69.15 -22.92 -4.89
C VAL F 186 -69.81 -21.56 -4.72
N GLN F 187 -71.11 -21.47 -4.99
CA GLN F 187 -71.74 -20.16 -4.92
C GLN F 187 -71.63 -19.57 -3.53
N MET F 188 -71.90 -20.37 -2.49
CA MET F 188 -71.74 -19.84 -1.15
C MET F 188 -70.30 -19.42 -0.91
N ALA F 189 -69.34 -20.23 -1.35
CA ALA F 189 -67.93 -19.86 -1.19
C ALA F 189 -67.64 -18.59 -1.98
N TRP F 190 -68.15 -18.51 -3.21
CA TRP F 190 -67.95 -17.33 -4.03
C TRP F 190 -68.47 -16.08 -3.33
N THR F 191 -69.68 -16.16 -2.76
CA THR F 191 -70.19 -15.03 -2.01
C THR F 191 -69.23 -14.66 -0.89
N PHE F 192 -68.69 -15.67 -0.19
CA PHE F 192 -67.74 -15.37 0.88
C PHE F 192 -66.50 -14.66 0.36
N VAL F 193 -66.06 -14.99 -0.86
CA VAL F 193 -64.93 -14.26 -1.44
C VAL F 193 -65.30 -12.79 -1.63
N ASN F 194 -66.46 -12.54 -2.25
CA ASN F 194 -66.90 -11.16 -2.46
C ASN F 194 -66.97 -10.38 -1.15
N ASP F 195 -67.45 -11.02 -0.08
CA ASP F 195 -67.54 -10.33 1.19
C ASP F 195 -66.17 -10.17 1.85
N SER F 196 -65.25 -11.09 1.60
CA SER F 196 -63.93 -10.98 2.19
C SER F 196 -63.12 -9.81 1.62
N LEU F 197 -63.52 -9.27 0.47
CA LEU F 197 -62.77 -8.16 -0.11
C LEU F 197 -62.84 -6.92 0.76
N CYS F 198 -63.86 -6.82 1.61
CA CYS F 198 -64.01 -5.72 2.55
C CYS F 198 -63.10 -5.82 3.75
N THR F 199 -62.32 -6.89 3.84
CA THR F 199 -61.49 -7.13 5.01
C THR F 199 -60.03 -7.06 4.61
N THR F 200 -59.19 -7.09 5.62
CA THR F 200 -57.74 -7.11 5.45
C THR F 200 -57.21 -8.51 5.22
N LEU F 201 -58.11 -9.49 5.01
CA LEU F 201 -57.67 -10.84 4.67
C LEU F 201 -56.85 -10.85 3.39
N SER F 202 -57.19 -9.98 2.43
CA SER F 202 -56.41 -9.88 1.20
C SER F 202 -54.95 -9.62 1.51
N LEU F 203 -54.69 -8.96 2.65
CA LEU F 203 -53.35 -8.57 3.08
C LEU F 203 -52.71 -9.55 4.04
N GLN F 204 -53.45 -10.56 4.51
CA GLN F 204 -52.93 -11.50 5.50
C GLN F 204 -52.61 -12.86 4.93
N TRP F 205 -53.36 -13.29 3.91
CA TRP F 205 -53.27 -14.65 3.40
C TRP F 205 -53.28 -14.68 1.88
N GLU F 206 -52.45 -15.55 1.32
CA GLU F 206 -52.41 -15.76 -0.11
C GLU F 206 -53.80 -16.12 -0.62
N PRO F 207 -54.09 -15.83 -1.90
CA PRO F 207 -55.44 -16.12 -2.41
C PRO F 207 -55.82 -17.58 -2.32
N GLU F 208 -54.87 -18.48 -2.59
CA GLU F 208 -55.14 -19.91 -2.49
C GLU F 208 -55.70 -20.27 -1.12
N ILE F 209 -55.14 -19.69 -0.06
CA ILE F 209 -55.59 -20.00 1.28
C ILE F 209 -57.00 -19.50 1.51
N ILE F 210 -57.30 -18.29 1.03
CA ILE F 210 -58.65 -17.76 1.15
C ILE F 210 -59.64 -18.68 0.44
N ALA F 211 -59.27 -19.12 -0.77
CA ALA F 211 -60.16 -19.99 -1.52
C ALA F 211 -60.47 -21.25 -0.74
N VAL F 212 -59.47 -21.85 -0.09
CA VAL F 212 -59.72 -23.02 0.74
C VAL F 212 -60.63 -22.63 1.90
N ALA F 213 -60.32 -21.51 2.57
CA ALA F 213 -61.11 -21.12 3.73
C ALA F 213 -62.59 -20.95 3.39
N VAL F 214 -62.90 -20.32 2.26
CA VAL F 214 -64.31 -20.11 1.95
C VAL F 214 -64.99 -21.42 1.60
N MET F 215 -64.27 -22.31 0.90
CA MET F 215 -64.82 -23.65 0.71
C MET F 215 -65.04 -24.34 2.04
N TYR F 216 -64.06 -24.25 2.93
CA TYR F 216 -64.14 -24.81 4.27
C TYR F 216 -65.36 -24.26 5.00
N LEU F 217 -65.54 -22.94 4.96
CA LEU F 217 -66.71 -22.35 5.60
C LEU F 217 -67.98 -22.84 4.95
N ALA F 218 -68.06 -22.72 3.63
CA ALA F 218 -69.26 -23.16 2.93
C ALA F 218 -69.57 -24.62 3.25
N GLY F 219 -68.54 -25.45 3.35
CA GLY F 219 -68.76 -26.84 3.70
C GLY F 219 -69.40 -26.99 5.07
N ARG F 220 -68.86 -26.31 6.07
CA ARG F 220 -69.43 -26.40 7.41
C ARG F 220 -70.88 -25.96 7.42
N LEU F 221 -71.18 -24.82 6.79
CA LEU F 221 -72.54 -24.30 6.85
C LEU F 221 -73.53 -25.20 6.13
N CYS F 222 -73.13 -25.77 4.99
CA CYS F 222 -74.02 -26.65 4.24
C CYS F 222 -74.00 -28.09 4.74
N LYS F 223 -73.28 -28.36 5.83
CA LYS F 223 -73.17 -29.70 6.39
C LYS F 223 -72.61 -30.67 5.36
N PHE F 224 -71.62 -30.21 4.59
CA PHE F 224 -71.00 -31.06 3.56
C PHE F 224 -69.66 -31.61 4.02
N GLU F 225 -69.37 -32.84 3.59
CA GLU F 225 -68.10 -33.50 3.88
C GLU F 225 -67.25 -33.41 2.61
N ILE F 226 -66.55 -32.28 2.45
CA ILE F 226 -65.93 -32.03 1.14
C ILE F 226 -64.98 -33.16 0.74
N GLN F 227 -64.37 -33.81 1.73
CA GLN F 227 -63.38 -34.84 1.42
C GLN F 227 -63.97 -35.92 0.52
N GLU F 228 -65.25 -36.27 0.72
CA GLU F 228 -65.85 -37.36 -0.04
C GLU F 228 -65.79 -37.09 -1.54
N TRP F 229 -65.78 -35.83 -1.93
CA TRP F 229 -65.76 -35.45 -3.33
C TRP F 229 -64.36 -35.39 -3.91
N THR F 230 -63.33 -35.57 -3.09
CA THR F 230 -61.95 -35.47 -3.55
C THR F 230 -61.44 -36.83 -4.02
N SER F 231 -60.26 -36.81 -4.64
CA SER F 231 -59.61 -38.04 -5.04
C SER F 231 -59.13 -38.87 -3.86
N LYS F 232 -59.22 -38.34 -2.63
CA LYS F 232 -58.76 -39.05 -1.43
C LYS F 232 -59.87 -38.99 -0.38
N PRO F 233 -60.96 -39.74 -0.59
CA PRO F 233 -62.17 -39.55 0.24
C PRO F 233 -62.00 -39.90 1.71
N MET F 234 -60.89 -40.50 2.11
CA MET F 234 -60.65 -40.85 3.51
C MET F 234 -59.56 -40.00 4.13
N TYR F 235 -59.16 -38.93 3.46
CA TYR F 235 -58.20 -37.94 3.94
C TYR F 235 -59.01 -36.78 4.51
N ARG F 236 -59.17 -36.75 5.83
CA ARG F 236 -60.10 -35.79 6.43
C ARG F 236 -59.67 -34.35 6.17
N ARG F 237 -58.37 -34.11 6.04
CA ARG F 237 -57.85 -32.78 5.73
C ARG F 237 -57.78 -32.60 4.21
N TRP F 238 -58.94 -32.28 3.63
CA TRP F 238 -59.05 -32.26 2.18
C TRP F 238 -58.25 -31.13 1.55
N TRP F 239 -58.05 -30.02 2.27
CA TRP F 239 -57.35 -28.90 1.65
C TRP F 239 -55.88 -29.22 1.40
N GLU F 240 -55.32 -30.17 2.13
CA GLU F 240 -53.90 -30.46 1.97
C GLU F 240 -53.60 -30.87 0.53
N GLN F 241 -54.61 -31.39 -0.18
CA GLN F 241 -54.43 -31.74 -1.58
C GLN F 241 -54.44 -30.52 -2.49
N PHE F 242 -54.96 -29.39 -2.02
CA PHE F 242 -55.01 -28.17 -2.81
C PHE F 242 -53.97 -27.13 -2.41
N VAL F 243 -53.86 -26.83 -1.11
CA VAL F 243 -52.93 -25.83 -0.61
C VAL F 243 -52.18 -26.49 0.53
N GLN F 244 -50.88 -26.71 0.33
CA GLN F 244 -50.07 -27.40 1.31
C GLN F 244 -49.69 -26.48 2.46
N ASP F 245 -49.59 -27.07 3.64
CA ASP F 245 -49.07 -26.42 4.83
C ASP F 245 -50.02 -25.37 5.39
N VAL F 246 -51.33 -25.60 5.28
CA VAL F 246 -52.30 -24.69 5.86
C VAL F 246 -52.89 -25.36 7.09
N PRO F 247 -52.62 -24.84 8.29
CA PRO F 247 -53.23 -25.40 9.50
C PRO F 247 -54.69 -25.01 9.64
N VAL F 248 -55.43 -25.84 10.39
CA VAL F 248 -56.83 -25.54 10.65
C VAL F 248 -56.95 -24.19 11.35
N ASP F 249 -55.98 -23.87 12.22
CA ASP F 249 -55.98 -22.58 12.91
C ASP F 249 -56.23 -21.45 11.93
N VAL F 250 -55.52 -21.46 10.81
CA VAL F 250 -55.66 -20.40 9.81
C VAL F 250 -57.08 -20.41 9.22
N LEU F 251 -57.54 -21.57 8.77
CA LEU F 251 -58.86 -21.63 8.16
C LEU F 251 -59.92 -21.15 9.15
N GLU F 252 -59.74 -21.44 10.44
CA GLU F 252 -60.69 -20.96 11.43
C GLU F 252 -60.57 -19.45 11.63
N ASP F 253 -59.33 -18.95 11.69
CA ASP F 253 -59.12 -17.51 11.79
C ASP F 253 -59.80 -16.80 10.63
N ILE F 254 -59.60 -17.30 9.42
CA ILE F 254 -60.21 -16.68 8.25
C ILE F 254 -61.72 -16.78 8.32
N CYS F 255 -62.24 -17.98 8.63
CA CYS F 255 -63.68 -18.13 8.73
C CYS F 255 -64.25 -17.17 9.77
N HIS F 256 -63.58 -17.05 10.91
CA HIS F 256 -64.08 -16.15 11.95
C HIS F 256 -64.22 -14.73 11.42
N GLN F 257 -63.18 -14.23 10.73
CA GLN F 257 -63.21 -12.86 10.24
C GLN F 257 -64.33 -12.67 9.21
N ILE F 258 -64.59 -13.68 8.38
CA ILE F 258 -65.66 -13.56 7.40
C ILE F 258 -67.03 -13.51 8.08
N LEU F 259 -67.29 -14.42 9.02
CA LEU F 259 -68.58 -14.45 9.69
C LEU F 259 -68.83 -13.20 10.52
N ASP F 260 -67.77 -12.52 10.96
CA ASP F 260 -67.94 -11.29 11.74
C ASP F 260 -68.71 -10.23 10.95
N LEU F 261 -68.44 -10.11 9.65
CA LEU F 261 -69.16 -9.13 8.83
C LEU F 261 -70.66 -9.38 8.85
N TYR F 262 -71.06 -10.65 8.81
CA TYR F 262 -72.47 -11.00 8.81
C TYR F 262 -73.15 -10.64 10.13
N SER F 263 -72.44 -10.85 11.25
CA SER F 263 -73.02 -10.53 12.55
C SER F 263 -73.12 -9.03 12.78
N GLN F 264 -72.07 -8.28 12.43
CA GLN F 264 -72.10 -6.83 12.59
C GLN F 264 -73.12 -6.20 11.63
N GLY F 265 -73.09 -6.59 10.36
CA GLY F 265 -74.00 -6.05 9.38
C GLY F 265 -75.41 -6.58 9.53
N LYS F 266 -76.32 -6.01 8.72
CA LYS F 266 -77.69 -6.48 8.71
C LYS F 266 -77.81 -7.84 8.03
N GLN F 267 -77.00 -8.07 6.99
CA GLN F 267 -77.04 -9.33 6.26
C GLN F 267 -76.63 -10.51 7.15
N GLN F 268 -77.28 -11.64 6.94
CA GLN F 268 -77.05 -12.90 7.65
C GLN F 268 -76.42 -13.89 6.68
N MET F 269 -75.91 -15.01 7.21
CA MET F 269 -75.18 -15.98 6.39
C MET F 269 -76.00 -16.37 5.16
N PRO F 270 -75.35 -16.53 4.00
CA PRO F 270 -76.14 -16.73 2.76
C PRO F 270 -77.05 -17.93 2.75
N HIS F 271 -76.58 -19.08 3.21
CA HIS F 271 -77.32 -20.33 3.16
C HIS F 271 -78.29 -20.45 2.01
N MET G 5 -15.72 31.32 53.35
CA MET G 5 -14.73 31.88 52.39
C MET G 5 -15.40 32.49 51.15
N SER G 6 -16.57 31.97 50.77
CA SER G 6 -17.36 32.54 49.68
C SER G 6 -18.77 32.84 50.22
N TYR G 7 -19.39 33.88 49.66
CA TYR G 7 -20.67 34.38 50.17
C TYR G 7 -21.65 34.59 49.02
N ASN G 8 -22.84 33.96 49.14
CA ASN G 8 -23.83 34.02 48.08
C ASN G 8 -25.25 34.07 48.63
N TYR G 9 -26.17 34.54 47.79
CA TYR G 9 -27.57 34.82 48.12
C TYR G 9 -28.41 34.15 47.04
N VAL G 10 -29.47 33.44 47.44
CA VAL G 10 -30.31 32.70 46.50
C VAL G 10 -31.77 33.02 46.80
N VAL G 11 -32.48 33.54 45.80
CA VAL G 11 -33.89 33.87 45.96
C VAL G 11 -34.71 33.20 44.87
N THR G 12 -35.98 33.02 45.17
CA THR G 12 -36.94 32.54 44.19
C THR G 12 -37.49 33.76 43.47
N ALA G 13 -37.36 33.77 42.15
CA ALA G 13 -37.98 34.81 41.33
C ALA G 13 -39.35 34.35 40.86
N GLN G 14 -39.47 33.06 40.58
CA GLN G 14 -40.72 32.41 40.19
C GLN G 14 -40.86 31.11 40.96
N LYS G 15 -42.00 30.94 41.62
CA LYS G 15 -42.22 29.75 42.41
C LYS G 15 -42.40 28.53 41.51
N PRO G 16 -42.25 27.33 42.07
CA PRO G 16 -42.52 26.10 41.29
C PRO G 16 -43.92 26.10 40.70
N THR G 17 -44.00 25.72 39.41
CA THR G 17 -45.26 25.73 38.70
C THR G 17 -45.77 24.34 38.35
N ALA G 18 -44.93 23.32 38.44
CA ALA G 18 -45.34 21.97 38.06
C ALA G 18 -46.10 21.34 39.22
N VAL G 19 -47.20 20.69 38.89
CA VAL G 19 -48.03 20.03 39.88
C VAL G 19 -47.47 18.65 40.14
N ASN G 20 -47.19 18.36 41.40
CA ASN G 20 -46.64 17.07 41.80
C ASN G 20 -47.67 16.13 42.41
N GLY G 21 -48.81 16.66 42.87
CA GLY G 21 -49.89 15.82 43.39
C GLY G 21 -51.03 16.70 43.84
N CYS G 22 -52.23 16.10 43.89
CA CYS G 22 -53.39 16.85 44.33
C CYS G 22 -54.46 15.95 44.94
N VAL G 23 -55.11 16.47 46.00
CA VAL G 23 -56.14 15.74 46.73
C VAL G 23 -57.39 16.59 46.88
N THR G 24 -58.51 15.91 47.15
CA THR G 24 -59.79 16.55 47.44
C THR G 24 -60.32 16.08 48.78
N GLY G 25 -60.94 16.98 49.53
CA GLY G 25 -61.53 16.60 50.80
C GLY G 25 -62.23 17.78 51.42
N HIS G 26 -62.38 17.69 52.75
CA HIS G 26 -63.07 18.69 53.55
C HIS G 26 -62.11 19.16 54.64
N PHE G 27 -61.13 19.96 54.23
CA PHE G 27 -60.00 20.33 55.07
C PHE G 27 -60.23 21.66 55.79
N THR G 28 -60.74 22.67 55.09
CA THR G 28 -60.94 23.96 55.74
C THR G 28 -62.22 23.98 56.58
N SER G 29 -63.25 23.27 56.15
CA SER G 29 -64.49 23.15 56.91
C SER G 29 -65.19 21.85 56.50
N ALA G 30 -65.97 21.30 57.42
CA ALA G 30 -66.66 20.04 57.12
C ALA G 30 -67.66 20.17 55.98
N GLU G 31 -68.04 21.39 55.60
CA GLU G 31 -69.02 21.63 54.56
C GLU G 31 -68.41 21.91 53.20
N ASP G 32 -67.33 22.66 53.14
CA ASP G 32 -66.74 23.05 51.88
C ASP G 32 -65.96 21.88 51.27
N LEU G 33 -65.99 21.81 49.94
CA LEU G 33 -65.16 20.87 49.19
C LEU G 33 -63.88 21.58 48.78
N ASN G 34 -62.74 21.05 49.23
CA ASN G 34 -61.45 21.68 49.00
C ASN G 34 -60.67 20.94 47.93
N LEU G 35 -59.77 21.68 47.28
CA LEU G 35 -58.75 21.12 46.40
C LEU G 35 -57.39 21.57 46.94
N LEU G 36 -56.59 20.62 47.39
CA LEU G 36 -55.22 20.89 47.83
C LEU G 36 -54.28 20.48 46.71
N ILE G 37 -53.45 21.42 46.25
CA ILE G 37 -52.47 21.17 45.22
C ILE G 37 -51.08 21.33 45.81
N ALA G 38 -50.23 20.34 45.57
CA ALA G 38 -48.85 20.39 46.02
C ALA G 38 -47.99 20.63 44.78
N LYS G 39 -47.35 21.79 44.74
CA LYS G 39 -46.22 22.02 43.84
C LYS G 39 -44.99 21.90 44.73
N ASN G 40 -43.84 21.62 44.14
CA ASN G 40 -42.68 21.29 44.96
C ASN G 40 -42.49 22.35 46.05
N THR G 41 -42.68 21.94 47.31
CA THR G 41 -42.53 22.72 48.53
C THR G 41 -43.68 23.71 48.78
N ARG G 42 -44.64 23.84 47.87
CA ARG G 42 -45.71 24.82 48.03
C ARG G 42 -47.02 24.06 48.18
N LEU G 43 -47.81 24.41 49.19
CA LEU G 43 -49.13 23.83 49.36
C LEU G 43 -50.14 24.92 49.05
N GLU G 44 -51.02 24.67 48.09
CA GLU G 44 -52.07 25.59 47.70
C GLU G 44 -53.40 25.00 48.11
N ILE G 45 -54.21 25.79 48.82
CA ILE G 45 -55.52 25.37 49.30
C ILE G 45 -56.58 26.19 48.58
N TYR G 46 -57.53 25.50 47.96
CA TYR G 46 -58.61 26.13 47.25
C TYR G 46 -59.94 25.63 47.82
N VAL G 47 -61.01 26.36 47.51
CA VAL G 47 -62.36 25.90 47.80
C VAL G 47 -63.09 25.76 46.47
N VAL G 48 -63.73 24.61 46.28
CA VAL G 48 -64.39 24.30 45.02
C VAL G 48 -65.71 25.06 45.00
N THR G 49 -65.91 25.88 43.97
CA THR G 49 -67.15 26.61 43.77
C THR G 49 -67.82 26.08 42.51
N ALA G 50 -68.97 26.66 42.18
CA ALA G 50 -69.65 26.23 40.97
C ALA G 50 -68.99 26.75 39.70
N GLU G 51 -68.21 27.81 39.78
CA GLU G 51 -67.59 28.42 38.62
C GLU G 51 -66.17 27.95 38.41
N GLY G 52 -65.46 27.60 39.48
CA GLY G 52 -64.07 27.22 39.41
C GLY G 52 -63.46 27.04 40.79
N LEU G 53 -62.25 27.56 40.99
CA LEU G 53 -61.53 27.40 42.24
C LEU G 53 -61.34 28.77 42.89
N ARG G 54 -61.63 28.85 44.19
CA ARG G 54 -61.41 30.04 45.00
C ARG G 54 -60.22 29.85 45.91
N PRO G 55 -59.13 30.60 45.76
CA PRO G 55 -57.97 30.42 46.65
C PRO G 55 -58.30 30.79 48.10
N VAL G 56 -57.62 30.11 49.02
CA VAL G 56 -57.85 30.29 50.46
C VAL G 56 -56.57 30.66 51.20
N LYS G 57 -55.50 29.93 50.94
CA LYS G 57 -54.24 30.10 51.65
C LYS G 57 -53.17 29.37 50.86
N GLU G 58 -51.96 29.91 50.90
CA GLU G 58 -50.81 29.20 50.38
C GLU G 58 -49.71 29.29 51.42
N VAL G 59 -49.11 28.16 51.73
CA VAL G 59 -48.01 28.09 52.67
C VAL G 59 -46.84 27.44 51.93
N GLY G 60 -45.65 27.76 52.38
CA GLY G 60 -44.47 27.05 51.99
C GLY G 60 -44.09 26.08 53.08
N MET G 61 -43.39 25.03 52.69
CA MET G 61 -42.82 24.08 53.63
C MET G 61 -41.32 23.99 53.42
N TYR G 62 -40.61 23.72 54.50
CA TYR G 62 -39.17 23.53 54.46
C TYR G 62 -38.83 22.07 54.11
N GLY G 63 -39.24 21.66 52.91
CA GLY G 63 -39.10 20.29 52.46
C GLY G 63 -39.83 20.02 51.16
N LYS G 64 -39.38 19.03 50.37
CA LYS G 64 -40.10 18.67 49.15
C LYS G 64 -41.27 17.77 49.56
N ILE G 65 -42.47 18.09 49.07
CA ILE G 65 -43.67 17.35 49.46
C ILE G 65 -43.71 16.02 48.71
N ALA G 66 -43.52 14.92 49.43
CA ALA G 66 -43.51 13.58 48.86
C ALA G 66 -44.84 12.86 48.98
N VAL G 67 -45.48 12.95 50.15
CA VAL G 67 -46.79 12.36 50.39
C VAL G 67 -47.74 13.47 50.81
N MET G 68 -48.92 13.51 50.22
CA MET G 68 -49.96 14.44 50.63
C MET G 68 -51.27 13.67 50.63
N GLU G 69 -51.89 13.55 51.80
CA GLU G 69 -53.09 12.75 51.95
C GLU G 69 -53.99 13.39 52.99
N LEU G 70 -55.30 13.34 52.74
CA LEU G 70 -56.32 13.84 53.65
C LEU G 70 -57.04 12.68 54.33
N PHE G 71 -57.25 12.81 55.64
CA PHE G 71 -57.94 11.80 56.42
C PHE G 71 -58.77 12.46 57.50
N ARG G 72 -59.71 11.70 58.05
CA ARG G 72 -60.62 12.18 59.09
C ARG G 72 -60.79 11.16 60.20
N PRO G 73 -60.02 11.27 61.29
CA PRO G 73 -60.16 10.29 62.37
C PRO G 73 -61.44 10.52 63.17
N LYS G 74 -61.97 9.43 63.73
CA LYS G 74 -63.19 9.50 64.51
C LYS G 74 -63.09 10.57 65.58
N GLY G 75 -64.08 11.46 65.62
CA GLY G 75 -64.10 12.55 66.57
C GLY G 75 -63.73 13.90 66.03
N GLU G 76 -63.13 13.96 64.84
CA GLU G 76 -62.76 15.24 64.25
C GLU G 76 -63.96 15.79 63.48
N SER G 77 -64.13 17.12 63.54
CA SER G 77 -65.23 17.76 62.82
C SER G 77 -64.93 17.81 61.33
N LYS G 78 -63.65 17.82 60.95
CA LYS G 78 -63.26 18.00 59.56
C LYS G 78 -61.94 17.27 59.30
N ASP G 79 -61.55 17.24 58.02
CA ASP G 79 -60.37 16.49 57.61
C ASP G 79 -59.08 17.12 58.14
N LEU G 80 -58.12 16.24 58.43
CA LEU G 80 -56.74 16.61 58.72
C LEU G 80 -55.85 16.24 57.54
N LEU G 81 -54.67 16.86 57.48
CA LEU G 81 -53.75 16.70 56.37
C LEU G 81 -52.48 16.01 56.85
N PHE G 82 -52.09 14.94 56.16
CA PHE G 82 -50.81 14.29 56.39
C PHE G 82 -49.84 14.63 55.27
N ILE G 83 -48.63 15.02 55.63
CA ILE G 83 -47.57 15.30 54.67
C ILE G 83 -46.27 14.67 55.15
N LEU G 84 -45.54 14.08 54.21
CA LEU G 84 -44.19 13.56 54.44
C LEU G 84 -43.28 14.18 53.41
N THR G 85 -42.16 14.73 53.85
CA THR G 85 -41.25 15.38 52.90
C THR G 85 -40.23 14.37 52.39
N ALA G 86 -39.50 14.78 51.34
CA ALA G 86 -38.51 13.90 50.73
C ALA G 86 -37.33 13.60 51.67
N LYS G 87 -37.12 14.42 52.69
CA LYS G 87 -36.16 14.14 53.74
C LYS G 87 -36.78 13.42 54.94
N TYR G 88 -38.01 12.91 54.77
CA TYR G 88 -38.70 12.10 55.77
C TYR G 88 -39.21 12.90 56.96
N ASN G 89 -39.54 14.18 56.74
CA ASN G 89 -40.22 14.97 57.74
C ASN G 89 -41.71 14.67 57.65
N ALA G 90 -42.29 14.16 58.74
CA ALA G 90 -43.71 13.85 58.77
C ALA G 90 -44.43 14.87 59.64
N CYS G 91 -45.69 15.12 59.31
CA CYS G 91 -46.51 16.01 60.12
C CYS G 91 -47.98 15.79 59.78
N ILE G 92 -48.83 16.08 60.75
CA ILE G 92 -50.27 16.12 60.57
C ILE G 92 -50.72 17.55 60.82
N LEU G 93 -51.45 18.11 59.86
CA LEU G 93 -51.76 19.52 59.85
C LEU G 93 -53.26 19.71 60.00
N GLU G 94 -53.63 20.81 60.62
CA GLU G 94 -55.01 21.20 60.79
C GLU G 94 -55.13 22.63 60.27
N TYR G 95 -56.18 22.87 59.51
CA TYR G 95 -56.52 24.22 59.08
C TYR G 95 -57.31 24.89 60.20
N LYS G 96 -56.87 26.07 60.62
CA LYS G 96 -57.58 26.79 61.66
C LYS G 96 -57.61 28.27 61.30
N GLN G 97 -58.83 28.82 61.25
CA GLN G 97 -59.06 30.20 60.87
C GLN G 97 -60.03 30.86 61.84
N SER G 98 -59.64 32.02 62.38
CA SER G 98 -60.47 32.82 63.28
C SER G 98 -60.54 34.24 62.72
N GLY G 99 -61.66 34.57 62.09
CA GLY G 99 -61.79 35.85 61.40
C GLY G 99 -60.94 35.89 60.14
N GLU G 100 -60.08 36.90 60.02
CA GLU G 100 -59.23 37.02 58.85
C GLU G 100 -57.90 36.30 59.00
N SER G 101 -57.58 35.84 60.21
CA SER G 101 -56.28 35.24 60.52
C SER G 101 -56.32 33.75 60.20
N ILE G 102 -55.50 33.32 59.24
CA ILE G 102 -55.43 31.93 58.84
C ILE G 102 -54.12 31.33 59.32
N ASP G 103 -54.21 30.18 59.96
CA ASP G 103 -53.08 29.44 60.46
C ASP G 103 -53.21 28.00 59.98
N ILE G 104 -52.07 27.31 59.91
CA ILE G 104 -52.07 25.87 59.70
C ILE G 104 -51.35 25.27 60.89
N ILE G 105 -52.08 24.54 61.70
CA ILE G 105 -51.59 24.07 62.99
C ILE G 105 -50.96 22.70 62.79
N THR G 106 -49.79 22.51 63.38
CA THR G 106 -49.12 21.23 63.36
C THR G 106 -49.51 20.45 64.60
N ARG G 107 -50.37 19.44 64.43
CA ARG G 107 -50.85 18.66 65.58
C ARG G 107 -49.87 17.57 65.98
N ALA G 108 -49.09 17.05 65.04
CA ALA G 108 -48.10 16.02 65.31
C ALA G 108 -46.96 16.22 64.32
N HIS G 109 -45.74 15.88 64.74
CA HIS G 109 -44.62 16.00 63.82
C HIS G 109 -43.51 15.08 64.27
N GLY G 110 -42.67 14.71 63.31
CA GLY G 110 -41.52 13.86 63.57
C GLY G 110 -40.88 13.46 62.27
N ASN G 111 -39.69 12.87 62.40
CA ASN G 111 -38.90 12.40 61.27
C ASN G 111 -38.87 10.87 61.27
N VAL G 112 -39.27 10.26 60.16
CA VAL G 112 -39.47 8.81 60.11
C VAL G 112 -38.31 8.08 59.43
N GLN G 113 -37.17 8.73 59.28
CA GLN G 113 -36.04 8.09 58.62
C GLN G 113 -35.51 6.95 59.48
N ASP G 114 -35.12 5.86 58.83
CA ASP G 114 -34.49 4.73 59.50
C ASP G 114 -32.98 4.82 59.34
N ARG G 115 -32.26 4.47 60.41
CA ARG G 115 -30.79 4.49 60.34
C ARG G 115 -30.31 3.57 59.22
N ILE G 116 -30.95 2.42 59.06
CA ILE G 116 -30.55 1.44 58.06
C ILE G 116 -31.76 1.09 57.21
N GLY G 117 -31.59 1.18 55.90
CA GLY G 117 -32.63 0.84 54.96
C GLY G 117 -32.21 1.20 53.54
N ARG G 118 -32.71 0.45 52.56
CA ARG G 118 -32.43 0.74 51.16
C ARG G 118 -33.59 1.49 50.57
N PRO G 119 -33.41 2.72 50.08
CA PRO G 119 -34.53 3.45 49.44
C PRO G 119 -35.10 2.66 48.27
N SER G 120 -36.43 2.60 48.22
CA SER G 120 -37.12 1.76 47.25
C SER G 120 -37.07 2.36 45.84
N GLU G 121 -37.17 1.47 44.84
CA GLU G 121 -37.07 1.89 43.45
C GLU G 121 -38.25 2.78 43.05
N THR G 122 -39.48 2.39 43.41
CA THR G 122 -40.65 3.16 43.00
C THR G 122 -41.01 4.30 43.96
N GLY G 123 -40.11 4.65 44.88
CA GLY G 123 -40.25 5.85 45.69
C GLY G 123 -41.15 5.74 46.93
N ILE G 124 -41.18 6.85 47.67
CA ILE G 124 -41.97 6.91 48.90
C ILE G 124 -43.43 6.70 48.55
N ILE G 125 -44.08 5.81 49.28
CA ILE G 125 -45.52 5.61 49.16
C ILE G 125 -46.14 5.86 50.53
N GLY G 126 -47.22 6.63 50.54
CA GLY G 126 -47.94 6.86 51.78
C GLY G 126 -49.43 6.59 51.60
N ILE G 127 -49.98 5.77 52.48
CA ILE G 127 -51.38 5.36 52.42
C ILE G 127 -51.94 5.41 53.84
N ILE G 128 -53.25 5.59 53.95
CA ILE G 128 -53.91 5.69 55.24
C ILE G 128 -55.09 4.74 55.28
N ASP G 129 -55.28 4.09 56.42
CA ASP G 129 -56.34 3.13 56.61
C ASP G 129 -57.70 3.78 56.40
N PRO G 130 -58.68 3.05 55.85
CA PRO G 130 -60.03 3.62 55.74
C PRO G 130 -60.63 4.00 57.07
N GLU G 131 -60.25 3.31 58.14
CA GLU G 131 -60.71 3.61 59.49
C GLU G 131 -59.82 4.63 60.19
N CYS G 132 -58.87 5.22 59.47
CA CYS G 132 -57.92 6.17 60.06
C CYS G 132 -57.33 5.58 61.34
N ARG G 133 -57.01 4.29 61.27
CA ARG G 133 -56.33 3.59 62.36
C ARG G 133 -54.84 3.78 62.31
N MET G 134 -54.27 3.94 61.11
CA MET G 134 -52.82 4.01 60.97
C MET G 134 -52.47 4.66 59.65
N ILE G 135 -51.22 5.12 59.58
CA ILE G 135 -50.59 5.58 58.35
C ILE G 135 -49.56 4.53 57.94
N GLY G 136 -49.67 4.03 56.71
CA GLY G 136 -48.68 3.12 56.15
C GLY G 136 -47.69 3.88 55.28
N LEU G 137 -46.41 3.58 55.46
CA LEU G 137 -45.36 4.17 54.65
C LEU G 137 -44.49 3.05 54.06
N ARG G 138 -44.25 3.12 52.76
CA ARG G 138 -43.29 2.23 52.11
C ARG G 138 -42.09 3.11 51.78
N LEU G 139 -41.10 3.12 52.67
CA LEU G 139 -39.91 3.93 52.48
C LEU G 139 -38.73 3.13 51.94
N TYR G 140 -38.54 1.91 52.42
CA TYR G 140 -37.35 1.12 52.11
C TYR G 140 -37.75 -0.27 51.64
N ASP G 141 -36.90 -0.86 50.81
CA ASP G 141 -37.11 -2.24 50.36
C ASP G 141 -37.18 -3.19 51.55
N GLY G 142 -38.17 -4.06 51.56
CA GLY G 142 -38.24 -5.09 52.57
C GLY G 142 -38.82 -4.64 53.89
N LEU G 143 -39.29 -3.41 53.97
CA LEU G 143 -39.84 -2.88 55.20
C LEU G 143 -41.12 -2.10 54.95
N PHE G 144 -42.07 -2.28 55.86
CA PHE G 144 -43.32 -1.54 55.91
C PHE G 144 -43.39 -0.82 57.25
N LYS G 145 -43.54 0.51 57.21
CA LYS G 145 -43.55 1.33 58.42
C LYS G 145 -45.00 1.67 58.76
N VAL G 146 -45.34 1.58 60.05
CA VAL G 146 -46.69 1.90 60.52
C VAL G 146 -46.57 3.01 61.57
N ILE G 147 -47.25 4.13 61.31
CA ILE G 147 -47.49 5.15 62.33
C ILE G 147 -48.90 4.94 62.85
N PRO G 148 -49.09 4.46 64.07
CA PRO G 148 -50.46 4.31 64.59
C PRO G 148 -51.09 5.66 64.88
N LEU G 149 -52.36 5.80 64.50
CA LEU G 149 -53.07 7.07 64.65
C LEU G 149 -53.77 7.14 66.01
N ASP G 150 -52.95 7.19 67.06
CA ASP G 150 -53.42 7.45 68.41
C ASP G 150 -53.48 8.95 68.62
N ARG G 151 -54.44 9.38 69.45
CA ARG G 151 -54.59 10.82 69.69
C ARG G 151 -53.34 11.40 70.35
N ASP G 152 -52.64 10.61 71.15
CA ASP G 152 -51.47 11.06 71.90
C ASP G 152 -50.17 10.98 71.10
N ASN G 153 -50.19 10.36 69.92
CA ASN G 153 -48.95 10.13 69.15
C ASN G 153 -48.53 11.40 68.42
N LYS G 154 -48.27 12.45 69.21
CA LYS G 154 -47.90 13.75 68.65
C LYS G 154 -46.47 13.79 68.13
N GLU G 155 -45.63 12.81 68.47
CA GLU G 155 -44.29 12.69 67.91
C GLU G 155 -44.24 11.73 66.72
N LEU G 156 -45.37 11.17 66.31
CA LEU G 156 -45.44 10.24 65.18
C LEU G 156 -44.43 9.11 65.32
N LYS G 157 -44.38 8.50 66.50
CA LYS G 157 -43.55 7.33 66.70
C LYS G 157 -44.10 6.18 65.87
N ALA G 158 -43.19 5.34 65.38
CA ALA G 158 -43.60 4.30 64.45
C ALA G 158 -42.72 3.07 64.63
N PHE G 159 -43.21 1.96 64.07
CA PHE G 159 -42.50 0.68 64.11
C PHE G 159 -42.48 0.11 62.71
N ASN G 160 -41.48 -0.74 62.44
CA ASN G 160 -41.37 -1.39 61.15
C ASN G 160 -41.80 -2.85 61.23
N ILE G 161 -42.50 -3.30 60.20
CA ILE G 161 -42.84 -4.70 60.00
C ILE G 161 -41.98 -5.22 58.86
N ARG G 162 -41.31 -6.35 59.10
CA ARG G 162 -40.53 -6.96 58.03
C ARG G 162 -41.45 -7.33 56.88
N LEU G 163 -40.99 -7.08 55.66
CA LEU G 163 -41.76 -7.32 54.45
C LEU G 163 -40.99 -8.33 53.61
N GLU G 164 -41.59 -9.50 53.41
CA GLU G 164 -40.88 -10.58 52.72
C GLU G 164 -40.55 -10.19 51.30
N GLU G 165 -41.48 -9.51 50.62
CA GLU G 165 -41.34 -9.15 49.22
C GLU G 165 -40.51 -7.88 49.07
N LEU G 166 -39.27 -8.03 48.61
CA LEU G 166 -38.34 -6.90 48.66
C LEU G 166 -38.70 -5.82 47.65
N HIS G 167 -39.17 -6.20 46.47
CA HIS G 167 -39.40 -5.24 45.39
C HIS G 167 -40.89 -5.00 45.19
N VAL G 168 -41.42 -4.01 45.89
CA VAL G 168 -42.83 -3.67 45.87
C VAL G 168 -43.07 -2.52 44.92
N ILE G 169 -44.06 -2.69 44.04
CA ILE G 169 -44.39 -1.68 43.03
C ILE G 169 -45.37 -0.64 43.56
N ASP G 170 -46.49 -1.07 44.14
CA ASP G 170 -47.49 -0.12 44.62
C ASP G 170 -48.33 -0.81 45.69
N VAL G 171 -48.88 -0.02 46.61
CA VAL G 171 -49.66 -0.55 47.71
C VAL G 171 -50.77 0.42 48.09
N LYS G 172 -51.89 -0.15 48.52
CA LYS G 172 -53.04 0.59 49.03
C LYS G 172 -53.62 -0.19 50.20
N PHE G 173 -54.31 0.52 51.10
CA PHE G 173 -55.12 -0.15 52.11
C PHE G 173 -56.44 -0.55 51.45
N LEU G 174 -56.89 -1.78 51.68
CA LEU G 174 -58.12 -2.21 51.03
C LEU G 174 -59.32 -1.82 51.88
N TYR G 175 -60.47 -1.69 51.24
CA TYR G 175 -61.72 -1.34 51.89
C TYR G 175 -62.53 -2.61 52.19
N GLY G 176 -63.49 -2.48 53.10
CA GLY G 176 -64.45 -3.54 53.31
C GLY G 176 -63.87 -4.76 53.99
N CYS G 177 -62.86 -4.57 54.83
CA CYS G 177 -62.17 -5.68 55.45
C CYS G 177 -62.41 -5.73 56.95
N GLN G 178 -62.41 -6.97 57.46
CA GLN G 178 -62.63 -7.24 58.87
C GLN G 178 -61.51 -6.65 59.72
N ALA G 179 -60.31 -6.52 59.16
CA ALA G 179 -59.16 -5.88 59.78
C ALA G 179 -58.42 -5.05 58.75
N PRO G 180 -57.57 -4.12 59.19
CA PRO G 180 -56.73 -3.40 58.22
C PRO G 180 -55.93 -4.34 57.32
N THR G 181 -56.09 -4.17 56.01
CA THR G 181 -55.47 -5.01 54.99
C THR G 181 -54.77 -4.17 53.95
N ILE G 182 -53.58 -4.60 53.52
CA ILE G 182 -52.86 -3.94 52.43
C ILE G 182 -52.87 -4.84 51.20
N CYS G 183 -52.97 -4.22 50.03
CA CYS G 183 -52.86 -4.92 48.75
C CYS G 183 -51.68 -4.33 48.00
N PHE G 184 -50.72 -5.16 47.61
CA PHE G 184 -49.53 -4.66 46.94
C PHE G 184 -49.19 -5.55 45.76
N VAL G 185 -48.80 -4.91 44.65
CA VAL G 185 -48.19 -5.62 43.54
C VAL G 185 -46.68 -5.59 43.75
N TYR G 186 -46.05 -6.75 43.62
CA TYR G 186 -44.62 -6.86 43.85
C TYR G 186 -43.99 -7.60 42.69
N GLN G 187 -42.67 -7.49 42.60
CA GLN G 187 -41.93 -8.15 41.54
C GLN G 187 -40.80 -8.99 42.12
N ASP G 188 -40.72 -10.22 41.67
CA ASP G 188 -39.65 -11.14 42.01
C ASP G 188 -39.24 -11.82 40.70
N PRO G 189 -38.28 -12.74 40.72
CA PRO G 189 -37.81 -13.31 39.45
C PRO G 189 -38.88 -14.07 38.68
N GLN G 190 -39.97 -14.45 39.33
CA GLN G 190 -41.01 -15.27 38.71
C GLN G 190 -42.07 -14.43 38.01
N GLY G 191 -41.89 -13.11 37.94
CA GLY G 191 -42.88 -12.23 37.37
C GLY G 191 -43.38 -11.21 38.37
N ARG G 192 -44.55 -10.64 38.12
CA ARG G 192 -45.20 -9.76 39.09
C ARG G 192 -46.43 -10.44 39.66
N HIS G 193 -46.72 -10.11 40.90
CA HIS G 193 -47.80 -10.74 41.65
C HIS G 193 -48.48 -9.70 42.51
N VAL G 194 -49.74 -9.99 42.84
CA VAL G 194 -50.50 -9.21 43.81
C VAL G 194 -50.72 -10.11 45.01
N LYS G 195 -50.53 -9.56 46.20
CA LYS G 195 -50.64 -10.28 47.46
C LYS G 195 -51.36 -9.38 48.46
N THR G 196 -51.85 -9.98 49.54
CA THR G 196 -52.51 -9.25 50.62
C THR G 196 -51.94 -9.66 51.97
N TYR G 197 -51.85 -8.69 52.87
CA TYR G 197 -51.45 -8.93 54.26
C TYR G 197 -52.41 -8.13 55.15
N GLU G 198 -52.67 -8.67 56.34
CA GLU G 198 -53.40 -7.93 57.37
C GLU G 198 -52.41 -7.34 58.36
N VAL G 199 -52.74 -6.14 58.87
CA VAL G 199 -51.84 -5.40 59.76
C VAL G 199 -52.38 -5.42 61.17
N SER G 200 -51.57 -5.91 62.10
CA SER G 200 -51.93 -5.99 63.51
C SER G 200 -51.13 -4.94 64.27
N LEU G 201 -51.81 -3.89 64.72
CA LEU G 201 -51.16 -2.89 65.55
C LEU G 201 -50.74 -3.47 66.90
N ARG G 202 -51.53 -4.41 67.43
CA ARG G 202 -51.24 -4.98 68.75
C ARG G 202 -50.02 -5.87 68.71
N GLU G 203 -49.94 -6.76 67.72
CA GLU G 203 -48.83 -7.69 67.59
C GLU G 203 -47.65 -7.09 66.84
N LYS G 204 -47.86 -5.96 66.17
CA LYS G 204 -46.83 -5.31 65.36
C LYS G 204 -46.23 -6.28 64.33
N GLU G 205 -47.11 -6.94 63.59
CA GLU G 205 -46.66 -7.82 62.50
C GLU G 205 -47.81 -8.05 61.53
N PHE G 206 -47.46 -8.62 60.37
CA PHE G 206 -48.45 -9.00 59.38
C PHE G 206 -49.04 -10.37 59.72
N ASN G 207 -50.30 -10.58 59.36
CA ASN G 207 -50.97 -11.87 59.41
C ASN G 207 -51.40 -12.19 57.98
N LYS G 208 -51.64 -13.47 57.69
CA LYS G 208 -51.94 -13.85 56.31
C LYS G 208 -53.15 -13.06 55.81
N GLY G 209 -53.05 -12.55 54.58
CA GLY G 209 -54.02 -11.61 54.06
C GLY G 209 -55.31 -12.28 53.63
N PRO G 210 -56.34 -11.44 53.44
CA PRO G 210 -57.68 -12.00 53.20
C PRO G 210 -57.78 -12.86 51.95
N TRP G 211 -57.18 -12.46 50.82
CA TRP G 211 -57.35 -13.23 49.61
C TRP G 211 -56.02 -13.63 48.99
N LYS G 212 -56.09 -14.71 48.22
CA LYS G 212 -54.89 -15.41 47.75
C LYS G 212 -54.12 -14.55 46.76
N GLN G 213 -52.86 -14.94 46.55
CA GLN G 213 -52.05 -14.29 45.53
C GLN G 213 -52.58 -14.57 44.13
N GLU G 214 -52.32 -13.65 43.21
CA GLU G 214 -52.53 -13.82 41.78
C GLU G 214 -51.29 -13.34 41.03
N ASN G 215 -50.99 -14.01 39.93
CA ASN G 215 -49.93 -13.57 39.02
C ASN G 215 -50.48 -12.55 38.03
N VAL G 216 -49.82 -11.39 37.95
CA VAL G 216 -50.37 -10.26 37.21
C VAL G 216 -49.51 -9.91 36.00
N GLU G 217 -49.95 -8.90 35.26
CA GLU G 217 -49.21 -8.42 34.09
C GLU G 217 -47.78 -8.07 34.43
N ALA G 218 -46.86 -8.39 33.52
CA ALA G 218 -45.44 -8.14 33.77
C ALA G 218 -45.16 -6.68 34.07
N GLU G 219 -45.98 -5.77 33.54
CA GLU G 219 -45.81 -4.34 33.80
C GLU G 219 -46.93 -3.75 34.65
N ALA G 220 -47.52 -4.57 35.52
CA ALA G 220 -48.53 -4.06 36.46
C ALA G 220 -47.97 -2.88 37.23
N SER G 221 -48.64 -1.72 37.09
CA SER G 221 -48.09 -0.45 37.56
C SER G 221 -48.76 0.12 38.80
N MET G 222 -50.09 0.00 38.92
CA MET G 222 -50.81 0.74 39.94
C MET G 222 -51.89 -0.11 40.59
N VAL G 223 -52.15 0.18 41.87
CA VAL G 223 -53.21 -0.47 42.63
C VAL G 223 -54.28 0.56 42.95
N ILE G 224 -55.53 0.18 42.71
CA ILE G 224 -56.70 0.99 43.06
C ILE G 224 -57.49 0.21 44.09
N ALA G 225 -57.77 0.82 45.23
CA ALA G 225 -58.62 0.22 46.25
C ALA G 225 -60.06 0.56 45.91
N VAL G 226 -60.84 -0.44 45.51
CA VAL G 226 -62.24 -0.19 45.13
C VAL G 226 -63.06 0.02 46.39
N PRO G 227 -63.99 0.99 46.40
CA PRO G 227 -64.72 1.30 47.63
C PRO G 227 -65.67 0.17 47.99
N GLU G 228 -66.29 0.31 49.17
CA GLU G 228 -66.96 -0.85 49.77
C GLU G 228 -68.08 -1.45 48.93
N PRO G 229 -68.93 -0.69 48.22
CA PRO G 229 -70.01 -1.36 47.46
C PRO G 229 -69.52 -2.54 46.63
N PHE G 230 -68.37 -2.42 45.99
CA PHE G 230 -67.75 -3.53 45.27
C PHE G 230 -66.74 -4.27 46.14
N GLY G 231 -65.87 -3.52 46.80
CA GLY G 231 -64.74 -4.08 47.52
C GLY G 231 -63.67 -4.52 46.53
N GLY G 232 -62.55 -4.95 47.07
CA GLY G 232 -61.47 -5.48 46.25
C GLY G 232 -60.57 -4.39 45.72
N ALA G 233 -59.82 -4.73 44.67
CA ALA G 233 -58.82 -3.82 44.12
C ALA G 233 -58.69 -4.02 42.61
N ILE G 234 -58.39 -2.92 41.92
CA ILE G 234 -58.13 -2.93 40.47
C ILE G 234 -56.65 -2.66 40.24
N ILE G 235 -56.05 -3.43 39.33
CA ILE G 235 -54.62 -3.33 39.03
C ILE G 235 -54.43 -2.96 37.56
N ILE G 236 -53.79 -1.81 37.34
CA ILE G 236 -53.61 -1.23 36.03
C ILE G 236 -52.22 -1.59 35.50
N GLY G 237 -52.16 -2.07 34.25
CA GLY G 237 -50.89 -2.37 33.62
C GLY G 237 -50.69 -1.59 32.35
N GLN G 238 -49.86 -2.13 31.45
CA GLN G 238 -49.67 -1.55 30.12
C GLN G 238 -50.70 -2.08 29.11
N GLU G 239 -51.02 -3.37 29.20
CA GLU G 239 -51.94 -3.99 28.26
C GLU G 239 -53.28 -4.36 28.87
N SER G 240 -53.36 -4.55 30.19
CA SER G 240 -54.56 -5.10 30.78
C SER G 240 -54.93 -4.39 32.08
N ILE G 241 -56.22 -4.42 32.39
CA ILE G 241 -56.77 -3.97 33.66
C ILE G 241 -57.49 -5.16 34.28
N THR G 242 -57.14 -5.46 35.53
CA THR G 242 -57.67 -6.64 36.22
C THR G 242 -58.26 -6.21 37.55
N TYR G 243 -59.36 -6.86 37.92
CA TYR G 243 -60.01 -6.67 39.22
C TYR G 243 -59.78 -7.94 40.03
N HIS G 244 -59.35 -7.78 41.27
CA HIS G 244 -59.12 -8.90 42.17
C HIS G 244 -59.83 -8.66 43.49
N ASN G 245 -60.70 -9.60 43.87
CA ASN G 245 -61.22 -9.68 45.22
C ASN G 245 -61.55 -11.13 45.53
N GLY G 246 -61.06 -11.64 46.65
CA GLY G 246 -61.50 -12.97 47.06
C GLY G 246 -61.30 -13.94 45.93
N ASP G 247 -62.37 -14.64 45.56
CA ASP G 247 -62.34 -15.53 44.42
C ASP G 247 -62.53 -14.78 43.10
N LYS G 248 -63.22 -13.63 43.16
CA LYS G 248 -63.62 -12.92 41.95
C LYS G 248 -62.40 -12.39 41.23
N TYR G 249 -62.41 -12.53 39.90
CA TYR G 249 -61.35 -12.06 39.04
C TYR G 249 -61.96 -11.64 37.73
N LEU G 250 -61.67 -10.41 37.32
CA LEU G 250 -62.06 -9.90 36.02
C LEU G 250 -60.79 -9.44 35.34
N ALA G 251 -60.79 -9.48 34.01
CA ALA G 251 -59.65 -8.96 33.26
C ALA G 251 -60.15 -8.48 31.91
N ILE G 252 -59.98 -7.19 31.65
CA ILE G 252 -60.26 -6.59 30.34
C ILE G 252 -58.93 -6.08 29.80
N ALA G 253 -58.69 -6.31 28.52
CA ALA G 253 -57.42 -5.93 27.88
C ALA G 253 -57.71 -5.23 26.56
N PRO G 254 -58.27 -4.03 26.62
CA PRO G 254 -58.64 -3.32 25.38
C PRO G 254 -57.39 -2.85 24.65
N PRO G 255 -57.37 -2.96 23.32
CA PRO G 255 -56.14 -2.63 22.57
C PRO G 255 -55.75 -1.18 22.68
N ILE G 256 -56.67 -0.31 23.08
CA ILE G 256 -56.41 1.13 22.99
C ILE G 256 -55.43 1.57 24.07
N ILE G 257 -55.50 0.97 25.26
CA ILE G 257 -54.63 1.43 26.34
C ILE G 257 -53.19 0.98 26.10
N LYS G 258 -52.98 -0.05 25.29
CA LYS G 258 -51.62 -0.49 24.96
C LYS G 258 -50.82 0.61 24.25
N GLN G 259 -51.51 1.54 23.60
CA GLN G 259 -50.84 2.54 22.77
C GLN G 259 -50.00 3.51 23.62
N SER G 260 -50.44 3.79 24.84
CA SER G 260 -49.73 4.71 25.72
C SER G 260 -49.92 4.29 27.17
N THR G 261 -48.83 4.36 27.93
CA THR G 261 -48.84 3.92 29.32
C THR G 261 -49.78 4.77 30.17
N ILE G 262 -50.60 4.12 30.99
CA ILE G 262 -51.49 4.81 31.90
C ILE G 262 -50.69 5.15 33.16
N VAL G 263 -50.71 6.42 33.56
CA VAL G 263 -49.84 6.86 34.64
C VAL G 263 -50.60 7.39 35.85
N CYS G 264 -51.86 7.78 35.73
CA CYS G 264 -52.60 8.32 36.85
C CYS G 264 -54.04 7.80 36.78
N HIS G 265 -54.68 7.81 37.95
CA HIS G 265 -56.09 7.43 38.07
C HIS G 265 -56.75 8.28 39.15
N ASN G 266 -58.08 8.32 39.12
CA ASN G 266 -58.84 8.97 40.17
C ASN G 266 -60.26 8.41 40.19
N ARG G 267 -60.84 8.36 41.38
CA ARG G 267 -62.19 7.84 41.59
C ARG G 267 -63.20 8.97 41.36
N VAL G 268 -64.18 8.71 40.50
CA VAL G 268 -65.24 9.68 40.27
C VAL G 268 -66.40 9.45 41.22
N ASP G 269 -66.99 8.25 41.20
CA ASP G 269 -68.16 7.96 42.00
C ASP G 269 -67.74 7.34 43.33
N PRO G 270 -68.10 7.93 44.47
CA PRO G 270 -67.79 7.27 45.76
C PRO G 270 -68.24 5.82 45.82
N ASN G 271 -69.33 5.44 45.14
CA ASN G 271 -69.71 4.03 45.09
C ASN G 271 -68.70 3.17 44.35
N GLY G 272 -67.75 3.79 43.66
CA GLY G 272 -66.71 3.04 42.99
C GLY G 272 -67.04 2.63 41.58
N SER G 273 -68.19 3.05 41.06
CA SER G 273 -68.62 2.63 39.74
C SER G 273 -67.72 3.18 38.64
N ARG G 274 -67.19 4.40 38.82
CA ARG G 274 -66.47 5.06 37.73
C ARG G 274 -65.15 5.67 38.20
N TYR G 275 -64.11 5.48 37.38
CA TYR G 275 -62.78 6.04 37.64
C TYR G 275 -62.27 6.75 36.38
N LEU G 276 -61.38 7.74 36.57
CA LEU G 276 -60.68 8.38 35.46
C LEU G 276 -59.27 7.80 35.32
N LEU G 277 -58.80 7.70 34.07
CA LEU G 277 -57.45 7.25 33.77
C LEU G 277 -56.76 8.21 32.82
N GLY G 278 -55.47 8.45 33.04
CA GLY G 278 -54.68 9.30 32.16
C GLY G 278 -53.43 8.60 31.67
N ASP G 279 -52.96 8.99 30.48
CA ASP G 279 -51.81 8.33 29.86
C ASP G 279 -50.78 9.34 29.35
N MET G 280 -49.61 8.81 28.97
CA MET G 280 -48.47 9.65 28.64
C MET G 280 -48.64 10.43 27.35
N GLU G 281 -49.59 10.03 26.48
CA GLU G 281 -49.93 10.78 25.29
C GLU G 281 -51.02 11.80 25.51
N GLY G 282 -51.43 12.04 26.74
CA GLY G 282 -52.42 13.04 27.07
C GLY G 282 -53.86 12.60 27.01
N ARG G 283 -54.14 11.33 26.76
CA ARG G 283 -55.50 10.85 26.64
C ARG G 283 -56.13 10.62 28.00
N LEU G 284 -57.44 10.88 28.08
CA LEU G 284 -58.22 10.70 29.30
C LEU G 284 -59.29 9.65 29.08
N PHE G 285 -59.29 8.61 29.92
CA PHE G 285 -60.24 7.52 29.83
C PHE G 285 -61.16 7.50 31.05
N MET G 286 -62.30 6.86 30.88
CA MET G 286 -63.22 6.54 31.97
C MET G 286 -63.20 5.02 32.16
N LEU G 287 -62.93 4.58 33.38
CA LEU G 287 -63.00 3.17 33.74
C LEU G 287 -64.32 2.91 34.46
N LEU G 288 -65.13 2.04 33.90
CA LEU G 288 -66.48 1.77 34.42
C LEU G 288 -66.59 0.38 34.99
N LEU G 289 -67.12 0.31 36.21
CA LEU G 289 -67.40 -0.94 36.90
C LEU G 289 -68.89 -1.24 36.81
N GLU G 290 -69.24 -2.37 36.22
CA GLU G 290 -70.62 -2.72 35.94
C GLU G 290 -71.20 -3.53 37.10
N LYS G 291 -72.18 -2.97 37.79
CA LYS G 291 -72.70 -3.64 38.97
C LYS G 291 -73.63 -4.77 38.54
N GLU G 292 -73.71 -5.81 39.37
CA GLU G 292 -74.71 -6.85 39.20
C GLU G 292 -75.82 -6.50 40.18
N GLU G 293 -76.97 -6.06 39.65
CA GLU G 293 -78.11 -5.76 40.51
C GLU G 293 -78.69 -7.06 41.01
N GLN G 294 -78.80 -7.19 42.33
CA GLN G 294 -79.40 -8.34 42.96
C GLN G 294 -80.52 -7.87 43.90
N MET G 295 -81.44 -8.79 44.16
CA MET G 295 -82.56 -8.53 45.05
C MET G 295 -82.12 -8.46 46.51
N ASP G 296 -81.04 -9.16 46.87
CA ASP G 296 -80.46 -9.17 48.21
C ASP G 296 -79.64 -7.95 48.47
N GLY G 297 -79.09 -7.39 47.40
CA GLY G 297 -78.08 -6.37 47.54
C GLY G 297 -76.65 -6.85 47.46
N THR G 298 -76.39 -8.17 47.38
CA THR G 298 -75.01 -8.60 47.27
C THR G 298 -74.53 -8.19 45.88
N VAL G 299 -73.36 -7.55 45.81
CA VAL G 299 -72.85 -6.98 44.58
C VAL G 299 -71.67 -7.78 44.09
N THR G 300 -71.75 -8.22 42.84
CA THR G 300 -70.67 -8.89 42.13
C THR G 300 -70.34 -8.01 40.95
N LEU G 301 -69.06 -7.83 40.66
CA LEU G 301 -68.66 -7.02 39.51
C LEU G 301 -68.87 -7.87 38.26
N LYS G 302 -69.68 -7.37 37.33
CA LYS G 302 -70.07 -8.17 36.18
C LYS G 302 -69.02 -8.06 35.09
N ASP G 303 -68.60 -6.83 34.78
CA ASP G 303 -67.54 -6.61 33.80
C ASP G 303 -66.98 -5.21 34.00
N LEU G 304 -65.85 -4.96 33.35
CA LEU G 304 -65.18 -3.66 33.34
C LEU G 304 -65.16 -3.10 31.92
N ARG G 305 -65.21 -1.77 31.83
CA ARG G 305 -65.19 -1.11 30.53
C ARG G 305 -64.28 0.11 30.59
N VAL G 306 -63.61 0.37 29.47
CA VAL G 306 -62.74 1.55 29.33
C VAL G 306 -63.21 2.36 28.14
N GLU G 307 -63.36 3.67 28.32
CA GLU G 307 -63.82 4.55 27.26
C GLU G 307 -62.98 5.80 27.16
N LEU G 308 -62.60 6.13 25.94
CA LEU G 308 -61.83 7.33 25.69
C LEU G 308 -62.75 8.55 25.73
N LEU G 309 -62.38 9.52 26.55
CA LEU G 309 -63.12 10.77 26.64
C LEU G 309 -62.53 11.85 25.74
N GLY G 310 -61.19 11.94 25.70
CA GLY G 310 -60.52 12.98 24.94
C GLY G 310 -59.07 13.15 25.32
N GLU G 311 -58.60 14.39 25.28
CA GLU G 311 -57.21 14.72 25.58
C GLU G 311 -57.16 15.85 26.61
N THR G 312 -56.22 15.75 27.52
CA THR G 312 -55.89 16.82 28.45
C THR G 312 -54.40 17.10 28.32
N SER G 313 -53.85 18.02 29.10
CA SER G 313 -52.40 18.12 29.14
C SER G 313 -51.88 16.85 29.80
N ILE G 314 -50.68 16.44 29.42
CA ILE G 314 -50.11 15.20 29.95
C ILE G 314 -50.17 15.29 31.46
N ALA G 315 -50.93 14.39 32.10
CA ALA G 315 -51.34 14.58 33.48
C ALA G 315 -50.47 13.76 34.43
N GLU G 316 -49.90 14.45 35.42
CA GLU G 316 -49.28 13.73 36.53
C GLU G 316 -50.33 13.12 37.43
N CYS G 317 -51.41 13.86 37.68
CA CYS G 317 -52.48 13.40 38.56
C CYS G 317 -53.81 14.03 38.12
N LEU G 318 -54.88 13.29 38.38
CA LEU G 318 -56.24 13.72 38.13
C LEU G 318 -57.00 13.78 39.44
N THR G 319 -57.94 14.72 39.54
CA THR G 319 -58.84 14.75 40.69
C THR G 319 -60.17 15.31 40.23
N TYR G 320 -61.24 14.53 40.44
CA TYR G 320 -62.58 14.92 40.01
C TYR G 320 -63.23 15.82 41.06
N LEU G 321 -63.53 17.06 40.67
CA LEU G 321 -64.30 18.00 41.47
C LEU G 321 -65.78 17.73 41.14
N ASP G 322 -66.69 18.16 42.01
CA ASP G 322 -68.09 17.89 41.67
C ASP G 322 -68.54 18.76 40.49
N ASN G 323 -69.68 18.38 39.91
CA ASN G 323 -70.32 19.04 38.78
C ASN G 323 -69.62 18.78 37.45
N GLY G 324 -68.90 17.66 37.34
CA GLY G 324 -68.27 17.31 36.08
C GLY G 324 -66.98 18.02 35.77
N VAL G 325 -66.40 18.74 36.73
CA VAL G 325 -65.19 19.53 36.52
C VAL G 325 -64.02 18.70 37.03
N VAL G 326 -63.02 18.50 36.18
CA VAL G 326 -61.85 17.72 36.54
C VAL G 326 -60.63 18.61 36.52
N PHE G 327 -59.85 18.55 37.60
CA PHE G 327 -58.58 19.27 37.67
C PHE G 327 -57.48 18.35 37.19
N VAL G 328 -56.75 18.79 36.17
CA VAL G 328 -55.67 18.04 35.57
C VAL G 328 -54.37 18.66 36.05
N GLY G 329 -53.63 17.93 36.87
CA GLY G 329 -52.35 18.39 37.36
C GLY G 329 -51.23 17.89 36.48
N SER G 330 -50.49 18.82 35.87
CA SER G 330 -49.45 18.47 34.92
C SER G 330 -48.08 18.88 35.46
N ARG G 331 -47.08 18.06 35.14
CA ARG G 331 -45.69 18.33 35.46
C ARG G 331 -44.87 18.61 34.21
N LEU G 332 -45.38 18.25 33.03
CA LEU G 332 -44.72 18.50 31.77
C LEU G 332 -45.38 19.59 30.93
N GLY G 333 -46.60 20.01 31.27
CA GLY G 333 -47.29 21.03 30.49
C GLY G 333 -48.19 21.86 31.37
N ASP G 334 -49.02 22.69 30.76
CA ASP G 334 -49.90 23.53 31.56
C ASP G 334 -50.93 22.66 32.27
N SER G 335 -51.19 22.98 33.54
CA SER G 335 -52.27 22.36 34.27
C SER G 335 -53.59 23.01 33.88
N GLN G 336 -54.70 22.34 34.20
CA GLN G 336 -55.97 22.86 33.73
C GLN G 336 -57.14 22.34 34.55
N LEU G 337 -58.24 23.07 34.45
CA LEU G 337 -59.58 22.56 34.73
C LEU G 337 -60.25 22.22 33.41
N VAL G 338 -60.93 21.08 33.36
CA VAL G 338 -61.65 20.67 32.16
C VAL G 338 -63.07 20.29 32.51
N LYS G 339 -63.96 20.46 31.53
CA LYS G 339 -65.36 20.09 31.65
C LYS G 339 -65.54 18.73 31.01
N LEU G 340 -66.09 17.78 31.76
CA LEU G 340 -66.45 16.49 31.20
C LEU G 340 -67.92 16.57 30.81
N ASN G 341 -68.20 16.38 29.53
CA ASN G 341 -69.54 16.49 29.02
C ASN G 341 -70.14 15.13 28.72
N VAL G 342 -71.47 15.07 28.82
CA VAL G 342 -72.22 13.92 28.37
C VAL G 342 -72.24 13.90 26.84
N ASP G 343 -72.24 15.09 26.25
CA ASP G 343 -72.27 15.26 24.81
C ASP G 343 -70.86 15.37 24.24
N SER G 344 -70.64 14.66 23.14
CA SER G 344 -69.39 14.77 22.39
C SER G 344 -69.41 16.05 21.55
N ASN G 345 -68.23 16.60 21.29
CA ASN G 345 -68.14 17.79 20.47
C ASN G 345 -67.96 17.43 18.99
N GLU G 346 -67.65 18.44 18.17
CA GLU G 346 -67.58 18.27 16.73
C GLU G 346 -66.44 17.36 16.29
N GLN G 347 -65.47 17.12 17.17
CA GLN G 347 -64.35 16.22 16.90
C GLN G 347 -64.54 14.84 17.51
N GLY G 348 -65.62 14.63 18.26
CA GLY G 348 -65.85 13.39 18.98
C GLY G 348 -65.41 13.37 20.42
N SER G 349 -64.96 14.50 20.96
CA SER G 349 -64.41 14.55 22.31
C SER G 349 -65.44 14.99 23.33
N TYR G 350 -65.36 14.40 24.52
CA TYR G 350 -66.20 14.77 25.65
C TYR G 350 -65.52 15.73 26.62
N VAL G 351 -64.33 16.23 26.27
CA VAL G 351 -63.50 17.03 27.17
C VAL G 351 -63.36 18.43 26.59
N VAL G 352 -63.64 19.44 27.41
CA VAL G 352 -63.55 20.85 27.02
C VAL G 352 -62.80 21.63 28.09
N ALA G 353 -61.76 22.34 27.68
CA ALA G 353 -60.98 23.12 28.63
C ALA G 353 -61.80 24.28 29.17
N MET G 354 -61.72 24.49 30.49
CA MET G 354 -62.28 25.66 31.14
C MET G 354 -61.20 26.70 31.38
N GLU G 355 -60.18 26.32 32.14
CA GLU G 355 -59.10 27.21 32.52
C GLU G 355 -57.78 26.53 32.23
N THR G 356 -56.75 27.36 32.04
CA THR G 356 -55.39 26.88 31.80
C THR G 356 -54.48 27.59 32.79
N PHE G 357 -53.73 26.82 33.56
CA PHE G 357 -52.84 27.38 34.56
C PHE G 357 -51.42 27.28 34.04
N THR G 358 -50.73 28.41 33.98
CA THR G 358 -49.41 28.41 33.39
C THR G 358 -48.51 27.48 34.18
N ASN G 359 -47.86 26.57 33.47
CA ASN G 359 -46.81 25.72 34.03
C ASN G 359 -45.58 25.98 33.19
N LEU G 360 -44.54 26.55 33.79
CA LEU G 360 -43.30 26.71 33.04
C LEU G 360 -42.64 25.37 32.75
N GLY G 361 -43.25 24.27 33.20
CA GLY G 361 -42.87 22.94 32.81
C GLY G 361 -41.41 22.69 33.10
N PRO G 362 -40.87 21.57 32.65
CA PRO G 362 -39.41 21.42 32.70
C PRO G 362 -38.76 22.53 31.88
N ILE G 363 -37.87 23.27 32.54
CA ILE G 363 -37.08 24.31 31.88
C ILE G 363 -35.80 23.61 31.47
N VAL G 364 -35.75 23.17 30.21
CA VAL G 364 -34.62 22.39 29.73
C VAL G 364 -33.48 23.31 29.28
N ASP G 365 -33.79 24.52 28.84
CA ASP G 365 -32.79 25.51 28.50
C ASP G 365 -33.44 26.89 28.61
N MET G 366 -32.62 27.94 28.56
CA MET G 366 -33.14 29.31 28.53
C MET G 366 -32.03 30.26 28.13
N CYS G 367 -32.42 31.42 27.63
CA CYS G 367 -31.49 32.50 27.31
C CYS G 367 -32.14 33.83 27.65
N VAL G 368 -31.30 34.84 27.90
CA VAL G 368 -31.75 36.19 28.19
C VAL G 368 -31.43 37.08 26.98
N VAL G 369 -32.43 37.82 26.52
CA VAL G 369 -32.32 38.69 25.36
C VAL G 369 -33.13 39.95 25.64
N ASP G 370 -32.53 41.11 25.34
CA ASP G 370 -33.22 42.40 25.48
C ASP G 370 -33.83 42.79 24.13
N LEU G 371 -35.04 42.25 23.88
CA LEU G 371 -35.69 42.47 22.58
C LEU G 371 -36.16 43.91 22.41
N GLU G 372 -36.60 44.53 23.49
CA GLU G 372 -37.12 45.89 23.45
C GLU G 372 -36.02 46.92 23.68
N ARG G 373 -34.76 46.48 23.70
CA ARG G 373 -33.63 47.38 23.94
C ARG G 373 -33.94 48.34 25.09
N GLN G 374 -34.69 47.84 26.08
CA GLN G 374 -35.07 48.63 27.23
C GLN G 374 -34.10 48.45 28.38
N GLY G 375 -32.98 47.77 28.15
CA GLY G 375 -32.07 47.52 29.25
C GLY G 375 -32.62 46.65 30.34
N GLN G 376 -33.84 46.16 30.16
CA GLN G 376 -34.52 45.32 31.15
C GLN G 376 -34.20 43.83 30.98
N GLY G 377 -34.29 43.31 29.75
CA GLY G 377 -34.06 41.90 29.50
C GLY G 377 -35.27 41.00 29.69
N GLN G 378 -35.46 40.08 28.75
CA GLN G 378 -36.55 39.11 28.77
C GLN G 378 -35.95 37.71 28.75
N LEU G 379 -36.64 36.76 29.37
CA LEU G 379 -36.17 35.39 29.52
C LEU G 379 -36.96 34.46 28.62
N VAL G 380 -36.28 33.84 27.65
CA VAL G 380 -36.88 32.89 26.71
C VAL G 380 -36.48 31.48 27.07
N THR G 381 -37.46 30.63 27.38
CA THR G 381 -37.21 29.29 27.89
C THR G 381 -37.70 28.21 26.93
N CYS G 382 -36.97 27.09 26.90
CA CYS G 382 -37.46 25.84 26.32
C CYS G 382 -38.23 25.08 27.39
N SER G 383 -39.56 25.04 27.28
CA SER G 383 -40.36 24.48 28.37
C SER G 383 -41.28 23.36 27.92
N GLY G 384 -41.45 22.38 28.80
CA GLY G 384 -42.35 21.27 28.56
C GLY G 384 -41.68 20.17 27.76
N ALA G 385 -42.49 19.14 27.45
CA ALA G 385 -42.00 18.02 26.68
C ALA G 385 -43.14 17.42 25.87
N PHE G 386 -42.77 16.78 24.77
CA PHE G 386 -43.70 16.06 23.87
C PHE G 386 -44.74 17.05 23.36
N LYS G 387 -46.04 16.73 23.44
CA LYS G 387 -47.05 17.61 22.87
C LYS G 387 -47.16 18.92 23.62
N GLU G 388 -46.65 18.96 24.85
CA GLU G 388 -46.70 20.14 25.71
C GLU G 388 -45.50 21.05 25.51
N GLY G 389 -44.56 20.70 24.66
CA GLY G 389 -43.40 21.54 24.44
C GLY G 389 -43.81 22.95 24.03
N SER G 390 -43.03 23.92 24.47
CA SER G 390 -43.34 25.33 24.24
C SER G 390 -42.07 26.15 24.45
N LEU G 391 -42.07 27.36 23.88
CA LEU G 391 -41.16 28.42 24.30
C LEU G 391 -41.96 29.37 25.19
N ARG G 392 -41.31 29.93 26.21
CA ARG G 392 -41.97 30.88 27.10
C ARG G 392 -41.15 32.15 27.20
N ILE G 393 -41.80 33.29 26.99
CA ILE G 393 -41.16 34.60 27.05
C ILE G 393 -41.56 35.24 28.39
N ILE G 394 -40.57 35.57 29.23
CA ILE G 394 -40.82 36.04 30.60
C ILE G 394 -40.18 37.40 30.82
N ARG G 395 -40.99 38.34 31.32
CA ARG G 395 -40.55 39.70 31.64
C ARG G 395 -41.22 40.21 32.91
N ASN G 396 -40.57 41.19 33.54
CA ASN G 396 -41.12 41.86 34.72
C ASN G 396 -42.11 42.94 34.31
N GLY G 397 -43.21 43.03 35.04
CA GLY G 397 -44.22 44.04 34.78
C GLY G 397 -43.88 45.32 35.53
N ILE G 398 -43.83 46.43 34.79
CA ILE G 398 -43.33 47.69 35.31
C ILE G 398 -44.38 48.79 35.10
N LYS G 409 -45.69 41.08 39.62
CA LYS G 409 -45.81 39.80 38.94
C LYS G 409 -45.14 39.78 37.57
N LEU G 410 -45.00 38.58 37.03
CA LEU G 410 -44.38 38.33 35.73
C LEU G 410 -45.39 38.18 34.61
N HIS G 411 -45.06 38.78 33.45
CA HIS G 411 -45.84 38.62 32.24
C HIS G 411 -45.23 37.49 31.43
N ILE G 412 -46.03 36.46 31.12
CA ILE G 412 -45.54 35.26 30.45
C ILE G 412 -46.31 35.03 29.15
N ARG G 413 -45.60 35.09 28.03
CA ARG G 413 -46.15 34.77 26.72
C ARG G 413 -45.78 33.34 26.35
N THR G 414 -46.74 32.60 25.82
CA THR G 414 -46.56 31.17 25.52
C THR G 414 -46.56 30.94 24.02
N VAL G 415 -45.56 30.21 23.52
CA VAL G 415 -45.41 29.87 22.12
C VAL G 415 -45.42 28.35 21.98
N PRO G 416 -46.56 27.71 21.69
CA PRO G 416 -46.58 26.24 21.62
C PRO G 416 -45.79 25.66 20.46
N LEU G 417 -45.12 24.53 20.75
CA LEU G 417 -44.37 23.80 19.75
C LEU G 417 -44.91 22.41 19.43
N TYR G 418 -45.62 21.77 20.37
CA TYR G 418 -46.17 20.44 20.17
C TYR G 418 -45.09 19.38 19.95
N GLU G 419 -43.85 19.72 20.25
CA GLU G 419 -42.74 18.78 20.28
C GLU G 419 -41.79 19.28 21.34
N SER G 420 -40.80 18.47 21.67
CA SER G 420 -39.95 18.78 22.81
C SER G 420 -38.89 19.81 22.42
N PRO G 421 -38.87 20.99 23.04
CA PRO G 421 -37.73 21.90 22.85
C PRO G 421 -36.60 21.44 23.75
N ARG G 422 -35.37 21.57 23.24
CA ARG G 422 -34.19 21.03 23.90
C ARG G 422 -33.16 22.10 24.22
N LYS G 423 -32.85 22.97 23.26
CA LYS G 423 -31.88 24.05 23.46
C LYS G 423 -32.37 25.28 22.72
N ILE G 424 -31.98 26.46 23.20
CA ILE G 424 -32.32 27.72 22.55
C ILE G 424 -31.10 28.63 22.51
N CYS G 425 -30.98 29.40 21.44
CA CYS G 425 -29.88 30.33 21.25
C CYS G 425 -30.42 31.49 20.43
N TYR G 426 -30.07 32.71 20.81
CA TYR G 426 -30.55 33.92 20.14
C TYR G 426 -29.48 34.47 19.22
N GLN G 427 -29.90 34.88 18.01
CA GLN G 427 -29.00 35.41 16.99
C GLN G 427 -29.52 36.78 16.54
N GLU G 428 -28.94 37.85 17.09
CA GLU G 428 -29.44 39.19 16.79
C GLU G 428 -29.33 39.49 15.30
N VAL G 429 -28.21 39.09 14.69
CA VAL G 429 -27.98 39.39 13.27
C VAL G 429 -29.18 38.99 12.44
N SER G 430 -29.83 37.89 12.79
CA SER G 430 -30.95 37.36 12.03
C SER G 430 -32.31 37.67 12.66
N GLN G 431 -32.35 38.42 13.75
CA GLN G 431 -33.61 38.74 14.41
C GLN G 431 -34.44 37.49 14.67
N CYS G 432 -33.77 36.45 15.17
CA CYS G 432 -34.46 35.18 15.38
C CYS G 432 -33.74 34.35 16.43
N PHE G 433 -34.43 33.32 16.91
CA PHE G 433 -33.87 32.34 17.82
C PHE G 433 -33.63 31.03 17.09
N GLY G 434 -32.56 30.35 17.45
CA GLY G 434 -32.37 28.96 17.08
C GLY G 434 -32.84 28.06 18.21
N VAL G 435 -33.57 27.00 17.86
CA VAL G 435 -34.09 26.07 18.85
C VAL G 435 -33.90 24.65 18.34
N LEU G 436 -33.23 23.82 19.14
CA LEU G 436 -33.14 22.39 18.89
C LEU G 436 -34.38 21.71 19.47
N SER G 437 -34.93 20.74 18.74
CA SER G 437 -36.15 20.08 19.17
C SER G 437 -36.19 18.66 18.66
N SER G 438 -37.00 17.84 19.31
CA SER G 438 -37.24 16.47 18.86
C SER G 438 -38.71 16.13 18.99
N ARG G 439 -39.21 15.38 18.00
CA ARG G 439 -40.59 14.92 17.98
C ARG G 439 -40.58 13.40 17.85
N ILE G 440 -41.58 12.74 18.42
CA ILE G 440 -41.66 11.29 18.42
C ILE G 440 -42.52 10.80 17.25
N GLU G 441 -41.94 9.94 16.44
CA GLU G 441 -42.64 9.20 15.40
C GLU G 441 -42.58 7.72 15.75
N VAL G 442 -43.44 6.94 15.10
CA VAL G 442 -43.55 5.52 15.40
C VAL G 442 -43.34 4.71 14.13
N GLN G 443 -42.62 3.61 14.27
CA GLN G 443 -42.36 2.72 13.15
C GLN G 443 -43.67 2.19 12.62
N ASP G 444 -43.93 2.37 11.33
CA ASP G 444 -45.21 2.00 10.76
C ASP G 444 -45.04 0.91 9.70
N THR G 445 -46.18 0.47 9.16
CA THR G 445 -46.22 -0.68 8.28
C THR G 445 -45.60 -0.42 6.92
N SER G 446 -45.28 0.82 6.59
CA SER G 446 -44.58 1.10 5.33
C SER G 446 -43.09 0.82 5.41
N GLY G 447 -42.56 0.53 6.60
CA GLY G 447 -41.14 0.54 6.83
C GLY G 447 -40.59 1.87 7.28
N GLY G 448 -41.29 2.97 6.97
CA GLY G 448 -40.93 4.27 7.46
C GLY G 448 -41.54 4.52 8.82
N THR G 449 -41.70 5.80 9.15
CA THR G 449 -42.27 6.20 10.42
C THR G 449 -43.35 7.25 10.20
N THR G 450 -44.21 7.38 11.21
CA THR G 450 -45.34 8.28 11.14
C THR G 450 -45.43 9.11 12.41
N ALA G 451 -45.56 10.42 12.23
CA ALA G 451 -45.68 11.33 13.36
C ALA G 451 -47.09 11.27 13.92
N LEU G 452 -47.19 11.28 15.24
CA LEU G 452 -48.47 11.11 15.91
C LEU G 452 -49.36 12.34 15.78
N ARG G 453 -48.77 13.50 15.49
CA ARG G 453 -49.47 14.78 15.39
C ARG G 453 -48.52 15.73 14.69
N PRO G 454 -49.02 16.75 13.99
CA PRO G 454 -48.12 17.74 13.39
C PRO G 454 -47.48 18.60 14.48
N SER G 455 -46.29 19.12 14.19
CA SER G 455 -45.61 19.95 15.18
C SER G 455 -44.65 20.90 14.48
N ALA G 456 -43.93 21.69 15.29
CA ALA G 456 -43.18 22.82 14.78
C ALA G 456 -42.24 22.42 13.64
N SER G 457 -41.57 21.28 13.78
CA SER G 457 -40.57 20.92 12.80
C SER G 457 -41.18 20.49 11.47
N THR G 458 -42.49 20.24 11.44
CA THR G 458 -43.20 19.88 10.23
C THR G 458 -44.09 20.99 9.70
N GLN G 459 -44.35 22.01 10.51
CA GLN G 459 -45.18 23.15 10.15
C GLN G 459 -44.39 24.43 9.95
N ALA G 460 -43.10 24.31 9.63
CA ALA G 460 -42.27 25.46 9.31
C ALA G 460 -42.68 26.04 7.96
N LEU G 461 -42.41 27.33 7.77
CA LEU G 461 -42.69 27.93 6.46
C LEU G 461 -41.90 27.21 5.38
N SER G 462 -40.57 27.16 5.53
CA SER G 462 -39.69 26.36 4.69
C SER G 462 -38.97 25.33 5.55
N SER G 463 -38.56 24.22 4.94
CA SER G 463 -37.90 23.16 5.69
C SER G 463 -36.87 22.46 4.82
N SER G 464 -35.93 21.77 5.46
CA SER G 464 -34.85 21.07 4.78
C SER G 464 -34.50 19.82 5.56
N VAL G 465 -33.79 18.89 4.91
CA VAL G 465 -33.39 17.63 5.51
C VAL G 465 -31.91 17.40 5.22
N SER G 466 -31.19 16.89 6.23
CA SER G 466 -29.77 16.62 6.07
C SER G 466 -29.52 15.62 4.95
N SER G 467 -28.54 15.94 4.10
CA SER G 467 -28.11 15.05 3.02
C SER G 467 -26.70 14.52 3.25
N SER G 468 -26.21 14.61 4.48
CA SER G 468 -24.86 14.18 4.77
C SER G 468 -24.70 12.69 4.49
N LYS G 469 -23.60 12.36 3.83
CA LYS G 469 -23.21 10.97 3.58
C LYS G 469 -22.04 10.56 4.48
N LEU G 470 -21.73 11.38 5.49
CA LEU G 470 -20.55 11.16 6.32
C LEU G 470 -20.57 9.77 6.94
N PHE G 471 -21.69 9.36 7.50
CA PHE G 471 -21.77 8.03 8.09
C PHE G 471 -22.11 6.96 7.06
N SER G 472 -22.46 7.35 5.84
CA SER G 472 -22.68 6.40 4.76
C SER G 472 -23.47 5.19 5.21
N SER G 473 -23.13 4.02 4.68
CA SER G 473 -23.82 2.80 5.12
C SER G 473 -23.26 2.26 6.43
N SER G 474 -22.01 2.56 6.74
CA SER G 474 -21.34 2.06 7.95
C SER G 474 -21.61 0.59 8.22
N THR G 475 -21.86 -0.19 7.16
CA THR G 475 -22.30 -1.57 7.25
C THR G 475 -22.81 -1.90 8.64
N ALA G 476 -23.82 -1.15 9.08
CA ALA G 476 -24.39 -1.32 10.42
C ALA G 476 -25.91 -1.35 10.31
N PRO G 477 -26.48 -2.49 9.91
CA PRO G 477 -27.94 -2.56 9.81
C PRO G 477 -28.52 -2.71 11.21
N HIS G 478 -29.48 -1.85 11.53
CA HIS G 478 -30.18 -1.91 12.81
C HIS G 478 -31.64 -2.27 12.55
N GLU G 479 -32.10 -3.31 13.26
CA GLU G 479 -33.45 -3.82 13.05
C GLU G 479 -34.49 -2.84 13.58
N THR G 480 -35.56 -2.65 12.81
CA THR G 480 -36.65 -1.75 13.17
C THR G 480 -37.91 -2.59 13.27
N SER G 481 -38.62 -2.47 14.39
CA SER G 481 -39.83 -3.24 14.64
C SER G 481 -41.06 -2.34 14.70
N PHE G 482 -42.16 -2.80 14.11
CA PHE G 482 -43.39 -2.02 14.08
C PHE G 482 -43.82 -1.68 15.50
N GLY G 483 -44.21 -0.43 15.71
CA GLY G 483 -44.68 0.04 16.99
C GLY G 483 -43.62 0.69 17.84
N GLU G 484 -42.36 0.54 17.48
CA GLU G 484 -41.29 1.18 18.23
C GLU G 484 -41.29 2.69 17.98
N GLU G 485 -40.92 3.44 19.01
CA GLU G 485 -40.80 4.89 18.89
C GLU G 485 -39.41 5.25 18.39
N VAL G 486 -39.29 6.40 17.74
CA VAL G 486 -37.99 6.99 17.40
C VAL G 486 -38.10 8.49 17.62
N GLU G 487 -36.99 9.13 17.92
CA GLU G 487 -36.93 10.58 17.99
C GLU G 487 -36.38 11.13 16.68
N VAL G 488 -36.97 12.23 16.22
CA VAL G 488 -36.49 12.95 15.05
C VAL G 488 -36.10 14.34 15.50
N HIS G 489 -34.86 14.72 15.27
CA HIS G 489 -34.31 15.95 15.78
C HIS G 489 -34.20 17.01 14.69
N ASN G 490 -34.42 18.26 15.08
CA ASN G 490 -34.50 19.38 14.16
C ASN G 490 -33.88 20.62 14.80
N LEU G 491 -33.42 21.53 13.95
CA LEU G 491 -33.11 22.90 14.34
C LEU G 491 -34.21 23.80 13.79
N LEU G 492 -34.84 24.56 14.67
CA LEU G 492 -35.91 25.47 14.29
C LEU G 492 -35.38 26.89 14.31
N ILE G 493 -35.68 27.66 13.27
CA ILE G 493 -35.40 29.09 13.22
C ILE G 493 -36.70 29.83 13.49
N ILE G 494 -36.72 30.67 14.53
CA ILE G 494 -37.98 31.25 15.02
C ILE G 494 -37.85 32.76 15.08
N ASP G 495 -38.78 33.45 14.44
CA ASP G 495 -38.78 34.91 14.39
C ASP G 495 -38.98 35.50 15.77
N GLN G 496 -38.22 36.54 16.09
CA GLN G 496 -38.17 37.07 17.44
C GLN G 496 -39.39 37.91 17.81
N HIS G 497 -40.23 38.29 16.84
CA HIS G 497 -41.40 39.10 17.15
C HIS G 497 -42.70 38.29 17.11
N THR G 498 -42.88 37.49 16.07
CA THR G 498 -44.06 36.64 15.91
C THR G 498 -43.84 35.22 16.40
N PHE G 499 -42.59 34.77 16.46
CA PHE G 499 -42.26 33.40 16.83
C PHE G 499 -42.85 32.39 15.85
N GLU G 500 -42.95 32.80 14.60
CA GLU G 500 -43.27 31.86 13.53
C GLU G 500 -42.05 31.00 13.24
N VAL G 501 -42.28 29.72 12.97
CA VAL G 501 -41.18 28.83 12.62
C VAL G 501 -40.82 29.14 11.18
N LEU G 502 -39.70 29.83 10.99
CA LEU G 502 -39.34 30.29 9.65
C LEU G 502 -38.68 29.17 8.84
N HIS G 503 -37.86 28.35 9.49
CA HIS G 503 -37.22 27.23 8.82
C HIS G 503 -37.10 26.11 9.85
N ALA G 504 -37.01 24.88 9.35
CA ALA G 504 -36.75 23.73 10.18
C ALA G 504 -35.85 22.77 9.42
N HIS G 505 -34.77 22.35 10.06
CA HIS G 505 -33.82 21.41 9.47
C HIS G 505 -33.90 20.09 10.22
N GLN G 506 -34.18 19.01 9.51
CA GLN G 506 -34.26 17.69 10.10
C GLN G 506 -32.90 17.02 10.03
N PHE G 507 -32.43 16.53 11.17
CA PHE G 507 -31.12 15.90 11.23
C PHE G 507 -31.20 14.46 10.76
N LEU G 508 -30.05 13.82 10.69
CA LEU G 508 -29.96 12.49 10.13
C LEU G 508 -30.81 11.50 10.92
N GLN G 509 -31.18 10.41 10.23
CA GLN G 509 -31.88 9.33 10.90
C GLN G 509 -31.06 8.83 12.07
N ASN G 510 -31.70 8.76 13.24
CA ASN G 510 -31.09 8.34 14.49
C ASN G 510 -30.05 9.33 15.03
N GLU G 511 -30.03 10.56 14.54
CA GLU G 511 -29.10 11.57 15.03
C GLU G 511 -29.76 12.49 16.05
N TYR G 512 -29.13 12.63 17.21
CA TYR G 512 -29.60 13.54 18.25
C TYR G 512 -28.81 14.84 18.23
N ALA G 513 -29.53 15.96 18.33
CA ALA G 513 -28.93 17.28 18.49
C ALA G 513 -28.80 17.57 19.98
N LEU G 514 -27.57 17.80 20.45
CA LEU G 514 -27.31 17.98 21.86
C LEU G 514 -26.88 19.38 22.25
N SER G 515 -26.28 20.15 21.33
CA SER G 515 -25.68 21.42 21.69
C SER G 515 -25.86 22.42 20.57
N LEU G 516 -25.99 23.68 20.95
CA LEU G 516 -26.29 24.76 20.01
C LEU G 516 -25.62 26.05 20.46
N VAL G 517 -25.00 26.74 19.52
CA VAL G 517 -24.46 28.08 19.74
C VAL G 517 -24.74 28.96 18.53
N SER G 518 -24.75 30.27 18.76
CA SER G 518 -24.79 31.29 17.71
C SER G 518 -23.57 32.18 17.91
N CYS G 519 -22.72 32.28 16.88
CA CYS G 519 -21.49 33.05 17.05
C CYS G 519 -20.78 33.27 15.72
N LYS G 520 -19.84 34.21 15.74
CA LYS G 520 -18.85 34.42 14.68
C LYS G 520 -17.56 33.70 15.09
N LEU G 521 -16.85 33.14 14.10
CA LEU G 521 -15.61 32.44 14.36
C LEU G 521 -14.48 32.99 13.49
N GLY G 522 -13.26 32.90 14.02
CA GLY G 522 -12.10 33.33 13.26
C GLY G 522 -12.25 34.77 12.82
N LYS G 523 -11.86 35.05 11.58
CA LYS G 523 -12.08 36.35 10.96
C LYS G 523 -13.29 36.34 10.04
N ASP G 524 -14.15 35.34 10.14
CA ASP G 524 -15.29 35.22 9.27
C ASP G 524 -16.41 36.11 9.81
N PRO G 525 -16.85 37.12 9.05
CA PRO G 525 -17.84 38.08 9.58
C PRO G 525 -19.24 37.50 9.69
N ASN G 526 -19.51 36.36 9.05
CA ASN G 526 -20.85 35.79 9.08
C ASN G 526 -21.13 35.20 10.45
N THR G 527 -22.36 35.35 10.91
CA THR G 527 -22.82 34.78 12.17
C THR G 527 -23.48 33.44 11.86
N TYR G 528 -23.01 32.38 12.51
CA TYR G 528 -23.46 31.03 12.20
C TYR G 528 -24.22 30.44 13.38
N PHE G 529 -25.13 29.50 13.05
CA PHE G 529 -25.69 28.54 14.00
C PHE G 529 -24.86 27.26 13.93
N ILE G 530 -24.33 26.80 15.07
CA ILE G 530 -23.51 25.61 15.10
C ILE G 530 -24.17 24.59 16.02
N VAL G 531 -24.29 23.36 15.56
CA VAL G 531 -24.99 22.29 16.28
C VAL G 531 -24.05 21.12 16.48
N GLY G 532 -24.06 20.58 17.69
CA GLY G 532 -23.34 19.36 18.02
C GLY G 532 -24.33 18.22 18.20
N THR G 533 -24.00 17.08 17.59
CA THR G 533 -24.91 15.95 17.52
C THR G 533 -24.25 14.67 18.00
N ALA G 534 -25.06 13.62 18.09
CA ALA G 534 -24.61 12.28 18.44
C ALA G 534 -25.43 11.25 17.69
N MET G 535 -24.77 10.21 17.16
CA MET G 535 -25.47 9.12 16.49
C MET G 535 -25.87 8.09 17.54
N VAL G 536 -27.18 7.95 17.76
CA VAL G 536 -27.75 7.22 18.89
C VAL G 536 -28.43 5.95 18.43
N TYR G 537 -27.89 4.80 18.84
CA TYR G 537 -28.47 3.48 18.65
C TYR G 537 -28.65 2.80 20.01
N PRO G 538 -29.76 2.09 20.23
CA PRO G 538 -29.91 1.42 21.54
C PRO G 538 -28.74 0.51 21.87
N GLU G 539 -28.03 0.00 20.86
CA GLU G 539 -26.98 -0.98 21.08
C GLU G 539 -25.74 -0.37 21.77
N GLU G 540 -25.50 0.92 21.58
CA GLU G 540 -24.28 1.54 22.12
C GLU G 540 -24.53 2.07 23.52
N ALA G 541 -23.66 1.69 24.46
CA ALA G 541 -23.77 2.26 25.80
C ALA G 541 -23.42 3.75 25.80
N GLU G 542 -22.57 4.16 24.87
CA GLU G 542 -22.11 5.51 24.80
C GLU G 542 -21.92 5.75 23.31
N PRO G 543 -22.42 6.86 22.76
CA PRO G 543 -22.28 7.09 21.31
C PRO G 543 -20.82 7.12 20.89
N LYS G 544 -20.55 6.55 19.73
CA LYS G 544 -19.19 6.54 19.18
C LYS G 544 -19.09 7.33 17.89
N GLN G 545 -20.17 7.97 17.45
CA GLN G 545 -20.17 8.79 16.23
C GLN G 545 -20.93 10.08 16.51
N GLY G 546 -20.54 11.14 15.80
CA GLY G 546 -21.21 12.42 15.96
C GLY G 546 -20.69 13.44 14.98
N ARG G 547 -21.37 14.58 14.93
CA ARG G 547 -21.05 15.65 14.00
C ARG G 547 -21.08 16.99 14.71
N ILE G 548 -20.23 17.90 14.25
CA ILE G 548 -20.40 19.33 14.50
C ILE G 548 -20.74 19.97 13.16
N VAL G 549 -21.87 20.65 13.09
CA VAL G 549 -22.40 21.20 11.85
C VAL G 549 -22.51 22.71 12.00
N VAL G 550 -22.06 23.45 10.98
CA VAL G 550 -22.08 24.91 10.95
C VAL G 550 -23.11 25.35 9.90
N PHE G 551 -24.13 26.09 10.33
CA PHE G 551 -25.20 26.55 9.46
C PHE G 551 -25.21 28.08 9.33
N GLN G 552 -25.79 28.58 8.23
CA GLN G 552 -26.12 30.00 8.10
C GLN G 552 -27.59 30.20 7.75
N TYR G 553 -28.27 31.06 8.51
CA TYR G 553 -29.62 31.48 8.16
C TYR G 553 -29.46 32.71 7.26
N SER G 554 -29.82 32.55 5.99
CA SER G 554 -29.66 33.60 5.01
C SER G 554 -30.91 33.64 4.15
N ASP G 555 -31.50 34.83 4.04
CA ASP G 555 -32.65 35.03 3.15
C ASP G 555 -33.66 33.89 3.31
N GLY G 556 -33.95 33.53 4.57
CA GLY G 556 -35.02 32.62 4.91
C GLY G 556 -34.79 31.12 4.82
N LYS G 557 -33.56 30.66 4.55
CA LYS G 557 -33.27 29.22 4.58
C LYS G 557 -31.91 28.98 5.22
N LEU G 558 -31.73 27.77 5.77
CA LEU G 558 -30.49 27.39 6.43
C LEU G 558 -29.56 26.68 5.45
N GLN G 559 -28.31 27.15 5.39
CA GLN G 559 -27.28 26.60 4.51
C GLN G 559 -26.18 25.99 5.36
N THR G 560 -25.74 24.80 4.98
CA THR G 560 -24.70 24.08 5.71
C THR G 560 -23.31 24.50 5.21
N VAL G 561 -22.58 25.23 6.04
CA VAL G 561 -21.29 25.75 5.61
C VAL G 561 -20.21 24.68 5.77
N ALA G 562 -20.25 23.93 6.85
CA ALA G 562 -19.21 22.94 7.11
C ALA G 562 -19.71 21.93 8.13
N GLU G 563 -19.17 20.72 8.03
CA GLU G 563 -19.48 19.59 8.88
C GLU G 563 -18.18 18.96 9.33
N LYS G 564 -18.13 18.59 10.62
CA LYS G 564 -16.96 17.93 11.19
C LYS G 564 -17.38 16.65 11.88
N GLU G 565 -16.75 15.54 11.52
CA GLU G 565 -17.04 14.26 12.14
C GLU G 565 -16.30 14.17 13.47
N VAL G 566 -17.01 13.67 14.49
CA VAL G 566 -16.38 13.43 15.79
C VAL G 566 -16.73 12.01 16.21
N LYS G 567 -15.92 11.44 17.10
CA LYS G 567 -16.08 10.04 17.49
C LYS G 567 -16.82 9.92 18.83
N GLY G 568 -17.94 10.61 18.95
CA GLY G 568 -18.69 10.60 20.19
C GLY G 568 -19.77 11.66 20.16
N ALA G 569 -20.34 11.92 21.34
CA ALA G 569 -21.43 12.88 21.47
C ALA G 569 -20.88 14.27 21.76
N VAL G 570 -21.33 15.27 21.01
CA VAL G 570 -20.91 16.65 21.25
C VAL G 570 -21.90 17.21 22.27
N TYR G 571 -21.62 16.93 23.54
CA TYR G 571 -22.56 17.28 24.59
C TYR G 571 -22.68 18.79 24.79
N SER G 572 -21.60 19.56 24.55
CA SER G 572 -21.62 20.98 24.88
C SER G 572 -20.64 21.75 23.99
N MET G 573 -21.04 22.98 23.62
CA MET G 573 -20.20 23.88 22.83
C MET G 573 -20.32 25.30 23.36
N VAL G 574 -19.29 26.10 23.13
CA VAL G 574 -19.29 27.49 23.59
C VAL G 574 -18.29 28.29 22.75
N GLU G 575 -18.63 29.55 22.47
CA GLU G 575 -17.72 30.42 21.73
C GLU G 575 -16.54 30.74 22.65
N PHE G 576 -15.32 30.66 22.12
CA PHE G 576 -14.11 30.81 22.95
C PHE G 576 -13.09 31.63 22.15
N ASN G 577 -13.17 32.96 22.30
CA ASN G 577 -12.18 33.86 21.73
C ASN G 577 -11.98 33.57 20.24
N GLY G 578 -13.08 33.55 19.50
CA GLY G 578 -13.04 33.30 18.07
C GLY G 578 -12.82 31.86 17.68
N LYS G 579 -12.66 30.97 18.66
CA LYS G 579 -12.52 29.54 18.42
C LYS G 579 -13.74 28.83 19.00
N LEU G 580 -13.94 27.58 18.57
CA LEU G 580 -15.07 26.77 19.00
C LEU G 580 -14.59 25.75 20.02
N LEU G 581 -15.09 25.84 21.24
CA LEU G 581 -14.78 24.90 22.31
C LEU G 581 -15.93 23.90 22.42
N ALA G 582 -15.62 22.63 22.21
CA ALA G 582 -16.63 21.59 22.20
C ALA G 582 -16.17 20.41 23.05
N SER G 583 -17.12 19.75 23.67
CA SER G 583 -16.88 18.55 24.48
C SER G 583 -17.44 17.35 23.73
N ILE G 584 -16.57 16.39 23.41
CA ILE G 584 -16.94 15.16 22.70
C ILE G 584 -16.65 14.01 23.66
N ASN G 585 -17.71 13.43 24.25
CA ASN G 585 -17.58 12.38 25.26
C ASN G 585 -16.63 12.82 26.36
N SER G 586 -15.54 12.07 26.59
CA SER G 586 -14.57 12.47 27.62
C SER G 586 -13.72 13.66 27.18
N THR G 587 -13.55 13.86 25.88
CA THR G 587 -12.66 14.89 25.36
C THR G 587 -13.28 16.28 25.44
N VAL G 588 -12.45 17.27 25.79
CA VAL G 588 -12.73 18.69 25.65
C VAL G 588 -11.79 19.21 24.58
N ARG G 589 -12.35 19.72 23.49
CA ARG G 589 -11.57 20.10 22.32
C ARG G 589 -11.77 21.57 21.99
N LEU G 590 -10.72 22.18 21.46
CA LEU G 590 -10.75 23.55 20.94
C LEU G 590 -10.48 23.49 19.45
N TYR G 591 -11.45 23.98 18.67
CA TYR G 591 -11.38 24.02 17.21
C TYR G 591 -11.12 25.46 16.75
N GLU G 592 -10.32 25.60 15.69
CA GLU G 592 -10.11 26.87 15.00
C GLU G 592 -10.96 26.90 13.74
N TRP G 593 -11.36 28.10 13.32
CA TRP G 593 -12.17 28.29 12.13
C TRP G 593 -11.26 28.82 11.02
N THR G 594 -11.00 27.99 10.03
CA THR G 594 -9.99 28.34 9.04
C THR G 594 -10.53 29.33 8.01
N THR G 595 -9.60 29.83 7.20
CA THR G 595 -9.95 30.69 6.09
C THR G 595 -10.70 29.91 5.01
N GLU G 596 -10.64 28.59 5.07
CA GLU G 596 -11.35 27.69 4.16
C GLU G 596 -12.74 27.32 4.66
N LYS G 597 -13.23 27.99 5.70
CA LYS G 597 -14.55 27.73 6.28
C LYS G 597 -14.68 26.26 6.71
N GLU G 598 -13.67 25.76 7.43
CA GLU G 598 -13.74 24.44 8.05
C GLU G 598 -13.07 24.47 9.41
N LEU G 599 -13.49 23.55 10.28
CA LEU G 599 -12.98 23.48 11.65
C LEU G 599 -11.72 22.63 11.72
N ARG G 600 -10.73 23.15 12.43
CA ARG G 600 -9.43 22.49 12.60
C ARG G 600 -9.12 22.40 14.09
N THR G 601 -8.75 21.21 14.54
CA THR G 601 -8.50 20.97 15.96
C THR G 601 -7.18 21.60 16.36
N GLU G 602 -7.21 22.41 17.42
CA GLU G 602 -5.98 23.00 17.94
C GLU G 602 -5.39 22.19 19.09
N CYS G 603 -6.19 21.85 20.11
CA CYS G 603 -5.68 21.16 21.29
C CYS G 603 -6.81 20.48 22.04
N ASN G 604 -6.45 19.52 22.89
CA ASN G 604 -7.39 18.63 23.54
C ASN G 604 -7.08 18.44 25.02
N HIS G 605 -8.13 18.15 25.79
CA HIS G 605 -8.03 17.71 27.17
C HIS G 605 -8.89 16.46 27.34
N TYR G 606 -8.31 15.40 27.94
CA TYR G 606 -8.97 14.11 27.97
C TYR G 606 -9.38 13.66 29.37
N ASN G 607 -8.91 14.32 30.42
CA ASN G 607 -9.04 13.80 31.79
C ASN G 607 -10.44 14.07 32.32
N ASN G 608 -11.40 13.38 31.73
CA ASN G 608 -12.79 13.49 32.14
C ASN G 608 -13.41 12.10 32.08
N ILE G 609 -14.56 11.95 32.73
CA ILE G 609 -15.39 10.77 32.58
C ILE G 609 -16.48 10.98 31.54
N MET G 610 -17.17 12.11 31.60
CA MET G 610 -18.09 12.53 30.55
C MET G 610 -18.22 14.05 30.69
N ALA G 611 -17.75 14.79 29.69
CA ALA G 611 -17.66 16.25 29.75
C ALA G 611 -18.99 16.86 29.31
N LEU G 612 -19.91 16.95 30.27
CA LEU G 612 -21.28 17.31 29.93
C LEU G 612 -21.51 18.81 29.74
N TYR G 613 -20.82 19.66 30.50
CA TYR G 613 -21.14 21.07 30.55
C TYR G 613 -19.88 21.92 30.44
N LEU G 614 -19.98 23.02 29.69
CA LEU G 614 -18.87 23.93 29.48
C LEU G 614 -19.34 25.36 29.74
N LYS G 615 -18.47 26.14 30.38
CA LYS G 615 -18.63 27.59 30.49
C LYS G 615 -17.23 28.18 30.40
N THR G 616 -17.15 29.43 29.91
CA THR G 616 -15.85 30.08 29.77
C THR G 616 -15.87 31.51 30.28
N LYS G 617 -14.68 32.00 30.61
CA LYS G 617 -14.47 33.40 31.01
C LYS G 617 -13.01 33.71 30.71
N GLY G 618 -12.77 34.54 29.69
CA GLY G 618 -11.40 34.80 29.29
C GLY G 618 -10.80 33.55 28.68
N ASP G 619 -9.58 33.20 29.12
CA ASP G 619 -8.96 31.95 28.71
C ASP G 619 -9.25 30.82 29.70
N PHE G 620 -10.19 31.02 30.63
CA PHE G 620 -10.53 30.03 31.64
C PHE G 620 -11.76 29.24 31.17
N ILE G 621 -11.74 27.93 31.43
CA ILE G 621 -12.83 27.04 31.06
C ILE G 621 -13.29 26.29 32.29
N LEU G 622 -14.60 26.27 32.52
CA LEU G 622 -15.20 25.50 33.61
C LEU G 622 -15.86 24.27 33.00
N VAL G 623 -15.46 23.08 33.43
CA VAL G 623 -15.98 21.83 32.89
C VAL G 623 -16.79 21.12 33.96
N GLY G 624 -18.04 20.78 33.63
CA GLY G 624 -18.87 19.99 34.50
C GLY G 624 -18.90 18.55 34.02
N ASP G 625 -18.60 17.63 34.93
CA ASP G 625 -18.45 16.23 34.59
C ASP G 625 -19.65 15.42 35.07
N LEU G 626 -19.81 14.24 34.46
CA LEU G 626 -20.93 13.39 34.84
C LEU G 626 -20.83 12.98 36.30
N MET G 627 -19.65 12.55 36.74
CA MET G 627 -19.50 12.08 38.12
C MET G 627 -18.38 12.74 38.91
N ARG G 628 -17.45 13.44 38.27
CA ARG G 628 -16.29 14.01 38.95
C ARG G 628 -16.43 15.51 39.17
N SER G 629 -17.64 15.96 39.49
CA SER G 629 -17.87 17.35 39.90
C SER G 629 -17.32 18.26 38.80
N VAL G 630 -16.52 19.27 39.13
CA VAL G 630 -16.16 20.32 38.20
C VAL G 630 -14.64 20.51 38.18
N LEU G 631 -14.12 20.84 36.99
CA LEU G 631 -12.70 21.06 36.75
C LEU G 631 -12.49 22.47 36.20
N LEU G 632 -11.40 23.12 36.63
CA LEU G 632 -11.04 24.43 36.09
C LEU G 632 -9.87 24.25 35.11
N LEU G 633 -10.14 24.48 33.83
CA LEU G 633 -9.17 24.40 32.76
C LEU G 633 -8.75 25.79 32.31
N ALA G 634 -7.54 25.86 31.74
CA ALA G 634 -7.03 27.12 31.22
C ALA G 634 -6.39 26.87 29.86
N TYR G 635 -6.59 27.82 28.97
CA TYR G 635 -5.93 27.81 27.67
C TYR G 635 -4.57 28.48 27.84
N LYS G 636 -3.50 27.76 27.49
CA LYS G 636 -2.17 28.36 27.57
C LYS G 636 -1.83 28.87 26.18
N PRO G 637 -2.03 30.17 25.91
CA PRO G 637 -1.97 30.65 24.52
C PRO G 637 -0.58 30.58 23.93
N MET G 638 0.45 30.65 24.77
CA MET G 638 1.83 30.62 24.30
C MET G 638 2.17 29.27 23.66
N GLU G 639 1.60 28.20 24.22
CA GLU G 639 1.94 26.84 23.86
C GLU G 639 0.89 26.18 22.99
N GLY G 640 -0.32 26.73 22.98
CA GLY G 640 -1.38 26.15 22.20
C GLY G 640 -1.89 24.89 22.87
N ASN G 641 -2.22 24.99 24.15
CA ASN G 641 -2.57 23.83 24.95
C ASN G 641 -3.55 24.23 26.06
N PHE G 642 -3.99 23.23 26.83
CA PHE G 642 -4.79 23.40 28.03
C PHE G 642 -3.89 23.08 29.22
N GLU G 643 -4.20 23.64 30.39
CA GLU G 643 -3.53 23.25 31.62
C GLU G 643 -4.59 23.12 32.70
N GLU G 644 -4.46 22.08 33.52
CA GLU G 644 -5.42 21.86 34.59
C GLU G 644 -5.06 22.80 35.74
N ILE G 645 -5.88 23.81 35.95
CA ILE G 645 -5.62 24.77 37.02
C ILE G 645 -6.01 24.18 38.36
N ALA G 646 -7.22 23.63 38.45
CA ALA G 646 -7.69 23.13 39.73
C ALA G 646 -8.90 22.24 39.50
N ARG G 647 -9.06 21.25 40.38
CA ARG G 647 -10.18 20.33 40.30
C ARG G 647 -10.86 20.18 41.66
N ASP G 648 -12.18 20.02 41.63
CA ASP G 648 -12.94 19.61 42.81
C ASP G 648 -12.89 18.09 42.90
N PHE G 649 -12.23 17.55 43.90
CA PHE G 649 -12.11 16.10 43.99
C PHE G 649 -13.27 15.43 44.69
N ASN G 650 -14.24 16.19 45.20
CA ASN G 650 -15.48 15.57 45.69
C ASN G 650 -16.28 15.05 44.49
N PRO G 651 -16.74 13.79 44.50
CA PRO G 651 -17.59 13.33 43.39
C PRO G 651 -19.00 13.88 43.53
N ASN G 652 -19.52 14.43 42.44
CA ASN G 652 -20.87 14.97 42.37
C ASN G 652 -21.42 14.63 41.00
N TRP G 653 -22.72 14.37 40.92
CA TRP G 653 -23.38 14.14 39.63
C TRP G 653 -23.96 15.48 39.18
N MET G 654 -23.30 16.10 38.20
CA MET G 654 -23.62 17.47 37.84
C MET G 654 -24.88 17.54 36.98
N SER G 655 -25.66 18.58 37.20
CA SER G 655 -26.79 18.93 36.35
C SER G 655 -26.58 20.22 35.56
N ALA G 656 -25.74 21.12 36.07
CA ALA G 656 -25.41 22.37 35.38
C ALA G 656 -24.32 23.08 36.16
N VAL G 657 -23.53 23.90 35.45
CA VAL G 657 -22.46 24.67 36.07
C VAL G 657 -22.53 26.12 35.61
N GLU G 658 -21.81 26.98 36.33
CA GLU G 658 -21.71 28.38 35.94
C GLU G 658 -20.49 28.98 36.62
N ILE G 659 -19.90 29.96 35.95
CA ILE G 659 -18.77 30.72 36.47
C ILE G 659 -19.33 32.00 37.08
N LEU G 660 -19.03 32.25 38.35
CA LEU G 660 -19.47 33.48 39.02
C LEU G 660 -18.47 34.62 38.84
N ASP G 661 -17.20 34.34 39.05
CA ASP G 661 -16.11 35.29 38.84
C ASP G 661 -14.83 34.47 38.68
N ASP G 662 -13.69 35.18 38.56
CA ASP G 662 -12.45 34.48 38.24
C ASP G 662 -12.05 33.45 39.28
N ASP G 663 -12.59 33.53 40.50
CA ASP G 663 -12.23 32.62 41.58
C ASP G 663 -13.37 31.74 42.11
N ASN G 664 -14.63 32.11 41.89
CA ASN G 664 -15.77 31.35 42.42
C ASN G 664 -16.52 30.65 41.30
N PHE G 665 -16.92 29.40 41.57
CA PHE G 665 -17.60 28.55 40.59
C PHE G 665 -18.81 27.88 41.20
N LEU G 666 -19.93 27.92 40.50
CA LEU G 666 -21.22 27.45 41.00
C LEU G 666 -21.66 26.16 40.32
N GLY G 667 -22.19 25.24 41.11
CA GLY G 667 -22.63 23.96 40.59
C GLY G 667 -23.94 23.50 41.17
N ALA G 668 -24.66 22.69 40.39
CA ALA G 668 -25.94 22.09 40.74
C ALA G 668 -25.83 20.60 40.42
N GLU G 669 -26.26 19.76 41.36
CA GLU G 669 -26.14 18.32 41.25
C GLU G 669 -27.50 17.62 41.31
N ASN G 670 -27.49 16.35 40.93
CA ASN G 670 -28.73 15.56 40.89
C ASN G 670 -29.35 15.31 42.25
N ALA G 671 -28.72 15.72 43.36
CA ALA G 671 -29.32 15.58 44.68
C ALA G 671 -30.10 16.83 45.08
N PHE G 672 -30.27 17.77 44.17
CA PHE G 672 -30.96 19.03 44.40
C PHE G 672 -30.13 19.97 45.28
N ASN G 673 -28.80 19.94 45.13
CA ASN G 673 -27.94 20.79 45.94
C ASN G 673 -27.18 21.77 45.05
N LEU G 674 -26.90 22.94 45.61
CA LEU G 674 -26.02 23.92 45.00
C LEU G 674 -24.72 23.90 45.78
N PHE G 675 -23.61 24.20 45.11
CA PHE G 675 -22.35 24.31 45.81
C PHE G 675 -21.46 25.27 45.05
N VAL G 676 -20.49 25.84 45.75
CA VAL G 676 -19.54 26.78 45.17
C VAL G 676 -18.13 26.30 45.48
N CYS G 677 -17.29 26.27 44.46
CA CYS G 677 -15.88 25.94 44.61
C CYS G 677 -15.05 27.19 44.42
N GLN G 678 -13.89 27.24 45.08
CA GLN G 678 -13.00 28.39 45.00
C GLN G 678 -11.56 27.91 44.85
N LYS G 679 -10.82 28.57 43.97
CA LYS G 679 -9.39 28.32 43.87
C LYS G 679 -8.74 28.66 45.21
N ASP G 680 -7.82 27.81 45.67
CA ASP G 680 -7.16 28.10 46.94
C ASP G 680 -6.28 29.34 46.85
N SER G 681 -6.84 30.45 46.40
CA SER G 681 -6.11 31.73 46.29
C SER G 681 -4.88 31.50 45.39
N ALA G 682 -3.76 32.14 45.68
CA ALA G 682 -2.48 31.90 45.01
C ALA G 682 -1.50 31.27 46.01
N ALA G 683 -1.74 30.03 46.40
CA ALA G 683 -0.88 29.38 47.40
C ALA G 683 0.52 29.11 46.85
N THR G 684 1.46 28.88 47.77
CA THR G 684 2.84 28.52 47.46
C THR G 684 3.03 27.03 47.24
N THR G 685 1.98 26.23 47.39
CA THR G 685 2.06 24.79 47.22
C THR G 685 1.25 24.43 45.98
N ASP G 686 1.87 23.68 45.07
CA ASP G 686 1.18 23.31 43.83
C ASP G 686 0.00 22.40 44.12
N GLU G 687 0.08 21.59 45.17
CA GLU G 687 -1.03 20.73 45.55
C GLU G 687 -2.21 21.56 46.05
N GLU G 688 -1.94 22.64 46.77
CA GLU G 688 -3.05 23.50 47.19
C GLU G 688 -3.66 24.25 46.01
N ARG G 689 -2.84 24.66 45.04
CA ARG G 689 -3.38 25.40 43.91
C ARG G 689 -4.30 24.52 43.05
N GLN G 690 -3.95 23.24 42.87
CA GLN G 690 -4.68 22.31 42.01
C GLN G 690 -5.92 21.73 42.68
N HIS G 691 -6.28 22.26 43.83
CA HIS G 691 -7.41 21.81 44.65
C HIS G 691 -8.49 22.88 44.68
N LEU G 692 -9.66 22.54 44.14
CA LEU G 692 -10.85 23.37 44.30
C LEU G 692 -11.56 23.05 45.61
N GLN G 693 -11.71 24.05 46.45
CA GLN G 693 -12.36 23.93 47.75
C GLN G 693 -13.85 24.18 47.60
N GLU G 694 -14.66 23.22 48.06
CA GLU G 694 -16.11 23.45 48.13
C GLU G 694 -16.37 24.37 49.31
N VAL G 695 -16.66 25.64 49.01
CA VAL G 695 -16.80 26.67 50.03
C VAL G 695 -18.24 27.03 50.31
N GLY G 696 -19.16 26.79 49.38
CA GLY G 696 -20.56 27.05 49.59
C GLY G 696 -21.39 25.80 49.38
N LEU G 697 -22.28 25.52 50.31
CA LEU G 697 -23.17 24.36 50.23
C LEU G 697 -24.58 24.79 50.58
N PHE G 698 -25.55 24.35 49.80
CA PHE G 698 -26.94 24.77 50.00
C PHE G 698 -27.84 23.76 49.34
N HIS G 699 -28.82 23.26 50.09
CA HIS G 699 -29.84 22.38 49.52
C HIS G 699 -30.90 23.26 48.89
N LEU G 700 -30.97 23.26 47.55
CA LEU G 700 -31.96 24.08 46.87
C LEU G 700 -33.35 23.45 46.94
N GLY G 701 -33.44 22.14 46.75
CA GLY G 701 -34.72 21.48 46.66
C GLY G 701 -35.26 21.39 45.24
N GLU G 702 -34.57 21.96 44.27
CA GLU G 702 -34.98 21.92 42.87
C GLU G 702 -33.87 21.30 42.03
N PHE G 703 -34.23 20.91 40.82
CA PHE G 703 -33.29 20.32 39.88
C PHE G 703 -32.96 21.36 38.82
N VAL G 704 -31.72 21.84 38.82
CA VAL G 704 -31.30 22.95 37.99
C VAL G 704 -30.82 22.40 36.64
N ASN G 705 -31.52 22.77 35.56
CA ASN G 705 -31.06 22.36 34.24
C ASN G 705 -30.12 23.38 33.60
N VAL G 706 -30.26 24.67 33.93
CA VAL G 706 -29.55 25.71 33.18
C VAL G 706 -29.21 26.88 34.12
N PHE G 707 -27.95 27.29 34.08
CA PHE G 707 -27.50 28.54 34.68
C PHE G 707 -27.26 29.59 33.59
N CYS G 708 -27.62 30.83 33.87
CA CYS G 708 -27.58 31.87 32.84
C CYS G 708 -27.36 33.25 33.47
N HIS G 709 -26.29 33.92 33.05
CA HIS G 709 -26.01 35.28 33.51
C HIS G 709 -27.01 36.27 32.94
N GLY G 710 -27.59 37.09 33.80
CA GLY G 710 -28.54 38.11 33.38
C GLY G 710 -29.50 38.42 34.50
N SER G 711 -30.35 39.43 34.25
CA SER G 711 -31.41 39.74 35.20
C SER G 711 -32.64 40.24 34.44
N LEU G 712 -33.80 40.11 35.09
CA LEU G 712 -35.04 40.63 34.52
C LEU G 712 -35.42 42.00 35.07
N VAL G 713 -34.60 42.57 35.95
CA VAL G 713 -34.82 43.91 36.48
C VAL G 713 -34.10 44.92 35.60
N MET G 714 -34.55 46.17 35.69
CA MET G 714 -33.99 47.25 34.89
C MET G 714 -32.53 47.49 35.25
N GLN G 715 -31.67 47.48 34.23
CA GLN G 715 -30.24 47.69 34.39
C GLN G 715 -29.98 49.18 34.24
N ASN G 716 -29.64 49.86 35.33
CA ASN G 716 -29.34 51.28 35.23
C ASN G 716 -27.89 51.61 34.90
N LEU G 717 -27.73 52.59 34.02
CA LEU G 717 -26.42 53.01 33.55
C LEU G 717 -25.58 53.53 34.72
N GLY G 718 -26.22 54.15 35.71
CA GLY G 718 -25.50 54.69 36.85
C GLY G 718 -25.18 53.63 37.90
N GLU G 719 -23.98 53.75 38.47
CA GLU G 719 -23.49 52.83 39.49
C GLU G 719 -24.06 53.17 40.86
N THR G 720 -24.34 52.11 41.65
CA THR G 720 -24.86 52.21 43.00
C THR G 720 -24.15 51.18 43.87
N SER G 721 -23.98 51.48 45.16
CA SER G 721 -23.39 50.50 46.07
C SER G 721 -24.46 49.45 46.38
N THR G 722 -24.62 48.49 45.43
CA THR G 722 -25.64 47.49 45.64
C THR G 722 -25.14 46.45 46.65
N PRO G 723 -26.00 45.95 47.54
CA PRO G 723 -25.54 44.89 48.44
C PRO G 723 -25.14 43.62 47.71
N THR G 724 -25.77 43.36 46.57
CA THR G 724 -25.51 42.22 45.71
C THR G 724 -24.62 42.57 44.53
N GLN G 725 -23.72 41.65 44.19
CA GLN G 725 -22.86 41.77 43.01
C GLN G 725 -23.06 40.56 42.11
N GLY G 726 -23.40 40.80 40.84
CA GLY G 726 -23.60 39.72 39.89
C GLY G 726 -25.05 39.27 39.82
N SER G 727 -25.37 38.57 38.75
CA SER G 727 -26.73 38.04 38.58
C SER G 727 -26.71 36.79 37.71
N VAL G 728 -27.05 35.65 38.32
CA VAL G 728 -27.22 34.39 37.62
C VAL G 728 -28.64 33.88 37.82
N LEU G 729 -29.35 33.67 36.72
CA LEU G 729 -30.68 33.09 36.72
C LEU G 729 -30.56 31.61 36.42
N PHE G 730 -31.44 30.80 37.03
CA PHE G 730 -31.42 29.37 36.72
C PHE G 730 -32.85 28.84 36.63
N GLY G 731 -33.04 27.92 35.69
CA GLY G 731 -34.31 27.26 35.48
C GLY G 731 -34.23 25.82 35.96
N THR G 732 -35.36 25.29 36.43
CA THR G 732 -35.41 23.99 37.08
C THR G 732 -36.50 23.12 36.49
N VAL G 733 -36.50 21.86 36.92
CA VAL G 733 -37.41 20.87 36.35
C VAL G 733 -38.85 21.18 36.72
N ASN G 734 -39.10 21.75 37.89
CA ASN G 734 -40.46 22.05 38.32
C ASN G 734 -40.95 23.41 37.87
N GLY G 735 -40.20 24.10 37.01
CA GLY G 735 -40.57 25.42 36.55
C GLY G 735 -40.08 26.56 37.42
N MET G 736 -39.60 26.28 38.63
CA MET G 736 -39.04 27.31 39.48
C MET G 736 -37.88 28.02 38.78
N ILE G 737 -37.90 29.35 38.78
CA ILE G 737 -36.78 30.15 38.31
C ILE G 737 -36.18 30.85 39.51
N GLY G 738 -34.85 30.79 39.63
CA GLY G 738 -34.17 31.34 40.78
C GLY G 738 -33.04 32.26 40.38
N LEU G 739 -32.43 32.86 41.40
CA LEU G 739 -31.40 33.87 41.23
C LEU G 739 -30.29 33.64 42.24
N VAL G 740 -29.05 33.65 41.76
CA VAL G 740 -27.87 33.52 42.60
C VAL G 740 -27.05 34.80 42.42
N THR G 741 -26.63 35.39 43.54
CA THR G 741 -25.80 36.58 43.52
C THR G 741 -24.80 36.50 44.68
N SER G 742 -23.75 37.31 44.59
CA SER G 742 -22.69 37.32 45.59
C SER G 742 -22.88 38.48 46.57
N LEU G 743 -22.27 38.33 47.75
CA LEU G 743 -22.34 39.33 48.80
C LEU G 743 -20.95 39.68 49.31
N SER G 744 -20.83 40.85 49.93
CA SER G 744 -19.61 41.18 50.68
C SER G 744 -19.65 40.47 52.03
N GLU G 745 -18.47 40.28 52.62
CA GLU G 745 -18.43 39.58 53.90
C GLU G 745 -19.33 40.26 54.93
N SER G 746 -19.30 41.59 54.97
CA SER G 746 -20.16 42.31 55.92
C SER G 746 -21.62 41.98 55.69
N TRP G 747 -22.04 41.92 54.42
CA TRP G 747 -23.44 41.71 54.11
C TRP G 747 -23.88 40.31 54.45
N TYR G 748 -23.05 39.31 54.16
CA TYR G 748 -23.34 37.94 54.54
C TYR G 748 -23.59 37.84 56.04
N ASN G 749 -22.63 38.33 56.84
CA ASN G 749 -22.74 38.21 58.29
C ASN G 749 -24.04 38.84 58.80
N LEU G 750 -24.39 40.02 58.30
CA LEU G 750 -25.64 40.64 58.70
C LEU G 750 -26.82 39.72 58.38
N LEU G 751 -26.89 39.26 57.14
CA LEU G 751 -28.03 38.47 56.70
C LEU G 751 -28.07 37.12 57.38
N LEU G 752 -26.90 36.51 57.62
CA LEU G 752 -26.88 35.24 58.34
C LEU G 752 -27.40 35.42 59.76
N ASP G 753 -26.96 36.48 60.44
CA ASP G 753 -27.48 36.74 61.79
C ASP G 753 -28.99 36.95 61.76
N MET G 754 -29.49 37.69 60.78
CA MET G 754 -30.93 37.93 60.71
C MET G 754 -31.67 36.63 60.45
N GLN G 755 -31.04 35.71 59.71
CA GLN G 755 -31.67 34.42 59.46
C GLN G 755 -31.82 33.63 60.76
N ASN G 756 -30.69 33.34 61.42
CA ASN G 756 -30.74 32.58 62.66
C ASN G 756 -31.69 33.24 63.66
N ARG G 757 -31.83 34.56 63.56
CA ARG G 757 -32.84 35.25 64.36
C ARG G 757 -34.24 35.01 63.82
N LEU G 758 -34.40 35.11 62.49
CA LEU G 758 -35.73 34.95 61.92
C LEU G 758 -36.30 33.56 62.18
N ASN G 759 -35.44 32.55 62.18
CA ASN G 759 -35.91 31.17 62.34
C ASN G 759 -36.42 30.91 63.75
N LYS G 760 -35.90 31.60 64.76
CA LYS G 760 -36.43 31.48 66.10
C LYS G 760 -37.84 32.07 66.17
N VAL G 761 -38.14 33.00 65.27
CA VAL G 761 -39.40 33.76 65.28
C VAL G 761 -40.47 33.08 64.43
N ILE G 762 -40.08 32.58 63.26
CA ILE G 762 -41.04 32.15 62.24
C ILE G 762 -41.44 30.71 62.51
N LYS G 763 -42.75 30.45 62.45
CA LYS G 763 -43.26 29.09 62.56
C LYS G 763 -43.41 28.49 61.17
N SER G 764 -42.77 27.34 60.96
CA SER G 764 -42.84 26.62 59.69
C SER G 764 -43.94 25.57 59.76
N VAL G 765 -44.54 25.28 58.61
CA VAL G 765 -45.52 24.19 58.57
C VAL G 765 -44.79 22.88 58.82
N GLY G 766 -45.37 22.05 59.70
CA GLY G 766 -44.75 20.81 60.10
C GLY G 766 -43.65 20.91 61.12
N LYS G 767 -43.38 22.11 61.66
CA LYS G 767 -42.34 22.33 62.65
C LYS G 767 -41.00 21.77 62.15
N ILE G 768 -40.67 22.09 60.90
CA ILE G 768 -39.42 21.64 60.29
C ILE G 768 -38.33 22.70 60.48
N GLU G 769 -37.21 22.31 61.08
CA GLU G 769 -36.09 23.22 61.27
C GLU G 769 -35.54 23.69 59.93
N HIS G 770 -35.41 25.01 59.78
CA HIS G 770 -34.89 25.58 58.53
C HIS G 770 -33.47 25.10 58.26
N SER G 771 -32.63 25.06 59.29
CA SER G 771 -31.26 24.60 59.11
C SER G 771 -31.22 23.17 58.56
N PHE G 772 -32.16 22.32 58.99
CA PHE G 772 -32.26 20.96 58.46
C PHE G 772 -32.62 20.97 56.97
N TRP G 773 -33.67 21.71 56.62
CA TRP G 773 -34.13 21.74 55.23
C TRP G 773 -33.02 22.18 54.28
N ARG G 774 -32.34 23.27 54.60
CA ARG G 774 -31.33 23.77 53.68
C ARG G 774 -29.98 23.07 53.82
N SER G 775 -29.87 22.09 54.71
CA SER G 775 -28.62 21.32 54.80
C SER G 775 -28.40 20.51 53.53
N PHE G 776 -27.16 20.54 53.05
CA PHE G 776 -26.73 19.72 51.92
C PHE G 776 -27.09 18.26 52.15
N HIS G 777 -27.68 17.63 51.15
CA HIS G 777 -28.18 16.27 51.40
C HIS G 777 -28.12 15.39 50.16
N THR G 778 -27.41 14.27 50.28
CA THR G 778 -27.48 13.14 49.39
C THR G 778 -27.89 11.92 50.20
N GLU G 779 -28.16 10.81 49.53
CA GLU G 779 -28.49 9.60 50.28
C GLU G 779 -27.35 9.18 51.19
N ARG G 780 -26.12 9.61 50.90
CA ARG G 780 -24.96 9.16 51.65
C ARG G 780 -24.39 10.18 52.61
N LYS G 781 -24.55 11.49 52.36
CA LYS G 781 -24.03 12.46 53.32
C LYS G 781 -25.04 13.59 53.52
N THR G 782 -24.96 14.19 54.72
CA THR G 782 -25.71 15.39 55.05
C THR G 782 -24.81 16.33 55.83
N GLU G 783 -24.64 17.55 55.31
CA GLU G 783 -23.84 18.59 55.94
C GLU G 783 -24.67 19.86 56.05
N PRO G 784 -24.42 20.68 57.07
CA PRO G 784 -25.13 21.96 57.17
C PRO G 784 -24.74 22.93 56.06
N ALA G 785 -25.72 23.74 55.64
CA ALA G 785 -25.47 24.70 54.58
C ALA G 785 -24.40 25.71 54.99
N THR G 786 -23.66 26.20 54.01
CA THR G 786 -22.63 27.20 54.29
C THR G 786 -22.40 28.07 53.06
N GLY G 787 -22.15 29.35 53.30
CA GLY G 787 -21.86 30.28 52.22
C GLY G 787 -23.07 30.73 51.43
N PHE G 788 -24.27 30.41 51.90
CA PHE G 788 -25.51 30.71 51.18
C PHE G 788 -26.55 31.32 52.11
N ILE G 789 -27.14 32.42 51.67
CA ILE G 789 -28.24 33.07 52.37
C ILE G 789 -29.56 32.68 51.67
N ASP G 790 -30.48 32.10 52.43
CA ASP G 790 -31.80 31.73 51.89
C ASP G 790 -32.60 33.01 51.65
N GLY G 791 -32.52 33.55 50.44
CA GLY G 791 -33.12 34.85 50.17
C GLY G 791 -34.61 34.92 50.45
N ASP G 792 -35.30 33.79 50.33
CA ASP G 792 -36.72 33.77 50.65
C ASP G 792 -36.97 33.99 52.13
N LEU G 793 -36.02 33.60 52.98
CA LEU G 793 -36.14 33.86 54.41
C LEU G 793 -35.95 35.34 54.70
N ILE G 794 -34.91 35.95 54.13
CA ILE G 794 -34.66 37.37 54.35
C ILE G 794 -35.85 38.20 53.87
N GLU G 795 -36.36 37.87 52.68
CA GLU G 795 -37.49 38.61 52.13
C GLU G 795 -38.79 38.34 52.88
N SER G 796 -38.79 37.39 53.83
CA SER G 796 -39.96 37.16 54.67
C SER G 796 -39.99 38.07 55.89
N PHE G 797 -38.89 38.78 56.18
CA PHE G 797 -38.84 39.76 57.27
C PHE G 797 -39.88 40.86 57.06
N LEU G 798 -40.15 41.24 55.82
CA LEU G 798 -41.07 42.34 55.57
C LEU G 798 -42.51 41.97 55.90
N ASP G 799 -42.82 40.67 55.98
CA ASP G 799 -44.17 40.20 56.21
C ASP G 799 -44.39 39.79 57.66
N ILE G 800 -43.36 39.87 58.52
CA ILE G 800 -43.54 39.49 59.91
C ILE G 800 -44.13 40.66 60.69
N SER G 801 -44.82 40.32 61.80
CA SER G 801 -45.48 41.32 62.64
C SER G 801 -44.46 42.21 63.35
N ARG G 802 -44.95 43.38 63.77
CA ARG G 802 -44.09 44.32 64.48
C ARG G 802 -43.47 43.74 65.74
N PRO G 803 -44.21 43.07 66.63
CA PRO G 803 -43.55 42.52 67.85
C PRO G 803 -42.38 41.61 67.54
N LYS G 804 -42.56 40.75 66.53
CA LYS G 804 -41.51 39.82 66.11
C LYS G 804 -40.42 40.57 65.34
N MET G 805 -40.80 41.63 64.63
CA MET G 805 -39.81 42.50 64.00
C MET G 805 -38.85 43.04 65.05
N GLN G 806 -39.38 43.44 66.21
CA GLN G 806 -38.54 43.92 67.29
C GLN G 806 -37.65 42.83 67.86
N GLU G 807 -38.15 41.59 67.95
CA GLU G 807 -37.30 40.51 68.44
C GLU G 807 -36.06 40.34 67.56
N VAL G 808 -36.24 40.43 66.24
CA VAL G 808 -35.16 40.20 65.30
C VAL G 808 -34.11 41.31 65.39
N VAL G 809 -34.56 42.56 65.62
CA VAL G 809 -33.62 43.68 65.60
C VAL G 809 -32.97 43.95 66.95
N ALA G 810 -33.33 43.19 67.97
CA ALA G 810 -32.74 43.32 69.30
C ALA G 810 -31.28 42.86 69.33
N ASN G 811 -30.46 43.61 70.05
CA ASN G 811 -29.04 43.30 70.28
C ASN G 811 -28.30 43.16 68.96
N LEU G 812 -28.83 43.74 67.89
CA LEU G 812 -28.28 43.64 66.56
C LEU G 812 -27.52 44.91 66.18
N GLN G 813 -26.32 44.74 65.65
CA GLN G 813 -25.45 45.83 65.25
C GLN G 813 -25.25 45.86 63.74
N TYR G 814 -25.54 47.02 63.15
CA TYR G 814 -25.41 47.29 61.73
C TYR G 814 -24.51 48.51 61.51
N ASP G 815 -23.84 48.52 60.36
CA ASP G 815 -22.95 49.62 59.99
C ASP G 815 -23.72 50.50 59.00
N ASP G 816 -24.53 51.41 59.55
CA ASP G 816 -25.12 52.47 58.75
C ASP G 816 -24.05 53.26 58.03
N GLY G 817 -24.18 53.41 56.72
CA GLY G 817 -23.08 53.97 55.96
C GLY G 817 -21.84 53.15 56.20
N SER G 818 -20.76 53.81 56.59
CA SER G 818 -19.54 53.11 56.99
C SER G 818 -18.74 53.94 57.98
N GLY G 819 -18.18 53.27 58.99
CA GLY G 819 -17.31 53.90 59.97
C GLY G 819 -17.92 53.99 61.37
N MET G 820 -19.21 54.30 61.44
CA MET G 820 -19.93 54.36 62.71
C MET G 820 -21.00 53.27 62.71
N LYS G 821 -21.00 52.46 63.78
CA LYS G 821 -21.92 51.34 63.95
C LYS G 821 -22.94 51.60 65.04
N ARG G 822 -24.21 51.40 64.72
CA ARG G 822 -25.34 51.65 65.61
C ARG G 822 -26.29 50.46 65.66
N GLU G 823 -26.76 50.14 66.87
CA GLU G 823 -27.69 49.04 67.03
C GLU G 823 -28.87 49.19 66.10
N ALA G 824 -29.03 48.20 65.23
CA ALA G 824 -30.01 48.27 64.16
C ALA G 824 -31.42 48.41 64.72
N THR G 825 -32.21 49.26 64.08
CA THR G 825 -33.63 49.44 64.33
C THR G 825 -34.40 48.64 63.29
N ALA G 826 -35.71 48.46 63.51
CA ALA G 826 -36.48 47.71 62.53
C ALA G 826 -36.48 48.43 61.19
N ASP G 827 -36.57 49.77 61.20
CA ASP G 827 -36.56 50.51 59.94
C ASP G 827 -35.25 50.35 59.19
N ASP G 828 -34.12 50.21 59.90
CA ASP G 828 -32.86 49.99 59.20
C ASP G 828 -32.93 48.69 58.39
N LEU G 829 -33.43 47.63 59.02
CA LEU G 829 -33.51 46.32 58.37
C LEU G 829 -34.57 46.28 57.28
N ILE G 830 -35.72 46.93 57.50
CA ILE G 830 -36.77 46.92 56.47
C ILE G 830 -36.25 47.54 55.17
N LYS G 831 -35.43 48.58 55.29
CA LYS G 831 -34.81 49.15 54.09
C LYS G 831 -33.80 48.18 53.50
N VAL G 832 -33.06 47.48 54.35
CA VAL G 832 -32.07 46.51 53.88
C VAL G 832 -32.76 45.42 53.08
N VAL G 833 -33.80 44.81 53.65
CA VAL G 833 -34.50 43.74 52.96
C VAL G 833 -35.17 44.26 51.69
N GLU G 834 -35.77 45.46 51.77
CA GLU G 834 -36.47 46.01 50.62
C GLU G 834 -35.51 46.28 49.45
N GLU G 835 -34.28 46.70 49.75
CA GLU G 835 -33.30 46.87 48.69
C GLU G 835 -32.96 45.52 48.05
N LEU G 836 -32.94 44.46 48.86
CA LEU G 836 -32.64 43.13 48.34
C LEU G 836 -33.77 42.54 47.51
N THR G 837 -35.01 43.01 47.71
CA THR G 837 -36.12 42.52 46.88
C THR G 837 -36.09 43.10 45.47
N ARG G 838 -35.19 44.04 45.20
CA ARG G 838 -35.10 44.72 43.92
C ARG G 838 -34.17 44.00 42.93
N ILE G 839 -33.57 42.88 43.33
CA ILE G 839 -32.69 42.14 42.42
C ILE G 839 -33.48 41.24 41.48
N HIS G 840 -34.79 41.15 41.67
CA HIS G 840 -35.64 40.34 40.82
C HIS G 840 -37.05 40.94 40.77
N THR H 7 16.96 -3.80 32.06
CA THR H 7 16.17 -5.01 32.23
C THR H 7 14.82 -4.68 32.86
N GLU H 8 13.97 -5.70 33.00
CA GLU H 8 12.65 -5.52 33.58
C GLU H 8 12.69 -5.12 35.06
N SER H 9 13.83 -5.34 35.73
CA SER H 9 13.91 -5.16 37.17
C SER H 9 14.52 -3.84 37.61
N ASP H 10 15.18 -3.11 36.71
CA ASP H 10 15.97 -1.94 37.09
C ASP H 10 15.04 -0.74 37.23
N TRP H 11 14.31 -0.72 38.33
CA TRP H 11 13.37 0.33 38.65
C TRP H 11 14.09 1.59 39.10
N GLY H 12 13.40 2.72 38.97
CA GLY H 12 13.93 3.97 39.44
C GLY H 12 14.83 4.69 38.46
N LYS H 13 15.18 4.04 37.35
CA LYS H 13 16.10 4.63 36.39
C LYS H 13 15.36 5.26 35.21
N ARG H 14 14.38 4.57 34.66
CA ARG H 14 13.63 5.12 33.54
C ARG H 14 12.90 6.40 33.93
N CYS H 15 12.81 7.30 32.97
CA CYS H 15 12.26 8.62 33.20
C CYS H 15 10.76 8.66 32.98
N VAL H 16 10.11 9.60 33.67
CA VAL H 16 8.68 9.81 33.46
C VAL H 16 8.38 10.48 32.13
N ASP H 17 9.41 10.87 31.39
CA ASP H 17 9.19 11.34 30.03
C ASP H 17 8.49 10.30 29.17
N LYS H 18 8.64 9.03 29.49
CA LYS H 18 8.04 7.95 28.71
C LYS H 18 6.53 7.89 28.87
N PHE H 19 5.93 8.76 29.67
CA PHE H 19 4.49 8.83 29.85
C PHE H 19 3.94 10.21 29.45
N ASP H 20 2.84 10.21 28.72
CA ASP H 20 2.07 11.43 28.50
C ASP H 20 1.09 11.62 29.66
N ILE H 21 1.26 12.69 30.43
CA ILE H 21 0.37 12.93 31.55
C ILE H 21 -0.97 13.40 31.01
N ILE H 22 -2.04 12.73 31.44
CA ILE H 22 -3.38 13.07 30.98
C ILE H 22 -4.07 14.06 31.92
N GLY H 23 -3.84 13.89 33.21
CA GLY H 23 -4.43 14.81 34.17
C GLY H 23 -4.38 14.24 35.56
N ILE H 24 -4.69 15.09 36.51
CA ILE H 24 -4.68 14.75 37.93
C ILE H 24 -6.02 14.10 38.26
N ILE H 25 -5.96 12.91 38.89
CA ILE H 25 -7.18 12.18 39.23
C ILE H 25 -7.41 12.10 40.72
N GLY H 26 -6.47 12.51 41.55
CA GLY H 26 -6.72 12.52 42.96
C GLY H 26 -5.58 13.10 43.75
N GLU H 27 -5.91 13.65 44.92
CA GLU H 27 -4.92 14.07 45.88
C GLU H 27 -4.51 12.82 46.64
N GLY H 28 -3.22 12.53 46.64
CA GLY H 28 -2.71 11.34 47.29
C GLY H 28 -2.37 11.61 48.74
N THR H 29 -1.53 10.75 49.30
CA THR H 29 -1.01 10.94 50.64
C THR H 29 0.38 11.56 50.64
N TYR H 30 1.26 11.05 49.79
CA TYR H 30 2.64 11.50 49.68
C TYR H 30 2.88 12.31 48.42
N GLY H 31 1.83 12.61 47.67
CA GLY H 31 1.94 13.32 46.42
C GLY H 31 0.64 13.18 45.65
N GLN H 32 0.58 13.84 44.50
CA GLN H 32 -0.62 13.77 43.70
C GLN H 32 -0.64 12.46 42.91
N VAL H 33 -1.83 12.09 42.43
CA VAL H 33 -2.00 10.89 41.62
C VAL H 33 -2.50 11.30 40.25
N TYR H 34 -1.73 10.95 39.22
CA TYR H 34 -2.04 11.32 37.85
C TYR H 34 -2.46 10.10 37.05
N LYS H 35 -3.31 10.35 36.05
CA LYS H 35 -3.59 9.40 34.97
C LYS H 35 -2.63 9.72 33.83
N ALA H 36 -2.14 8.68 33.17
CA ALA H 36 -1.17 8.91 32.12
C ALA H 36 -1.23 7.77 31.10
N LYS H 37 -0.62 8.01 29.94
CA LYS H 37 -0.54 7.03 28.86
C LYS H 37 0.92 6.74 28.56
N ASP H 38 1.26 5.45 28.47
CA ASP H 38 2.60 5.03 28.08
C ASP H 38 2.81 5.33 26.60
N LYS H 39 3.92 6.00 26.29
CA LYS H 39 4.19 6.39 24.90
C LYS H 39 4.54 5.21 24.01
N ASP H 40 5.18 4.17 24.55
CA ASP H 40 5.60 3.04 23.73
C ASP H 40 4.46 2.05 23.53
N THR H 41 3.75 1.71 24.62
CA THR H 41 2.76 0.65 24.59
C THR H 41 1.33 1.14 24.47
N GLY H 42 1.04 2.39 24.83
CA GLY H 42 -0.31 2.89 24.81
C GLY H 42 -1.14 2.51 26.01
N GLU H 43 -0.61 1.76 26.95
CA GLU H 43 -1.35 1.37 28.15
C GLU H 43 -1.67 2.59 28.99
N LEU H 44 -2.81 2.56 29.67
CA LEU H 44 -3.12 3.59 30.64
C LEU H 44 -2.57 3.18 31.98
N VAL H 45 -2.01 4.15 32.71
CA VAL H 45 -1.41 3.90 34.02
C VAL H 45 -1.85 5.04 34.94
N ALA H 46 -1.69 4.81 36.23
CA ALA H 46 -1.78 5.87 37.24
C ALA H 46 -0.40 6.06 37.84
N LEU H 47 -0.02 7.31 38.06
CA LEU H 47 1.27 7.66 38.64
C LEU H 47 1.03 8.26 40.01
N LYS H 48 1.60 7.63 41.04
CA LYS H 48 1.68 8.25 42.35
C LYS H 48 2.99 9.00 42.45
N LYS H 49 2.92 10.32 42.58
CA LYS H 49 4.12 11.13 42.70
C LYS H 49 4.60 11.11 44.14
N VAL H 50 5.89 10.86 44.33
CA VAL H 50 6.50 10.90 45.65
C VAL H 50 7.47 12.07 45.65
N ARG H 51 7.29 12.99 46.58
CA ARG H 51 8.09 14.19 46.68
C ARG H 51 9.03 14.06 47.86
N LEU H 52 10.33 14.14 47.59
CA LEU H 52 11.34 14.17 48.63
C LEU H 52 11.80 15.60 48.85
N ASP H 53 11.15 16.55 48.18
CA ASP H 53 11.46 17.96 48.34
C ASP H 53 11.10 18.47 49.72
N ASN H 54 10.06 17.90 50.35
CA ASN H 54 9.78 18.26 51.74
C ASN H 54 10.96 17.84 52.61
N GLU H 55 11.49 16.64 52.37
CA GLU H 55 12.75 16.18 52.93
C GLU H 55 12.76 16.27 54.44
N LYS H 56 11.58 16.31 55.05
CA LYS H 56 11.51 16.30 56.50
C LYS H 56 12.25 15.08 57.04
N GLU H 57 11.91 13.90 56.55
CA GLU H 57 12.60 12.66 56.86
C GLU H 57 12.84 11.84 55.59
N GLY H 58 13.04 12.52 54.46
CA GLY H 58 13.35 11.91 53.19
C GLY H 58 12.23 11.17 52.52
N PHE H 59 12.52 10.05 51.87
CA PHE H 59 11.50 9.30 51.16
C PHE H 59 10.39 8.92 52.14
N PRO H 60 9.13 9.24 51.86
CA PRO H 60 8.07 8.97 52.85
C PRO H 60 7.92 7.48 53.10
N ILE H 61 7.65 7.15 54.36
CA ILE H 61 7.47 5.75 54.70
C ILE H 61 6.19 5.20 54.07
N THR H 62 5.13 6.01 54.02
CA THR H 62 3.89 5.59 53.36
C THR H 62 4.19 4.98 52.00
N ALA H 63 5.09 5.61 51.23
CA ALA H 63 5.49 5.06 49.95
C ALA H 63 6.40 3.85 50.11
N ILE H 64 7.32 3.91 51.08
CA ILE H 64 8.23 2.77 51.30
C ILE H 64 7.43 1.52 51.60
N ARG H 65 6.39 1.65 52.43
CA ARG H 65 5.55 0.50 52.69
C ARG H 65 4.91 -0.03 51.42
N GLU H 66 4.36 0.86 50.60
CA GLU H 66 3.63 0.43 49.41
C GLU H 66 4.58 -0.22 48.41
N ILE H 67 5.84 0.24 48.36
CA ILE H 67 6.83 -0.37 47.47
C ILE H 67 7.27 -1.72 48.03
N LYS H 68 7.62 -1.74 49.32
CA LYS H 68 8.09 -2.96 49.96
C LYS H 68 7.03 -4.05 49.86
N ILE H 69 5.77 -3.71 50.09
CA ILE H 69 4.74 -4.72 50.22
C ILE H 69 4.20 -5.14 48.86
N LEU H 70 3.97 -4.20 47.95
CA LEU H 70 3.32 -4.57 46.70
C LEU H 70 4.27 -5.25 45.71
N ARG H 71 5.59 -5.16 45.91
CA ARG H 71 6.48 -5.99 45.12
C ARG H 71 6.56 -7.42 45.64
N GLN H 72 5.98 -7.68 46.80
CA GLN H 72 5.87 -9.04 47.34
C GLN H 72 4.55 -9.67 46.92
N LEU H 73 3.49 -8.87 46.80
CA LEU H 73 2.14 -9.39 46.57
C LEU H 73 1.83 -9.49 45.08
N ILE H 74 1.37 -10.67 44.66
CA ILE H 74 0.93 -10.94 43.30
C ILE H 74 -0.46 -11.56 43.41
N HIS H 75 -1.50 -10.76 43.18
CA HIS H 75 -2.85 -11.32 43.17
C HIS H 75 -3.72 -10.50 42.21
N ARG H 76 -4.71 -11.17 41.62
CA ARG H 76 -5.58 -10.50 40.68
C ARG H 76 -6.41 -9.42 41.37
N SER H 77 -6.68 -9.58 42.65
CA SER H 77 -7.51 -8.65 43.40
C SER H 77 -6.68 -7.71 44.27
N VAL H 78 -5.37 -7.66 44.08
CA VAL H 78 -4.52 -6.68 44.74
C VAL H 78 -3.89 -5.82 43.67
N VAL H 79 -3.83 -4.51 43.92
CA VAL H 79 -3.38 -3.57 42.92
C VAL H 79 -1.91 -3.84 42.62
N ASN H 80 -1.53 -3.69 41.36
CA ASN H 80 -0.21 -4.09 40.91
C ASN H 80 0.65 -2.89 40.58
N MET H 81 1.82 -2.86 41.18
CA MET H 81 2.82 -1.83 40.89
C MET H 81 3.74 -2.31 39.78
N LYS H 82 3.78 -1.53 38.69
CA LYS H 82 4.47 -1.92 37.46
C LYS H 82 5.94 -1.48 37.43
N GLU H 83 6.23 -0.24 37.81
CA GLU H 83 7.62 0.18 37.89
C GLU H 83 7.66 1.52 38.64
N ILE H 84 8.87 2.04 38.81
CA ILE H 84 9.10 3.34 39.40
C ILE H 84 9.97 4.16 38.46
N VAL H 85 9.53 5.37 38.15
CA VAL H 85 10.21 6.26 37.23
C VAL H 85 10.51 7.56 37.96
N THR H 86 11.42 8.34 37.39
CA THR H 86 11.95 9.51 38.06
C THR H 86 11.78 10.74 37.18
N ASP H 87 11.74 11.91 37.82
CA ASP H 87 11.83 13.15 37.08
C ASP H 87 13.19 13.23 36.39
N LYS H 88 13.24 13.98 35.29
CA LYS H 88 14.50 14.12 34.57
C LYS H 88 15.59 14.59 35.53
N GLN H 89 16.73 13.91 35.52
CA GLN H 89 17.82 14.29 36.41
C GLN H 89 18.72 15.29 35.68
N ASP H 90 18.13 16.46 35.41
CA ASP H 90 18.82 17.50 34.65
C ASP H 90 19.99 18.07 35.44
N ALA H 91 19.85 18.17 36.76
CA ALA H 91 20.93 18.69 37.59
C ALA H 91 22.21 17.91 37.36
N LEU H 92 23.29 18.63 37.08
CA LEU H 92 24.60 18.02 36.88
C LEU H 92 25.08 17.26 38.12
N ASP H 93 24.76 17.77 39.30
CA ASP H 93 25.19 17.18 40.56
C ASP H 93 23.98 16.52 41.22
N PHE H 94 24.19 15.31 41.76
CA PHE H 94 23.07 14.61 42.38
C PHE H 94 22.54 15.36 43.59
N LYS H 95 23.40 16.15 44.25
CA LYS H 95 22.97 16.94 45.40
C LYS H 95 21.95 17.99 45.01
N LYS H 96 22.13 18.62 43.84
CA LYS H 96 21.19 19.63 43.38
C LYS H 96 19.82 19.01 43.11
N ASP H 97 19.80 17.76 42.63
CA ASP H 97 18.55 17.10 42.25
C ASP H 97 17.55 17.15 43.40
N LYS H 98 16.37 17.70 43.10
CA LYS H 98 15.26 17.85 44.02
C LYS H 98 13.99 17.29 43.38
N GLY H 99 14.16 16.54 42.29
CA GLY H 99 13.06 15.94 41.58
C GLY H 99 12.37 14.86 42.37
N ALA H 100 11.23 14.42 41.82
CA ALA H 100 10.38 13.44 42.48
C ALA H 100 10.51 12.05 41.85
N PHE H 101 9.88 11.08 42.51
CA PHE H 101 9.74 9.73 42.02
C PHE H 101 8.25 9.48 41.78
N TYR H 102 7.95 8.60 40.82
CA TYR H 102 6.59 8.24 40.48
C TYR H 102 6.42 6.73 40.56
N LEU H 103 5.36 6.28 41.23
CA LEU H 103 5.02 4.86 41.29
C LEU H 103 3.99 4.56 40.21
N VAL H 104 4.33 3.67 39.28
CA VAL H 104 3.49 3.39 38.12
C VAL H 104 2.58 2.20 38.41
N PHE H 105 1.27 2.40 38.28
CA PHE H 105 0.29 1.35 38.47
C PHE H 105 -0.53 1.15 37.19
N GLU H 106 -1.22 0.02 37.14
CA GLU H 106 -2.29 -0.16 36.16
C GLU H 106 -3.43 0.82 36.46
N TYR H 107 -4.02 1.42 35.42
CA TYR H 107 -5.14 2.32 35.61
C TYR H 107 -6.42 1.51 35.78
N MET H 108 -7.24 1.91 36.77
CA MET H 108 -8.53 1.31 37.02
C MET H 108 -9.65 2.31 36.69
N ASP H 109 -10.71 1.84 36.07
CA ASP H 109 -11.72 2.76 35.55
C ASP H 109 -12.35 3.59 36.66
N HIS H 110 -12.66 2.99 37.80
CA HIS H 110 -13.36 3.71 38.85
C HIS H 110 -12.88 3.30 40.23
N ASP H 111 -13.22 4.12 41.23
CA ASP H 111 -13.16 3.74 42.63
C ASP H 111 -14.59 3.63 43.17
N LEU H 112 -14.77 2.81 44.20
CA LEU H 112 -16.12 2.49 44.64
C LEU H 112 -16.79 3.71 45.25
N MET H 113 -16.05 4.53 46.01
CA MET H 113 -16.64 5.73 46.59
C MET H 113 -17.20 6.63 45.48
N GLY H 114 -16.40 6.87 44.44
CA GLY H 114 -16.88 7.67 43.33
C GLY H 114 -18.18 7.15 42.75
N LEU H 115 -18.26 5.84 42.51
CA LEU H 115 -19.46 5.27 41.89
C LEU H 115 -20.67 5.37 42.82
N LEU H 116 -20.45 5.21 44.12
CA LEU H 116 -21.56 5.22 45.06
C LEU H 116 -21.99 6.66 45.36
N GLU H 117 -21.01 7.54 45.61
CA GLU H 117 -21.30 8.92 45.97
C GLU H 117 -22.13 9.62 44.90
N SER H 118 -21.79 9.40 43.63
CA SER H 118 -22.53 9.98 42.52
C SER H 118 -23.85 9.29 42.24
N GLY H 119 -24.13 8.16 42.89
CA GLY H 119 -25.41 7.50 42.69
C GLY H 119 -25.52 6.78 41.37
N LEU H 120 -24.40 6.45 40.75
CA LEU H 120 -24.35 5.97 39.38
C LEU H 120 -24.20 4.44 39.33
N VAL H 121 -24.56 3.75 40.41
CA VAL H 121 -24.43 2.30 40.44
C VAL H 121 -25.66 1.62 41.03
N HIS H 122 -25.93 0.40 40.55
CA HIS H 122 -26.87 -0.50 41.19
C HIS H 122 -26.20 -1.87 41.29
N PHE H 123 -26.18 -2.46 42.48
CA PHE H 123 -25.60 -3.78 42.69
C PHE H 123 -26.72 -4.76 42.97
N SER H 124 -26.84 -5.78 42.12
CA SER H 124 -27.71 -6.89 42.42
C SER H 124 -27.00 -7.84 43.38
N GLU H 125 -27.74 -8.84 43.88
CA GLU H 125 -27.08 -9.86 44.69
C GLU H 125 -25.93 -10.49 43.92
N ASP H 126 -26.15 -10.88 42.66
CA ASP H 126 -25.06 -11.51 41.92
C ASP H 126 -23.88 -10.57 41.75
N HIS H 127 -24.12 -9.26 41.68
CA HIS H 127 -23.01 -8.31 41.59
C HIS H 127 -22.23 -8.26 42.90
N ILE H 128 -22.95 -8.25 44.02
CA ILE H 128 -22.28 -8.23 45.31
C ILE H 128 -21.49 -9.52 45.50
N LYS H 129 -22.00 -10.65 45.02
CA LYS H 129 -21.26 -11.90 45.13
C LYS H 129 -19.93 -11.81 44.38
N SER H 130 -19.97 -11.31 43.15
CA SER H 130 -18.73 -11.17 42.39
C SER H 130 -17.76 -10.20 43.07
N PHE H 131 -18.27 -9.06 43.53
CA PHE H 131 -17.45 -8.07 44.20
C PHE H 131 -16.79 -8.64 45.44
N MET H 132 -17.59 -9.22 46.34
CA MET H 132 -17.06 -9.65 47.63
C MET H 132 -16.09 -10.81 47.47
N LYS H 133 -16.39 -11.77 46.58
CA LYS H 133 -15.45 -12.87 46.42
C LYS H 133 -14.08 -12.36 46.03
N GLN H 134 -14.03 -11.38 45.12
CA GLN H 134 -12.74 -10.82 44.75
C GLN H 134 -12.12 -10.07 45.90
N LEU H 135 -12.90 -9.24 46.61
CA LEU H 135 -12.31 -8.46 47.69
C LEU H 135 -11.77 -9.39 48.77
N MET H 136 -12.57 -10.39 49.16
CA MET H 136 -12.12 -11.32 50.19
C MET H 136 -10.99 -12.20 49.70
N GLU H 137 -11.04 -12.65 48.45
CA GLU H 137 -9.92 -13.43 47.93
C GLU H 137 -8.63 -12.63 47.95
N GLY H 138 -8.73 -11.34 47.64
CA GLY H 138 -7.55 -10.48 47.73
C GLY H 138 -7.11 -10.27 49.17
N LEU H 139 -8.07 -10.09 50.08
CA LEU H 139 -7.73 -9.89 51.48
C LEU H 139 -7.08 -11.14 52.09
N GLU H 140 -7.69 -12.31 51.88
CA GLU H 140 -7.07 -13.52 52.45
C GLU H 140 -5.64 -13.67 51.94
N TYR H 141 -5.41 -13.34 50.66
CA TYR H 141 -4.05 -13.40 50.14
C TYR H 141 -3.11 -12.54 50.95
N CYS H 142 -3.52 -11.29 51.24
CA CYS H 142 -2.69 -10.40 52.05
C CYS H 142 -2.51 -10.93 53.46
N HIS H 143 -3.59 -11.40 54.08
CA HIS H 143 -3.49 -11.93 55.43
C HIS H 143 -2.62 -13.18 55.44
N LYS H 144 -2.72 -14.02 54.40
CA LYS H 144 -1.87 -15.21 54.36
C LYS H 144 -0.40 -14.84 54.23
N LYS H 145 -0.10 -13.68 53.63
CA LYS H 145 1.28 -13.19 53.61
C LYS H 145 1.58 -12.32 54.84
N ASN H 146 0.68 -12.30 55.82
CA ASN H 146 0.88 -11.63 57.12
C ASN H 146 0.98 -10.13 57.00
N PHE H 147 0.08 -9.52 56.24
CA PHE H 147 0.00 -8.08 56.12
C PHE H 147 -1.37 -7.59 56.57
N LEU H 148 -1.38 -6.44 57.23
CA LEU H 148 -2.60 -5.79 57.64
C LEU H 148 -2.82 -4.61 56.72
N HIS H 149 -4.04 -4.43 56.24
CA HIS H 149 -4.26 -3.30 55.33
C HIS H 149 -4.34 -1.98 56.11
N ARG H 150 -5.23 -1.93 57.09
CA ARG H 150 -5.34 -0.82 58.03
C ARG H 150 -5.94 0.44 57.42
N ASP H 151 -6.26 0.43 56.14
CA ASP H 151 -6.96 1.56 55.54
C ASP H 151 -7.96 1.11 54.49
N ILE H 152 -8.91 0.27 54.87
CA ILE H 152 -9.91 -0.22 53.94
C ILE H 152 -11.11 0.72 54.00
N LYS H 153 -11.37 1.38 52.87
CA LYS H 153 -12.51 2.25 52.67
C LYS H 153 -12.96 2.06 51.22
N CYS H 154 -14.16 2.54 50.90
CA CYS H 154 -14.65 2.40 49.54
C CYS H 154 -13.68 3.04 48.54
N SER H 155 -13.09 4.18 48.90
CA SER H 155 -12.20 4.88 47.99
C SER H 155 -10.94 4.08 47.67
N ASN H 156 -10.54 3.11 48.50
CA ASN H 156 -9.38 2.29 48.23
C ASN H 156 -9.72 0.93 47.61
N ILE H 157 -10.94 0.75 47.12
CA ILE H 157 -11.30 -0.42 46.32
C ILE H 157 -11.53 0.02 44.88
N LEU H 158 -10.68 -0.46 43.97
CA LEU H 158 -10.76 -0.06 42.58
C LEU H 158 -11.49 -1.10 41.75
N LEU H 159 -12.28 -0.59 40.81
CA LEU H 159 -13.20 -1.35 39.98
C LEU H 159 -13.06 -0.85 38.56
N ASN H 160 -12.75 -1.72 37.62
CA ASN H 160 -12.86 -1.34 36.21
C ASN H 160 -13.98 -2.15 35.56
N ASN H 161 -14.39 -1.71 34.36
CA ASN H 161 -15.69 -2.09 33.85
C ASN H 161 -15.85 -3.58 33.57
N SER H 162 -14.74 -4.33 33.49
CA SER H 162 -14.90 -5.77 33.36
C SER H 162 -15.54 -6.39 34.59
N GLY H 163 -15.55 -5.68 35.71
CA GLY H 163 -16.00 -6.24 36.97
C GLY H 163 -14.88 -6.71 37.86
N GLN H 164 -13.63 -6.48 37.49
CA GLN H 164 -12.51 -6.89 38.31
C GLN H 164 -12.31 -5.87 39.41
N ILE H 165 -12.12 -6.37 40.62
CA ILE H 165 -11.90 -5.57 41.82
C ILE H 165 -10.44 -5.72 42.23
N LYS H 166 -9.84 -4.61 42.65
CA LYS H 166 -8.47 -4.56 43.17
C LYS H 166 -8.41 -3.62 44.37
N LEU H 167 -7.71 -4.07 45.42
CA LEU H 167 -7.47 -3.29 46.64
C LEU H 167 -6.27 -2.36 46.40
N ALA H 168 -6.29 -1.16 46.99
CA ALA H 168 -5.42 -0.15 46.39
C ALA H 168 -4.39 0.55 47.27
N ASP H 169 -4.74 1.09 48.43
CA ASP H 169 -3.80 1.95 49.14
C ASP H 169 -3.13 1.16 50.28
N PHE H 170 -1.95 0.62 49.98
CA PHE H 170 -1.12 -0.10 50.95
C PHE H 170 -0.13 0.80 51.65
N GLY H 171 -0.47 2.07 51.83
CA GLY H 171 0.41 3.02 52.50
C GLY H 171 0.46 2.86 53.99
N LEU H 172 -0.52 2.18 54.58
CA LEU H 172 -0.52 1.93 56.01
C LEU H 172 -0.36 0.45 56.34
N ALA H 173 0.08 -0.35 55.39
CA ALA H 173 0.13 -1.79 55.58
C ALA H 173 1.32 -2.17 56.46
N ARG H 174 1.09 -3.09 57.39
CA ARG H 174 2.13 -3.51 58.31
C ARG H 174 2.08 -5.03 58.44
N LEU H 175 3.23 -5.60 58.71
CA LEU H 175 3.35 -7.04 58.92
C LEU H 175 2.83 -7.36 60.31
N TYR H 176 2.13 -8.48 60.42
CA TYR H 176 1.53 -8.93 61.66
C TYR H 176 2.19 -10.23 62.12
N ASN H 177 2.65 -10.25 63.37
CA ASN H 177 3.13 -11.46 64.02
C ASN H 177 2.26 -11.78 65.23
N SER H 178 1.65 -12.95 65.21
CA SER H 178 0.87 -13.40 66.35
C SER H 178 1.76 -13.76 67.53
N GLU H 179 2.89 -14.43 67.26
CA GLU H 179 3.75 -14.90 68.34
C GLU H 179 4.40 -13.74 69.08
N GLU H 180 4.87 -12.73 68.35
CA GLU H 180 5.47 -11.54 68.94
C GLU H 180 4.51 -10.38 68.72
N SER H 181 3.83 -9.96 69.79
CA SER H 181 2.95 -8.81 69.70
C SER H 181 3.73 -7.52 69.94
N ARG H 182 3.61 -6.57 69.03
CA ARG H 182 4.25 -5.29 69.11
C ARG H 182 3.15 -4.22 69.11
N PRO H 183 3.31 -3.15 69.87
CA PRO H 183 2.25 -2.12 69.89
C PRO H 183 2.18 -1.40 68.55
N TYR H 184 0.97 -1.33 67.99
CA TYR H 184 0.76 -0.59 66.77
C TYR H 184 -0.02 0.68 67.08
N ASN H 186 -3.26 2.95 67.29
CA ASN H 186 -4.70 2.76 67.53
C ASN H 186 -5.66 3.43 66.56
N LYS H 187 -5.28 4.58 66.00
CA LYS H 187 -6.16 5.29 65.06
C LYS H 187 -5.73 5.07 63.60
N VAL H 188 -5.99 3.88 63.02
CA VAL H 188 -5.52 3.58 61.67
C VAL H 188 -6.64 3.54 60.64
N ILE H 189 -7.81 2.96 60.94
CA ILE H 189 -8.78 2.85 59.85
C ILE H 189 -9.75 4.02 59.94
N THR H 190 -10.33 4.43 58.80
CA THR H 190 -11.25 5.55 58.79
C THR H 190 -12.43 5.26 59.72
N LEU H 191 -12.91 6.31 60.39
CA LEU H 191 -13.85 6.11 61.50
C LEU H 191 -15.08 5.30 61.07
N TRP H 192 -15.57 5.52 59.85
CA TRP H 192 -16.78 4.83 59.42
C TRP H 192 -16.54 3.32 59.28
N TYR H 193 -15.32 2.94 58.93
CA TYR H 193 -14.96 1.53 58.74
C TYR H 193 -14.01 1.05 59.84
N ARG H 194 -13.95 1.78 60.95
CA ARG H 194 -13.01 1.37 61.99
C ARG H 194 -13.70 0.38 62.94
N PRO H 195 -13.00 -0.68 63.33
CA PRO H 195 -13.60 -1.71 64.21
C PRO H 195 -13.74 -1.23 65.64
N PRO H 196 -14.60 -1.89 66.42
CA PRO H 196 -14.80 -1.45 67.82
C PRO H 196 -13.59 -1.62 68.72
N GLU H 197 -12.76 -2.64 68.48
CA GLU H 197 -11.57 -2.81 69.31
C GLU H 197 -10.67 -1.58 69.21
N LEU H 198 -10.52 -1.03 68.00
CA LEU H 198 -9.71 0.16 67.83
C LEU H 198 -10.38 1.37 68.43
N LEU H 199 -11.71 1.40 68.42
CA LEU H 199 -12.40 2.49 69.11
C LEU H 199 -12.13 2.40 70.61
N LEU H 200 -12.06 1.19 71.15
CA LEU H 200 -11.82 0.96 72.56
C LEU H 200 -10.34 0.92 72.93
N GLY H 201 -9.46 1.31 72.02
CA GLY H 201 -8.07 1.59 72.35
C GLY H 201 -7.09 0.45 72.16
N GLU H 202 -7.45 -0.60 71.44
CA GLU H 202 -6.57 -1.74 71.25
C GLU H 202 -5.36 -1.36 70.39
N GLU H 203 -4.18 -1.42 70.99
CA GLU H 203 -2.94 -1.17 70.26
C GLU H 203 -2.25 -2.42 69.71
N ARG H 204 -2.69 -3.61 70.09
CA ARG H 204 -2.18 -4.86 69.51
C ARG H 204 -3.35 -5.56 68.82
N TYR H 205 -3.63 -5.15 67.59
CA TYR H 205 -4.79 -5.65 66.89
C TYR H 205 -4.40 -6.76 65.92
N THR H 206 -5.40 -7.42 65.39
CA THR H 206 -5.21 -8.56 64.52
C THR H 206 -5.71 -8.19 63.14
N PRO H 207 -5.50 -9.07 62.15
CA PRO H 207 -6.13 -8.85 60.84
C PRO H 207 -7.64 -8.73 60.91
N ALA H 208 -8.26 -9.03 62.05
CA ALA H 208 -9.71 -8.90 62.13
C ALA H 208 -10.16 -7.48 61.87
N ILE H 209 -9.26 -6.50 62.00
CA ILE H 209 -9.65 -5.13 61.72
C ILE H 209 -10.06 -4.98 60.26
N ASP H 210 -9.31 -5.58 59.34
CA ASP H 210 -9.65 -5.47 57.94
C ASP H 210 -10.97 -6.15 57.65
N VAL H 211 -11.25 -7.28 58.30
CA VAL H 211 -12.51 -7.96 58.05
C VAL H 211 -13.67 -7.05 58.42
N TRP H 212 -13.57 -6.37 59.57
CA TRP H 212 -14.64 -5.46 59.97
C TRP H 212 -14.88 -4.40 58.89
N SER H 213 -13.81 -3.76 58.42
CA SER H 213 -13.98 -2.76 57.37
C SER H 213 -14.74 -3.35 56.18
N CYS H 214 -14.33 -4.54 55.74
CA CYS H 214 -14.99 -5.14 54.60
C CYS H 214 -16.43 -5.50 54.93
N GLY H 215 -16.70 -5.90 56.16
CA GLY H 215 -18.07 -6.13 56.57
C GLY H 215 -18.91 -4.88 56.45
N CYS H 216 -18.34 -3.74 56.85
CA CYS H 216 -19.03 -2.48 56.65
C CYS H 216 -19.38 -2.28 55.19
N ILE H 217 -18.46 -2.64 54.28
CA ILE H 217 -18.72 -2.49 52.86
C ILE H 217 -19.82 -3.44 52.41
N LEU H 218 -19.82 -4.67 52.89
CA LEU H 218 -20.86 -5.61 52.48
C LEU H 218 -22.24 -5.01 52.74
N GLY H 219 -22.46 -4.52 53.96
CA GLY H 219 -23.74 -3.89 54.26
C GLY H 219 -24.02 -2.69 53.37
N GLU H 220 -22.99 -1.87 53.12
CA GLU H 220 -23.16 -0.67 52.32
C GLU H 220 -23.65 -1.00 50.91
N LEU H 221 -23.17 -2.11 50.34
CA LEU H 221 -23.60 -2.47 48.99
C LEU H 221 -25.09 -2.79 48.95
N PHE H 222 -25.65 -3.27 50.07
CA PHE H 222 -27.07 -3.59 50.11
C PHE H 222 -27.93 -2.38 50.44
N THR H 223 -27.36 -1.33 51.03
CA THR H 223 -28.10 -0.09 51.27
C THR H 223 -27.64 1.06 50.38
N LYS H 224 -26.40 1.02 49.86
CA LYS H 224 -25.79 2.08 49.07
C LYS H 224 -25.37 3.26 49.93
N LYS H 225 -25.49 3.14 51.26
CA LYS H 225 -25.10 4.14 52.26
C LYS H 225 -24.27 3.49 53.35
N PRO H 226 -23.19 4.14 53.80
CA PRO H 226 -22.39 3.56 54.89
C PRO H 226 -23.23 3.26 56.13
N ILE H 227 -22.84 2.19 56.83
CA ILE H 227 -23.67 1.69 57.93
C ILE H 227 -23.55 2.58 59.16
N PHE H 228 -22.32 2.97 59.50
CA PHE H 228 -22.03 3.69 60.73
C PHE H 228 -21.39 5.03 60.35
N GLN H 229 -22.20 6.10 60.32
CA GLN H 229 -21.69 7.42 59.96
C GLN H 229 -21.76 8.35 61.17
N ALA H 230 -20.60 8.66 61.71
CA ALA H 230 -20.47 9.56 62.85
C ALA H 230 -19.17 10.33 62.65
N ASN H 231 -19.01 11.41 63.41
CA ASN H 231 -17.83 12.25 63.31
C ASN H 231 -16.86 12.05 64.46
N LEU H 232 -17.30 11.43 65.54
CA LEU H 232 -16.43 11.22 66.69
C LEU H 232 -16.40 9.76 67.10
N GLU H 233 -15.28 9.37 67.69
CA GLU H 233 -15.05 7.98 68.04
C GLU H 233 -16.13 7.47 69.00
N LEU H 234 -16.51 8.28 69.99
CA LEU H 234 -17.55 7.81 70.89
C LEU H 234 -18.88 7.70 70.15
N ALA H 235 -19.23 8.71 69.35
CA ALA H 235 -20.47 8.63 68.58
C ALA H 235 -20.47 7.40 67.68
N GLN H 236 -19.30 7.04 67.14
CA GLN H 236 -19.20 5.85 66.31
C GLN H 236 -19.47 4.58 67.12
N LEU H 237 -18.85 4.45 68.29
CA LEU H 237 -19.09 3.29 69.12
C LEU H 237 -20.56 3.16 69.50
N GLU H 238 -21.24 4.30 69.71
CA GLU H 238 -22.66 4.25 70.01
C GLU H 238 -23.44 3.69 68.83
N LEU H 239 -23.13 4.15 67.63
CA LEU H 239 -23.84 3.66 66.45
C LEU H 239 -23.61 2.17 66.28
N ILE H 240 -22.36 1.73 66.40
CA ILE H 240 -22.04 0.32 66.33
C ILE H 240 -22.82 -0.45 67.39
N SER H 241 -22.90 0.10 68.60
CA SER H 241 -23.56 -0.60 69.69
C SER H 241 -25.06 -0.77 69.44
N ARG H 242 -25.71 0.25 68.86
CA ARG H 242 -27.15 0.16 68.65
C ARG H 242 -27.51 -1.01 67.75
N LEU H 243 -26.63 -1.35 66.82
CA LEU H 243 -26.87 -2.38 65.82
C LEU H 243 -26.29 -3.73 66.23
N CYS H 244 -25.04 -3.74 66.68
CA CYS H 244 -24.33 -4.97 66.98
C CYS H 244 -24.48 -5.43 68.42
N GLY H 245 -25.02 -4.59 69.29
CA GLY H 245 -24.98 -4.85 70.71
C GLY H 245 -23.81 -4.10 71.34
N SER H 246 -23.96 -3.78 72.61
CA SER H 246 -22.87 -3.05 73.27
C SER H 246 -21.70 -3.99 73.59
N PRO H 247 -20.47 -3.48 73.51
CA PRO H 247 -19.32 -4.29 73.98
C PRO H 247 -19.42 -4.57 75.48
N CYS H 248 -19.59 -5.85 75.81
CA CYS H 248 -19.65 -6.27 77.20
C CYS H 248 -18.97 -7.62 77.35
N PRO H 249 -18.50 -7.96 78.55
CA PRO H 249 -17.83 -9.26 78.73
C PRO H 249 -18.70 -10.46 78.38
N ALA H 250 -20.03 -10.32 78.43
CA ALA H 250 -20.89 -11.46 78.12
C ALA H 250 -20.65 -11.98 76.71
N VAL H 251 -20.41 -11.08 75.76
CA VAL H 251 -20.19 -11.45 74.36
C VAL H 251 -18.75 -11.25 73.90
N TRP H 252 -17.92 -10.61 74.72
CA TRP H 252 -16.55 -10.26 74.34
C TRP H 252 -15.70 -10.38 75.60
N PRO H 253 -15.42 -11.61 76.03
CA PRO H 253 -14.85 -11.81 77.38
C PRO H 253 -13.64 -10.95 77.69
N ASP H 254 -12.81 -10.63 76.71
CA ASP H 254 -11.56 -9.91 76.95
C ASP H 254 -11.70 -8.41 76.78
N VAL H 255 -12.92 -7.89 76.65
CA VAL H 255 -13.08 -6.45 76.46
C VAL H 255 -12.59 -5.69 77.69
N ILE H 256 -12.69 -6.29 78.87
CA ILE H 256 -12.32 -5.63 80.12
C ILE H 256 -10.84 -5.28 80.16
N ARG H 257 -10.03 -5.88 79.28
CA ARG H 257 -8.63 -5.50 79.17
C ARG H 257 -8.39 -4.28 78.31
N LEU H 258 -9.45 -3.70 77.77
CA LEU H 258 -9.15 -2.64 76.82
C LEU H 258 -9.12 -1.30 77.52
N PRO H 259 -8.16 -0.46 77.14
CA PRO H 259 -7.97 0.82 77.86
C PRO H 259 -9.27 1.55 78.14
N TYR H 260 -10.11 1.71 77.12
CA TYR H 260 -11.23 2.63 77.17
C TYR H 260 -12.54 1.91 77.44
N PHE H 261 -12.50 0.67 77.91
CA PHE H 261 -13.73 -0.07 78.12
C PHE H 261 -14.62 0.61 79.16
N ASN H 262 -14.02 1.05 80.28
CA ASN H 262 -14.80 1.78 81.29
C ASN H 262 -15.10 3.19 80.81
N THR H 263 -14.14 3.80 80.11
CA THR H 263 -14.24 5.19 79.67
C THR H 263 -15.33 5.37 78.62
N MET H 264 -15.25 4.62 77.53
CA MET H 264 -16.18 4.83 76.42
C MET H 264 -17.35 3.87 76.59
N LYS H 265 -18.31 4.32 77.37
CA LYS H 265 -19.47 3.45 77.51
C LYS H 265 -20.57 3.97 76.62
N PRO H 266 -21.30 3.07 75.96
CA PRO H 266 -22.47 3.49 75.19
C PRO H 266 -23.58 3.99 76.11
N LYS H 267 -24.53 4.70 75.50
CA LYS H 267 -25.65 5.29 76.23
C LYS H 267 -26.33 4.23 77.07
N LYS H 268 -26.54 3.04 76.50
CA LYS H 268 -27.17 1.92 77.16
C LYS H 268 -26.32 0.67 76.95
N GLN H 269 -26.74 -0.42 77.59
CA GLN H 269 -26.31 -1.76 77.20
C GLN H 269 -27.33 -2.27 76.18
N TYR H 270 -26.97 -2.19 74.89
CA TYR H 270 -27.90 -2.47 73.81
C TYR H 270 -27.87 -3.96 73.45
N ARG H 271 -29.02 -4.50 73.09
CA ARG H 271 -29.04 -5.82 72.50
C ARG H 271 -28.68 -5.71 71.02
N ARG H 272 -28.29 -6.84 70.43
CA ARG H 272 -27.93 -6.90 69.01
C ARG H 272 -29.18 -6.92 68.14
N ARG H 273 -29.20 -6.04 67.14
CA ARG H 273 -30.31 -5.92 66.21
C ARG H 273 -29.90 -6.13 64.76
N LEU H 274 -28.66 -6.58 64.52
CA LEU H 274 -28.15 -6.63 63.16
C LEU H 274 -29.07 -7.43 62.25
N ARG H 275 -29.48 -8.61 62.69
CA ARG H 275 -30.34 -9.43 61.84
C ARG H 275 -31.70 -8.79 61.64
N GLU H 276 -32.16 -8.01 62.61
CA GLU H 276 -33.45 -7.34 62.45
C GLU H 276 -33.32 -6.16 61.48
N GLU H 277 -32.35 -5.27 61.71
CA GLU H 277 -32.24 -4.06 60.91
C GLU H 277 -31.77 -4.33 59.48
N PHE H 278 -31.11 -5.47 59.22
CA PHE H 278 -30.74 -5.86 57.87
C PHE H 278 -31.58 -7.04 57.38
N SER H 279 -32.80 -7.18 57.88
CA SER H 279 -33.63 -8.33 57.55
C SER H 279 -33.96 -8.37 56.05
N PHE H 280 -33.80 -7.24 55.34
CA PHE H 280 -34.07 -7.20 53.92
C PHE H 280 -32.96 -7.84 53.09
N ILE H 281 -31.89 -8.28 53.73
CA ILE H 281 -30.75 -8.93 53.05
C ILE H 281 -31.00 -10.42 52.90
N PRO H 282 -30.54 -11.01 51.79
CA PRO H 282 -30.62 -12.47 51.63
C PRO H 282 -29.96 -13.23 52.78
N SER H 283 -30.51 -14.42 53.08
CA SER H 283 -30.06 -15.14 54.27
C SER H 283 -28.56 -15.44 54.21
N ALA H 284 -28.09 -15.97 53.07
CA ALA H 284 -26.67 -16.30 52.97
C ALA H 284 -25.82 -15.07 53.26
N ALA H 285 -26.28 -13.89 52.85
CA ALA H 285 -25.50 -12.68 53.06
C ALA H 285 -25.63 -12.16 54.48
N LEU H 286 -26.84 -12.14 55.04
CA LEU H 286 -27.00 -11.64 56.40
C LEU H 286 -26.11 -12.45 57.35
N ASP H 287 -26.02 -13.75 57.13
CA ASP H 287 -25.15 -14.60 57.92
C ASP H 287 -23.69 -14.20 57.78
N LEU H 288 -23.27 -13.79 56.58
CA LEU H 288 -21.89 -13.29 56.46
C LEU H 288 -21.73 -12.00 57.27
N LEU H 289 -22.70 -11.09 57.15
CA LEU H 289 -22.61 -9.80 57.82
C LEU H 289 -22.64 -9.96 59.34
N ASP H 290 -23.53 -10.81 59.86
CA ASP H 290 -23.62 -11.01 61.30
C ASP H 290 -22.27 -11.41 61.87
N HIS H 291 -21.52 -12.19 61.09
CA HIS H 291 -20.21 -12.69 61.51
C HIS H 291 -19.09 -11.69 61.26
N MET H 292 -19.15 -10.94 60.15
CA MET H 292 -18.09 -9.97 59.88
C MET H 292 -18.17 -8.80 60.84
N LEU H 293 -19.38 -8.45 61.27
CA LEU H 293 -19.62 -7.39 62.24
C LEU H 293 -19.82 -7.96 63.64
N THR H 294 -19.01 -8.94 64.01
CA THR H 294 -18.98 -9.49 65.36
C THR H 294 -18.03 -8.64 66.20
N LEU H 295 -18.47 -8.28 67.41
CA LEU H 295 -17.71 -7.33 68.21
C LEU H 295 -16.35 -7.87 68.60
N ASP H 296 -16.30 -9.10 69.09
CA ASP H 296 -15.05 -9.68 69.60
C ASP H 296 -14.16 -10.11 68.44
N PRO H 297 -13.03 -9.46 68.20
CA PRO H 297 -12.22 -9.84 67.02
C PRO H 297 -11.81 -11.30 67.03
N SER H 298 -11.67 -11.91 68.20
CA SER H 298 -11.33 -13.33 68.26
C SER H 298 -12.51 -14.22 67.89
N LYS H 299 -13.72 -13.68 67.88
CA LYS H 299 -14.89 -14.41 67.41
C LYS H 299 -15.32 -13.98 66.01
N ARG H 300 -14.73 -12.91 65.48
CA ARG H 300 -15.04 -12.46 64.12
C ARG H 300 -14.43 -13.40 63.10
N CYS H 301 -15.19 -13.72 62.06
CA CYS H 301 -14.70 -14.64 61.05
C CYS H 301 -13.49 -14.06 60.34
N THR H 302 -12.69 -14.95 59.77
CA THR H 302 -11.51 -14.61 59.00
C THR H 302 -11.87 -14.41 57.53
N ALA H 303 -10.90 -13.93 56.75
CA ALA H 303 -11.15 -13.84 55.31
C ALA H 303 -11.41 -15.21 54.73
N GLU H 304 -10.57 -16.19 55.07
CA GLU H 304 -10.77 -17.54 54.55
C GLU H 304 -12.18 -18.03 54.83
N GLN H 305 -12.66 -17.80 56.05
CA GLN H 305 -13.99 -18.28 56.40
C GLN H 305 -15.08 -17.65 55.57
N THR H 306 -14.93 -16.38 55.19
CA THR H 306 -15.94 -15.77 54.34
C THR H 306 -15.95 -16.40 52.96
N LEU H 307 -14.79 -16.80 52.45
CA LEU H 307 -14.74 -17.50 51.18
C LEU H 307 -15.34 -18.89 51.31
N GLN H 308 -15.40 -19.42 52.52
CA GLN H 308 -16.09 -20.68 52.80
C GLN H 308 -17.44 -20.39 53.45
N SER H 309 -18.24 -19.54 52.82
CA SER H 309 -19.57 -19.19 53.30
C SER H 309 -20.58 -19.57 52.24
N ASP H 310 -21.80 -19.87 52.66
CA ASP H 310 -22.82 -20.19 51.67
C ASP H 310 -22.92 -19.09 50.63
N PHE H 311 -22.63 -17.84 51.02
CA PHE H 311 -22.79 -16.72 50.10
C PHE H 311 -21.74 -16.74 49.00
N LEU H 312 -20.49 -16.99 49.36
CA LEU H 312 -19.38 -16.88 48.42
C LEU H 312 -18.74 -18.22 48.05
N LYS H 313 -19.06 -19.30 48.77
CA LYS H 313 -18.38 -20.57 48.59
C LYS H 313 -18.43 -21.02 47.13
N ASP H 314 -19.58 -20.88 46.50
CA ASP H 314 -19.82 -21.45 45.18
C ASP H 314 -19.87 -20.40 44.09
N VAL H 315 -19.50 -19.16 44.40
CA VAL H 315 -19.45 -18.12 43.38
C VAL H 315 -18.26 -18.36 42.46
N GLU H 316 -18.51 -18.31 41.15
CA GLU H 316 -17.49 -18.49 40.12
C GLU H 316 -17.21 -17.15 39.45
N LEU H 317 -15.96 -16.72 39.47
CA LEU H 317 -15.62 -15.43 38.89
C LEU H 317 -15.50 -15.48 37.37
N SER H 318 -15.66 -16.66 36.76
CA SER H 318 -15.78 -16.73 35.32
C SER H 318 -16.92 -15.86 34.83
N LYS H 319 -18.04 -15.89 35.55
CA LYS H 319 -19.13 -14.96 35.33
C LYS H 319 -18.83 -13.76 36.22
N MET H 320 -17.98 -12.87 35.71
CA MET H 320 -17.61 -11.75 36.56
C MET H 320 -18.79 -10.79 36.74
N ALA H 321 -19.84 -10.94 35.92
CA ALA H 321 -21.07 -10.20 36.09
C ALA H 321 -20.71 -8.72 36.21
N PRO H 322 -20.27 -8.08 35.13
CA PRO H 322 -19.90 -6.66 35.22
C PRO H 322 -21.04 -5.85 35.79
N PRO H 323 -20.76 -4.90 36.70
CA PRO H 323 -21.84 -4.14 37.32
C PRO H 323 -22.51 -3.13 36.39
N ASP H 324 -23.72 -2.75 36.80
CA ASP H 324 -24.59 -1.86 36.03
C ASP H 324 -24.26 -0.40 36.40
N LEU H 325 -23.56 0.29 35.52
CA LEU H 325 -23.28 1.72 35.69
C LEU H 325 -23.88 2.47 34.51
N PRO H 326 -24.83 3.39 34.72
CA PRO H 326 -25.43 4.08 33.57
C PRO H 326 -24.43 4.96 32.83
N HIS H 327 -24.39 4.81 31.51
CA HIS H 327 -23.58 5.65 30.67
C HIS H 327 -24.36 6.35 29.57
N TRP H 328 -25.67 6.15 29.49
CA TRP H 328 -26.54 6.92 28.60
C TRP H 328 -27.89 7.10 29.27
N GLN H 329 -28.56 8.20 28.96
CA GLN H 329 -29.82 8.63 29.56
C GLN H 329 -29.53 9.31 30.90
N ASP H 330 -28.24 9.44 31.27
CA ASP H 330 -27.85 10.24 32.42
C ASP H 330 -27.82 11.73 32.13
N CYS H 331 -27.47 12.13 30.91
CA CYS H 331 -27.39 13.54 30.56
C CYS H 331 -28.77 14.23 30.61
N HIS H 332 -29.81 13.60 30.09
CA HIS H 332 -31.16 14.12 30.18
C HIS H 332 -32.04 13.15 30.96
N GLU H 333 -32.81 13.67 31.92
CA GLU H 333 -33.73 12.83 32.68
C GLU H 333 -34.94 12.50 31.83
N LEU H 334 -35.34 11.22 31.82
CA LEU H 334 -36.51 10.81 31.05
C LEU H 334 -37.74 11.50 31.63
N TRP H 335 -38.47 12.20 30.78
CA TRP H 335 -39.59 13.01 31.24
C TRP H 335 -40.82 12.16 31.47
N THR I 24 11.07 -9.80 36.42
CA THR I 24 10.24 -9.35 37.53
C THR I 24 11.04 -8.61 38.60
N LYS I 25 11.76 -9.36 39.47
CA LYS I 25 12.61 -8.82 40.54
C LYS I 25 14.08 -9.15 40.26
N PRO I 26 14.99 -8.26 40.62
CA PRO I 26 16.38 -8.38 40.18
C PRO I 26 17.19 -9.45 40.89
N CYS I 27 18.33 -9.75 40.28
CA CYS I 27 19.32 -10.70 40.79
C CYS I 27 20.40 -9.99 41.59
N TRP I 28 20.54 -10.34 42.87
CA TRP I 28 21.48 -9.67 43.75
C TRP I 28 22.69 -10.52 44.14
N TYR I 29 23.07 -11.51 43.33
CA TYR I 29 24.18 -12.37 43.71
C TYR I 29 25.22 -12.46 42.59
N TRP I 30 26.48 -12.36 42.98
CA TRP I 30 27.62 -12.38 42.09
C TRP I 30 28.53 -13.54 42.47
N ASP I 31 29.42 -13.91 41.56
CA ASP I 31 30.46 -14.89 41.85
C ASP I 31 31.68 -14.18 42.42
N LYS I 32 32.39 -14.87 43.33
CA LYS I 32 33.58 -14.30 43.93
C LYS I 32 34.47 -13.64 42.88
N LYS I 33 34.67 -14.33 41.76
CA LYS I 33 35.54 -13.81 40.71
C LYS I 33 35.13 -12.43 40.25
N ASP I 34 33.84 -12.11 40.36
CA ASP I 34 33.33 -10.84 39.87
C ASP I 34 33.72 -9.65 40.73
N LEU I 35 34.08 -9.88 41.98
CA LEU I 35 34.46 -8.76 42.85
C LEU I 35 35.77 -8.12 42.43
N ALA I 36 36.50 -8.74 41.50
CA ALA I 36 37.71 -8.15 40.95
C ALA I 36 37.40 -6.99 40.03
N HIS I 37 36.12 -6.74 39.74
CA HIS I 37 35.69 -5.78 38.73
C HIS I 37 34.63 -4.85 39.27
N THR I 38 34.66 -4.56 40.56
CA THR I 38 33.78 -3.54 41.09
C THR I 38 34.27 -2.19 40.61
N PRO I 39 33.38 -1.19 40.57
CA PRO I 39 33.85 0.17 40.27
C PRO I 39 35.08 0.56 41.05
N SER I 40 35.11 0.21 42.35
CA SER I 40 36.26 0.56 43.18
C SER I 40 37.55 -0.04 42.64
N GLN I 41 37.52 -1.34 42.32
CA GLN I 41 38.72 -1.98 41.79
C GLN I 41 39.18 -1.29 40.50
N LEU I 42 38.23 -0.97 39.63
CA LEU I 42 38.55 -0.41 38.32
C LEU I 42 38.97 1.05 38.41
N GLU I 43 38.73 1.70 39.53
CA GLU I 43 39.26 3.03 39.79
C GLU I 43 40.59 2.98 40.54
N GLY I 44 41.24 1.83 40.63
CA GLY I 44 42.57 1.74 41.18
C GLY I 44 42.65 1.36 42.64
N LEU I 45 41.52 1.13 43.28
CA LEU I 45 41.52 0.58 44.63
C LEU I 45 41.91 -0.88 44.58
N ASP I 46 42.81 -1.29 45.48
CA ASP I 46 43.24 -2.67 45.47
C ASP I 46 42.32 -3.56 46.29
N PRO I 47 42.40 -4.88 46.12
CA PRO I 47 41.44 -5.76 46.81
C PRO I 47 41.47 -5.64 48.32
N ALA I 48 42.67 -5.57 48.91
CA ALA I 48 42.74 -5.46 50.36
C ALA I 48 42.03 -4.20 50.83
N THR I 49 42.24 -3.08 50.14
CA THR I 49 41.64 -1.83 50.58
C THR I 49 40.12 -1.89 50.49
N GLU I 50 39.58 -2.38 49.37
CA GLU I 50 38.12 -2.43 49.27
C GLU I 50 37.54 -3.33 50.35
N ALA I 51 38.15 -4.49 50.59
CA ALA I 51 37.70 -5.35 51.68
C ALA I 51 37.71 -4.59 53.00
N ARG I 52 38.78 -3.84 53.26
CA ARG I 52 38.87 -3.07 54.49
C ARG I 52 37.75 -2.04 54.59
N TYR I 53 37.49 -1.32 53.50
CA TYR I 53 36.42 -0.33 53.50
C TYR I 53 35.07 -0.99 53.78
N ARG I 54 34.86 -2.19 53.25
CA ARG I 54 33.60 -2.88 53.51
C ARG I 54 33.45 -3.22 54.98
N ARG I 55 34.50 -3.77 55.59
CA ARG I 55 34.46 -4.04 57.02
C ARG I 55 34.20 -2.77 57.81
N GLU I 56 34.96 -1.72 57.53
CA GLU I 56 34.82 -0.48 58.28
C GLU I 56 33.42 0.08 58.12
N GLY I 57 32.89 0.07 56.90
CA GLY I 57 31.53 0.54 56.69
C GLY I 57 30.51 -0.35 57.38
N ALA I 58 30.65 -1.66 57.23
CA ALA I 58 29.71 -2.57 57.87
C ALA I 58 29.73 -2.41 59.39
N ARG I 59 30.92 -2.42 60.00
CA ARG I 59 30.98 -2.29 61.45
C ARG I 59 30.48 -0.91 61.91
N PHE I 60 30.76 0.14 61.14
CA PHE I 60 30.20 1.46 61.44
C PHE I 60 28.67 1.36 61.53
N ILE I 61 28.04 0.79 60.50
CA ILE I 61 26.59 0.63 60.52
C ILE I 61 26.17 -0.18 61.76
N PHE I 62 26.87 -1.28 62.02
CA PHE I 62 26.52 -2.11 63.16
C PHE I 62 26.62 -1.32 64.45
N ASP I 63 27.72 -0.58 64.63
CA ASP I 63 27.96 0.13 65.87
C ASP I 63 26.96 1.27 66.04
N VAL I 64 26.78 2.07 64.99
CA VAL I 64 25.84 3.18 65.09
C VAL I 64 24.46 2.68 65.45
N GLY I 65 24.00 1.65 64.74
CA GLY I 65 22.66 1.14 64.98
C GLY I 65 22.51 0.48 66.33
N THR I 66 23.56 -0.18 66.81
CA THR I 66 23.48 -0.81 68.13
C THR I 66 23.32 0.25 69.23
N ARG I 67 24.08 1.35 69.16
CA ARG I 67 23.89 2.41 70.14
C ARG I 67 22.46 2.93 70.12
N LEU I 68 21.84 2.98 68.95
CA LEU I 68 20.47 3.47 68.84
C LEU I 68 19.43 2.44 69.28
N GLY I 69 19.87 1.25 69.68
CA GLY I 69 18.94 0.24 70.17
C GLY I 69 18.19 -0.49 69.08
N LEU I 70 18.75 -0.55 67.87
CA LEU I 70 18.00 -1.05 66.72
C LEU I 70 18.00 -2.56 66.68
N HIS I 71 16.87 -3.10 66.23
CA HIS I 71 16.72 -4.53 66.01
C HIS I 71 17.81 -5.05 65.09
N TYR I 72 18.16 -6.33 65.24
CA TYR I 72 19.28 -6.87 64.48
C TYR I 72 18.99 -6.89 62.98
N ASP I 73 17.73 -7.12 62.59
CA ASP I 73 17.39 -7.10 61.17
C ASP I 73 17.65 -5.74 60.55
N THR I 74 17.36 -4.68 61.29
CA THR I 74 17.56 -3.33 60.76
C THR I 74 19.02 -3.09 60.45
N LEU I 75 19.92 -3.55 61.33
CA LEU I 75 21.33 -3.41 61.05
C LEU I 75 21.73 -4.18 59.80
N ALA I 76 21.29 -5.43 59.71
CA ALA I 76 21.68 -6.27 58.57
C ALA I 76 21.13 -5.69 57.28
N THR I 77 19.88 -5.22 57.29
CA THR I 77 19.32 -4.62 56.09
C THR I 77 20.19 -3.46 55.61
N GLY I 78 20.51 -2.54 56.52
CA GLY I 78 21.38 -1.44 56.14
C GLY I 78 22.69 -1.93 55.55
N ILE I 79 23.30 -2.93 56.19
CA ILE I 79 24.59 -3.40 55.72
C ILE I 79 24.48 -4.01 54.33
N ILE I 80 23.39 -4.71 54.05
CA ILE I 80 23.27 -5.29 52.71
C ILE I 80 23.01 -4.19 51.68
N TYR I 81 22.18 -3.21 52.01
CA TYR I 81 22.10 -2.03 51.15
C TYR I 81 23.50 -1.50 50.88
N PHE I 82 24.29 -1.33 51.94
CA PHE I 82 25.64 -0.82 51.82
C PHE I 82 26.48 -1.68 50.88
N HIS I 83 26.52 -2.99 51.12
CA HIS I 83 27.36 -3.83 50.26
C HIS I 83 26.93 -3.74 48.80
N ARG I 84 25.63 -3.80 48.55
CA ARG I 84 25.14 -3.75 47.18
C ARG I 84 25.50 -2.42 46.54
N PHE I 85 25.37 -1.32 47.29
CA PHE I 85 25.71 -0.01 46.76
C PHE I 85 27.09 -0.01 46.11
N TYR I 86 28.09 -0.57 46.78
CA TYR I 86 29.44 -0.51 46.23
C TYR I 86 29.74 -1.62 45.24
N MET I 87 28.72 -2.36 44.84
CA MET I 87 28.76 -3.12 43.60
C MET I 87 28.40 -2.23 42.40
N PHE I 88 27.83 -1.05 42.67
CA PHE I 88 27.39 -0.10 41.65
C PHE I 88 28.13 1.22 41.68
N HIS I 89 28.93 1.47 42.70
CA HIS I 89 29.64 2.73 42.84
C HIS I 89 31.03 2.46 43.37
N SER I 90 31.88 3.46 43.26
CA SER I 90 33.25 3.33 43.71
C SER I 90 33.39 3.99 45.08
N PHE I 91 34.18 3.36 45.95
CA PHE I 91 34.45 3.97 47.25
C PHE I 91 35.14 5.32 47.09
N LYS I 92 35.79 5.56 45.95
CA LYS I 92 36.47 6.82 45.76
C LYS I 92 35.53 7.97 45.44
N GLN I 93 34.30 7.67 45.03
CA GLN I 93 33.34 8.71 44.70
C GLN I 93 32.27 8.89 45.77
N PHE I 94 32.11 7.93 46.67
CA PHE I 94 31.12 7.98 47.75
C PHE I 94 31.78 7.63 49.08
N PRO I 95 32.13 8.61 49.91
CA PRO I 95 32.74 8.30 51.21
C PRO I 95 31.90 7.30 51.98
N ARG I 96 32.57 6.29 52.53
CA ARG I 96 31.85 5.10 52.98
C ARG I 96 30.95 5.38 54.18
N TYR I 97 31.41 6.18 55.13
CA TYR I 97 30.61 6.35 56.34
C TYR I 97 29.34 7.14 56.08
N VAL I 98 29.36 8.05 55.11
CA VAL I 98 28.12 8.73 54.72
C VAL I 98 27.15 7.72 54.12
N THR I 99 27.63 6.93 53.15
CA THR I 99 26.80 5.87 52.59
C THR I 99 26.24 4.96 53.68
N GLY I 100 27.09 4.55 54.61
CA GLY I 100 26.61 3.73 55.72
C GLY I 100 25.47 4.39 56.46
N ALA I 101 25.66 5.64 56.87
CA ALA I 101 24.61 6.35 57.60
C ALA I 101 23.32 6.38 56.78
N CYS I 102 23.45 6.63 55.48
CA CYS I 102 22.26 6.67 54.62
C CYS I 102 21.58 5.31 54.57
N CYS I 103 22.35 4.23 54.44
CA CYS I 103 21.76 2.90 54.39
C CYS I 103 20.99 2.59 55.67
N LEU I 104 21.56 2.94 56.83
CA LEU I 104 20.85 2.68 58.08
C LEU I 104 19.59 3.53 58.16
N PHE I 105 19.69 4.80 57.76
CA PHE I 105 18.52 5.67 57.78
C PHE I 105 17.39 5.06 56.96
N LEU I 106 17.70 4.62 55.74
CA LEU I 106 16.67 4.02 54.91
C LEU I 106 16.21 2.70 55.52
N ALA I 107 17.17 1.89 55.98
CA ALA I 107 16.83 0.61 56.58
C ALA I 107 15.82 0.76 57.70
N GLY I 108 16.00 1.77 58.55
CA GLY I 108 15.07 1.96 59.66
C GLY I 108 13.65 2.17 59.20
N LYS I 109 13.47 2.94 58.13
CA LYS I 109 12.12 3.12 57.60
C LYS I 109 11.63 1.84 56.96
N VAL I 110 12.51 1.14 56.26
CA VAL I 110 12.11 -0.09 55.59
C VAL I 110 11.65 -1.13 56.60
N GLU I 111 12.42 -1.32 57.67
CA GLU I 111 12.14 -2.36 58.66
C GLU I 111 11.21 -1.89 59.77
N GLU I 112 10.61 -0.71 59.64
CA GLU I 112 9.68 -0.19 60.65
C GLU I 112 10.38 -0.03 62.01
N THR I 113 11.64 0.39 61.98
CA THR I 113 12.35 0.84 63.19
C THR I 113 12.96 2.20 62.91
N PRO I 114 12.16 3.21 62.57
CA PRO I 114 12.73 4.45 62.04
C PRO I 114 13.50 5.24 63.10
N LYS I 115 14.50 5.98 62.62
CA LYS I 115 15.27 6.91 63.45
C LYS I 115 15.44 8.20 62.66
N LYS I 116 15.54 9.30 63.39
CA LYS I 116 15.71 10.60 62.76
C LYS I 116 17.12 10.71 62.20
N CYS I 117 17.24 11.30 61.01
CA CYS I 117 18.58 11.48 60.46
C CYS I 117 19.44 12.23 61.46
N LYS I 118 18.83 13.17 62.19
CA LYS I 118 19.54 13.94 63.21
C LYS I 118 20.17 13.03 64.25
N ASP I 119 19.49 11.96 64.63
CA ASP I 119 20.02 11.08 65.66
C ASP I 119 21.15 10.22 65.13
N ILE I 120 21.05 9.78 63.87
CA ILE I 120 22.11 8.98 63.28
C ILE I 120 23.41 9.77 63.17
N ILE I 121 23.32 11.03 62.74
CA ILE I 121 24.53 11.85 62.65
C ILE I 121 25.15 12.03 64.03
N LYS I 122 24.35 12.38 65.02
CA LYS I 122 24.87 12.57 66.37
C LYS I 122 25.61 11.33 66.85
N THR I 123 25.04 10.14 66.61
CA THR I 123 25.70 8.90 67.01
C THR I 123 26.96 8.65 66.20
N ALA I 124 26.91 8.94 64.91
CA ALA I 124 28.09 8.80 64.06
C ALA I 124 29.21 9.70 64.57
N ARG I 125 28.87 10.87 65.10
CA ARG I 125 29.89 11.76 65.64
C ARG I 125 30.54 11.15 66.88
N SER I 126 29.76 10.45 67.71
CA SER I 126 30.34 9.81 68.89
C SER I 126 31.38 8.77 68.53
N LEU I 127 31.13 8.01 67.45
CA LEU I 127 31.94 6.84 67.11
C LEU I 127 33.07 7.16 66.15
N LEU I 128 32.94 8.20 65.36
CA LEU I 128 33.97 8.57 64.40
C LEU I 128 34.86 9.66 64.98
N ASN I 129 36.15 9.60 64.64
CA ASN I 129 37.09 10.64 65.03
C ASN I 129 36.92 11.84 64.10
N ASP I 130 37.77 12.85 64.24
CA ASP I 130 37.61 14.08 63.46
C ASP I 130 37.93 13.85 61.99
N VAL I 131 38.97 13.06 61.70
CA VAL I 131 39.32 12.78 60.31
C VAL I 131 38.19 12.03 59.62
N GLN I 132 37.67 11.00 60.29
CA GLN I 132 36.62 10.19 59.69
C GLN I 132 35.35 11.00 59.46
N PHE I 133 34.94 11.77 60.46
CA PHE I 133 33.74 12.59 60.34
C PHE I 133 33.90 13.69 59.30
N GLY I 134 35.12 13.95 58.83
CA GLY I 134 35.29 14.90 57.74
C GLY I 134 34.50 14.53 56.50
N GLN I 135 34.24 13.23 56.32
CA GLN I 135 33.47 12.79 55.17
C GLN I 135 32.10 13.43 55.14
N PHE I 136 31.54 13.78 56.30
CA PHE I 136 30.22 14.39 56.33
C PHE I 136 30.24 15.87 55.98
N GLY I 137 31.42 16.46 55.83
CA GLY I 137 31.45 17.81 55.32
C GLY I 137 30.76 18.81 56.21
N ASP I 138 30.31 19.89 55.57
CA ASP I 138 29.79 21.06 56.29
C ASP I 138 28.38 20.85 56.82
N ASP I 139 27.58 20.00 56.18
CA ASP I 139 26.21 19.73 56.58
C ASP I 139 26.03 18.22 56.57
N PRO I 140 26.29 17.55 57.70
CA PRO I 140 26.16 16.08 57.70
C PRO I 140 24.79 15.60 57.29
N LYS I 141 23.72 16.15 57.87
CA LYS I 141 22.38 15.66 57.55
C LYS I 141 22.09 15.74 56.05
N GLU I 142 22.42 16.88 55.42
CA GLU I 142 22.13 17.03 54.00
C GLU I 142 22.92 16.00 53.20
N GLU I 143 24.21 15.82 53.51
CA GLU I 143 25.01 14.85 52.77
C GLU I 143 24.35 13.47 52.78
N VAL I 144 23.68 13.12 53.88
CA VAL I 144 23.00 11.84 53.95
C VAL I 144 21.68 11.89 53.18
N MET I 145 20.84 12.90 53.46
CA MET I 145 19.52 12.94 52.82
C MET I 145 19.63 12.97 51.31
N VAL I 146 20.58 13.74 50.79
CA VAL I 146 20.78 13.86 49.35
C VAL I 146 21.13 12.50 48.74
N LEU I 147 21.81 11.65 49.50
CA LEU I 147 22.22 10.35 48.97
C LEU I 147 21.06 9.37 48.86
N GLU I 148 20.02 9.55 49.69
CA GLU I 148 18.92 8.59 49.72
C GLU I 148 18.36 8.32 48.33
N ARG I 149 18.27 9.38 47.51
CA ARG I 149 17.77 9.21 46.16
C ARG I 149 18.64 8.23 45.37
N ILE I 150 19.95 8.39 45.47
CA ILE I 150 20.86 7.50 44.76
C ILE I 150 20.83 6.10 45.38
N LEU I 151 20.70 6.01 46.70
CA LEU I 151 20.59 4.70 47.32
C LEU I 151 19.37 3.95 46.78
N LEU I 152 18.20 4.59 46.82
CA LEU I 152 16.98 3.96 46.33
C LEU I 152 17.12 3.55 44.87
N GLN I 153 17.65 4.44 44.03
CA GLN I 153 17.84 4.07 42.64
C GLN I 153 18.86 2.93 42.52
N THR I 154 19.91 2.96 43.33
CA THR I 154 20.96 1.95 43.19
C THR I 154 20.44 0.56 43.52
N ILE I 155 19.70 0.44 44.62
CA ILE I 155 19.17 -0.85 45.04
C ILE I 155 17.87 -1.15 44.30
N LYS I 156 17.60 -0.37 43.26
CA LYS I 156 16.50 -0.65 42.33
C LYS I 156 15.16 -0.76 43.05
N PHE I 157 14.99 0.05 44.09
CA PHE I 157 13.76 0.09 44.88
C PHE I 157 13.31 -1.31 45.30
N ASP I 158 14.21 -2.29 45.26
CA ASP I 158 13.92 -3.63 45.77
C ASP I 158 14.27 -3.57 47.25
N LEU I 159 13.30 -3.19 48.07
CA LEU I 159 13.60 -2.89 49.46
C LEU I 159 13.56 -4.11 50.37
N GLN I 160 12.76 -5.12 50.03
CA GLN I 160 12.61 -6.28 50.90
C GLN I 160 13.86 -7.15 50.87
N VAL I 161 14.37 -7.46 52.06
CA VAL I 161 15.58 -8.26 52.23
C VAL I 161 15.38 -9.27 53.34
N GLU I 162 15.87 -10.50 53.12
CA GLU I 162 15.85 -11.57 54.10
C GLU I 162 17.28 -11.75 54.62
N HIS I 163 17.41 -12.23 55.86
CA HIS I 163 18.74 -12.36 56.46
C HIS I 163 18.95 -13.76 57.05
N PRO I 164 20.20 -14.20 57.16
CA PRO I 164 20.44 -15.55 57.69
C PRO I 164 19.81 -15.80 59.05
N TYR I 165 19.58 -14.76 59.86
CA TYR I 165 19.12 -15.00 61.23
C TYR I 165 17.83 -15.79 61.26
N GLN I 166 16.84 -15.37 60.49
CA GLN I 166 15.53 -16.00 60.59
C GLN I 166 15.59 -17.46 60.20
N PHE I 167 16.49 -17.82 59.28
CA PHE I 167 16.63 -19.21 58.86
C PHE I 167 17.42 -19.99 59.89
N LEU I 168 18.42 -19.35 60.51
CA LEU I 168 19.10 -19.97 61.62
C LEU I 168 18.10 -20.40 62.69
N LEU I 169 17.08 -19.58 62.94
CA LEU I 169 16.09 -19.93 63.94
C LEU I 169 15.10 -20.96 63.40
N LYS I 170 14.60 -20.73 62.18
CA LYS I 170 13.63 -21.66 61.59
C LYS I 170 14.19 -23.07 61.56
N TYR I 171 15.45 -23.24 61.17
CA TYR I 171 16.03 -24.57 61.03
C TYR I 171 16.37 -25.17 62.39
N ALA I 172 16.96 -24.39 63.30
CA ALA I 172 17.27 -24.93 64.62
C ALA I 172 16.00 -25.37 65.34
N LYS I 173 14.89 -24.68 65.11
CA LYS I 173 13.64 -25.03 65.78
C LYS I 173 13.21 -26.45 65.47
N GLN I 174 13.62 -26.98 64.31
CA GLN I 174 13.30 -28.34 63.93
C GLN I 174 14.29 -29.35 64.47
N LEU I 175 15.30 -28.91 65.22
CA LEU I 175 16.25 -29.79 65.87
C LEU I 175 15.71 -30.18 67.24
N LYS I 176 15.86 -31.46 67.59
CA LYS I 176 15.42 -31.97 68.88
C LYS I 176 16.56 -32.79 69.49
N GLY I 177 16.87 -32.51 70.75
CA GLY I 177 17.95 -33.18 71.46
C GLY I 177 18.34 -32.35 72.67
N ASP I 178 19.57 -32.57 73.15
CA ASP I 178 20.06 -31.84 74.32
C ASP I 178 19.88 -30.35 74.08
N LYS I 179 18.97 -29.71 74.81
CA LYS I 179 18.69 -28.30 74.55
C LYS I 179 19.93 -27.43 74.64
N ASN I 180 20.83 -27.73 75.59
CA ASN I 180 21.96 -26.85 75.82
C ASN I 180 22.97 -26.94 74.69
N LYS I 181 23.13 -28.13 74.09
CA LYS I 181 24.01 -28.23 72.94
C LYS I 181 23.42 -27.50 71.73
N ILE I 182 22.11 -27.62 71.53
CA ILE I 182 21.48 -26.95 70.40
C ILE I 182 21.57 -25.43 70.57
N GLN I 183 21.40 -24.94 71.80
CA GLN I 183 21.52 -23.52 72.05
C GLN I 183 22.93 -23.01 71.77
N LYS I 184 23.96 -23.76 72.20
CA LYS I 184 25.33 -23.36 71.92
C LYS I 184 25.58 -23.28 70.43
N LEU I 185 25.02 -24.22 69.68
CA LEU I 185 25.11 -24.18 68.23
C LEU I 185 24.51 -22.88 67.70
N VAL I 186 23.29 -22.56 68.14
CA VAL I 186 22.60 -21.37 67.65
C VAL I 186 23.42 -20.12 67.98
N GLN I 187 23.89 -20.03 69.21
CA GLN I 187 24.63 -18.84 69.62
C GLN I 187 25.90 -18.68 68.81
N MET I 188 26.65 -19.76 68.64
CA MET I 188 27.88 -19.68 67.86
C MET I 188 27.58 -19.31 66.41
N ALA I 189 26.53 -19.90 65.83
CA ALA I 189 26.14 -19.54 64.48
C ALA I 189 25.75 -18.07 64.40
N TRP I 190 24.94 -17.61 65.36
CA TRP I 190 24.52 -16.22 65.38
C TRP I 190 25.74 -15.31 65.35
N THR I 191 26.75 -15.62 66.17
CA THR I 191 27.98 -14.85 66.15
C THR I 191 28.62 -14.90 64.77
N PHE I 192 28.65 -16.08 64.13
CA PHE I 192 29.22 -16.19 62.79
C PHE I 192 28.43 -15.36 61.79
N VAL I 193 27.10 -15.31 61.93
CA VAL I 193 26.31 -14.46 61.04
C VAL I 193 26.71 -13.00 61.21
N ASN I 194 26.76 -12.52 62.45
CA ASN I 194 27.18 -11.15 62.70
C ASN I 194 28.52 -10.88 62.03
N ASP I 195 29.42 -11.87 62.04
CA ASP I 195 30.75 -11.68 61.47
C ASP I 195 30.71 -11.67 59.95
N SER I 196 29.84 -12.50 59.36
CA SER I 196 29.79 -12.57 57.91
C SER I 196 29.30 -11.27 57.30
N LEU I 197 28.65 -10.41 58.09
CA LEU I 197 28.16 -9.15 57.57
C LEU I 197 29.29 -8.21 57.17
N CYS I 198 30.49 -8.41 57.72
CA CYS I 198 31.63 -7.61 57.30
C CYS I 198 32.17 -8.06 55.96
N THR I 199 31.63 -9.14 55.41
CA THR I 199 32.15 -9.75 54.20
C THR I 199 31.13 -9.64 53.08
N THR I 200 31.57 -10.00 51.88
CA THR I 200 30.74 -10.00 50.70
C THR I 200 29.96 -11.29 50.52
N LEU I 201 29.94 -12.15 51.54
CA LEU I 201 29.09 -13.33 51.47
C LEU I 201 27.64 -12.91 51.25
N SER I 202 27.24 -11.77 51.82
CA SER I 202 25.89 -11.26 51.61
C SER I 202 25.58 -11.17 50.12
N LEU I 203 26.61 -10.95 49.30
CA LEU I 203 26.47 -10.74 47.87
C LEU I 203 26.70 -12.00 47.06
N GLN I 204 27.11 -13.10 47.70
CA GLN I 204 27.44 -14.32 46.97
C GLN I 204 26.41 -15.42 47.11
N TRP I 205 25.75 -15.53 48.26
CA TRP I 205 24.92 -16.68 48.57
C TRP I 205 23.63 -16.24 49.23
N GLU I 206 22.53 -16.91 48.90
CA GLU I 206 21.26 -16.63 49.54
C GLU I 206 21.38 -16.78 51.05
N PRO I 207 20.57 -16.05 51.82
CA PRO I 207 20.68 -16.13 53.29
C PRO I 207 20.44 -17.53 53.82
N GLU I 208 19.51 -18.28 53.21
CA GLU I 208 19.29 -19.65 53.65
C GLU I 208 20.60 -20.42 53.64
N ILE I 209 21.40 -20.23 52.60
CA ILE I 209 22.66 -20.95 52.49
C ILE I 209 23.63 -20.49 53.57
N ILE I 210 23.68 -19.18 53.83
CA ILE I 210 24.53 -18.70 54.91
C ILE I 210 24.12 -19.32 56.23
N ALA I 211 22.81 -19.37 56.51
CA ALA I 211 22.34 -19.92 57.78
C ALA I 211 22.81 -21.35 57.94
N VAL I 212 22.69 -22.16 56.89
CA VAL I 212 23.18 -23.53 56.97
C VAL I 212 24.70 -23.55 57.17
N ALA I 213 25.41 -22.72 56.43
CA ALA I 213 26.87 -22.72 56.55
C ALA I 213 27.30 -22.45 57.98
N VAL I 214 26.67 -21.49 58.65
CA VAL I 214 27.08 -21.18 60.01
C VAL I 214 26.68 -22.29 60.97
N MET I 215 25.52 -22.91 60.77
CA MET I 215 25.21 -24.10 61.55
C MET I 215 26.26 -25.18 61.30
N TYR I 216 26.60 -25.39 60.02
CA TYR I 216 27.61 -26.35 59.63
C TYR I 216 28.94 -26.05 60.33
N LEU I 217 29.37 -24.79 60.33
CA LEU I 217 30.61 -24.44 60.99
C LEU I 217 30.53 -24.66 62.51
N ALA I 218 29.48 -24.13 63.14
CA ALA I 218 29.35 -24.31 64.59
C ALA I 218 29.36 -25.79 64.95
N GLY I 219 28.69 -26.62 64.14
CA GLY I 219 28.70 -28.05 64.39
C GLY I 219 30.10 -28.62 64.37
N ARG I 220 30.90 -28.24 63.37
CA ARG I 220 32.27 -28.73 63.31
C ARG I 220 33.06 -28.31 64.54
N LEU I 221 32.95 -27.04 64.93
CA LEU I 221 33.76 -26.54 66.04
C LEU I 221 33.33 -27.20 67.35
N CYS I 222 32.02 -27.40 67.55
CA CYS I 222 31.51 -28.01 68.77
C CYS I 222 31.48 -29.53 68.73
N LYS I 223 31.93 -30.15 67.65
CA LYS I 223 31.96 -31.61 67.53
C LYS I 223 30.57 -32.19 67.73
N PHE I 224 29.56 -31.57 67.10
CA PHE I 224 28.18 -32.04 67.14
C PHE I 224 27.84 -32.77 65.85
N GLU I 225 27.01 -33.82 65.94
CA GLU I 225 26.52 -34.55 64.76
C GLU I 225 25.08 -34.09 64.51
N ILE I 226 24.95 -32.98 63.77
CA ILE I 226 23.67 -32.31 63.70
C ILE I 226 22.59 -33.23 63.16
N GLN I 227 22.94 -34.16 62.27
CA GLN I 227 21.90 -35.01 61.71
C GLN I 227 21.09 -35.69 62.80
N GLU I 228 21.74 -36.02 63.93
CA GLU I 228 21.09 -36.76 64.99
C GLU I 228 19.87 -36.03 65.55
N TRP I 229 19.88 -34.71 65.54
CA TRP I 229 18.80 -33.92 66.09
C TRP I 229 17.66 -33.70 65.11
N THR I 230 17.82 -34.14 63.86
CA THR I 230 16.85 -33.91 62.81
C THR I 230 15.81 -35.02 62.80
N SER I 231 14.76 -34.82 62.01
CA SER I 231 13.76 -35.86 61.81
C SER I 231 14.29 -37.03 61.01
N LYS I 232 15.50 -36.93 60.46
CA LYS I 232 16.10 -37.96 59.62
C LYS I 232 17.51 -38.26 60.15
N PRO I 233 17.60 -38.93 61.30
CA PRO I 233 18.91 -39.03 61.98
C PRO I 233 19.97 -39.83 61.23
N MET I 234 19.64 -40.53 60.14
CA MET I 234 20.62 -41.32 59.40
C MET I 234 20.93 -40.74 58.03
N TYR I 235 20.52 -39.50 57.77
CA TYR I 235 20.82 -38.72 56.57
C TYR I 235 21.98 -37.78 56.89
N ARG I 236 23.21 -38.20 56.54
CA ARG I 236 24.39 -37.45 56.99
C ARG I 236 24.42 -36.03 56.43
N ARG I 237 23.83 -35.83 55.25
CA ARG I 237 23.71 -34.49 54.67
C ARG I 237 22.48 -33.82 55.27
N TRP I 238 22.65 -33.35 56.51
CA TRP I 238 21.50 -32.94 57.31
C TRP I 238 20.81 -31.73 56.73
N TRP I 239 21.55 -30.82 56.09
CA TRP I 239 20.96 -29.56 55.63
C TRP I 239 20.07 -29.69 54.41
N GLU I 240 20.23 -30.76 53.62
CA GLU I 240 19.45 -30.88 52.39
C GLU I 240 17.95 -30.82 52.65
N GLN I 241 17.49 -31.18 53.86
CA GLN I 241 16.08 -31.03 54.16
C GLN I 241 15.69 -29.59 54.49
N PHE I 242 16.65 -28.70 54.70
CA PHE I 242 16.39 -27.28 54.93
C PHE I 242 16.63 -26.48 53.65
N VAL I 243 17.74 -26.75 52.98
CA VAL I 243 18.14 -26.04 51.78
C VAL I 243 18.48 -27.07 50.72
N GLN I 244 17.67 -27.13 49.67
CA GLN I 244 17.87 -28.11 48.62
C GLN I 244 19.02 -27.67 47.72
N ASP I 245 19.80 -28.65 47.25
CA ASP I 245 20.77 -28.41 46.20
C ASP I 245 21.98 -27.58 46.66
N VAL I 246 22.47 -27.79 47.87
CA VAL I 246 23.64 -27.07 48.34
C VAL I 246 24.84 -28.01 48.32
N PRO I 247 25.86 -27.72 47.52
CA PRO I 247 27.08 -28.54 47.54
C PRO I 247 27.87 -28.30 48.81
N VAL I 248 28.62 -29.33 49.21
CA VAL I 248 29.46 -29.17 50.40
C VAL I 248 30.56 -28.14 50.13
N ASP I 249 31.10 -28.13 48.90
CA ASP I 249 32.12 -27.13 48.56
C ASP I 249 31.66 -25.72 48.95
N VAL I 250 30.39 -25.43 48.70
CA VAL I 250 29.87 -24.11 49.04
C VAL I 250 29.97 -23.88 50.55
N LEU I 251 29.42 -24.81 51.33
CA LEU I 251 29.47 -24.67 52.78
C LEU I 251 30.91 -24.56 53.25
N GLU I 252 31.85 -25.25 52.58
CA GLU I 252 33.25 -25.10 52.94
C GLU I 252 33.78 -23.74 52.49
N ASP I 253 33.41 -23.28 51.29
CA ASP I 253 33.83 -21.95 50.85
C ASP I 253 33.37 -20.88 51.84
N ILE I 254 32.11 -20.96 52.26
CA ILE I 254 31.58 -19.96 53.18
C ILE I 254 32.26 -20.03 54.54
N CYS I 255 32.40 -21.24 55.08
CA CYS I 255 33.05 -21.38 56.38
C CYS I 255 34.46 -20.82 56.33
N HIS I 256 35.17 -21.14 55.26
CA HIS I 256 36.54 -20.68 55.10
C HIS I 256 36.63 -19.17 55.22
N GLN I 257 35.70 -18.44 54.62
CA GLN I 257 35.79 -16.99 54.68
C GLN I 257 35.63 -16.49 56.10
N ILE I 258 34.73 -17.08 56.88
CA ILE I 258 34.56 -16.64 58.26
C ILE I 258 35.82 -16.96 59.05
N LEU I 259 36.33 -18.18 58.88
CA LEU I 259 37.53 -18.56 59.61
C LEU I 259 38.70 -17.67 59.23
N ASP I 260 38.75 -17.21 57.97
CA ASP I 260 39.82 -16.33 57.55
C ASP I 260 39.78 -14.99 58.29
N LEU I 261 38.59 -14.43 58.49
CA LEU I 261 38.49 -13.17 59.22
C LEU I 261 39.02 -13.31 60.64
N TYR I 262 38.65 -14.41 61.31
CA TYR I 262 39.08 -14.65 62.68
C TYR I 262 40.58 -14.88 62.77
N SER I 263 41.16 -15.62 61.82
CA SER I 263 42.58 -15.92 61.89
C SER I 263 43.43 -14.68 61.58
N GLN I 264 43.02 -13.88 60.60
CA GLN I 264 43.75 -12.65 60.26
C GLN I 264 43.76 -11.67 61.43
N GLY I 265 42.60 -11.42 62.02
CA GLY I 265 42.56 -10.51 63.14
C GLY I 265 43.14 -11.11 64.41
N LYS I 266 43.27 -12.45 64.45
CA LYS I 266 43.85 -13.23 65.54
C LYS I 266 42.81 -13.31 66.66
N GLN I 267 41.61 -12.74 66.48
CA GLN I 267 40.53 -12.89 67.46
C GLN I 267 40.22 -14.37 67.61
N GLN I 268 39.93 -14.80 68.82
CA GLN I 268 39.72 -16.22 69.06
C GLN I 268 38.34 -16.68 68.62
N MET I 269 38.29 -17.88 68.03
CA MET I 269 37.03 -18.44 67.59
C MET I 269 36.09 -18.50 68.79
N PRO I 270 34.80 -18.23 68.62
CA PRO I 270 33.93 -18.17 69.82
C PRO I 270 34.01 -19.43 70.66
N HIS I 271 33.93 -20.59 70.02
CA HIS I 271 33.98 -21.88 70.68
C HIS I 271 33.56 -21.84 72.15
#